data_7CM9
#
_entry.id   7CM9
#
_cell.length_a   143.565
_cell.length_b   88.798
_cell.length_c   273.263
_cell.angle_alpha   90.000
_cell.angle_beta   99.940
_cell.angle_gamma   90.000
#
_symmetry.space_group_name_H-M   'C 1 2 1'
#
loop_
_entity.id
_entity.type
_entity.pdbx_description
1 polymer 'DMSP lyase'
2 non-polymer "ADENOSINE-5'-TRIPHOSPHATE"
3 non-polymer 'SULFATE ION'
4 water water
#
_entity_poly.entity_id   1
_entity_poly.type   'polypeptide(L)'
_entity_poly.pdbx_seq_one_letter_code
;LTGQIIEYTIKIQTIYTGNFKHKNGFLKMIERGIAMKKENLKILAKKAQTIAIVGANYRFATRVLLENLDKMDFTGTIYL
VNPRYENIDGVRCYQSLLEIEDTIDVVVGLVNPQLMIQVASNASKINAKVLVIPGGGYGESGVEGQNIQNAILERAADSG
MRIVGPNCMGYLNMHAQFTPYIGTLHRPLRPIKKGPVSIISQSGSVNDAFIASKLGISKIYSTGNEADVQMHDYLNLLAE
DPETSVIILYIEAIRNHLSFLRALDLCSKNKKPVIAIKVGRTIKSAAVANAHSGALAGDYEIEKLFLEGHGVLFVEDIDQ
AVAVALLLSQPYLPTVNTVAALTVSGGQAGILLDLAEDYGVDFPDFSAVTNYEIASKLPELGGLSNPLDIWGKSSKDFSE
VSNICLSSIVKDADIGIITVAIDAPIGQGDHEFDFTSIPAKDLASLRGNSDKPFLYFSHIQTEFDPRVESILDEAGIAVI
QGSRNALVACRALFKYKEFLEKNNHTPIYSVEDLSIQKGLKLLHDNEGRKLLDESGFVSPREQVVTSLQEGVDYAESIGY
PVVLKAQGLAHKTDVGGVALNIKSAAKLKKAWGKMEHLNSPYYLIQEMVTDGFETILAYRTDMNYGPVVIFGLGGIYTEL
FNEVVLAVPPITHKKAEQMVKSIPMLWKSIEGYRGNPALDLEALTASIVQMGETAMEKYEEIVEFEINPLSVRVKGVVAL
DVLASVKTTAAKEADAEEADVKKCSELV
;
_entity_poly.pdbx_strand_id   A,B,C,D
#
loop_
_chem_comp.id
_chem_comp.type
_chem_comp.name
_chem_comp.formula
ATP non-polymer ADENOSINE-5'-TRIPHOSPHATE 'C10 H16 N5 O13 P3'
SO4 non-polymer 'SULFATE ION' 'O4 S -2'
#
# COMPACT_ATOMS: atom_id res chain seq x y z
N ALA A 35 21.38 -40.58 -21.93
CA ALA A 35 20.85 -39.48 -21.13
C ALA A 35 21.45 -39.50 -19.72
N MET A 36 22.77 -39.62 -19.65
CA MET A 36 23.47 -39.65 -18.36
C MET A 36 23.54 -38.25 -17.76
N LYS A 37 24.69 -37.94 -17.16
CA LYS A 37 24.89 -36.63 -16.54
C LYS A 37 24.26 -35.47 -17.31
N LYS A 38 24.69 -35.30 -18.55
CA LYS A 38 24.37 -34.12 -19.36
C LYS A 38 22.88 -33.74 -19.35
N GLU A 39 22.02 -34.62 -19.84
CA GLU A 39 20.61 -34.27 -19.99
C GLU A 39 19.92 -34.00 -18.66
N ASN A 40 20.30 -34.77 -17.64
CA ASN A 40 19.75 -34.58 -16.30
C ASN A 40 20.01 -33.17 -15.76
N LEU A 41 21.22 -32.67 -16.01
CA LEU A 41 21.60 -31.36 -15.52
C LEU A 41 20.68 -30.23 -16.00
N LYS A 42 20.26 -30.30 -17.26
CA LYS A 42 19.39 -29.28 -17.85
C LYS A 42 18.08 -29.01 -17.08
N ILE A 43 17.57 -30.03 -16.38
CA ILE A 43 16.32 -29.89 -15.64
C ILE A 43 16.45 -28.80 -14.56
N LEU A 44 17.66 -28.62 -14.04
CA LEU A 44 17.94 -27.57 -13.09
C LEU A 44 17.48 -26.20 -13.57
N ALA A 45 17.42 -26.03 -14.89
CA ALA A 45 17.04 -24.72 -15.43
C ALA A 45 15.66 -24.74 -16.07
N LYS A 46 14.96 -25.86 -15.96
CA LYS A 46 13.69 -25.99 -16.67
C LYS A 46 12.53 -26.36 -15.75
N LYS A 47 11.38 -26.61 -16.36
CA LYS A 47 10.18 -26.93 -15.60
C LYS A 47 10.19 -28.41 -15.18
N ALA A 48 10.10 -28.67 -13.88
CA ALA A 48 9.93 -30.02 -13.39
C ALA A 48 8.44 -30.30 -13.16
N GLN A 49 7.96 -31.45 -13.59
CA GLN A 49 6.55 -31.82 -13.39
C GLN A 49 6.28 -32.52 -12.06
N THR A 50 7.28 -33.23 -11.54
CA THR A 50 7.09 -34.01 -10.31
C THR A 50 8.28 -33.84 -9.37
N ILE A 51 7.97 -33.85 -8.08
CA ILE A 51 8.98 -33.77 -7.06
C ILE A 51 8.56 -34.74 -5.97
N ALA A 52 9.52 -35.54 -5.52
CA ALA A 52 9.32 -36.46 -4.41
C ALA A 52 10.16 -36.00 -3.22
N ILE A 53 9.53 -35.92 -2.04
CA ILE A 53 10.22 -35.51 -0.83
C ILE A 53 10.38 -36.70 0.09
N VAL A 54 11.59 -37.22 0.18
CA VAL A 54 11.81 -38.44 0.96
C VAL A 54 12.21 -38.05 2.38
N GLY A 55 11.53 -38.63 3.36
CA GLY A 55 11.78 -38.28 4.74
C GLY A 55 10.82 -37.20 5.17
N ALA A 56 9.72 -37.06 4.42
CA ALA A 56 8.72 -36.03 4.69
C ALA A 56 8.09 -36.21 6.06
N ASN A 57 7.90 -35.11 6.78
CA ASN A 57 7.28 -35.16 8.10
C ASN A 57 6.63 -33.82 8.45
N TYR A 58 6.46 -33.53 9.73
CA TYR A 58 5.74 -32.33 10.13
C TYR A 58 6.69 -31.22 10.50
N ARG A 59 7.99 -31.52 10.41
CA ARG A 59 9.05 -30.58 10.77
C ARG A 59 9.26 -29.52 9.69
N PHE A 60 10.17 -28.58 9.94
CA PHE A 60 10.28 -27.37 9.13
C PHE A 60 10.62 -27.60 7.65
N ALA A 61 11.56 -28.50 7.38
CA ALA A 61 12.01 -28.71 5.99
C ALA A 61 10.86 -29.14 5.07
N THR A 62 10.09 -30.12 5.51
CA THR A 62 8.94 -30.57 4.74
C THR A 62 7.89 -29.47 4.62
N ARG A 63 7.63 -28.80 5.75
CA ARG A 63 6.60 -27.79 5.80
C ARG A 63 6.95 -26.58 4.92
N VAL A 64 8.18 -26.13 4.99
CA VAL A 64 8.59 -24.95 4.22
C VAL A 64 8.62 -25.28 2.73
N LEU A 65 9.03 -26.50 2.38
CA LEU A 65 8.99 -26.96 1.00
C LEU A 65 7.58 -26.91 0.45
N LEU A 66 6.65 -27.44 1.21
CA LEU A 66 5.29 -27.56 0.74
C LEU A 66 4.67 -26.17 0.59
N GLU A 67 4.99 -25.29 1.53
CA GLU A 67 4.48 -23.92 1.51
C GLU A 67 5.07 -23.18 0.32
N ASN A 68 6.37 -23.35 0.11
CA ASN A 68 7.02 -22.74 -1.03
C ASN A 68 6.36 -23.16 -2.36
N LEU A 69 6.14 -24.46 -2.54
CA LEU A 69 5.53 -24.94 -3.79
C LEU A 69 4.08 -24.45 -3.93
N ASP A 70 3.35 -24.48 -2.82
CA ASP A 70 2.00 -23.94 -2.79
C ASP A 70 2.05 -22.46 -3.19
N LYS A 71 2.80 -21.66 -2.43
CA LYS A 71 2.78 -20.21 -2.61
C LYS A 71 3.41 -19.71 -3.91
N MET A 72 4.42 -20.42 -4.43
CA MET A 72 4.96 -20.08 -5.75
C MET A 72 4.12 -20.64 -6.89
N ASP A 73 2.98 -21.25 -6.57
CA ASP A 73 2.08 -21.77 -7.61
C ASP A 73 2.67 -22.92 -8.46
N PHE A 74 3.45 -23.79 -7.85
CA PHE A 74 3.91 -25.00 -8.55
C PHE A 74 2.70 -25.72 -9.17
N THR A 75 2.76 -26.01 -10.47
CA THR A 75 1.64 -26.67 -11.16
C THR A 75 1.82 -28.18 -11.33
N GLY A 76 2.97 -28.72 -10.94
CA GLY A 76 3.23 -30.13 -11.07
C GLY A 76 2.68 -30.97 -9.91
N THR A 77 3.23 -32.16 -9.74
CA THR A 77 2.75 -33.08 -8.71
C THR A 77 3.78 -33.38 -7.63
N ILE A 78 3.34 -33.31 -6.38
CA ILE A 78 4.21 -33.55 -5.23
C ILE A 78 3.98 -34.95 -4.64
N TYR A 79 5.05 -35.64 -4.27
CA TYR A 79 4.93 -36.95 -3.61
C TYR A 79 5.66 -36.96 -2.27
N LEU A 80 4.98 -37.38 -1.21
CA LEU A 80 5.62 -37.52 0.09
C LEU A 80 6.08 -38.99 0.32
N VAL A 81 7.31 -39.15 0.79
CA VAL A 81 7.83 -40.48 1.04
C VAL A 81 8.41 -40.61 2.46
N ASN A 82 7.84 -41.51 3.26
CA ASN A 82 8.34 -41.77 4.61
C ASN A 82 7.75 -43.06 5.20
N PRO A 83 8.62 -44.04 5.49
CA PRO A 83 8.12 -45.32 6.04
C PRO A 83 7.34 -45.17 7.37
N ARG A 84 7.65 -44.17 8.19
CA ARG A 84 6.94 -43.99 9.46
C ARG A 84 5.48 -43.51 9.33
N TYR A 85 5.20 -42.65 8.35
CA TYR A 85 3.84 -42.11 8.22
C TYR A 85 3.03 -42.77 7.10
N GLU A 86 1.73 -42.94 7.36
CA GLU A 86 0.79 -43.45 6.38
C GLU A 86 0.23 -42.28 5.58
N ASN A 87 0.10 -41.15 6.27
CA ASN A 87 -0.20 -39.90 5.63
C ASN A 87 0.45 -38.75 6.39
N ILE A 88 0.53 -37.59 5.75
CA ILE A 88 0.94 -36.36 6.40
C ILE A 88 -0.14 -35.30 6.12
N ASP A 89 -0.82 -34.87 7.17
CA ASP A 89 -1.99 -34.00 7.03
C ASP A 89 -3.01 -34.57 6.05
N GLY A 90 -3.15 -35.90 6.06
CA GLY A 90 -4.13 -36.57 5.22
C GLY A 90 -3.78 -36.64 3.75
N VAL A 91 -2.55 -36.28 3.40
CA VAL A 91 -2.06 -36.55 2.06
C VAL A 91 -1.30 -37.86 2.15
N ARG A 92 -1.59 -38.78 1.23
CA ARG A 92 -0.93 -40.07 1.25
C ARG A 92 0.59 -39.91 1.38
N CYS A 93 1.19 -40.68 2.27
CA CYS A 93 2.63 -40.75 2.38
C CYS A 93 3.07 -42.15 1.93
N TYR A 94 3.76 -42.23 0.81
CA TYR A 94 4.33 -43.50 0.32
C TYR A 94 5.41 -43.99 1.27
N GLN A 95 5.58 -45.30 1.32
CA GLN A 95 6.58 -45.92 2.18
C GLN A 95 7.95 -45.93 1.51
N SER A 96 7.94 -45.87 0.18
CA SER A 96 9.19 -45.98 -0.59
C SER A 96 9.10 -45.22 -1.90
N LEU A 97 10.19 -44.57 -2.29
CA LEU A 97 10.27 -43.95 -3.62
C LEU A 97 9.74 -44.93 -4.65
N LEU A 98 10.11 -46.20 -4.48
CA LEU A 98 9.85 -47.25 -5.46
C LEU A 98 8.36 -47.54 -5.70
N GLU A 99 7.50 -47.06 -4.81
CA GLU A 99 6.06 -47.32 -4.91
C GLU A 99 5.30 -46.26 -5.71
N ILE A 100 5.92 -45.12 -5.96
CA ILE A 100 5.23 -44.06 -6.70
C ILE A 100 5.06 -44.45 -8.14
N GLU A 101 3.83 -44.42 -8.63
CA GLU A 101 3.54 -44.81 -10.00
C GLU A 101 3.47 -43.58 -10.91
N ASP A 102 4.61 -42.93 -11.10
CA ASP A 102 4.71 -41.74 -11.91
C ASP A 102 6.17 -41.59 -12.22
N THR A 103 6.50 -40.80 -13.23
CA THR A 103 7.89 -40.45 -13.50
C THR A 103 8.31 -39.32 -12.54
N ILE A 104 9.36 -39.56 -11.76
CA ILE A 104 9.86 -38.58 -10.79
C ILE A 104 11.03 -37.74 -11.35
N ASP A 105 10.87 -36.42 -11.37
CA ASP A 105 11.92 -35.57 -11.96
C ASP A 105 13.00 -35.24 -10.93
N VAL A 106 12.55 -34.79 -9.75
CA VAL A 106 13.46 -34.27 -8.74
C VAL A 106 13.15 -34.91 -7.40
N VAL A 107 14.20 -35.32 -6.69
CA VAL A 107 14.04 -35.82 -5.34
C VAL A 107 14.72 -34.86 -4.36
N VAL A 108 14.04 -34.57 -3.26
CA VAL A 108 14.66 -33.87 -2.15
C VAL A 108 14.76 -34.84 -0.98
N GLY A 109 15.99 -35.15 -0.58
CA GLY A 109 16.23 -36.09 0.48
C GLY A 109 16.44 -35.36 1.78
N LEU A 110 15.62 -35.68 2.78
CA LEU A 110 15.64 -35.00 4.07
C LEU A 110 16.06 -35.95 5.20
N VAL A 111 16.24 -37.23 4.89
CA VAL A 111 16.60 -38.19 5.92
C VAL A 111 18.06 -38.00 6.31
N ASN A 112 18.53 -38.68 7.36
CA ASN A 112 19.91 -38.53 7.79
C ASN A 112 20.90 -39.09 6.77
N PRO A 113 22.16 -38.62 6.82
CA PRO A 113 23.20 -39.05 5.89
C PRO A 113 23.27 -40.56 5.66
N GLN A 114 23.27 -41.36 6.73
CA GLN A 114 23.33 -42.81 6.56
C GLN A 114 22.22 -43.34 5.65
N LEU A 115 20.97 -43.00 5.97
CA LEU A 115 19.82 -43.44 5.20
C LEU A 115 19.86 -42.91 3.77
N MET A 116 20.64 -41.86 3.54
CA MET A 116 20.61 -41.13 2.27
C MET A 116 21.15 -42.01 1.14
N ILE A 117 22.11 -42.87 1.47
CA ILE A 117 22.64 -43.84 0.49
C ILE A 117 21.51 -44.67 -0.10
N GLN A 118 20.60 -45.11 0.75
CA GLN A 118 19.47 -45.90 0.32
C GLN A 118 18.50 -45.09 -0.56
N VAL A 119 18.42 -43.79 -0.27
CA VAL A 119 17.57 -42.90 -1.05
C VAL A 119 18.19 -42.69 -2.42
N ALA A 120 19.50 -42.56 -2.44
CA ALA A 120 20.24 -42.33 -3.68
C ALA A 120 20.10 -43.53 -4.60
N SER A 121 20.25 -44.71 -4.03
CA SER A 121 20.05 -45.95 -4.78
C SER A 121 18.63 -46.00 -5.35
N ASN A 122 17.62 -45.79 -4.49
CA ASN A 122 16.23 -45.78 -4.96
C ASN A 122 15.96 -44.75 -6.08
N ALA A 123 16.41 -43.51 -5.87
CA ALA A 123 16.15 -42.42 -6.81
C ALA A 123 16.81 -42.70 -8.15
N SER A 124 18.03 -43.21 -8.12
CA SER A 124 18.74 -43.58 -9.32
C SER A 124 18.02 -44.73 -10.02
N LYS A 125 17.47 -45.65 -9.24
CA LYS A 125 16.77 -46.78 -9.83
C LYS A 125 15.55 -46.36 -10.66
N ILE A 126 14.84 -45.32 -10.22
CA ILE A 126 13.73 -44.82 -11.03
C ILE A 126 14.16 -43.68 -11.95
N ASN A 127 15.47 -43.56 -12.18
CA ASN A 127 15.99 -42.54 -13.10
C ASN A 127 15.58 -41.09 -12.80
N ALA A 128 15.46 -40.73 -11.51
CA ALA A 128 15.26 -39.33 -11.15
C ALA A 128 16.42 -38.52 -11.74
N LYS A 129 16.12 -37.31 -12.20
CA LYS A 129 17.15 -36.46 -12.81
C LYS A 129 18.06 -35.83 -11.76
N VAL A 130 17.48 -35.46 -10.63
CA VAL A 130 18.19 -34.70 -9.60
C VAL A 130 17.81 -35.15 -8.19
N LEU A 131 18.83 -35.37 -7.37
CA LEU A 131 18.63 -35.58 -5.93
C LEU A 131 19.21 -34.36 -5.21
N VAL A 132 18.34 -33.63 -4.51
CA VAL A 132 18.76 -32.45 -3.77
C VAL A 132 18.98 -32.77 -2.29
N ILE A 133 20.19 -32.55 -1.82
CA ILE A 133 20.53 -32.81 -0.42
C ILE A 133 20.93 -31.51 0.28
N PRO A 134 19.97 -30.98 1.16
CA PRO A 134 20.40 -29.73 1.79
C PRO A 134 20.93 -29.95 3.20
N GLY A 135 20.70 -31.14 3.74
CA GLY A 135 21.17 -31.48 5.07
C GLY A 135 22.68 -31.54 5.15
N GLY A 136 23.21 -31.35 6.35
CA GLY A 136 24.64 -31.38 6.56
C GLY A 136 25.12 -32.70 7.12
N GLY A 137 26.44 -32.86 7.23
CA GLY A 137 27.02 -34.09 7.75
C GLY A 137 27.58 -34.98 6.66
N TYR A 138 27.96 -34.36 5.54
CA TYR A 138 28.52 -35.10 4.42
C TYR A 138 29.98 -34.74 4.21
N GLY A 139 30.40 -34.60 2.96
CA GLY A 139 31.79 -34.32 2.64
C GLY A 139 32.48 -33.21 3.45
N GLU A 140 31.69 -32.36 4.12
CA GLU A 140 32.27 -31.21 4.82
C GLU A 140 32.32 -31.49 6.32
N SER A 141 31.61 -32.53 6.74
CA SER A 141 31.47 -32.89 8.13
C SER A 141 32.73 -33.55 8.67
N GLY A 142 32.95 -34.81 8.30
CA GLY A 142 34.17 -35.51 8.67
C GLY A 142 34.66 -36.38 7.53
N VAL A 143 35.52 -37.34 7.84
CA VAL A 143 35.90 -38.31 6.82
C VAL A 143 34.79 -39.34 6.70
N GLU A 144 34.10 -39.59 7.81
CA GLU A 144 32.92 -40.44 7.79
C GLU A 144 31.86 -39.87 6.87
N GLY A 145 31.58 -38.59 7.01
CA GLY A 145 30.65 -37.90 6.13
C GLY A 145 31.10 -38.00 4.69
N GLN A 146 32.42 -37.96 4.49
CA GLN A 146 33.01 -38.09 3.16
C GLN A 146 32.68 -39.43 2.50
N ASN A 147 32.75 -40.50 3.27
CA ASN A 147 32.49 -41.84 2.76
C ASN A 147 31.04 -41.97 2.27
N ILE A 148 30.11 -41.54 3.12
CA ILE A 148 28.71 -41.46 2.76
C ILE A 148 28.51 -40.70 1.45
N GLN A 149 29.20 -39.57 1.32
CA GLN A 149 29.07 -38.72 0.14
C GLN A 149 29.47 -39.48 -1.12
N ASN A 150 30.68 -40.02 -1.14
CA ASN A 150 31.13 -40.77 -2.31
C ASN A 150 30.26 -42.01 -2.55
N ALA A 151 29.77 -42.62 -1.46
CA ALA A 151 28.82 -43.72 -1.61
C ALA A 151 27.57 -43.23 -2.36
N ILE A 152 27.19 -41.97 -2.11
CA ILE A 152 26.04 -41.38 -2.78
C ILE A 152 26.34 -41.04 -4.23
N LEU A 153 27.51 -40.45 -4.48
CA LEU A 153 27.95 -40.19 -5.84
C LEU A 153 28.01 -41.51 -6.60
N GLU A 154 28.52 -42.53 -5.91
CA GLU A 154 28.69 -43.86 -6.47
C GLU A 154 27.36 -44.36 -7.03
N ARG A 155 26.33 -44.28 -6.20
CA ARG A 155 25.01 -44.80 -6.57
C ARG A 155 24.24 -43.93 -7.56
N ALA A 156 24.65 -42.67 -7.71
CA ALA A 156 24.06 -41.78 -8.69
C ALA A 156 24.65 -41.97 -10.08
N ALA A 157 25.92 -42.37 -10.13
CA ALA A 157 26.59 -42.53 -11.41
C ALA A 157 25.97 -43.66 -12.23
N ASP A 158 25.29 -44.55 -11.52
CA ASP A 158 24.62 -45.71 -12.11
C ASP A 158 23.65 -45.35 -13.23
N SER A 159 23.06 -44.16 -13.14
CA SER A 159 22.00 -43.74 -14.05
C SER A 159 22.25 -42.34 -14.56
N GLY A 160 23.32 -41.71 -14.09
CA GLY A 160 23.60 -40.33 -14.44
C GLY A 160 22.77 -39.33 -13.64
N MET A 161 22.36 -39.72 -12.45
CA MET A 161 21.58 -38.83 -11.60
C MET A 161 22.47 -37.71 -11.08
N ARG A 162 21.97 -36.48 -11.12
CA ARG A 162 22.75 -35.36 -10.61
C ARG A 162 22.53 -35.14 -9.13
N ILE A 163 23.54 -34.61 -8.45
CA ILE A 163 23.42 -34.27 -7.04
C ILE A 163 23.60 -32.77 -6.85
N VAL A 164 22.66 -32.15 -6.16
CA VAL A 164 22.79 -30.76 -5.74
C VAL A 164 23.26 -30.76 -4.30
N GLY A 165 24.34 -30.04 -4.01
CA GLY A 165 24.87 -30.04 -2.66
C GLY A 165 25.91 -31.14 -2.49
N PRO A 166 25.84 -31.86 -1.37
CA PRO A 166 24.87 -31.65 -0.29
C PRO A 166 25.16 -30.38 0.49
N ASN A 167 24.45 -30.18 1.60
CA ASN A 167 24.78 -29.10 2.53
C ASN A 167 24.50 -27.72 1.95
N CYS A 168 23.26 -27.49 1.54
CA CYS A 168 22.84 -26.22 0.97
C CYS A 168 21.33 -26.11 1.09
N MET A 169 20.76 -25.04 0.56
CA MET A 169 19.33 -24.81 0.77
C MET A 169 18.52 -25.28 -0.41
N GLY A 170 19.21 -25.71 -1.46
CA GLY A 170 18.57 -26.16 -2.68
C GLY A 170 18.67 -25.11 -3.77
N TYR A 171 17.60 -24.95 -4.53
CA TYR A 171 17.55 -23.96 -5.60
C TYR A 171 16.11 -23.56 -5.91
N LEU A 172 15.95 -22.42 -6.58
CA LEU A 172 14.62 -21.93 -6.92
C LEU A 172 14.57 -21.32 -8.31
N ASN A 173 13.56 -21.69 -9.08
CA ASN A 173 13.35 -21.15 -10.41
C ASN A 173 11.98 -20.50 -10.52
N MET A 174 11.94 -19.18 -10.44
CA MET A 174 10.67 -18.45 -10.43
C MET A 174 9.86 -18.65 -11.71
N HIS A 175 10.53 -18.81 -12.85
CA HIS A 175 9.79 -18.90 -14.10
C HIS A 175 9.09 -20.22 -14.32
N ALA A 176 9.61 -21.29 -13.71
CA ALA A 176 8.90 -22.55 -13.73
C ALA A 176 8.16 -22.77 -12.41
N GLN A 177 8.10 -21.73 -11.58
CA GLN A 177 7.45 -21.84 -10.29
C GLN A 177 7.89 -23.06 -9.51
N PHE A 178 9.18 -23.33 -9.47
CA PHE A 178 9.65 -24.54 -8.84
C PHE A 178 10.67 -24.21 -7.78
N THR A 179 10.39 -24.62 -6.55
CA THR A 179 11.18 -24.18 -5.41
C THR A 179 11.58 -25.31 -4.48
N PRO A 180 12.47 -26.21 -4.95
CA PRO A 180 13.06 -27.16 -3.99
C PRO A 180 14.06 -26.41 -3.12
N TYR A 181 13.54 -25.59 -2.22
CA TYR A 181 14.32 -24.63 -1.46
C TYR A 181 13.96 -24.69 0.02
N ILE A 182 14.96 -24.87 0.86
CA ILE A 182 14.74 -24.96 2.30
C ILE A 182 14.89 -23.60 2.97
N GLY A 183 13.81 -22.84 3.00
CA GLY A 183 13.80 -21.49 3.55
C GLY A 183 12.54 -20.77 3.13
N THR A 184 12.00 -19.96 4.03
CA THR A 184 10.70 -19.34 3.78
C THR A 184 10.74 -18.34 2.61
N LEU A 185 10.04 -18.67 1.54
CA LEU A 185 9.97 -17.82 0.38
C LEU A 185 8.67 -17.02 0.38
N HIS A 186 7.68 -17.51 1.12
CA HIS A 186 6.40 -16.84 1.18
C HIS A 186 6.49 -15.56 2.04
N ARG A 187 6.17 -14.43 1.44
CA ARG A 187 6.23 -13.15 2.13
C ARG A 187 5.07 -12.31 1.64
N PRO A 188 3.90 -12.52 2.25
CA PRO A 188 2.61 -12.09 1.71
C PRO A 188 2.58 -10.59 1.38
N LEU A 189 3.31 -9.79 2.18
CA LEU A 189 3.28 -8.34 2.07
C LEU A 189 4.38 -7.75 1.18
N ARG A 190 5.44 -8.52 0.94
CA ARG A 190 6.53 -8.13 0.03
C ARG A 190 7.15 -9.33 -0.67
N PRO A 191 6.41 -9.89 -1.63
CA PRO A 191 6.76 -11.12 -2.34
C PRO A 191 8.10 -11.02 -3.07
N ILE A 192 8.63 -12.18 -3.45
CA ILE A 192 9.76 -12.18 -4.35
C ILE A 192 9.13 -11.87 -5.71
N LYS A 193 9.68 -10.88 -6.41
CA LYS A 193 9.18 -10.63 -7.76
C LYS A 193 10.00 -11.38 -8.81
N LYS A 194 9.30 -12.00 -9.76
CA LYS A 194 9.90 -12.67 -10.90
C LYS A 194 10.60 -11.63 -11.79
N GLY A 195 11.82 -11.93 -12.23
CA GLY A 195 12.57 -11.07 -13.14
C GLY A 195 13.76 -11.77 -13.80
N PRO A 196 14.70 -10.98 -14.36
CA PRO A 196 15.76 -11.54 -15.23
C PRO A 196 17.11 -11.78 -14.55
N VAL A 197 17.19 -11.62 -13.24
CA VAL A 197 18.44 -11.79 -12.52
C VAL A 197 18.56 -13.17 -11.86
N SER A 198 19.71 -13.83 -12.06
CA SER A 198 19.95 -15.14 -11.46
C SER A 198 21.25 -15.14 -10.69
N ILE A 199 21.33 -15.98 -9.66
CA ILE A 199 22.38 -15.88 -8.67
C ILE A 199 22.94 -17.27 -8.34
N ILE A 200 24.25 -17.37 -8.29
CA ILE A 200 24.86 -18.61 -7.83
C ILE A 200 25.69 -18.22 -6.64
N SER A 201 25.42 -18.83 -5.50
CA SER A 201 26.13 -18.47 -4.29
C SER A 201 26.73 -19.70 -3.63
N GLN A 202 28.00 -19.60 -3.28
CA GLN A 202 28.68 -20.64 -2.51
C GLN A 202 28.40 -20.50 -1.03
N SER A 203 27.52 -19.57 -0.69
CA SER A 203 27.16 -19.37 0.70
C SER A 203 25.64 -19.44 0.87
N GLY A 204 25.17 -20.42 1.63
CA GLY A 204 23.76 -20.52 1.93
C GLY A 204 23.20 -19.24 2.55
N SER A 205 23.82 -18.84 3.67
CA SER A 205 23.33 -17.77 4.54
C SER A 205 23.20 -16.42 3.88
N VAL A 206 23.49 -16.36 2.59
CA VAL A 206 23.55 -15.09 1.88
C VAL A 206 22.31 -14.96 0.99
N ASN A 207 21.82 -16.10 0.51
CA ASN A 207 20.69 -16.14 -0.41
C ASN A 207 19.51 -15.31 0.04
N ASP A 208 19.15 -15.40 1.31
CA ASP A 208 18.00 -14.63 1.78
C ASP A 208 18.28 -13.13 1.79
N ALA A 209 19.55 -12.75 1.90
CA ALA A 209 19.93 -11.34 1.73
C ALA A 209 19.50 -10.87 0.36
N PHE A 210 19.85 -11.65 -0.66
CA PHE A 210 19.45 -11.36 -2.03
C PHE A 210 17.94 -11.41 -2.24
N ILE A 211 17.31 -12.42 -1.67
CA ILE A 211 15.86 -12.59 -1.82
C ILE A 211 15.12 -11.44 -1.16
N ALA A 212 15.71 -10.86 -0.12
CA ALA A 212 15.05 -9.74 0.55
C ALA A 212 15.26 -8.43 -0.19
N SER A 213 16.13 -8.43 -1.19
CA SER A 213 16.39 -7.22 -1.97
C SER A 213 15.25 -6.95 -2.95
N LYS A 214 15.38 -5.89 -3.71
CA LYS A 214 14.37 -5.53 -4.69
C LYS A 214 14.58 -6.19 -6.06
N LEU A 215 15.53 -7.11 -6.15
CA LEU A 215 15.85 -7.76 -7.43
C LEU A 215 14.66 -8.53 -8.00
N GLY A 216 14.45 -8.41 -9.31
CA GLY A 216 13.53 -9.31 -9.99
C GLY A 216 14.29 -10.59 -10.28
N ILE A 217 13.87 -11.68 -9.66
CA ILE A 217 14.66 -12.92 -9.63
C ILE A 217 14.21 -13.95 -10.66
N SER A 218 15.17 -14.64 -11.26
CA SER A 218 14.84 -15.77 -12.12
C SER A 218 15.16 -17.07 -11.36
N LYS A 219 16.45 -17.40 -11.30
CA LYS A 219 16.91 -18.59 -10.61
C LYS A 219 17.95 -18.24 -9.54
N ILE A 220 17.95 -19.01 -8.47
CA ILE A 220 18.94 -18.86 -7.42
C ILE A 220 19.43 -20.25 -7.12
N TYR A 221 20.74 -20.44 -7.25
CA TYR A 221 21.33 -21.75 -6.98
C TYR A 221 22.27 -21.63 -5.80
N SER A 222 22.11 -22.53 -4.85
CA SER A 222 22.96 -22.61 -3.68
C SER A 222 23.86 -23.84 -3.89
N THR A 223 25.17 -23.63 -3.97
CA THR A 223 26.04 -24.68 -4.47
C THR A 223 26.41 -25.78 -3.45
N GLY A 224 26.46 -25.44 -2.17
CA GLY A 224 26.80 -26.41 -1.13
C GLY A 224 28.15 -27.03 -1.39
N ASN A 225 28.29 -28.33 -1.08
CA ASN A 225 29.58 -29.03 -1.22
C ASN A 225 30.08 -29.19 -2.65
N GLU A 226 29.21 -28.88 -3.62
CA GLU A 226 29.58 -28.98 -5.02
C GLU A 226 30.13 -30.38 -5.32
N ALA A 227 29.55 -31.38 -4.66
CA ALA A 227 29.98 -32.77 -4.80
C ALA A 227 29.87 -33.25 -6.25
N ASP A 228 28.78 -32.87 -6.91
CA ASP A 228 28.52 -33.31 -8.28
C ASP A 228 28.31 -32.16 -9.25
N VAL A 229 27.51 -31.18 -8.85
CA VAL A 229 27.28 -30.01 -9.68
C VAL A 229 27.99 -28.82 -9.05
N GLN A 230 28.87 -28.18 -9.81
CA GLN A 230 29.66 -27.08 -9.29
C GLN A 230 29.26 -25.74 -9.89
N MET A 231 29.80 -24.66 -9.32
CA MET A 231 29.57 -23.30 -9.80
C MET A 231 29.60 -23.19 -11.33
N HIS A 232 30.70 -23.60 -11.97
CA HIS A 232 30.76 -23.49 -13.44
C HIS A 232 29.60 -24.20 -14.11
N ASP A 233 29.15 -25.31 -13.52
CA ASP A 233 27.99 -26.02 -14.07
C ASP A 233 26.76 -25.13 -14.05
N TYR A 234 26.50 -24.51 -12.90
CA TYR A 234 25.36 -23.61 -12.79
C TYR A 234 25.51 -22.45 -13.74
N LEU A 235 26.75 -21.98 -13.89
CA LEU A 235 27.01 -20.80 -14.70
C LEU A 235 26.74 -21.08 -16.19
N ASN A 236 27.12 -22.26 -16.67
CA ASN A 236 26.79 -22.65 -18.04
C ASN A 236 25.28 -22.70 -18.27
N LEU A 237 24.53 -23.28 -17.33
CA LEU A 237 23.07 -23.24 -17.44
C LEU A 237 22.57 -21.81 -17.61
N LEU A 238 23.04 -20.91 -16.75
CA LEU A 238 22.59 -19.52 -16.82
C LEU A 238 23.02 -18.85 -18.14
N ALA A 239 24.23 -19.18 -18.60
CA ALA A 239 24.73 -18.57 -19.84
C ALA A 239 23.73 -18.73 -20.99
N GLU A 240 23.04 -19.86 -21.04
CA GLU A 240 22.14 -20.13 -22.16
C GLU A 240 20.69 -20.15 -21.76
N ASP A 241 20.42 -19.73 -20.52
CA ASP A 241 19.05 -19.63 -20.03
C ASP A 241 18.39 -18.34 -20.53
N PRO A 242 17.37 -18.47 -21.40
CA PRO A 242 16.76 -17.25 -21.94
C PRO A 242 15.98 -16.46 -20.90
N GLU A 243 15.77 -17.04 -19.72
CA GLU A 243 15.04 -16.36 -18.66
C GLU A 243 15.98 -15.55 -17.76
N THR A 244 17.27 -15.66 -18.05
CA THR A 244 18.29 -14.96 -17.30
C THR A 244 19.00 -13.98 -18.22
N SER A 245 19.12 -12.72 -17.79
CA SER A 245 19.85 -11.75 -18.59
C SER A 245 20.93 -11.04 -17.79
N VAL A 246 20.97 -11.29 -16.48
CA VAL A 246 21.95 -10.68 -15.60
C VAL A 246 22.34 -11.70 -14.54
N ILE A 247 23.63 -11.86 -14.31
CA ILE A 247 24.10 -12.89 -13.41
C ILE A 247 24.91 -12.34 -12.22
N ILE A 248 24.60 -12.83 -11.02
CA ILE A 248 25.40 -12.50 -9.84
C ILE A 248 26.06 -13.76 -9.29
N LEU A 249 27.34 -13.67 -8.97
CA LEU A 249 28.02 -14.76 -8.29
C LEU A 249 28.49 -14.29 -6.91
N TYR A 250 28.30 -15.14 -5.91
CA TYR A 250 28.87 -14.89 -4.62
C TYR A 250 29.91 -15.97 -4.42
N ILE A 251 31.17 -15.60 -4.61
CA ILE A 251 32.27 -16.56 -4.72
C ILE A 251 33.11 -16.66 -3.46
N GLU A 252 33.30 -17.88 -2.96
CA GLU A 252 34.21 -18.11 -1.84
C GLU A 252 35.51 -18.76 -2.32
N ALA A 253 35.40 -19.70 -3.25
CA ALA A 253 36.59 -20.33 -3.84
C ALA A 253 36.25 -21.00 -5.17
N ILE A 254 36.87 -20.52 -6.24
CA ILE A 254 36.72 -21.18 -7.52
C ILE A 254 37.45 -22.51 -7.40
N ARG A 255 36.83 -23.59 -7.84
CA ARG A 255 37.49 -24.89 -7.73
C ARG A 255 38.10 -25.33 -9.06
N ASN A 256 37.30 -25.36 -10.12
CA ASN A 256 37.79 -25.73 -11.45
C ASN A 256 37.99 -24.49 -12.32
N HIS A 257 39.21 -23.97 -12.34
CA HIS A 257 39.48 -22.68 -12.97
C HIS A 257 39.24 -22.65 -14.48
N LEU A 258 39.71 -23.67 -15.19
CA LEU A 258 39.52 -23.73 -16.63
C LEU A 258 38.03 -23.72 -16.96
N SER A 259 37.29 -24.67 -16.39
CA SER A 259 35.85 -24.75 -16.59
C SER A 259 35.15 -23.43 -16.23
N PHE A 260 35.54 -22.83 -15.11
CA PHE A 260 34.96 -21.54 -14.72
C PHE A 260 35.17 -20.49 -15.79
N LEU A 261 36.42 -20.29 -16.21
CA LEU A 261 36.71 -19.35 -17.27
C LEU A 261 35.84 -19.61 -18.50
N ARG A 262 35.65 -20.89 -18.83
CA ARG A 262 34.91 -21.21 -20.04
C ARG A 262 33.44 -20.86 -19.90
N ALA A 263 32.88 -21.10 -18.71
CA ALA A 263 31.52 -20.67 -18.44
C ALA A 263 31.42 -19.15 -18.56
N LEU A 264 32.40 -18.44 -18.02
CA LEU A 264 32.43 -16.99 -18.16
C LEU A 264 32.36 -16.64 -19.64
N ASP A 265 33.13 -17.36 -20.46
CA ASP A 265 33.20 -17.00 -21.88
C ASP A 265 31.87 -17.31 -22.57
N LEU A 266 31.17 -18.34 -22.10
CA LEU A 266 29.85 -18.64 -22.66
C LEU A 266 28.87 -17.49 -22.32
N CYS A 267 28.97 -16.97 -21.10
CA CYS A 267 28.12 -15.84 -20.69
C CYS A 267 28.38 -14.66 -21.59
N SER A 268 29.66 -14.40 -21.79
CA SER A 268 30.11 -13.34 -22.69
C SER A 268 29.58 -13.53 -24.11
N LYS A 269 29.64 -14.76 -24.58
CA LYS A 269 29.19 -15.07 -25.93
C LYS A 269 27.71 -14.73 -26.06
N ASN A 270 26.95 -15.08 -25.02
CA ASN A 270 25.52 -14.82 -24.98
C ASN A 270 25.18 -13.42 -24.47
N LYS A 271 26.19 -12.58 -24.31
CA LYS A 271 25.98 -11.18 -23.93
C LYS A 271 25.18 -11.03 -22.63
N LYS A 272 25.62 -11.74 -21.60
CA LYS A 272 25.03 -11.68 -20.26
C LYS A 272 26.07 -11.19 -19.25
N PRO A 273 25.83 -10.01 -18.67
CA PRO A 273 26.83 -9.46 -17.76
C PRO A 273 26.93 -10.33 -16.54
N VAL A 274 28.14 -10.48 -16.02
CA VAL A 274 28.36 -11.28 -14.82
C VAL A 274 28.89 -10.38 -13.69
N ILE A 275 28.19 -10.38 -12.56
CA ILE A 275 28.58 -9.57 -11.42
C ILE A 275 29.05 -10.52 -10.33
N ALA A 276 30.14 -10.17 -9.65
CA ALA A 276 30.68 -11.05 -8.63
C ALA A 276 31.20 -10.37 -7.36
N ILE A 277 30.85 -10.95 -6.22
CA ILE A 277 31.44 -10.64 -4.93
C ILE A 277 32.43 -11.78 -4.62
N LYS A 278 33.69 -11.44 -4.36
CA LYS A 278 34.68 -12.48 -4.10
C LYS A 278 35.33 -12.27 -2.75
N VAL A 279 35.08 -13.18 -1.82
CA VAL A 279 35.60 -13.07 -0.46
C VAL A 279 37.11 -13.22 -0.41
N GLY A 280 37.72 -12.71 0.66
CA GLY A 280 39.14 -12.89 0.87
C GLY A 280 40.01 -11.82 0.25
N ARG A 281 39.42 -10.66 0.01
CA ARG A 281 40.13 -9.57 -0.66
C ARG A 281 41.36 -9.10 0.10
N THR A 282 41.34 -9.24 1.42
CA THR A 282 42.41 -8.66 2.23
C THR A 282 43.33 -9.69 2.83
N ILE A 283 42.99 -10.96 2.64
CA ILE A 283 43.81 -12.06 3.15
C ILE A 283 45.21 -12.08 2.51
N LYS A 284 46.20 -12.43 3.34
CA LYS A 284 47.62 -12.19 3.08
C LYS A 284 48.27 -12.88 1.86
N SER A 285 48.33 -14.20 1.88
CA SER A 285 49.17 -14.99 0.97
C SER A 285 50.65 -14.61 0.83
N ALA A 286 51.45 -14.98 1.83
CA ALA A 286 52.90 -14.84 1.75
C ALA A 286 53.58 -15.98 0.98
N ALA A 287 52.82 -16.60 0.08
CA ALA A 287 53.29 -17.70 -0.76
C ALA A 287 54.22 -17.20 -1.87
N VAL A 288 54.87 -18.14 -2.56
CA VAL A 288 55.77 -17.83 -3.69
C VAL A 288 56.81 -16.75 -3.36
N ALA A 289 57.28 -16.07 -4.42
CA ALA A 289 57.91 -14.74 -4.30
C ALA A 289 59.39 -14.66 -3.90
N ASN A 290 60.24 -14.43 -4.89
CA ASN A 290 61.58 -13.92 -4.66
C ASN A 290 61.62 -12.45 -5.12
N ALA A 291 60.85 -12.16 -6.15
CA ALA A 291 60.77 -10.81 -6.70
C ALA A 291 59.78 -9.95 -5.93
N HIS A 292 60.02 -8.64 -5.90
CA HIS A 292 59.13 -7.71 -5.23
C HIS A 292 57.71 -7.78 -5.81
N SER A 293 57.62 -8.27 -7.04
CA SER A 293 56.34 -8.45 -7.70
C SER A 293 55.38 -9.30 -6.86
N GLY A 294 55.93 -10.28 -6.17
CA GLY A 294 55.13 -11.12 -5.30
C GLY A 294 54.34 -10.28 -4.30
N ALA A 295 54.99 -9.26 -3.76
CA ALA A 295 54.38 -8.39 -2.75
C ALA A 295 53.51 -7.30 -3.37
N LEU A 296 53.89 -6.85 -4.55
CA LEU A 296 53.15 -5.81 -5.25
C LEU A 296 51.87 -6.34 -5.91
N ALA A 297 51.92 -7.57 -6.41
CA ALA A 297 50.77 -8.18 -7.07
C ALA A 297 50.37 -9.49 -6.40
N GLY A 298 49.50 -9.38 -5.41
CA GLY A 298 49.05 -10.54 -4.66
C GLY A 298 48.09 -11.40 -5.48
N ASP A 299 47.97 -12.65 -5.09
CA ASP A 299 47.11 -13.59 -5.80
C ASP A 299 45.71 -13.03 -6.06
N TYR A 300 45.11 -12.40 -5.06
CA TYR A 300 43.76 -11.89 -5.23
C TYR A 300 43.67 -10.84 -6.34
N GLU A 301 44.60 -9.89 -6.34
CA GLU A 301 44.60 -8.90 -7.41
C GLU A 301 44.85 -9.57 -8.77
N ILE A 302 45.70 -10.59 -8.81
CA ILE A 302 46.00 -11.25 -10.06
C ILE A 302 44.73 -11.89 -10.60
N GLU A 303 44.11 -12.73 -9.77
CA GLU A 303 42.86 -13.37 -10.16
C GLU A 303 41.84 -12.34 -10.63
N LYS A 304 41.76 -11.23 -9.90
CA LYS A 304 40.80 -10.21 -10.27
C LYS A 304 41.04 -9.74 -11.69
N LEU A 305 42.29 -9.45 -12.02
CA LEU A 305 42.59 -8.92 -13.35
C LEU A 305 42.12 -9.90 -14.44
N PHE A 306 42.43 -11.18 -14.23
CA PHE A 306 42.07 -12.21 -15.19
C PHE A 306 40.56 -12.35 -15.34
N LEU A 307 39.88 -12.50 -14.22
CA LEU A 307 38.43 -12.58 -14.23
C LEU A 307 37.80 -11.36 -14.90
N GLU A 308 38.37 -10.17 -14.71
CA GLU A 308 37.80 -9.00 -15.37
C GLU A 308 38.05 -9.07 -16.87
N GLY A 309 39.20 -9.63 -17.25
CA GLY A 309 39.50 -9.84 -18.65
C GLY A 309 38.43 -10.69 -19.33
N HIS A 310 37.79 -11.59 -18.57
CA HIS A 310 36.67 -12.38 -19.08
C HIS A 310 35.30 -11.77 -18.78
N GLY A 311 35.27 -10.49 -18.39
CA GLY A 311 34.02 -9.77 -18.28
C GLY A 311 33.39 -9.64 -16.89
N VAL A 312 34.00 -10.26 -15.87
CA VAL A 312 33.43 -10.16 -14.53
C VAL A 312 33.42 -8.71 -14.02
N LEU A 313 32.28 -8.28 -13.49
CA LEU A 313 32.13 -6.95 -12.90
C LEU A 313 32.16 -7.10 -11.40
N PHE A 314 33.33 -6.91 -10.77
CA PHE A 314 33.41 -7.13 -9.32
C PHE A 314 32.80 -6.00 -8.52
N VAL A 315 32.18 -6.38 -7.40
CA VAL A 315 31.73 -5.45 -6.39
C VAL A 315 32.13 -5.98 -5.02
N GLU A 316 31.95 -5.15 -4.00
CA GLU A 316 32.49 -5.43 -2.66
C GLU A 316 31.50 -6.08 -1.71
N ASP A 317 30.21 -5.90 -1.97
CA ASP A 317 29.20 -6.43 -1.04
C ASP A 317 27.85 -6.63 -1.68
N ILE A 318 26.88 -7.12 -0.90
CA ILE A 318 25.60 -7.50 -1.45
C ILE A 318 24.82 -6.30 -1.97
N ASP A 319 24.76 -5.23 -1.18
CA ASP A 319 24.06 -4.00 -1.57
C ASP A 319 24.56 -3.52 -2.93
N GLN A 320 25.86 -3.60 -3.14
CA GLN A 320 26.45 -3.15 -4.41
C GLN A 320 26.10 -4.05 -5.59
N ALA A 321 26.15 -5.36 -5.37
CA ALA A 321 25.76 -6.33 -6.40
C ALA A 321 24.30 -6.09 -6.80
N VAL A 322 23.45 -5.85 -5.81
CA VAL A 322 22.06 -5.58 -6.07
C VAL A 322 21.93 -4.33 -6.91
N ALA A 323 22.63 -3.27 -6.51
CA ALA A 323 22.50 -1.99 -7.20
C ALA A 323 22.96 -2.12 -8.66
N VAL A 324 24.11 -2.74 -8.87
CA VAL A 324 24.60 -2.97 -10.23
C VAL A 324 23.60 -3.82 -11.06
N ALA A 325 23.05 -4.86 -10.47
CA ALA A 325 22.13 -5.72 -11.21
C ALA A 325 20.81 -4.99 -11.52
N LEU A 326 20.35 -4.16 -10.59
CA LEU A 326 19.12 -3.41 -10.85
C LEU A 326 19.31 -2.55 -12.09
N LEU A 327 20.46 -1.90 -12.22
CA LEU A 327 20.68 -0.99 -13.34
C LEU A 327 20.86 -1.78 -14.64
N LEU A 328 21.50 -2.94 -14.56
CA LEU A 328 21.73 -3.79 -15.73
C LEU A 328 20.46 -4.52 -16.15
N SER A 329 19.49 -4.60 -15.25
CA SER A 329 18.24 -5.29 -15.54
C SER A 329 17.42 -4.52 -16.57
N GLN A 330 17.72 -3.23 -16.74
CA GLN A 330 17.07 -2.44 -17.78
C GLN A 330 17.96 -2.45 -19.02
N PRO A 331 17.35 -2.61 -20.20
CA PRO A 331 18.11 -2.85 -21.44
C PRO A 331 18.67 -1.58 -22.07
N TYR A 332 19.43 -0.79 -21.33
CA TYR A 332 19.97 0.46 -21.84
C TYR A 332 21.42 0.55 -21.42
N LEU A 333 22.29 0.92 -22.34
CA LEU A 333 23.70 1.08 -22.03
C LEU A 333 24.13 2.46 -22.49
N PRO A 334 25.11 3.05 -21.80
CA PRO A 334 25.53 4.43 -22.07
C PRO A 334 26.47 4.54 -23.28
N THR A 335 26.51 5.70 -23.93
CA THR A 335 27.45 5.87 -25.05
C THR A 335 28.62 6.78 -24.70
N VAL A 336 28.54 7.45 -23.57
CA VAL A 336 29.66 8.26 -23.08
C VAL A 336 29.72 8.12 -21.56
N ASN A 337 30.92 8.17 -20.99
CA ASN A 337 31.08 7.75 -19.59
C ASN A 337 30.81 8.85 -18.56
N THR A 338 29.68 9.52 -18.71
CA THR A 338 29.33 10.63 -17.85
C THR A 338 27.93 10.46 -17.27
N VAL A 339 27.67 11.21 -16.21
CA VAL A 339 26.41 11.17 -15.49
C VAL A 339 25.89 12.59 -15.26
N ALA A 340 24.58 12.77 -15.42
CA ALA A 340 23.91 13.97 -14.95
C ALA A 340 22.95 13.58 -13.82
N ALA A 341 22.88 14.42 -12.81
CA ALA A 341 21.95 14.21 -11.73
C ALA A 341 21.12 15.45 -11.50
N LEU A 342 19.82 15.24 -11.35
CA LEU A 342 18.90 16.30 -11.01
C LEU A 342 18.42 16.09 -9.57
N THR A 343 18.43 17.14 -8.76
CA THR A 343 18.02 17.05 -7.36
C THR A 343 17.04 18.16 -6.94
N VAL A 344 16.47 18.01 -5.75
CA VAL A 344 15.71 19.09 -5.12
C VAL A 344 16.38 19.56 -3.82
N SER A 345 17.67 19.27 -3.68
CA SER A 345 18.41 19.65 -2.49
C SER A 345 19.80 20.13 -2.88
N GLY A 346 20.16 21.30 -2.38
CA GLY A 346 21.47 21.87 -2.65
C GLY A 346 22.51 21.15 -1.84
N GLY A 347 22.17 20.83 -0.60
CA GLY A 347 23.07 20.13 0.29
C GLY A 347 23.38 18.71 -0.18
N GLN A 348 22.36 18.00 -0.64
CA GLN A 348 22.56 16.63 -1.12
C GLN A 348 23.20 16.65 -2.51
N ALA A 349 22.84 17.63 -3.34
CA ALA A 349 23.58 17.85 -4.57
C ALA A 349 25.06 17.93 -4.23
N GLY A 350 25.39 18.75 -3.25
CA GLY A 350 26.78 18.97 -2.85
C GLY A 350 27.48 17.72 -2.33
N ILE A 351 26.76 16.92 -1.57
CA ILE A 351 27.33 15.69 -1.05
C ILE A 351 27.50 14.69 -2.18
N LEU A 352 26.56 14.69 -3.11
CA LEU A 352 26.66 13.79 -4.25
C LEU A 352 27.93 14.11 -5.03
N LEU A 353 28.15 15.39 -5.29
CA LEU A 353 29.33 15.81 -6.02
C LEU A 353 30.61 15.34 -5.33
N ASP A 354 30.71 15.56 -4.02
CA ASP A 354 31.86 15.12 -3.26
C ASP A 354 32.06 13.60 -3.44
N LEU A 355 30.97 12.85 -3.30
CA LEU A 355 31.05 11.40 -3.39
C LEU A 355 31.48 10.98 -4.80
N ALA A 356 30.96 11.65 -5.81
CA ALA A 356 31.33 11.33 -7.19
C ALA A 356 32.85 11.39 -7.39
N GLU A 357 33.51 12.35 -6.75
CA GLU A 357 34.96 12.41 -6.82
C GLU A 357 35.60 11.19 -6.18
N ASP A 358 35.17 10.81 -4.98
CA ASP A 358 35.76 9.63 -4.31
C ASP A 358 35.62 8.35 -5.15
N TYR A 359 34.49 8.20 -5.84
CA TYR A 359 34.19 6.99 -6.59
C TYR A 359 34.63 7.11 -8.06
N GLY A 360 35.17 8.26 -8.41
CA GLY A 360 35.64 8.49 -9.77
C GLY A 360 34.53 8.43 -10.80
N VAL A 361 33.46 9.18 -10.58
CA VAL A 361 32.37 9.24 -11.54
C VAL A 361 32.23 10.67 -12.04
N ASP A 362 32.20 10.82 -13.35
CA ASP A 362 32.25 12.13 -14.01
C ASP A 362 30.88 12.78 -14.16
N PHE A 363 30.71 13.94 -13.53
CA PHE A 363 29.56 14.79 -13.72
C PHE A 363 30.00 16.09 -14.41
N PRO A 364 30.04 16.12 -15.76
CA PRO A 364 30.49 17.29 -16.54
C PRO A 364 29.43 18.37 -16.62
N ASP A 365 29.82 19.56 -17.04
CA ASP A 365 28.84 20.59 -17.37
C ASP A 365 27.96 20.05 -18.49
N PHE A 366 26.76 20.62 -18.60
CA PHE A 366 25.89 20.27 -19.71
C PHE A 366 26.44 20.92 -20.98
N SER A 367 26.03 20.40 -22.13
CA SER A 367 26.53 20.90 -23.40
C SER A 367 26.13 22.34 -23.61
N ALA A 368 26.73 22.98 -24.61
CA ALA A 368 26.35 24.34 -24.97
C ALA A 368 24.90 24.36 -25.43
N VAL A 369 24.43 23.26 -26.01
CA VAL A 369 23.06 23.21 -26.49
C VAL A 369 22.05 23.20 -25.33
N THR A 370 22.37 22.41 -24.31
CA THR A 370 21.56 22.35 -23.12
C THR A 370 21.53 23.69 -22.35
N ASN A 371 22.69 24.28 -22.13
CA ASN A 371 22.75 25.56 -21.42
C ASN A 371 21.95 26.62 -22.14
N TYR A 372 22.16 26.73 -23.44
CA TYR A 372 21.47 27.72 -24.26
C TYR A 372 19.97 27.52 -24.15
N GLU A 373 19.55 26.27 -24.32
CA GLU A 373 18.14 25.93 -24.38
C GLU A 373 17.44 26.22 -23.06
N ILE A 374 18.07 25.87 -21.95
CA ILE A 374 17.45 26.10 -20.66
C ILE A 374 17.51 27.57 -20.30
N ALA A 375 18.54 28.27 -20.77
CA ALA A 375 18.66 29.70 -20.53
C ALA A 375 17.48 30.37 -21.21
N SER A 376 17.15 29.87 -22.40
CA SER A 376 16.07 30.44 -23.19
C SER A 376 14.72 30.23 -22.54
N LYS A 377 14.58 29.17 -21.74
CA LYS A 377 13.28 28.86 -21.18
C LYS A 377 13.14 29.23 -19.69
N LEU A 378 14.24 29.06 -18.94
CA LEU A 378 14.26 29.35 -17.51
C LEU A 378 15.52 30.16 -17.19
N PRO A 379 15.59 31.41 -17.65
CA PRO A 379 16.82 32.19 -17.41
C PRO A 379 17.01 32.44 -15.93
N GLU A 380 15.90 32.48 -15.20
CA GLU A 380 15.92 32.67 -13.75
C GLU A 380 16.68 31.55 -13.01
N LEU A 381 16.89 30.42 -13.66
CA LEU A 381 17.71 29.35 -13.09
C LEU A 381 19.16 29.77 -12.96
N GLY A 382 19.59 30.66 -13.86
CA GLY A 382 21.00 31.04 -13.88
C GLY A 382 21.88 29.92 -14.44
N GLY A 383 23.17 29.99 -14.13
CA GLY A 383 24.15 29.02 -14.61
C GLY A 383 23.90 27.64 -14.03
N LEU A 384 23.86 26.66 -14.94
CA LEU A 384 23.54 25.29 -14.59
C LEU A 384 24.77 24.51 -14.15
N SER A 385 24.72 23.95 -12.95
CA SER A 385 25.76 23.03 -12.50
C SER A 385 25.19 21.59 -12.47
N ASN A 386 26.08 20.61 -12.38
CA ASN A 386 25.70 19.20 -12.40
C ASN A 386 26.44 18.52 -11.28
N PRO A 387 25.71 18.00 -10.29
CA PRO A 387 24.25 17.90 -10.18
C PRO A 387 23.53 19.24 -10.19
N LEU A 388 22.34 19.26 -10.77
CA LEU A 388 21.50 20.44 -10.89
C LEU A 388 20.37 20.39 -9.87
N ASP A 389 20.40 21.32 -8.92
CA ASP A 389 19.28 21.48 -8.00
C ASP A 389 18.18 22.27 -8.70
N ILE A 390 17.02 21.66 -8.92
CA ILE A 390 15.97 22.35 -9.66
C ILE A 390 14.85 22.86 -8.77
N TRP A 391 15.05 22.80 -7.47
CA TRP A 391 14.03 23.25 -6.51
C TRP A 391 14.22 24.69 -6.06
N GLY A 392 13.11 25.44 -6.07
CA GLY A 392 13.06 26.76 -5.48
C GLY A 392 13.98 27.73 -6.19
N LYS A 393 14.09 27.56 -7.50
CA LYS A 393 14.92 28.44 -8.31
C LYS A 393 14.00 29.32 -9.16
N SER A 394 12.74 28.95 -9.23
CA SER A 394 11.82 29.54 -10.20
C SER A 394 10.42 29.79 -9.68
N SER A 395 9.78 30.81 -10.25
CA SER A 395 8.40 31.11 -9.94
C SER A 395 7.48 30.08 -10.60
N LYS A 396 7.94 29.52 -11.73
CA LYS A 396 7.22 28.50 -12.48
C LYS A 396 6.82 27.34 -11.59
N ASP A 397 5.76 26.64 -11.97
CA ASP A 397 5.43 25.39 -11.28
C ASP A 397 6.63 24.45 -11.37
N PHE A 398 6.91 23.75 -10.27
CA PHE A 398 7.96 22.76 -10.23
C PHE A 398 7.77 21.74 -11.36
N SER A 399 6.51 21.44 -11.62
CA SER A 399 6.18 20.46 -12.63
C SER A 399 6.71 20.92 -14.01
N GLU A 400 6.52 22.21 -14.35
CA GLU A 400 7.07 22.75 -15.58
C GLU A 400 8.60 22.81 -15.56
N VAL A 401 9.17 23.25 -14.44
CA VAL A 401 10.63 23.35 -14.32
C VAL A 401 11.28 21.97 -14.53
N SER A 402 10.77 20.97 -13.83
CA SER A 402 11.25 19.60 -13.92
C SER A 402 11.14 19.05 -15.34
N ASN A 403 10.00 19.25 -15.96
CA ASN A 403 9.80 18.74 -17.30
C ASN A 403 10.75 19.38 -18.29
N ILE A 404 10.89 20.70 -18.23
CA ILE A 404 11.78 21.41 -19.12
C ILE A 404 13.23 20.95 -18.96
N CYS A 405 13.67 20.86 -17.71
CA CYS A 405 15.05 20.49 -17.42
C CYS A 405 15.39 19.05 -17.85
N LEU A 406 14.54 18.09 -17.50
CA LEU A 406 14.77 16.70 -17.90
C LEU A 406 14.64 16.49 -19.42
N SER A 407 13.64 17.09 -20.04
CA SER A 407 13.47 16.93 -21.49
C SER A 407 14.76 17.34 -22.20
N SER A 408 15.32 18.45 -21.76
CA SER A 408 16.56 18.97 -22.30
C SER A 408 17.76 18.05 -21.95
N ILE A 409 17.86 17.65 -20.69
CA ILE A 409 19.00 16.88 -20.25
C ILE A 409 19.05 15.47 -20.88
N VAL A 410 17.89 14.90 -21.15
CA VAL A 410 17.81 13.59 -21.78
C VAL A 410 18.45 13.57 -23.19
N LYS A 411 18.39 14.72 -23.89
CA LYS A 411 18.94 14.83 -25.24
C LYS A 411 20.38 15.35 -25.27
N ASP A 412 21.01 15.49 -24.12
CA ASP A 412 22.32 16.13 -24.03
C ASP A 412 23.45 15.17 -24.40
N ALA A 413 24.05 15.38 -25.57
CA ALA A 413 25.06 14.44 -26.10
C ALA A 413 26.30 14.26 -25.21
N ASP A 414 26.59 15.21 -24.34
CA ASP A 414 27.67 15.05 -23.37
C ASP A 414 27.33 14.17 -22.14
N ILE A 415 26.06 13.79 -21.99
CA ILE A 415 25.62 13.02 -20.82
C ILE A 415 25.25 11.58 -21.16
N GLY A 416 25.88 10.63 -20.48
CA GLY A 416 25.69 9.23 -20.78
C GLY A 416 24.56 8.58 -20.02
N ILE A 417 24.47 8.90 -18.74
CA ILE A 417 23.42 8.37 -17.88
C ILE A 417 22.59 9.49 -17.26
N ILE A 418 21.27 9.35 -17.33
CA ILE A 418 20.32 10.31 -16.79
C ILE A 418 19.83 9.83 -15.44
N THR A 419 20.08 10.63 -14.41
CA THR A 419 19.63 10.30 -13.06
C THR A 419 18.87 11.45 -12.39
N VAL A 420 17.90 11.05 -11.58
CA VAL A 420 17.25 11.88 -10.61
C VAL A 420 17.70 11.39 -9.24
N ALA A 421 18.19 12.33 -8.42
CA ALA A 421 18.74 11.98 -7.11
C ALA A 421 17.96 12.70 -6.02
N ILE A 422 16.98 12.00 -5.47
CA ILE A 422 16.01 12.60 -4.59
C ILE A 422 15.63 11.60 -3.51
N ASP A 423 15.68 12.06 -2.26
CA ASP A 423 15.23 11.25 -1.14
C ASP A 423 13.71 11.27 -1.10
N ALA A 424 13.11 10.10 -1.12
CA ALA A 424 11.66 9.97 -1.06
C ALA A 424 11.36 8.78 -0.18
N PRO A 425 11.56 8.94 1.13
CA PRO A 425 11.47 7.75 1.99
C PRO A 425 10.04 7.30 2.27
N ILE A 426 9.92 6.02 2.62
CA ILE A 426 8.64 5.43 3.02
C ILE A 426 8.02 6.22 4.17
N GLY A 427 6.69 6.40 4.09
CA GLY A 427 5.95 7.15 5.08
C GLY A 427 5.87 8.65 4.83
N GLN A 428 6.55 9.15 3.81
CA GLN A 428 6.54 10.59 3.53
C GLN A 428 5.10 11.05 3.31
N GLY A 429 4.83 12.31 3.56
CA GLY A 429 3.48 12.83 3.45
C GLY A 429 2.97 12.95 2.02
N ASP A 430 1.67 13.17 1.90
CA ASP A 430 0.99 13.34 0.63
C ASP A 430 1.59 14.46 -0.19
N HIS A 431 2.04 15.51 0.50
CA HIS A 431 2.61 16.67 -0.18
C HIS A 431 4.02 16.31 -0.67
N GLU A 432 4.78 15.63 0.18
CA GLU A 432 6.12 15.20 -0.19
C GLU A 432 6.09 14.20 -1.36
N PHE A 433 5.12 13.28 -1.36
CA PHE A 433 4.96 12.39 -2.49
C PHE A 433 4.68 13.19 -3.75
N ASP A 434 3.71 14.11 -3.69
CA ASP A 434 3.29 14.85 -4.87
C ASP A 434 4.48 15.50 -5.51
N PHE A 435 5.41 15.91 -4.66
CA PHE A 435 6.58 16.67 -5.09
C PHE A 435 7.70 15.78 -5.60
N THR A 436 8.07 14.75 -4.85
CA THR A 436 9.17 13.85 -5.22
C THR A 436 8.81 12.92 -6.39
N SER A 437 7.52 12.72 -6.63
CA SER A 437 7.04 11.90 -7.73
C SER A 437 7.09 12.65 -9.07
N ILE A 438 7.18 13.98 -9.03
CA ILE A 438 7.17 14.77 -10.25
C ILE A 438 8.32 14.43 -11.22
N PRO A 439 9.57 14.37 -10.74
CA PRO A 439 10.62 13.96 -11.68
C PRO A 439 10.52 12.48 -12.07
N ALA A 440 9.93 11.65 -11.22
CA ALA A 440 9.75 10.24 -11.55
C ALA A 440 8.81 10.11 -12.74
N LYS A 441 7.68 10.82 -12.71
CA LYS A 441 6.76 10.79 -13.86
C LYS A 441 7.38 11.36 -15.14
N ASP A 442 8.19 12.41 -14.97
CA ASP A 442 8.90 13.00 -16.11
C ASP A 442 9.86 11.99 -16.74
N LEU A 443 10.66 11.30 -15.91
CA LEU A 443 11.48 10.20 -16.39
C LEU A 443 10.60 9.18 -17.11
N ALA A 444 9.48 8.80 -16.49
CA ALA A 444 8.59 7.81 -17.10
C ALA A 444 8.16 8.26 -18.50
N SER A 445 7.79 9.53 -18.62
CA SER A 445 7.34 10.11 -19.89
C SER A 445 8.42 10.18 -20.97
N LEU A 446 9.68 10.32 -20.56
CA LEU A 446 10.74 10.48 -21.54
C LEU A 446 11.41 9.16 -21.85
N ARG A 447 11.07 8.12 -21.09
CA ARG A 447 11.69 6.81 -21.28
C ARG A 447 11.55 6.30 -22.72
N GLY A 448 10.40 6.52 -23.33
CA GLY A 448 10.07 5.97 -24.64
C GLY A 448 10.90 6.47 -25.80
N ASN A 449 11.55 7.62 -25.66
CA ASN A 449 12.22 8.19 -26.81
C ASN A 449 13.70 8.48 -26.59
N SER A 450 14.28 7.81 -25.61
CA SER A 450 15.70 7.90 -25.38
C SER A 450 16.26 6.47 -25.26
N ASP A 451 17.54 6.33 -25.57
CA ASP A 451 18.22 5.05 -25.48
C ASP A 451 19.08 5.06 -24.22
N LYS A 452 19.20 6.21 -23.58
CA LYS A 452 20.11 6.33 -22.44
C LYS A 452 19.64 5.58 -21.20
N PRO A 453 20.59 5.05 -20.42
CA PRO A 453 20.17 4.49 -19.14
C PRO A 453 19.49 5.59 -18.31
N PHE A 454 18.43 5.25 -17.59
CA PHE A 454 17.76 6.16 -16.67
C PHE A 454 17.87 5.57 -15.28
N LEU A 455 17.98 6.41 -14.27
CA LEU A 455 18.04 5.94 -12.92
C LEU A 455 17.50 7.02 -12.01
N TYR A 456 16.67 6.59 -11.05
CA TYR A 456 16.19 7.45 -9.98
C TYR A 456 16.73 6.84 -8.72
N PHE A 457 17.59 7.55 -8.00
CA PHE A 457 18.12 7.03 -6.74
C PHE A 457 17.92 7.97 -5.57
N SER A 458 17.86 7.41 -4.38
CA SER A 458 17.82 8.24 -3.19
C SER A 458 19.26 8.44 -2.73
N HIS A 459 19.52 9.56 -2.05
CA HIS A 459 20.83 9.80 -1.45
C HIS A 459 21.01 8.85 -0.28
N ILE A 460 19.96 8.65 0.49
CA ILE A 460 19.98 7.83 1.70
C ILE A 460 19.72 6.36 1.39
N GLN A 461 19.99 5.52 2.37
CA GLN A 461 20.00 4.06 2.17
C GLN A 461 18.63 3.47 2.45
N THR A 462 17.79 4.23 3.13
CA THR A 462 16.55 3.68 3.68
C THR A 462 15.47 3.44 2.62
N GLU A 463 14.36 2.87 3.06
CA GLU A 463 13.36 2.35 2.13
C GLU A 463 12.62 3.46 1.35
N PHE A 464 12.49 3.27 0.05
CA PHE A 464 11.78 4.19 -0.82
C PHE A 464 10.28 4.21 -0.52
N ASP A 465 9.65 5.36 -0.72
CA ASP A 465 8.20 5.41 -0.78
C ASP A 465 7.73 4.51 -1.95
N PRO A 466 6.99 3.45 -1.64
CA PRO A 466 6.51 2.48 -2.64
C PRO A 466 5.67 3.13 -3.75
N ARG A 467 4.97 4.22 -3.42
CA ARG A 467 4.22 5.00 -4.43
C ARG A 467 5.13 5.62 -5.50
N VAL A 468 6.30 6.13 -5.10
CA VAL A 468 7.27 6.64 -6.06
C VAL A 468 7.94 5.48 -6.81
N GLU A 469 8.29 4.43 -6.08
CA GLU A 469 9.03 3.33 -6.70
C GLU A 469 8.19 2.69 -7.82
N SER A 470 6.89 2.63 -7.61
CA SER A 470 5.96 1.99 -8.53
C SER A 470 5.96 2.72 -9.87
N ILE A 471 6.00 4.05 -9.83
CA ILE A 471 6.05 4.86 -11.04
C ILE A 471 7.27 4.50 -11.87
N LEU A 472 8.41 4.35 -11.21
CA LEU A 472 9.63 3.96 -11.92
C LEU A 472 9.62 2.49 -12.41
N ASP A 473 9.14 1.57 -11.56
CA ASP A 473 9.04 0.16 -11.94
C ASP A 473 8.19 -0.02 -13.18
N GLU A 474 7.04 0.66 -13.23
CA GLU A 474 6.10 0.53 -14.34
C GLU A 474 6.66 1.10 -15.66
N ALA A 475 7.68 1.94 -15.54
CA ALA A 475 8.24 2.57 -16.74
C ALA A 475 9.51 1.87 -17.16
N GLY A 476 9.90 0.82 -16.45
CA GLY A 476 11.17 0.18 -16.74
C GLY A 476 12.31 1.16 -16.51
N ILE A 477 12.28 1.82 -15.36
CA ILE A 477 13.37 2.70 -14.95
C ILE A 477 14.03 2.17 -13.69
N ALA A 478 15.36 2.10 -13.70
CA ALA A 478 16.09 1.64 -12.52
C ALA A 478 15.87 2.55 -11.30
N VAL A 479 15.75 1.92 -10.12
CA VAL A 479 15.64 2.62 -8.84
C VAL A 479 16.68 2.07 -7.88
N ILE A 480 17.56 2.92 -7.37
CA ILE A 480 18.56 2.48 -6.38
C ILE A 480 18.51 3.28 -5.07
N GLN A 481 18.75 2.61 -3.95
CA GLN A 481 18.79 3.28 -2.64
C GLN A 481 20.22 3.57 -2.16
N GLY A 482 20.61 4.85 -2.16
CA GLY A 482 21.90 5.28 -1.61
C GLY A 482 22.90 5.73 -2.67
N SER A 483 23.46 6.92 -2.49
CA SER A 483 24.40 7.49 -3.48
C SER A 483 25.60 6.60 -3.83
N ARG A 484 26.19 5.97 -2.83
CA ARG A 484 27.33 5.11 -3.05
C ARG A 484 26.96 3.97 -4.00
N ASN A 485 25.81 3.35 -3.75
CA ASN A 485 25.34 2.24 -4.58
C ASN A 485 25.08 2.72 -5.99
N ALA A 486 24.42 3.87 -6.09
CA ALA A 486 24.14 4.49 -7.36
C ALA A 486 25.44 4.70 -8.16
N LEU A 487 26.46 5.22 -7.49
CA LEU A 487 27.70 5.56 -8.18
C LEU A 487 28.44 4.28 -8.61
N VAL A 488 28.48 3.29 -7.72
CA VAL A 488 29.08 2.01 -8.04
C VAL A 488 28.34 1.37 -9.24
N ALA A 489 27.02 1.49 -9.27
CA ALA A 489 26.25 0.98 -10.40
C ALA A 489 26.61 1.68 -11.71
N CYS A 490 26.70 3.01 -11.66
CA CYS A 490 27.02 3.78 -12.87
C CYS A 490 28.38 3.38 -13.42
N ARG A 491 29.34 3.25 -12.50
CA ARG A 491 30.72 2.90 -12.81
C ARG A 491 30.76 1.51 -13.44
N ALA A 492 29.99 0.59 -12.88
CA ALA A 492 29.93 -0.77 -13.42
C ALA A 492 29.32 -0.79 -14.84
N LEU A 493 28.33 0.07 -15.08
CA LEU A 493 27.77 0.22 -16.41
C LEU A 493 28.85 0.62 -17.40
N PHE A 494 29.69 1.56 -17.00
CA PHE A 494 30.76 2.02 -17.87
C PHE A 494 31.73 0.87 -18.14
N LYS A 495 32.10 0.18 -17.08
CA LYS A 495 32.99 -0.97 -17.21
C LYS A 495 32.42 -2.03 -18.17
N TYR A 496 31.14 -2.40 -17.98
CA TYR A 496 30.53 -3.40 -18.86
C TYR A 496 30.53 -2.94 -20.31
N LYS A 497 30.20 -1.67 -20.54
CA LYS A 497 30.14 -1.15 -21.91
C LYS A 497 31.52 -1.20 -22.56
N GLU A 498 32.55 -1.01 -21.75
CA GLU A 498 33.92 -1.06 -22.24
C GLU A 498 34.35 -2.49 -22.59
N PHE A 499 33.95 -3.46 -21.76
CA PHE A 499 34.22 -4.85 -22.06
C PHE A 499 33.57 -5.23 -23.37
N LEU A 500 32.36 -4.73 -23.59
CA LEU A 500 31.62 -4.98 -24.83
C LEU A 500 32.27 -4.38 -26.08
N GLU A 501 32.95 -3.26 -25.91
CA GLU A 501 33.55 -2.58 -27.06
C GLU A 501 34.84 -3.25 -27.53
N LYS A 502 35.68 -3.71 -26.59
CA LYS A 502 36.97 -4.26 -26.98
C LYS A 502 36.84 -5.53 -27.83
N ASN A 503 35.79 -6.31 -27.54
CA ASN A 503 35.57 -7.59 -28.22
C ASN A 503 36.81 -8.37 -28.68
N ASN A 504 37.75 -8.52 -27.75
CA ASN A 504 39.11 -8.99 -28.02
C ASN A 504 39.69 -9.32 -26.64
N HIS A 505 39.22 -10.43 -26.09
CA HIS A 505 39.36 -10.66 -24.67
C HIS A 505 40.63 -11.41 -24.26
N THR A 506 40.78 -11.59 -22.96
CA THR A 506 41.97 -12.16 -22.40
C THR A 506 42.05 -13.64 -22.79
N PRO A 507 43.12 -14.03 -23.47
CA PRO A 507 43.30 -15.44 -23.82
C PRO A 507 43.37 -16.32 -22.57
N ILE A 508 42.97 -17.57 -22.68
CA ILE A 508 43.19 -18.53 -21.61
C ILE A 508 44.57 -19.16 -21.77
N TYR A 509 45.44 -18.97 -20.77
CA TYR A 509 46.77 -19.57 -20.80
C TYR A 509 46.73 -20.94 -20.16
N SER A 510 47.41 -21.89 -20.78
CA SER A 510 47.51 -23.24 -20.26
C SER A 510 48.51 -23.30 -19.11
N VAL A 511 48.10 -23.92 -18.00
CA VAL A 511 49.00 -24.17 -16.88
C VAL A 511 49.26 -25.67 -16.76
N GLU A 512 49.08 -26.35 -17.89
CA GLU A 512 49.24 -27.80 -18.00
C GLU A 512 50.65 -28.27 -17.68
N ASP A 513 51.57 -27.98 -18.59
CA ASP A 513 52.98 -28.34 -18.43
C ASP A 513 53.65 -27.44 -17.39
N LEU A 514 52.84 -26.65 -16.71
CA LEU A 514 53.34 -25.77 -15.65
C LEU A 514 53.90 -26.62 -14.50
N SER A 515 55.16 -26.34 -14.16
CA SER A 515 55.85 -27.03 -13.08
C SER A 515 54.96 -27.11 -11.85
N ILE A 516 54.83 -28.29 -11.28
CA ILE A 516 53.86 -28.53 -10.21
C ILE A 516 54.48 -28.54 -8.82
N GLN A 517 55.77 -28.25 -8.74
CA GLN A 517 56.45 -28.15 -7.45
C GLN A 517 55.90 -26.95 -6.69
N LYS A 518 56.36 -26.76 -5.46
CA LYS A 518 55.90 -25.64 -4.65
C LYS A 518 57.09 -24.88 -4.10
N GLY A 519 58.27 -25.48 -4.23
CA GLY A 519 59.51 -24.85 -3.80
C GLY A 519 60.07 -23.97 -4.90
N LEU A 520 60.31 -22.70 -4.58
CA LEU A 520 60.78 -21.72 -5.56
C LEU A 520 62.31 -21.53 -5.50
N LYS A 521 62.99 -21.84 -6.60
CA LYS A 521 64.44 -21.74 -6.61
C LYS A 521 64.96 -20.52 -7.38
N LEU A 522 65.74 -19.69 -6.70
CA LEU A 522 66.32 -18.52 -7.32
C LEU A 522 67.26 -18.91 -8.47
N LEU A 523 67.21 -18.13 -9.54
CA LEU A 523 68.10 -18.33 -10.68
C LEU A 523 69.40 -17.60 -10.42
N HIS A 524 70.51 -18.15 -10.91
CA HIS A 524 71.78 -17.48 -10.68
C HIS A 524 71.89 -16.25 -11.59
N ASP A 525 72.51 -15.19 -11.06
CA ASP A 525 72.68 -13.93 -11.78
C ASP A 525 73.22 -14.15 -13.17
N ASN A 526 74.02 -15.20 -13.32
CA ASN A 526 74.45 -15.69 -14.62
C ASN A 526 73.29 -15.71 -15.62
N GLU A 527 72.30 -16.56 -15.34
CA GLU A 527 71.17 -16.77 -16.25
C GLU A 527 70.24 -15.55 -16.38
N GLY A 528 70.13 -14.77 -15.31
CA GLY A 528 69.36 -13.54 -15.35
C GLY A 528 69.75 -12.64 -16.50
N ARG A 529 71.01 -12.21 -16.50
CA ARG A 529 71.51 -11.31 -17.53
C ARG A 529 71.34 -11.92 -18.92
N LYS A 530 71.33 -13.24 -19.00
CA LYS A 530 71.12 -13.91 -20.29
C LYS A 530 69.73 -13.58 -20.86
N LEU A 531 68.71 -13.67 -20.00
CA LEU A 531 67.35 -13.33 -20.40
C LEU A 531 67.29 -11.89 -20.91
N LEU A 532 67.86 -10.96 -20.14
CA LEU A 532 67.87 -9.56 -20.53
C LEU A 532 68.26 -9.41 -21.99
N ASP A 533 69.34 -10.10 -22.37
CA ASP A 533 69.92 -10.00 -23.70
C ASP A 533 69.03 -10.66 -24.75
N GLU A 534 68.60 -11.88 -24.43
CA GLU A 534 67.72 -12.65 -25.28
C GLU A 534 66.40 -11.91 -25.51
N SER A 535 66.02 -11.09 -24.53
CA SER A 535 64.74 -10.37 -24.60
C SER A 535 64.92 -8.94 -25.10
N GLY A 536 66.18 -8.50 -25.17
CA GLY A 536 66.53 -7.23 -25.77
C GLY A 536 66.50 -6.03 -24.83
N PHE A 537 67.03 -6.19 -23.62
CA PHE A 537 66.86 -5.15 -22.62
C PHE A 537 68.01 -4.18 -22.40
N VAL A 538 69.26 -4.62 -22.57
CA VAL A 538 70.39 -3.71 -22.43
C VAL A 538 70.73 -3.35 -20.96
N SER A 539 71.81 -3.93 -20.44
CA SER A 539 72.27 -3.58 -19.10
C SER A 539 73.30 -2.46 -19.19
N PRO A 540 73.73 -1.94 -18.04
CA PRO A 540 74.88 -1.04 -18.04
C PRO A 540 76.11 -1.78 -18.55
N ARG A 541 77.15 -1.04 -18.94
CA ARG A 541 78.45 -1.66 -19.14
C ARG A 541 78.82 -2.40 -17.86
N GLU A 542 79.17 -3.67 -18.01
CA GLU A 542 79.39 -4.52 -16.84
C GLU A 542 80.19 -5.77 -17.15
N GLN A 543 80.91 -6.27 -16.15
CA GLN A 543 81.65 -7.50 -16.28
C GLN A 543 81.77 -8.20 -14.92
N VAL A 544 81.77 -9.53 -14.96
CA VAL A 544 81.94 -10.33 -13.76
C VAL A 544 83.43 -10.47 -13.43
N VAL A 545 83.76 -10.40 -12.14
CA VAL A 545 85.14 -10.51 -11.68
C VAL A 545 85.22 -11.40 -10.44
N THR A 546 86.39 -11.99 -10.20
CA THR A 546 86.56 -12.87 -9.04
C THR A 546 87.50 -12.31 -7.96
N SER A 547 88.69 -11.86 -8.36
CA SER A 547 89.62 -11.28 -7.39
C SER A 547 89.77 -9.77 -7.56
N LEU A 548 89.99 -9.08 -6.43
CA LEU A 548 90.05 -7.62 -6.40
C LEU A 548 90.89 -7.01 -7.52
N GLN A 549 92.00 -7.65 -7.85
CA GLN A 549 92.89 -7.11 -8.87
C GLN A 549 92.19 -7.13 -10.23
N GLU A 550 91.60 -8.28 -10.56
CA GLU A 550 90.86 -8.42 -11.80
C GLU A 550 89.85 -7.29 -11.89
N GLY A 551 89.34 -6.87 -10.74
CA GLY A 551 88.32 -5.84 -10.65
C GLY A 551 88.85 -4.43 -10.81
N VAL A 552 89.92 -4.12 -10.08
CA VAL A 552 90.56 -2.81 -10.15
C VAL A 552 91.06 -2.54 -11.57
N ASP A 553 91.53 -3.60 -12.22
CA ASP A 553 91.91 -3.56 -13.63
C ASP A 553 90.72 -3.13 -14.49
N TYR A 554 89.72 -4.00 -14.54
CA TYR A 554 88.52 -3.77 -15.33
C TYR A 554 87.92 -2.40 -15.04
N ALA A 555 87.85 -2.05 -13.76
CA ALA A 555 87.30 -0.77 -13.36
C ALA A 555 88.04 0.39 -14.04
N GLU A 556 89.37 0.35 -13.98
CA GLU A 556 90.19 1.36 -14.63
C GLU A 556 90.03 1.31 -16.15
N SER A 557 89.66 0.14 -16.66
CA SER A 557 89.42 -0.03 -18.09
C SER A 557 88.19 0.73 -18.61
N ILE A 558 87.12 0.76 -17.82
CA ILE A 558 85.88 1.41 -18.28
C ILE A 558 85.71 2.80 -17.70
N GLY A 559 86.41 3.05 -16.60
CA GLY A 559 86.39 4.36 -15.99
C GLY A 559 85.33 4.49 -14.92
N TYR A 560 85.57 5.42 -13.99
CA TYR A 560 84.74 5.60 -12.82
C TYR A 560 83.68 6.69 -13.03
N PRO A 561 82.68 6.76 -12.13
CA PRO A 561 82.45 5.84 -11.01
C PRO A 561 81.76 4.55 -11.47
N VAL A 562 81.77 3.52 -10.61
CA VAL A 562 81.12 2.24 -10.94
C VAL A 562 80.59 1.49 -9.70
N VAL A 563 79.95 0.35 -9.95
CA VAL A 563 79.67 -0.74 -8.98
C VAL A 563 79.49 -0.40 -7.48
N LEU A 564 79.65 -1.35 -6.54
CA LEU A 564 79.97 -2.77 -6.72
C LEU A 564 78.89 -3.65 -6.09
N LYS A 565 78.62 -4.81 -6.69
CA LYS A 565 77.54 -5.68 -6.21
C LYS A 565 77.92 -7.16 -6.01
N ALA A 566 77.54 -7.70 -4.86
CA ALA A 566 77.72 -9.12 -4.57
C ALA A 566 76.80 -9.96 -5.45
N GLN A 567 77.13 -11.24 -5.62
CA GLN A 567 76.33 -12.13 -6.46
C GLN A 567 75.81 -13.33 -5.69
N GLY A 568 74.71 -13.90 -6.17
CA GLY A 568 74.10 -15.06 -5.56
C GLY A 568 73.29 -14.72 -4.31
N LEU A 569 73.11 -13.42 -4.05
CA LEU A 569 72.44 -12.98 -2.84
C LEU A 569 71.01 -12.47 -3.07
N ALA A 570 70.42 -11.91 -2.01
CA ALA A 570 68.98 -11.65 -1.95
C ALA A 570 68.32 -10.94 -3.19
N HIS A 571 68.14 -9.62 -3.27
CA HIS A 571 68.30 -8.56 -2.26
C HIS A 571 69.71 -8.32 -1.68
N LYS A 572 70.60 -7.84 -2.53
CA LYS A 572 71.97 -7.53 -2.13
C LYS A 572 72.05 -6.31 -1.21
N THR A 573 71.31 -5.27 -1.55
CA THR A 573 71.44 -3.99 -0.85
C THR A 573 71.12 -4.07 0.65
N ASP A 574 70.25 -5.00 1.02
CA ASP A 574 69.85 -5.15 2.41
C ASP A 574 71.04 -5.50 3.30
N VAL A 575 71.92 -6.35 2.78
CA VAL A 575 73.12 -6.74 3.51
C VAL A 575 74.35 -5.95 3.03
N GLY A 576 74.14 -4.68 2.66
CA GLY A 576 75.23 -3.85 2.21
C GLY A 576 75.99 -4.45 1.04
N GLY A 577 75.27 -5.15 0.17
CA GLY A 577 75.87 -5.80 -0.98
C GLY A 577 75.90 -4.95 -2.24
N VAL A 578 75.65 -3.65 -2.10
CA VAL A 578 75.73 -2.73 -3.23
C VAL A 578 76.47 -1.47 -2.82
N ALA A 579 77.56 -1.17 -3.53
CA ALA A 579 78.42 -0.03 -3.16
C ALA A 579 77.91 1.31 -3.71
N LEU A 580 78.03 1.50 -5.01
CA LEU A 580 77.56 2.72 -5.70
C LEU A 580 78.56 3.87 -5.67
N ASN A 581 78.66 4.60 -6.77
CA ASN A 581 79.43 5.85 -6.83
C ASN A 581 80.90 5.70 -6.43
N ILE A 582 81.50 4.56 -6.73
CA ILE A 582 82.91 4.30 -6.42
C ILE A 582 83.83 5.10 -7.35
N LYS A 583 84.52 6.11 -6.80
CA LYS A 583 85.21 7.09 -7.63
C LYS A 583 86.68 6.80 -7.99
N SER A 584 87.26 5.75 -7.40
CA SER A 584 88.66 5.44 -7.65
C SER A 584 88.96 3.98 -7.35
N ALA A 585 90.18 3.56 -7.69
CA ALA A 585 90.62 2.22 -7.35
C ALA A 585 90.77 2.11 -5.83
N ALA A 586 91.15 3.22 -5.21
CA ALA A 586 91.25 3.26 -3.76
C ALA A 586 89.90 2.91 -3.14
N LYS A 587 88.93 3.81 -3.29
CA LYS A 587 87.60 3.63 -2.70
C LYS A 587 87.00 2.25 -3.01
N LEU A 588 87.29 1.73 -4.21
CA LEU A 588 86.83 0.38 -4.59
C LEU A 588 87.28 -0.66 -3.58
N LYS A 589 88.59 -0.85 -3.46
CA LYS A 589 89.14 -1.82 -2.53
C LYS A 589 88.56 -1.63 -1.12
N LYS A 590 88.36 -0.36 -0.74
CA LYS A 590 87.71 -0.05 0.51
C LYS A 590 86.37 -0.79 0.56
N ALA A 591 85.53 -0.55 -0.45
CA ALA A 591 84.20 -1.17 -0.53
C ALA A 591 84.25 -2.69 -0.67
N TRP A 592 85.12 -3.17 -1.56
CA TRP A 592 85.26 -4.59 -1.77
C TRP A 592 85.59 -5.32 -0.45
N GLY A 593 86.19 -4.57 0.47
CA GLY A 593 86.63 -5.14 1.74
C GLY A 593 85.54 -5.17 2.79
N LYS A 594 84.57 -4.27 2.66
CA LYS A 594 83.42 -4.24 3.55
C LYS A 594 82.45 -5.34 3.19
N MET A 595 82.50 -5.76 1.93
CA MET A 595 81.64 -6.83 1.41
C MET A 595 82.26 -8.21 1.62
N GLU A 596 83.42 -8.24 2.27
CA GLU A 596 84.15 -9.48 2.47
C GLU A 596 83.30 -10.56 3.14
N HIS A 597 82.61 -10.18 4.21
CA HIS A 597 81.97 -11.13 5.12
C HIS A 597 80.76 -11.85 4.53
N LEU A 598 80.16 -11.28 3.49
CA LEU A 598 79.20 -12.00 2.67
C LEU A 598 80.01 -12.75 1.64
N ASN A 599 80.26 -14.03 1.88
CA ASN A 599 81.20 -14.80 1.07
C ASN A 599 80.70 -15.04 -0.36
N SER A 600 80.82 -14.02 -1.20
CA SER A 600 80.34 -14.07 -2.57
C SER A 600 81.39 -14.69 -3.47
N PRO A 601 80.96 -15.60 -4.36
CA PRO A 601 81.82 -16.36 -5.27
C PRO A 601 82.19 -15.55 -6.50
N TYR A 602 81.32 -14.61 -6.83
CA TYR A 602 81.46 -13.77 -8.00
C TYR A 602 81.25 -12.34 -7.53
N TYR A 603 81.68 -11.39 -8.35
CA TYR A 603 81.34 -10.00 -8.14
C TYR A 603 81.01 -9.38 -9.48
N LEU A 604 79.91 -8.63 -9.51
CA LEU A 604 79.53 -7.95 -10.74
C LEU A 604 80.04 -6.53 -10.67
N ILE A 605 80.74 -6.12 -11.73
CA ILE A 605 81.12 -4.72 -11.86
C ILE A 605 80.43 -4.08 -13.07
N GLN A 606 79.69 -2.99 -12.81
CA GLN A 606 78.99 -2.26 -13.87
C GLN A 606 79.23 -0.76 -13.73
N GLU A 607 79.11 -0.04 -14.85
CA GLU A 607 79.23 1.42 -14.83
C GLU A 607 78.09 2.06 -14.05
N MET A 608 78.39 3.17 -13.38
CA MET A 608 77.40 3.90 -12.63
C MET A 608 76.44 4.60 -13.59
N VAL A 609 75.27 4.00 -13.82
CA VAL A 609 74.28 4.64 -14.68
C VAL A 609 73.74 5.89 -14.02
N THR A 610 74.12 7.03 -14.59
CA THR A 610 73.89 8.36 -14.02
C THR A 610 72.53 8.55 -13.37
N ASP A 611 71.69 9.36 -14.00
CA ASP A 611 70.36 9.67 -13.48
C ASP A 611 69.29 9.03 -14.37
N GLY A 612 68.05 9.44 -14.18
CA GLY A 612 66.92 8.84 -14.89
C GLY A 612 65.94 8.20 -13.92
N PHE A 613 64.69 8.05 -14.35
CA PHE A 613 63.62 7.64 -13.45
C PHE A 613 63.59 6.14 -13.18
N GLU A 614 63.44 5.76 -11.90
CA GLU A 614 63.43 4.33 -11.55
C GLU A 614 62.05 3.69 -11.62
N THR A 615 61.89 2.74 -12.52
CA THR A 615 60.66 1.96 -12.58
C THR A 615 60.95 0.50 -12.29
N ILE A 616 59.90 -0.26 -12.03
CA ILE A 616 60.00 -1.70 -11.92
C ILE A 616 59.19 -2.33 -13.04
N LEU A 617 59.79 -3.30 -13.73
CA LEU A 617 59.12 -3.99 -14.82
C LEU A 617 59.32 -5.49 -14.67
N ALA A 618 58.24 -6.26 -14.65
CA ALA A 618 58.35 -7.70 -14.41
C ALA A 618 57.22 -8.51 -15.02
N TYR A 619 57.28 -9.82 -14.80
CA TYR A 619 56.11 -10.66 -14.98
C TYR A 619 56.19 -11.78 -13.97
N ARG A 620 55.06 -12.38 -13.67
CA ARG A 620 55.02 -13.54 -12.80
C ARG A 620 54.04 -14.53 -13.38
N THR A 621 54.27 -15.80 -13.10
CA THR A 621 53.40 -16.86 -13.57
C THR A 621 52.40 -17.19 -12.49
N ASP A 622 51.13 -17.10 -12.83
CA ASP A 622 50.12 -17.43 -11.85
C ASP A 622 49.69 -18.88 -12.05
N MET A 623 49.84 -19.65 -10.99
CA MET A 623 49.61 -21.08 -11.01
C MET A 623 48.30 -21.48 -11.69
N ASN A 624 47.31 -20.58 -11.67
CA ASN A 624 46.03 -20.87 -12.30
C ASN A 624 45.76 -20.16 -13.62
N TYR A 625 46.31 -18.95 -13.81
CA TYR A 625 45.94 -18.14 -14.97
C TYR A 625 47.04 -17.90 -15.99
N GLY A 626 48.29 -18.04 -15.56
CA GLY A 626 49.40 -17.87 -16.46
C GLY A 626 50.15 -16.59 -16.18
N PRO A 627 50.71 -15.99 -17.22
CA PRO A 627 51.58 -14.82 -17.05
C PRO A 627 50.79 -13.56 -16.74
N VAL A 628 51.34 -12.73 -15.87
CA VAL A 628 50.84 -11.37 -15.73
C VAL A 628 52.01 -10.39 -15.61
N VAL A 629 51.85 -9.20 -16.18
CA VAL A 629 52.90 -8.19 -16.15
C VAL A 629 52.66 -7.18 -15.03
N ILE A 630 53.71 -6.89 -14.28
CA ILE A 630 53.68 -5.86 -13.24
C ILE A 630 54.56 -4.70 -13.70
N PHE A 631 54.06 -3.47 -13.58
CA PHE A 631 54.85 -2.30 -13.92
C PHE A 631 54.53 -1.09 -13.03
N GLY A 632 55.55 -0.34 -12.62
CA GLY A 632 55.30 0.82 -11.77
C GLY A 632 56.52 1.50 -11.18
N LEU A 633 56.36 2.02 -9.98
CA LEU A 633 57.45 2.73 -9.31
C LEU A 633 58.46 1.74 -8.74
N GLY A 634 59.71 1.85 -9.20
CA GLY A 634 60.74 0.91 -8.81
C GLY A 634 61.83 1.50 -7.92
N GLY A 635 62.94 0.78 -7.79
CA GLY A 635 64.02 1.22 -6.93
C GLY A 635 64.00 0.47 -5.61
N ILE A 636 64.83 0.89 -4.66
CA ILE A 636 64.91 0.25 -3.34
C ILE A 636 63.61 0.40 -2.53
N TYR A 637 62.90 1.50 -2.75
CA TYR A 637 61.67 1.77 -2.01
C TYR A 637 60.44 1.19 -2.72
N THR A 638 60.64 0.30 -3.67
CA THR A 638 59.54 -0.20 -4.49
C THR A 638 58.28 -0.62 -3.70
N GLU A 639 58.44 -1.47 -2.69
CA GLU A 639 57.30 -1.96 -1.94
C GLU A 639 56.64 -0.86 -1.11
N LEU A 640 57.41 0.13 -0.67
CA LEU A 640 56.83 1.26 0.05
C LEU A 640 55.96 2.13 -0.85
N PHE A 641 56.47 2.43 -2.04
CA PHE A 641 55.68 3.11 -3.06
C PHE A 641 54.35 2.37 -3.30
N ASN A 642 54.42 1.04 -3.43
CA ASN A 642 53.24 0.22 -3.64
C ASN A 642 52.33 0.80 -4.73
N GLU A 643 52.94 1.06 -5.88
CA GLU A 643 52.26 1.72 -6.98
C GLU A 643 52.61 1.05 -8.30
N VAL A 644 51.84 0.03 -8.66
CA VAL A 644 52.04 -0.67 -9.91
C VAL A 644 50.71 -0.84 -10.63
N VAL A 645 50.78 -1.14 -11.92
CA VAL A 645 49.61 -1.52 -12.67
C VAL A 645 49.90 -2.86 -13.31
N LEU A 646 48.89 -3.73 -13.35
CA LEU A 646 49.03 -5.05 -13.94
C LEU A 646 48.41 -5.11 -15.33
N ALA A 647 48.86 -6.08 -16.13
CA ALA A 647 48.30 -6.32 -17.45
C ALA A 647 48.60 -7.73 -17.90
N VAL A 648 47.62 -8.38 -18.53
CA VAL A 648 47.81 -9.71 -19.07
C VAL A 648 48.29 -9.57 -20.51
N PRO A 649 49.44 -10.19 -20.84
CA PRO A 649 49.94 -10.16 -22.21
C PRO A 649 49.02 -11.00 -23.10
N PRO A 650 48.99 -10.73 -24.41
CA PRO A 650 49.82 -9.70 -25.06
C PRO A 650 49.40 -8.28 -24.68
N ILE A 651 50.37 -7.41 -24.46
CA ILE A 651 50.10 -6.02 -24.19
C ILE A 651 50.29 -5.24 -25.47
N THR A 652 49.25 -4.52 -25.88
CA THR A 652 49.31 -3.70 -27.08
C THR A 652 50.11 -2.45 -26.78
N HIS A 653 50.59 -1.78 -27.82
CA HIS A 653 51.38 -0.58 -27.62
C HIS A 653 50.58 0.47 -26.89
N LYS A 654 49.29 0.56 -27.21
CA LYS A 654 48.42 1.56 -26.60
C LYS A 654 48.13 1.24 -25.13
N LYS A 655 47.96 -0.06 -24.84
CA LYS A 655 47.79 -0.51 -23.46
C LYS A 655 48.98 -0.08 -22.62
N ALA A 656 50.18 -0.18 -23.20
CA ALA A 656 51.42 0.14 -22.50
C ALA A 656 51.48 1.64 -22.21
N GLU A 657 51.02 2.44 -23.16
CA GLU A 657 50.90 3.88 -22.96
C GLU A 657 50.03 4.21 -21.76
N GLN A 658 48.84 3.62 -21.70
CA GLN A 658 47.91 3.89 -20.60
C GLN A 658 48.57 3.55 -19.27
N MET A 659 49.19 2.38 -19.22
CA MET A 659 49.88 1.92 -18.03
C MET A 659 50.88 2.96 -17.56
N VAL A 660 51.57 3.59 -18.50
CA VAL A 660 52.55 4.58 -18.12
C VAL A 660 51.90 5.85 -17.60
N LYS A 661 50.92 6.36 -18.34
CA LYS A 661 50.27 7.62 -17.97
C LYS A 661 49.39 7.51 -16.73
N SER A 662 49.19 6.29 -16.23
CA SER A 662 48.27 6.06 -15.12
C SER A 662 48.96 6.21 -13.76
N ILE A 663 50.26 6.47 -13.77
CA ILE A 663 50.96 6.68 -12.51
C ILE A 663 51.49 8.09 -12.51
N PRO A 664 50.75 9.00 -11.87
CA PRO A 664 51.06 10.42 -11.89
C PRO A 664 52.55 10.70 -11.70
N MET A 665 53.17 10.13 -10.67
CA MET A 665 54.57 10.42 -10.39
C MET A 665 55.47 10.04 -11.56
N LEU A 666 55.27 8.83 -12.07
CA LEU A 666 56.03 8.38 -13.21
C LEU A 666 55.73 9.26 -14.42
N TRP A 667 54.44 9.40 -14.72
CA TRP A 667 54.04 10.08 -15.95
C TRP A 667 54.48 11.54 -16.02
N LYS A 668 54.40 12.24 -14.90
CA LYS A 668 54.77 13.66 -14.85
C LYS A 668 56.26 13.86 -15.10
N SER A 669 57.06 12.95 -14.57
CA SER A 669 58.51 12.99 -14.77
C SER A 669 58.89 12.67 -16.21
N ILE A 670 58.18 11.73 -16.82
CA ILE A 670 58.41 11.36 -18.20
C ILE A 670 58.23 12.57 -19.09
N GLU A 671 57.23 13.39 -18.77
CA GLU A 671 56.98 14.61 -19.53
C GLU A 671 58.01 15.68 -19.20
N GLY A 672 58.69 15.50 -18.07
CA GLY A 672 59.66 16.47 -17.60
C GLY A 672 59.10 17.33 -16.49
N TYR A 673 59.46 16.99 -15.25
CA TYR A 673 58.90 17.67 -14.09
C TYR A 673 59.73 18.88 -13.67
N ARG A 674 59.08 20.04 -13.64
CA ARG A 674 59.71 21.26 -13.15
C ARG A 674 61.11 21.49 -13.71
N GLY A 675 61.19 21.74 -15.01
CA GLY A 675 62.46 22.04 -15.64
C GLY A 675 63.25 20.83 -16.08
N ASN A 676 63.14 19.74 -15.32
CA ASN A 676 63.80 18.49 -15.66
C ASN A 676 63.36 17.99 -17.03
N PRO A 677 64.30 17.45 -17.81
CA PRO A 677 64.03 17.06 -19.21
C PRO A 677 63.08 15.87 -19.33
N ALA A 678 62.33 15.84 -20.44
CA ALA A 678 61.44 14.73 -20.74
C ALA A 678 62.22 13.45 -20.99
N LEU A 679 61.68 12.32 -20.51
CA LEU A 679 62.33 11.04 -20.71
C LEU A 679 61.72 10.30 -21.89
N ASP A 680 62.29 9.15 -22.22
CA ASP A 680 61.98 8.43 -23.46
C ASP A 680 60.76 7.51 -23.29
N LEU A 681 59.59 8.04 -23.58
CA LEU A 681 58.33 7.30 -23.44
C LEU A 681 58.27 6.11 -24.39
N GLU A 682 58.69 6.31 -25.63
CA GLU A 682 58.64 5.24 -26.63
C GLU A 682 59.41 4.00 -26.18
N ALA A 683 60.59 4.22 -25.62
CA ALA A 683 61.43 3.10 -25.21
C ALA A 683 60.80 2.43 -24.00
N LEU A 684 60.23 3.23 -23.11
CA LEU A 684 59.56 2.70 -21.93
C LEU A 684 58.36 1.87 -22.39
N THR A 685 57.50 2.50 -23.20
CA THR A 685 56.36 1.82 -23.79
C THR A 685 56.76 0.51 -24.47
N ALA A 686 57.81 0.54 -25.29
CA ALA A 686 58.25 -0.65 -26.01
C ALA A 686 58.76 -1.75 -25.07
N SER A 687 59.39 -1.32 -23.97
CA SER A 687 59.90 -2.22 -22.93
C SER A 687 58.79 -3.07 -22.37
N ILE A 688 57.69 -2.40 -22.06
CA ILE A 688 56.54 -3.07 -21.45
C ILE A 688 55.92 -4.06 -22.41
N VAL A 689 55.77 -3.66 -23.69
CA VAL A 689 55.34 -4.60 -24.72
C VAL A 689 56.25 -5.83 -24.72
N GLN A 690 57.57 -5.59 -24.64
CA GLN A 690 58.52 -6.69 -24.70
C GLN A 690 58.39 -7.63 -23.51
N MET A 691 58.20 -7.05 -22.33
CA MET A 691 58.02 -7.88 -21.13
C MET A 691 56.81 -8.81 -21.30
N GLY A 692 55.74 -8.26 -21.87
CA GLY A 692 54.55 -9.04 -22.16
C GLY A 692 54.86 -10.20 -23.10
N GLU A 693 55.67 -9.94 -24.11
CA GLU A 693 56.08 -10.98 -25.04
C GLU A 693 56.94 -12.05 -24.36
N THR A 694 57.95 -11.63 -23.60
CA THR A 694 58.78 -12.56 -22.84
C THR A 694 57.95 -13.46 -21.93
N ALA A 695 57.01 -12.85 -21.22
CA ALA A 695 56.08 -13.59 -20.36
C ALA A 695 55.28 -14.67 -21.11
N MET A 696 54.74 -14.30 -22.26
CA MET A 696 53.99 -15.25 -23.09
C MET A 696 54.87 -16.44 -23.46
N GLU A 697 56.13 -16.16 -23.78
CA GLU A 697 57.07 -17.17 -24.24
C GLU A 697 57.49 -18.09 -23.10
N LYS A 698 57.84 -17.51 -21.96
CA LYS A 698 58.59 -18.24 -20.95
C LYS A 698 57.90 -18.53 -19.62
N TYR A 699 56.58 -18.31 -19.54
CA TYR A 699 55.88 -18.41 -18.25
C TYR A 699 55.79 -19.83 -17.67
N GLU A 700 55.87 -20.84 -18.54
CA GLU A 700 55.73 -22.22 -18.07
C GLU A 700 57.03 -22.77 -17.50
N GLU A 701 58.09 -21.97 -17.58
CA GLU A 701 59.38 -22.40 -17.06
C GLU A 701 59.96 -21.36 -16.09
N ILE A 702 59.89 -20.09 -16.48
CA ILE A 702 60.36 -19.01 -15.63
C ILE A 702 59.18 -18.29 -14.96
N VAL A 703 58.97 -18.58 -13.68
CA VAL A 703 57.77 -18.12 -12.99
C VAL A 703 57.93 -16.74 -12.34
N GLU A 704 59.11 -16.16 -12.45
CA GLU A 704 59.37 -14.80 -12.03
C GLU A 704 60.48 -14.23 -12.89
N PHE A 705 60.24 -13.08 -13.51
CA PHE A 705 61.28 -12.34 -14.23
C PHE A 705 61.11 -10.86 -13.89
N GLU A 706 62.04 -10.29 -13.14
CA GLU A 706 61.85 -8.93 -12.63
C GLU A 706 63.05 -8.00 -12.83
N ILE A 707 62.78 -6.81 -13.33
CA ILE A 707 63.81 -5.79 -13.50
C ILE A 707 63.59 -4.66 -12.50
N ASN A 708 64.43 -4.56 -11.49
CA ASN A 708 64.27 -3.49 -10.51
C ASN A 708 65.57 -2.85 -10.02
N PRO A 709 65.89 -1.63 -10.51
CA PRO A 709 65.06 -0.77 -11.37
C PRO A 709 65.37 -0.87 -12.87
N LEU A 710 64.34 -0.60 -13.68
CA LEU A 710 64.49 -0.26 -15.08
C LEU A 710 64.55 1.25 -15.15
N SER A 711 65.73 1.78 -15.48
CA SER A 711 65.98 3.23 -15.45
C SER A 711 65.53 3.90 -16.73
N VAL A 712 64.62 4.87 -16.61
CA VAL A 712 64.09 5.56 -17.78
C VAL A 712 64.87 6.84 -18.06
N ARG A 713 65.53 6.87 -19.21
CA ARG A 713 66.49 7.93 -19.50
C ARG A 713 65.94 8.88 -20.54
N VAL A 714 66.70 9.95 -20.85
CA VAL A 714 66.31 10.88 -21.90
C VAL A 714 66.25 10.17 -23.25
N LYS A 715 67.18 9.26 -23.48
CA LYS A 715 67.11 8.36 -24.62
C LYS A 715 67.29 6.94 -24.11
N GLY A 716 66.35 6.06 -24.45
CA GLY A 716 66.43 4.66 -24.07
C GLY A 716 66.10 4.31 -22.63
N VAL A 717 66.04 3.02 -22.35
CA VAL A 717 65.87 2.50 -21.00
C VAL A 717 66.94 1.46 -20.71
N VAL A 718 67.31 1.33 -19.43
CA VAL A 718 68.42 0.46 -19.03
C VAL A 718 68.10 -0.36 -17.78
N ALA A 719 68.14 -1.68 -17.92
CA ALA A 719 67.96 -2.59 -16.79
C ALA A 719 69.19 -2.61 -15.89
N LEU A 720 69.10 -1.97 -14.73
CA LEU A 720 70.23 -1.90 -13.81
C LEU A 720 70.40 -3.20 -13.01
N ASP A 721 69.36 -4.03 -13.00
CA ASP A 721 69.36 -5.21 -12.15
C ASP A 721 68.46 -6.28 -12.77
N VAL A 722 68.59 -7.52 -12.31
CA VAL A 722 67.74 -8.59 -12.80
C VAL A 722 67.54 -9.67 -11.76
N LEU A 723 66.37 -10.29 -11.78
CA LEU A 723 66.06 -11.36 -10.87
C LEU A 723 65.12 -12.33 -11.58
N ALA A 724 65.31 -13.62 -11.34
CA ALA A 724 64.45 -14.63 -11.93
C ALA A 724 64.33 -15.86 -11.02
N SER A 725 63.34 -16.70 -11.29
CA SER A 725 63.11 -17.89 -10.48
C SER A 725 62.46 -19.01 -11.30
N VAL A 726 62.63 -20.25 -10.85
CA VAL A 726 62.02 -21.40 -11.52
C VAL A 726 61.49 -22.43 -10.52
N LYS A 727 61.28 -23.66 -10.98
CA LYS A 727 60.80 -24.76 -10.13
C LYS A 727 59.68 -24.31 -9.20
N ALA B 35 14.42 43.06 29.68
CA ALA B 35 13.93 42.05 28.76
C ALA B 35 14.52 42.35 27.39
N MET B 36 14.69 41.31 26.57
CA MET B 36 15.35 41.46 25.29
C MET B 36 15.51 40.13 24.51
N LYS B 37 16.39 40.19 23.51
CA LYS B 37 16.60 39.09 22.59
C LYS B 37 17.06 37.82 23.30
N LYS B 38 17.83 37.98 24.38
CA LYS B 38 18.40 36.83 25.08
C LYS B 38 17.33 35.95 25.76
N GLU B 39 16.38 36.58 26.44
CA GLU B 39 15.31 35.83 27.08
C GLU B 39 14.47 35.12 26.01
N ASN B 40 14.20 35.84 24.91
CA ASN B 40 13.33 35.33 23.86
C ASN B 40 13.91 34.12 23.13
N LEU B 41 15.25 34.10 23.00
CA LEU B 41 15.94 32.95 22.44
C LEU B 41 15.57 31.63 23.14
N LYS B 42 15.45 31.67 24.46
CA LYS B 42 15.27 30.46 25.26
C LYS B 42 14.03 29.63 24.90
N ILE B 43 12.98 30.31 24.42
CA ILE B 43 11.73 29.62 24.07
C ILE B 43 11.92 28.56 22.96
N LEU B 44 12.97 28.70 22.14
CA LEU B 44 13.19 27.72 21.07
C LEU B 44 13.41 26.29 21.59
N ALA B 45 13.88 26.16 22.83
CA ALA B 45 14.15 24.85 23.39
C ALA B 45 13.16 24.53 24.50
N LYS B 46 12.07 25.27 24.53
CA LYS B 46 11.09 25.13 25.61
C LYS B 46 9.68 24.93 25.08
N LYS B 47 8.76 24.79 26.02
CA LYS B 47 7.35 24.60 25.72
C LYS B 47 6.67 25.95 25.46
N ALA B 48 6.17 26.14 24.25
CA ALA B 48 5.37 27.32 23.92
C ALA B 48 3.91 27.11 24.30
N GLN B 49 3.28 28.13 24.88
CA GLN B 49 1.90 28.01 25.33
C GLN B 49 0.91 28.35 24.22
N THR B 50 1.32 29.25 23.34
CA THR B 50 0.44 29.74 22.29
C THR B 50 1.23 29.94 21.01
N ILE B 51 0.57 29.74 19.88
CA ILE B 51 1.20 29.99 18.60
C ILE B 51 0.16 30.70 17.74
N ALA B 52 0.60 31.69 16.97
CA ALA B 52 -0.29 32.36 16.02
C ALA B 52 0.25 32.12 14.61
N ILE B 53 -0.65 31.79 13.70
CA ILE B 53 -0.28 31.55 12.32
C ILE B 53 -0.83 32.66 11.47
N VAL B 54 0.06 33.50 10.95
CA VAL B 54 -0.34 34.67 10.21
C VAL B 54 -0.27 34.40 8.71
N GLY B 55 -1.36 34.70 8.02
CA GLY B 55 -1.51 34.34 6.63
C GLY B 55 -2.16 32.96 6.52
N ALA B 56 -2.74 32.48 7.62
CA ALA B 56 -3.39 31.17 7.63
C ALA B 56 -4.41 31.05 6.50
N ASN B 57 -4.30 29.98 5.69
CA ASN B 57 -5.24 29.79 4.59
C ASN B 57 -5.44 28.31 4.24
N TYR B 58 -5.79 28.02 3.00
CA TYR B 58 -6.16 26.65 2.61
C TYR B 58 -5.03 25.89 1.94
N ARG B 59 -3.85 26.49 1.94
CA ARG B 59 -2.68 25.99 1.26
C ARG B 59 -1.86 25.12 2.19
N PHE B 60 -0.83 24.46 1.66
CA PHE B 60 -0.11 23.41 2.38
C PHE B 60 0.51 23.84 3.72
N ALA B 61 1.13 25.01 3.76
CA ALA B 61 1.84 25.41 4.98
C ALA B 61 0.89 25.46 6.19
N THR B 62 -0.25 26.12 6.02
CA THR B 62 -1.23 26.19 7.08
C THR B 62 -1.73 24.78 7.42
N ARG B 63 -2.22 24.07 6.41
CA ARG B 63 -2.84 22.77 6.62
C ARG B 63 -1.88 21.79 7.34
N VAL B 64 -0.59 21.82 6.98
CA VAL B 64 0.38 20.91 7.58
C VAL B 64 0.80 21.39 8.98
N LEU B 65 0.78 22.71 9.18
CA LEU B 65 1.01 23.22 10.52
C LEU B 65 -0.06 22.72 11.48
N LEU B 66 -1.33 22.90 11.11
CA LEU B 66 -2.44 22.46 11.98
C LEU B 66 -2.44 20.95 12.16
N GLU B 67 -2.15 20.24 11.08
CA GLU B 67 -2.11 18.79 11.15
C GLU B 67 -1.01 18.29 12.08
N ASN B 68 0.15 18.93 12.04
CA ASN B 68 1.27 18.56 12.90
C ASN B 68 0.98 18.82 14.38
N LEU B 69 0.40 20.00 14.67
CA LEU B 69 0.08 20.37 16.04
C LEU B 69 -1.00 19.42 16.61
N ASP B 70 -1.96 19.06 15.78
CA ASP B 70 -2.97 18.07 16.16
C ASP B 70 -2.30 16.74 16.49
N LYS B 71 -1.69 16.12 15.47
CA LYS B 71 -1.18 14.75 15.57
C LYS B 71 0.00 14.61 16.52
N MET B 72 0.75 15.69 16.71
CA MET B 72 1.85 15.67 17.65
C MET B 72 1.40 16.09 19.03
N ASP B 73 0.09 16.28 19.20
CA ASP B 73 -0.50 16.50 20.53
C ASP B 73 -0.08 17.76 21.28
N PHE B 74 0.19 18.83 20.53
CA PHE B 74 0.34 20.16 21.12
C PHE B 74 -0.79 20.45 22.11
N THR B 75 -0.46 20.89 23.32
CA THR B 75 -1.51 21.16 24.32
C THR B 75 -1.82 22.64 24.47
N GLY B 76 -1.07 23.47 23.76
CA GLY B 76 -1.18 24.92 23.92
C GLY B 76 -2.39 25.45 23.17
N THR B 77 -2.42 26.74 22.88
CA THR B 77 -3.52 27.32 22.12
C THR B 77 -3.07 27.80 20.73
N ILE B 78 -3.89 27.52 19.72
CA ILE B 78 -3.56 27.92 18.36
C ILE B 78 -4.46 29.07 17.93
N TYR B 79 -3.85 30.14 17.45
CA TYR B 79 -4.59 31.26 16.85
C TYR B 79 -4.32 31.36 15.35
N LEU B 80 -5.38 31.59 14.59
CA LEU B 80 -5.24 31.84 13.17
C LEU B 80 -5.47 33.33 12.88
N VAL B 81 -4.57 33.92 12.11
CA VAL B 81 -4.71 35.32 11.74
C VAL B 81 -4.74 35.47 10.22
N ASN B 82 -5.81 36.05 9.70
CA ASN B 82 -5.88 36.36 8.28
C ASN B 82 -7.10 37.21 8.11
N PRO B 83 -6.93 38.44 7.61
CA PRO B 83 -8.05 39.38 7.48
C PRO B 83 -8.91 38.98 6.27
N ARG B 84 -8.41 38.05 5.46
CA ARG B 84 -9.12 37.60 4.26
C ARG B 84 -10.21 36.55 4.51
N TYR B 85 -10.18 35.90 5.68
CA TYR B 85 -11.12 34.80 5.97
C TYR B 85 -11.84 34.96 7.31
N GLU B 86 -13.08 34.48 7.39
CA GLU B 86 -13.81 34.46 8.65
C GLU B 86 -13.31 33.33 9.56
N ASN B 87 -13.09 32.16 8.97
CA ASN B 87 -12.66 31.00 9.74
C ASN B 87 -12.18 29.87 8.85
N ILE B 88 -11.34 29.01 9.40
CA ILE B 88 -10.83 27.87 8.66
C ILE B 88 -10.96 26.69 9.58
N ASP B 89 -11.40 25.54 9.05
CA ASP B 89 -11.55 24.35 9.89
C ASP B 89 -12.43 24.63 11.12
N GLY B 90 -13.28 25.66 11.04
CA GLY B 90 -14.13 25.98 12.16
C GLY B 90 -13.43 26.83 13.23
N VAL B 91 -12.16 27.14 13.00
CA VAL B 91 -11.39 27.97 13.92
C VAL B 91 -11.50 29.43 13.46
N ARG B 92 -11.81 30.33 14.40
CA ARG B 92 -11.90 31.74 14.09
C ARG B 92 -10.58 32.22 13.49
N CYS B 93 -10.69 33.01 12.42
CA CYS B 93 -9.55 33.69 11.83
C CYS B 93 -9.59 35.12 12.30
N TYR B 94 -8.58 35.53 13.05
CA TYR B 94 -8.51 36.92 13.50
C TYR B 94 -8.07 37.83 12.37
N GLN B 95 -8.52 39.09 12.41
CA GLN B 95 -8.10 40.09 11.45
C GLN B 95 -6.68 40.60 11.63
N SER B 96 -6.14 40.47 12.83
CA SER B 96 -4.82 40.99 13.11
C SER B 96 -4.27 40.33 14.35
N LEU B 97 -2.95 40.22 14.42
CA LEU B 97 -2.32 39.82 15.67
C LEU B 97 -2.78 40.73 16.82
N LEU B 98 -3.17 41.97 16.53
CA LEU B 98 -3.47 42.91 17.60
C LEU B 98 -4.83 42.60 18.20
N GLU B 99 -5.61 41.82 17.47
CA GLU B 99 -6.97 41.51 17.88
C GLU B 99 -7.03 40.40 18.94
N ILE B 100 -5.95 39.62 19.05
CA ILE B 100 -5.93 38.43 19.91
C ILE B 100 -5.79 38.81 21.37
N GLU B 101 -6.72 38.33 22.21
CA GLU B 101 -6.67 38.61 23.65
C GLU B 101 -5.94 37.54 24.47
N ASP B 102 -4.63 37.48 24.30
CA ASP B 102 -3.82 36.47 24.96
C ASP B 102 -2.37 36.82 24.70
N THR B 103 -1.46 36.21 25.44
CA THR B 103 -0.04 36.41 25.20
C THR B 103 0.39 35.47 24.07
N ILE B 104 1.08 35.98 23.06
CA ILE B 104 1.54 35.13 21.95
C ILE B 104 3.02 34.81 22.11
N ASP B 105 3.36 33.52 22.18
CA ASP B 105 4.76 33.13 22.29
C ASP B 105 5.47 33.11 20.92
N VAL B 106 4.88 32.39 19.97
CA VAL B 106 5.52 32.14 18.69
C VAL B 106 4.57 32.47 17.57
N VAL B 107 5.07 33.22 16.59
CA VAL B 107 4.32 33.56 15.40
C VAL B 107 4.98 32.86 14.20
N VAL B 108 4.18 32.20 13.37
CA VAL B 108 4.67 31.68 12.10
C VAL B 108 4.04 32.50 10.98
N GLY B 109 4.87 33.25 10.25
CA GLY B 109 4.40 34.13 9.20
C GLY B 109 4.45 33.46 7.83
N LEU B 110 3.30 33.41 7.15
CA LEU B 110 3.17 32.71 5.89
C LEU B 110 2.78 33.66 4.75
N VAL B 111 2.62 34.94 5.05
CA VAL B 111 2.28 35.89 3.97
C VAL B 111 3.51 36.13 3.09
N ASN B 112 3.34 36.85 1.99
CA ASN B 112 4.48 37.11 1.12
C ASN B 112 5.49 38.05 1.79
N PRO B 113 6.74 38.01 1.30
CA PRO B 113 7.81 38.84 1.87
C PRO B 113 7.44 40.32 2.03
N GLN B 114 6.79 40.92 1.04
CA GLN B 114 6.46 42.35 1.15
C GLN B 114 5.54 42.61 2.35
N LEU B 115 4.56 41.73 2.53
CA LEU B 115 3.63 41.82 3.64
C LEU B 115 4.27 41.52 5.00
N MET B 116 5.40 40.83 4.99
CA MET B 116 5.97 40.29 6.23
C MET B 116 6.56 41.37 7.16
N ILE B 117 6.97 42.50 6.59
CA ILE B 117 7.53 43.58 7.38
C ILE B 117 6.54 44.03 8.45
N GLN B 118 5.29 44.26 8.05
CA GLN B 118 4.27 44.67 8.99
C GLN B 118 3.88 43.58 9.98
N VAL B 119 3.99 42.33 9.56
CA VAL B 119 3.76 41.21 10.46
C VAL B 119 4.83 41.26 11.55
N ALA B 120 6.08 41.53 11.16
CA ALA B 120 7.15 41.58 12.15
C ALA B 120 6.86 42.71 13.12
N SER B 121 6.42 43.83 12.58
CA SER B 121 6.13 45.03 13.36
C SER B 121 4.99 44.78 14.35
N ASN B 122 3.89 44.22 13.86
CA ASN B 122 2.80 43.88 14.77
C ASN B 122 3.18 42.76 15.75
N ALA B 123 3.99 41.80 15.31
CA ALA B 123 4.41 40.75 16.23
C ALA B 123 5.31 41.34 17.32
N SER B 124 6.20 42.23 16.91
CA SER B 124 7.03 42.96 17.88
C SER B 124 6.14 43.75 18.84
N LYS B 125 5.17 44.49 18.30
CA LYS B 125 4.28 45.31 19.12
C LYS B 125 3.67 44.54 20.27
N ILE B 126 3.42 43.25 20.05
CA ILE B 126 2.80 42.43 21.11
C ILE B 126 3.79 41.54 21.85
N ASN B 127 5.07 41.82 21.67
CA ASN B 127 6.13 41.07 22.36
C ASN B 127 6.16 39.57 22.12
N ALA B 128 5.82 39.14 20.89
CA ALA B 128 6.02 37.74 20.52
C ALA B 128 7.48 37.45 20.77
N LYS B 129 7.79 36.26 21.28
CA LYS B 129 9.19 35.94 21.51
C LYS B 129 9.92 35.55 20.22
N VAL B 130 9.22 34.88 19.32
CA VAL B 130 9.82 34.40 18.08
C VAL B 130 8.89 34.53 16.88
N LEU B 131 9.41 35.06 15.78
CA LEU B 131 8.72 35.02 14.50
C LEU B 131 9.40 34.00 13.57
N VAL B 132 8.68 32.93 13.22
CA VAL B 132 9.23 31.94 12.28
C VAL B 132 8.79 32.28 10.86
N ILE B 133 9.75 32.38 9.94
CA ILE B 133 9.43 32.74 8.57
C ILE B 133 9.97 31.66 7.60
N PRO B 134 9.14 30.65 7.32
CA PRO B 134 9.62 29.52 6.49
C PRO B 134 9.81 29.87 5.01
N GLY B 135 8.99 30.78 4.49
CA GLY B 135 9.04 31.13 3.09
C GLY B 135 10.35 31.71 2.64
N GLY B 136 10.61 31.65 1.33
CA GLY B 136 11.83 32.19 0.76
C GLY B 136 11.59 33.52 0.08
N GLY B 137 12.55 33.95 -0.73
CA GLY B 137 12.46 35.21 -1.42
C GLY B 137 12.95 36.36 -0.56
N TYR B 138 14.00 36.11 0.21
CA TYR B 138 14.57 37.12 1.10
C TYR B 138 16.04 37.38 0.78
N GLY B 139 16.84 37.63 1.81
CA GLY B 139 18.25 37.93 1.63
C GLY B 139 18.97 36.91 0.76
N GLU B 140 18.35 35.76 0.55
CA GLU B 140 18.94 34.70 -0.26
C GLU B 140 18.38 34.66 -1.67
N SER B 141 17.58 35.67 -2.01
CA SER B 141 16.95 35.73 -3.32
C SER B 141 17.34 36.97 -4.14
N GLY B 142 18.15 37.84 -3.57
CA GLY B 142 18.52 39.06 -4.28
C GLY B 142 18.56 40.31 -3.41
N VAL B 143 18.69 41.45 -4.06
CA VAL B 143 18.86 42.72 -3.37
C VAL B 143 17.58 43.16 -2.68
N GLU B 144 16.47 43.16 -3.43
CA GLU B 144 15.19 43.57 -2.88
C GLU B 144 14.87 42.77 -1.62
N GLY B 145 15.13 41.47 -1.68
CA GLY B 145 14.75 40.56 -0.62
C GLY B 145 15.66 40.68 0.57
N GLN B 146 16.91 41.07 0.31
CA GLN B 146 17.84 41.33 1.39
C GLN B 146 17.34 42.55 2.16
N ASN B 147 16.79 43.52 1.43
CA ASN B 147 16.24 44.72 2.05
C ASN B 147 15.00 44.43 2.91
N ILE B 148 14.06 43.67 2.36
CA ILE B 148 12.92 43.19 3.13
C ILE B 148 13.40 42.50 4.41
N GLN B 149 14.37 41.62 4.27
CA GLN B 149 14.91 40.88 5.41
C GLN B 149 15.48 41.84 6.45
N ASN B 150 16.20 42.86 5.98
CA ASN B 150 16.79 43.87 6.88
C ASN B 150 15.72 44.65 7.62
N ALA B 151 14.67 45.05 6.92
CA ALA B 151 13.57 45.78 7.54
C ALA B 151 12.91 44.93 8.64
N ILE B 152 12.81 43.63 8.40
CA ILE B 152 12.20 42.72 9.36
C ILE B 152 13.04 42.70 10.61
N LEU B 153 14.33 42.48 10.44
CA LEU B 153 15.26 42.44 11.57
C LEU B 153 15.16 43.72 12.37
N GLU B 154 15.16 44.85 11.67
CA GLU B 154 15.04 46.15 12.29
C GLU B 154 13.76 46.28 13.13
N ARG B 155 12.63 45.83 12.58
CA ARG B 155 11.40 45.90 13.37
C ARG B 155 11.40 44.94 14.56
N ALA B 156 12.07 43.82 14.43
CA ALA B 156 12.17 42.86 15.53
C ALA B 156 13.13 43.38 16.62
N ALA B 157 14.13 44.16 16.22
CA ALA B 157 15.14 44.66 17.15
C ALA B 157 14.48 45.48 18.26
N ASP B 158 13.43 46.22 17.88
CA ASP B 158 12.68 47.03 18.81
C ASP B 158 12.41 46.27 20.10
N SER B 159 11.76 45.12 20.00
CA SER B 159 11.41 44.37 21.20
C SER B 159 12.41 43.25 21.51
N GLY B 160 13.33 42.98 20.59
CA GLY B 160 14.21 41.83 20.72
C GLY B 160 13.54 40.52 20.34
N MET B 161 12.48 40.59 19.54
CA MET B 161 11.87 39.38 19.01
C MET B 161 12.90 38.63 18.15
N ARG B 162 12.97 37.32 18.31
CA ARG B 162 13.91 36.56 17.47
C ARG B 162 13.28 36.27 16.12
N ILE B 163 14.12 36.13 15.10
CA ILE B 163 13.66 35.72 13.78
C ILE B 163 14.28 34.37 13.48
N VAL B 164 13.45 33.37 13.15
CA VAL B 164 13.93 32.06 12.72
C VAL B 164 13.88 31.99 11.18
N GLY B 165 15.02 31.81 10.54
CA GLY B 165 15.04 31.78 9.09
C GLY B 165 15.56 33.09 8.57
N PRO B 166 14.90 33.68 7.55
CA PRO B 166 13.79 33.08 6.80
C PRO B 166 14.23 31.91 5.92
N ASN B 167 13.34 31.46 5.04
CA ASN B 167 13.69 30.46 4.06
C ASN B 167 14.16 29.14 4.67
N CYS B 168 13.29 28.52 5.47
CA CYS B 168 13.64 27.31 6.18
C CYS B 168 12.37 26.53 6.43
N MET B 169 12.46 25.37 7.05
CA MET B 169 11.26 24.57 7.36
C MET B 169 10.70 24.84 8.76
N GLY B 170 11.32 25.73 9.52
CA GLY B 170 10.92 25.96 10.90
C GLY B 170 11.62 25.00 11.86
N TYR B 171 10.90 24.54 12.86
CA TYR B 171 11.49 23.61 13.82
C TYR B 171 10.48 22.74 14.54
N LEU B 172 10.99 21.70 15.19
CA LEU B 172 10.13 20.89 16.03
C LEU B 172 10.80 20.47 17.33
N ASN B 173 9.97 20.24 18.34
CA ASN B 173 10.42 19.85 19.67
C ASN B 173 9.50 18.73 20.13
N MET B 174 9.99 17.48 20.05
CA MET B 174 9.15 16.32 20.39
C MET B 174 8.79 16.30 21.88
N HIS B 175 9.63 16.86 22.73
CA HIS B 175 9.42 16.78 24.16
C HIS B 175 8.41 17.82 24.65
N ALA B 176 8.34 18.94 23.95
CA ALA B 176 7.36 19.97 24.23
C ALA B 176 6.08 19.77 23.40
N GLN B 177 6.09 18.77 22.52
CA GLN B 177 4.98 18.54 21.60
C GLN B 177 4.62 19.78 20.81
N PHE B 178 5.64 20.52 20.39
CA PHE B 178 5.44 21.77 19.69
C PHE B 178 6.17 21.71 18.36
N THR B 179 5.43 21.90 17.28
CA THR B 179 5.98 21.64 15.95
C THR B 179 5.65 22.73 14.94
N PRO B 180 6.26 23.92 15.10
CA PRO B 180 6.10 24.99 14.10
C PRO B 180 6.99 24.65 12.89
N TYR B 181 6.57 23.63 12.16
CA TYR B 181 7.42 22.95 11.20
C TYR B 181 6.62 22.69 9.90
N ILE B 182 7.13 23.19 8.77
CA ILE B 182 6.49 23.05 7.48
C ILE B 182 6.92 21.78 6.77
N GLY B 183 6.28 20.68 7.11
CA GLY B 183 6.58 19.39 6.50
C GLY B 183 5.75 18.37 7.23
N THR B 184 5.37 17.29 6.54
CA THR B 184 4.44 16.34 7.16
C THR B 184 5.14 15.49 8.21
N LEU B 185 4.75 15.66 9.48
CA LEU B 185 5.37 14.89 10.56
C LEU B 185 4.59 13.64 10.89
N HIS B 186 3.29 13.67 10.69
CA HIS B 186 2.45 12.53 11.00
C HIS B 186 2.63 11.44 9.93
N ARG B 187 3.11 10.28 10.36
CA ARG B 187 3.33 9.15 9.46
C ARG B 187 2.82 7.85 10.08
N PRO B 188 1.51 7.49 9.72
CA PRO B 188 1.08 6.22 10.34
C PRO B 188 2.04 5.08 10.07
N LEU B 189 2.49 4.96 8.82
CA LEU B 189 3.42 3.91 8.43
C LEU B 189 4.68 3.85 9.29
N ARG B 190 5.53 4.86 9.15
CA ARG B 190 6.77 4.93 9.91
C ARG B 190 6.75 6.21 10.75
N PRO B 191 6.21 6.11 11.96
CA PRO B 191 6.12 7.27 12.85
C PRO B 191 7.47 7.77 13.37
N ILE B 192 7.54 9.07 13.66
CA ILE B 192 8.70 9.64 14.32
C ILE B 192 8.77 9.09 15.72
N LYS B 193 9.99 8.71 16.14
CA LYS B 193 10.20 8.25 17.50
C LYS B 193 10.87 9.34 18.34
N LYS B 194 10.42 9.51 19.57
CA LYS B 194 10.94 10.55 20.46
C LYS B 194 12.20 10.00 21.10
N GLY B 195 13.18 10.87 21.37
CA GLY B 195 14.49 10.40 21.81
C GLY B 195 15.49 11.52 22.07
N PRO B 196 16.76 11.16 22.29
CA PRO B 196 17.80 12.07 22.80
C PRO B 196 18.60 12.80 21.72
N VAL B 197 18.28 12.59 20.45
CA VAL B 197 19.10 13.14 19.37
C VAL B 197 18.47 14.40 18.80
N SER B 198 19.27 15.46 18.74
CA SER B 198 18.78 16.69 18.17
C SER B 198 19.65 17.06 16.99
N ILE B 199 19.06 17.78 16.06
CA ILE B 199 19.70 18.04 14.79
C ILE B 199 19.61 19.52 14.44
N ILE B 200 20.73 20.10 14.00
CA ILE B 200 20.69 21.44 13.45
C ILE B 200 21.10 21.32 12.01
N SER B 201 20.28 21.81 11.11
CA SER B 201 20.53 21.60 9.70
C SER B 201 20.38 22.87 8.90
N GLN B 202 21.44 23.22 8.17
CA GLN B 202 21.41 24.35 7.27
C GLN B 202 20.79 23.97 5.92
N SER B 203 20.07 22.84 5.90
CA SER B 203 19.35 22.41 4.71
C SER B 203 17.84 22.43 4.99
N GLY B 204 17.06 22.89 4.04
CA GLY B 204 15.61 22.81 4.16
C GLY B 204 15.08 21.64 3.36
N SER B 205 15.87 20.57 3.26
CA SER B 205 15.53 19.51 2.33
C SER B 205 15.99 18.13 2.79
N VAL B 206 16.73 18.08 3.88
CA VAL B 206 17.24 16.80 4.37
C VAL B 206 16.55 16.35 5.65
N ASN B 207 15.67 17.18 6.19
CA ASN B 207 15.07 16.90 7.49
C ASN B 207 14.17 15.69 7.50
N ASP B 208 13.37 15.51 6.46
CA ASP B 208 12.53 14.31 6.39
C ASP B 208 13.40 13.07 6.28
N ALA B 209 14.57 13.23 5.67
CA ALA B 209 15.50 12.08 5.62
C ALA B 209 15.93 11.68 7.03
N PHE B 210 16.30 12.64 7.86
CA PHE B 210 16.64 12.34 9.26
C PHE B 210 15.44 11.77 10.00
N ILE B 211 14.29 12.37 9.72
CA ILE B 211 13.05 11.99 10.37
C ILE B 211 12.64 10.57 9.99
N ALA B 212 12.90 10.18 8.76
CA ALA B 212 12.50 8.84 8.30
C ALA B 212 13.45 7.74 8.82
N SER B 213 14.58 8.14 9.40
CA SER B 213 15.53 7.19 9.99
C SER B 213 14.99 6.66 11.31
N LYS B 214 15.72 5.72 11.91
CA LYS B 214 15.29 5.17 13.18
C LYS B 214 15.68 6.06 14.36
N LEU B 215 16.19 7.26 14.11
CA LEU B 215 16.68 8.08 15.21
C LEU B 215 15.54 8.43 16.17
N GLY B 216 15.82 8.37 17.47
CA GLY B 216 14.95 8.97 18.47
C GLY B 216 15.23 10.46 18.53
N ILE B 217 14.29 11.25 18.01
CA ILE B 217 14.48 12.69 17.86
C ILE B 217 14.01 13.48 19.08
N SER B 218 14.79 14.48 19.45
CA SER B 218 14.28 15.46 20.40
C SER B 218 13.93 16.75 19.66
N LYS B 219 14.94 17.44 19.16
CA LYS B 219 14.69 18.70 18.49
C LYS B 219 15.36 18.76 17.13
N ILE B 220 14.69 19.43 16.20
CA ILE B 220 15.27 19.68 14.89
C ILE B 220 15.03 21.11 14.53
N TYR B 221 16.14 21.80 14.25
CA TYR B 221 16.12 23.18 13.82
C TYR B 221 16.61 23.28 12.40
N SER B 222 15.77 23.84 11.52
CA SER B 222 16.17 24.18 10.16
C SER B 222 16.53 25.65 10.17
N THR B 223 17.78 25.97 9.86
CA THR B 223 18.28 27.32 10.12
C THR B 223 17.98 28.39 9.06
N GLY B 224 17.89 28.00 7.80
CA GLY B 224 17.58 28.95 6.74
C GLY B 224 18.64 30.04 6.60
N ASN B 225 18.21 31.26 6.30
CA ASN B 225 19.15 32.36 6.05
C ASN B 225 19.92 32.78 7.31
N GLU B 226 19.53 32.25 8.47
CA GLU B 226 20.22 32.63 9.71
C GLU B 226 20.36 34.15 9.87
N ALA B 227 19.34 34.89 9.46
CA ALA B 227 19.39 36.35 9.48
C ALA B 227 19.60 36.85 10.90
N ASP B 228 18.94 36.18 11.85
CA ASP B 228 19.07 36.49 13.26
C ASP B 228 19.58 35.30 14.08
N VAL B 229 18.88 34.18 14.06
CA VAL B 229 19.34 33.03 14.85
C VAL B 229 20.24 32.11 14.01
N GLN B 230 21.50 31.94 14.43
CA GLN B 230 22.50 31.24 13.63
C GLN B 230 22.79 29.85 14.18
N MET B 231 23.61 29.06 13.48
CA MET B 231 23.88 27.71 13.95
C MET B 231 24.46 27.68 15.37
N HIS B 232 25.37 28.58 15.69
CA HIS B 232 25.96 28.56 17.02
C HIS B 232 24.90 28.84 18.10
N ASP B 233 23.89 29.67 17.80
CA ASP B 233 22.79 29.90 18.74
C ASP B 233 22.01 28.61 19.04
N TYR B 234 21.59 27.91 17.98
CA TYR B 234 20.85 26.67 18.18
C TYR B 234 21.72 25.69 18.96
N LEU B 235 23.02 25.72 18.67
CA LEU B 235 23.94 24.75 19.24
C LEU B 235 24.17 25.03 20.72
N ASN B 236 24.27 26.31 21.06
CA ASN B 236 24.29 26.70 22.46
C ASN B 236 23.06 26.19 23.20
N LEU B 237 21.88 26.37 22.60
CA LEU B 237 20.66 25.82 23.20
C LEU B 237 20.80 24.32 23.43
N LEU B 238 21.22 23.60 22.40
CA LEU B 238 21.31 22.15 22.51
C LEU B 238 22.32 21.73 23.57
N ALA B 239 23.45 22.44 23.62
CA ALA B 239 24.50 22.16 24.61
C ALA B 239 23.92 22.00 26.01
N GLU B 240 23.00 22.90 26.39
CA GLU B 240 22.46 22.89 27.74
C GLU B 240 21.05 22.35 27.86
N ASP B 241 20.50 21.84 26.77
CA ASP B 241 19.19 21.18 26.79
C ASP B 241 19.26 19.78 27.43
N PRO B 242 18.65 19.61 28.61
CA PRO B 242 18.70 18.28 29.24
C PRO B 242 18.05 17.18 28.39
N GLU B 243 17.19 17.57 27.45
CA GLU B 243 16.48 16.61 26.61
C GLU B 243 17.34 16.08 25.46
N THR B 244 18.48 16.72 25.21
CA THR B 244 19.40 16.27 24.16
C THR B 244 20.68 15.68 24.74
N SER B 245 21.02 14.44 24.37
CA SER B 245 22.34 13.92 24.73
C SER B 245 23.25 13.73 23.51
N VAL B 246 22.72 13.94 22.30
CA VAL B 246 23.51 13.74 21.07
C VAL B 246 23.14 14.76 20.02
N ILE B 247 24.14 15.36 19.38
CA ILE B 247 23.85 16.39 18.40
C ILE B 247 24.37 16.06 17.02
N ILE B 248 23.54 16.33 16.00
CA ILE B 248 23.95 16.21 14.60
C ILE B 248 23.86 17.55 13.90
N LEU B 249 24.93 17.91 13.20
CA LEU B 249 24.95 19.13 12.40
C LEU B 249 25.07 18.78 10.93
N TYR B 250 24.32 19.51 10.11
CA TYR B 250 24.40 19.39 8.67
C TYR B 250 24.80 20.76 8.21
N ILE B 251 26.08 20.91 7.89
CA ILE B 251 26.70 22.20 7.66
C ILE B 251 26.95 22.51 6.19
N GLU B 252 26.39 23.62 5.71
CA GLU B 252 26.73 24.14 4.37
C GLU B 252 27.79 25.21 4.50
N ALA B 253 27.68 26.06 5.54
CA ALA B 253 28.64 27.14 5.77
C ALA B 253 28.55 27.75 7.17
N ILE B 254 29.66 27.72 7.90
CA ILE B 254 29.73 28.42 9.18
C ILE B 254 29.92 29.92 8.94
N ARG B 255 29.03 30.73 9.51
CA ARG B 255 29.08 32.17 9.31
C ARG B 255 29.92 32.84 10.39
N ASN B 256 29.69 32.44 11.64
CA ASN B 256 30.38 33.06 12.76
C ASN B 256 31.31 32.08 13.46
N HIS B 257 32.52 31.98 12.95
CA HIS B 257 33.46 30.97 13.39
C HIS B 257 33.72 30.94 14.89
N LEU B 258 33.92 32.11 15.49
CA LEU B 258 34.31 32.17 16.88
C LEU B 258 33.20 31.70 17.81
N SER B 259 31.97 32.17 17.57
CA SER B 259 30.82 31.73 18.36
C SER B 259 30.54 30.24 18.16
N PHE B 260 30.75 29.75 16.95
CA PHE B 260 30.61 28.32 16.66
C PHE B 260 31.58 27.50 17.52
N LEU B 261 32.85 27.90 17.50
CA LEU B 261 33.85 27.21 18.28
C LEU B 261 33.48 27.22 19.76
N ARG B 262 32.97 28.34 20.25
CA ARG B 262 32.59 28.44 21.65
C ARG B 262 31.35 27.61 21.94
N ALA B 263 30.45 27.53 20.97
CA ALA B 263 29.30 26.63 21.12
C ALA B 263 29.76 25.16 21.20
N LEU B 264 30.73 24.78 20.36
CA LEU B 264 31.29 23.42 20.44
C LEU B 264 31.87 23.14 21.83
N ASP B 265 32.57 24.14 22.36
CA ASP B 265 33.20 24.00 23.68
C ASP B 265 32.17 23.84 24.79
N LEU B 266 31.05 24.54 24.64
CA LEU B 266 29.97 24.37 25.59
C LEU B 266 29.41 22.96 25.52
N CYS B 267 29.37 22.40 24.32
CA CYS B 267 28.93 21.01 24.14
C CYS B 267 29.83 20.00 24.86
N SER B 268 31.15 20.11 24.68
CA SER B 268 32.06 19.16 25.34
C SER B 268 32.06 19.38 26.84
N LYS B 269 32.01 20.66 27.25
CA LYS B 269 31.84 20.98 28.66
C LYS B 269 30.66 20.18 29.23
N ASN B 270 29.58 20.13 28.46
CA ASN B 270 28.38 19.37 28.85
C ASN B 270 28.42 17.88 28.41
N LYS B 271 29.54 17.45 27.83
CA LYS B 271 29.69 16.03 27.50
C LYS B 271 28.59 15.52 26.56
N LYS B 272 28.33 16.29 25.51
CA LYS B 272 27.43 15.90 24.44
C LYS B 272 28.19 15.74 23.12
N PRO B 273 28.21 14.51 22.59
CA PRO B 273 28.87 14.33 21.31
C PRO B 273 28.18 15.12 20.21
N VAL B 274 28.99 15.69 19.33
CA VAL B 274 28.50 16.48 18.23
C VAL B 274 28.99 15.84 16.93
N ILE B 275 28.05 15.41 16.09
CA ILE B 275 28.34 14.79 14.80
C ILE B 275 28.13 15.77 13.67
N ALA B 276 29.04 15.83 12.70
CA ALA B 276 28.83 16.73 11.58
C ALA B 276 29.05 16.12 10.21
N ILE B 277 28.19 16.54 9.29
CA ILE B 277 28.40 16.41 7.87
C ILE B 277 28.71 17.80 7.37
N LYS B 278 29.82 17.95 6.66
CA LYS B 278 30.13 19.23 6.04
C LYS B 278 30.19 19.15 4.51
N VAL B 279 29.25 19.82 3.86
CA VAL B 279 29.10 19.80 2.42
C VAL B 279 30.25 20.60 1.80
N GLY B 280 30.63 20.26 0.57
CA GLY B 280 31.65 21.01 -0.15
C GLY B 280 33.08 20.55 0.10
N ARG B 281 33.18 19.33 0.63
CA ARG B 281 34.43 18.69 0.97
C ARG B 281 35.49 18.67 -0.12
N THR B 282 35.07 18.60 -1.37
CA THR B 282 36.03 18.47 -2.46
C THR B 282 36.12 19.74 -3.29
N ILE B 283 35.57 20.84 -2.76
CA ILE B 283 35.59 22.10 -3.49
C ILE B 283 36.96 22.76 -3.42
N LYS B 284 37.60 22.83 -4.58
CA LYS B 284 38.94 23.36 -4.81
C LYS B 284 39.49 24.38 -3.81
N SER B 285 38.87 25.56 -3.77
CA SER B 285 39.44 26.73 -3.10
C SER B 285 40.61 27.27 -3.90
N ALA B 286 40.31 28.24 -4.77
CA ALA B 286 41.35 28.83 -5.61
C ALA B 286 41.84 30.14 -4.99
N ALA B 287 42.97 30.08 -4.31
CA ALA B 287 43.47 31.22 -3.53
C ALA B 287 44.98 31.20 -3.28
N VAL B 288 45.65 32.28 -3.71
CA VAL B 288 47.04 32.58 -3.34
C VAL B 288 48.05 31.43 -3.37
N ALA B 289 48.79 31.27 -2.28
CA ALA B 289 49.81 30.22 -2.10
C ALA B 289 51.14 30.40 -2.86
N ASN B 290 52.21 30.59 -2.11
CA ASN B 290 53.55 30.49 -2.65
C ASN B 290 54.15 29.16 -2.20
N ALA B 291 53.73 28.70 -1.02
CA ALA B 291 54.23 27.48 -0.42
C ALA B 291 53.57 26.22 -0.98
N HIS B 292 54.34 25.14 -1.07
CA HIS B 292 53.77 23.85 -1.41
C HIS B 292 52.70 23.46 -0.41
N SER B 293 52.84 23.97 0.81
CA SER B 293 51.88 23.74 1.88
C SER B 293 50.48 24.14 1.51
N GLY B 294 50.37 25.18 0.68
CA GLY B 294 49.07 25.63 0.19
C GLY B 294 48.31 24.50 -0.49
N ALA B 295 48.98 23.84 -1.44
CA ALA B 295 48.37 22.75 -2.19
C ALA B 295 48.30 21.43 -1.42
N LEU B 296 49.06 21.31 -0.34
CA LEU B 296 49.13 20.04 0.40
C LEU B 296 48.08 19.95 1.52
N ALA B 297 47.65 21.11 2.01
CA ALA B 297 46.62 21.17 3.05
C ALA B 297 45.43 22.00 2.56
N GLY B 298 44.35 21.33 2.18
CA GLY B 298 43.18 22.03 1.69
C GLY B 298 42.48 22.77 2.81
N ASP B 299 41.78 23.83 2.48
CA ASP B 299 41.00 24.55 3.48
C ASP B 299 40.10 23.59 4.22
N TYR B 300 39.48 22.67 3.49
CA TYR B 300 38.57 21.72 4.11
C TYR B 300 39.26 20.86 5.16
N GLU B 301 40.42 20.31 4.83
CA GLU B 301 41.11 19.46 5.78
C GLU B 301 41.63 20.28 6.97
N ILE B 302 41.93 21.55 6.72
CA ILE B 302 42.37 22.43 7.81
C ILE B 302 41.22 22.64 8.80
N GLU B 303 40.06 23.03 8.26
CA GLU B 303 38.87 23.22 9.07
C GLU B 303 38.51 21.93 9.80
N LYS B 304 38.60 20.82 9.09
CA LYS B 304 38.25 19.56 9.72
C LYS B 304 39.11 19.33 10.95
N LEU B 305 40.42 19.46 10.78
CA LEU B 305 41.38 19.26 11.87
C LEU B 305 41.04 20.17 13.08
N PHE B 306 40.79 21.45 12.83
CA PHE B 306 40.43 22.35 13.92
C PHE B 306 39.15 21.91 14.63
N LEU B 307 38.10 21.61 13.87
CA LEU B 307 36.82 21.27 14.48
C LEU B 307 36.88 19.91 15.20
N GLU B 308 37.71 19.00 14.70
CA GLU B 308 37.94 17.75 15.43
C GLU B 308 38.62 18.03 16.77
N GLY B 309 39.50 19.02 16.77
CA GLY B 309 40.18 19.44 17.98
C GLY B 309 39.19 19.86 19.04
N HIS B 310 38.06 20.40 18.60
CA HIS B 310 36.98 20.78 19.51
C HIS B 310 35.90 19.71 19.70
N GLY B 311 36.15 18.51 19.20
CA GLY B 311 35.30 17.35 19.46
C GLY B 311 34.40 16.89 18.34
N VAL B 312 34.35 17.63 17.23
CA VAL B 312 33.45 17.23 16.15
C VAL B 312 33.82 15.85 15.61
N LEU B 313 32.80 15.01 15.46
CA LEU B 313 32.90 13.70 14.81
C LEU B 313 32.34 13.80 13.39
N PHE B 314 33.21 13.97 12.41
CA PHE B 314 32.77 14.13 11.03
C PHE B 314 32.37 12.80 10.40
N VAL B 315 31.34 12.82 9.58
CA VAL B 315 30.93 11.66 8.79
C VAL B 315 30.69 12.19 7.38
N GLU B 316 30.34 11.33 6.43
CA GLU B 316 30.29 11.78 5.05
C GLU B 316 28.88 11.96 4.52
N ASP B 317 27.91 11.38 5.20
CA ASP B 317 26.53 11.44 4.69
C ASP B 317 25.52 11.16 5.77
N ILE B 318 24.26 11.39 5.45
CA ILE B 318 23.20 11.22 6.43
C ILE B 318 23.17 9.83 7.05
N ASP B 319 23.28 8.79 6.23
CA ASP B 319 23.29 7.40 6.72
C ASP B 319 24.33 7.20 7.83
N GLN B 320 25.52 7.72 7.59
CA GLN B 320 26.58 7.60 8.56
C GLN B 320 26.28 8.43 9.82
N ALA B 321 25.78 9.65 9.64
CA ALA B 321 25.43 10.47 10.82
C ALA B 321 24.47 9.67 11.71
N VAL B 322 23.47 9.06 11.08
CA VAL B 322 22.44 8.30 11.79
C VAL B 322 23.06 7.12 12.53
N ALA B 323 23.83 6.33 11.82
CA ALA B 323 24.51 5.19 12.41
C ALA B 323 25.34 5.60 13.65
N VAL B 324 26.12 6.67 13.53
CA VAL B 324 26.96 7.12 14.65
C VAL B 324 26.08 7.54 15.85
N ALA B 325 25.04 8.32 15.57
CA ALA B 325 24.13 8.80 16.60
C ALA B 325 23.37 7.66 17.28
N LEU B 326 22.97 6.66 16.51
CA LEU B 326 22.28 5.51 17.09
C LEU B 326 23.17 4.78 18.06
N LEU B 327 24.46 4.65 17.72
CA LEU B 327 25.38 3.97 18.63
C LEU B 327 25.67 4.86 19.86
N LEU B 328 25.85 6.16 19.63
CA LEU B 328 26.11 7.09 20.73
C LEU B 328 24.90 7.33 21.66
N SER B 329 23.70 6.97 21.19
CA SER B 329 22.48 7.16 21.97
C SER B 329 22.35 6.14 23.09
N GLN B 330 23.24 5.16 23.12
CA GLN B 330 23.26 4.26 24.26
C GLN B 330 24.43 4.69 25.11
N PRO B 331 24.24 4.68 26.45
CA PRO B 331 25.25 5.19 27.38
C PRO B 331 26.29 4.13 27.71
N TYR B 332 27.07 3.78 26.69
CA TYR B 332 28.16 2.84 26.81
C TYR B 332 29.31 3.32 25.93
N LEU B 333 30.53 3.27 26.45
CA LEU B 333 31.71 3.64 25.68
C LEU B 333 32.74 2.54 25.86
N PRO B 334 33.60 2.35 24.85
CA PRO B 334 34.61 1.28 24.89
C PRO B 334 35.86 1.69 25.66
N THR B 335 36.54 0.73 26.27
CA THR B 335 37.81 1.05 26.91
C THR B 335 39.01 0.64 26.07
N VAL B 336 38.77 -0.09 24.99
CA VAL B 336 39.84 -0.45 24.05
C VAL B 336 39.31 -0.53 22.64
N ASN B 337 40.11 -0.06 21.67
CA ASN B 337 39.66 0.19 20.30
C ASN B 337 39.57 -1.06 19.41
N THR B 338 38.76 -2.01 19.84
CA THR B 338 38.69 -3.27 19.12
C THR B 338 37.25 -3.74 19.09
N VAL B 339 36.94 -4.60 18.13
CA VAL B 339 35.57 -5.08 17.92
C VAL B 339 35.51 -6.60 17.78
N ALA B 340 34.48 -7.19 18.35
CA ALA B 340 34.16 -8.59 18.08
C ALA B 340 32.86 -8.65 17.28
N ALA B 341 32.82 -9.52 16.29
CA ALA B 341 31.60 -9.72 15.51
C ALA B 341 31.26 -11.17 15.52
N LEU B 342 30.00 -11.44 15.81
CA LEU B 342 29.49 -12.79 15.82
C LEU B 342 28.51 -12.90 14.65
N THR B 343 28.77 -13.80 13.72
CA THR B 343 27.90 -13.97 12.54
C THR B 343 27.31 -15.37 12.48
N VAL B 344 26.42 -15.59 11.51
CA VAL B 344 25.92 -16.94 11.24
C VAL B 344 26.19 -17.30 9.79
N SER B 345 27.12 -16.55 9.19
CA SER B 345 27.50 -16.75 7.79
C SER B 345 29.01 -16.65 7.64
N GLY B 346 29.61 -17.62 6.97
CA GLY B 346 31.03 -17.57 6.69
C GLY B 346 31.29 -16.47 5.71
N GLY B 347 30.55 -16.50 4.60
CA GLY B 347 30.65 -15.46 3.58
C GLY B 347 30.62 -14.06 4.16
N GLN B 348 29.55 -13.73 4.88
CA GLN B 348 29.37 -12.39 5.42
C GLN B 348 30.50 -12.03 6.39
N ALA B 349 30.91 -12.98 7.22
CA ALA B 349 32.08 -12.77 8.09
C ALA B 349 33.30 -12.41 7.25
N GLY B 350 33.47 -13.12 6.13
CA GLY B 350 34.59 -12.85 5.25
C GLY B 350 34.54 -11.45 4.68
N ILE B 351 33.38 -11.06 4.16
CA ILE B 351 33.22 -9.70 3.65
C ILE B 351 33.39 -8.64 4.73
N LEU B 352 32.87 -8.91 5.93
CA LEU B 352 32.99 -7.93 7.00
C LEU B 352 34.48 -7.70 7.29
N LEU B 353 35.23 -8.79 7.39
CA LEU B 353 36.65 -8.70 7.65
C LEU B 353 37.34 -7.83 6.61
N ASP B 354 37.07 -8.07 5.33
CA ASP B 354 37.65 -7.21 4.30
C ASP B 354 37.28 -5.72 4.47
N LEU B 355 36.01 -5.45 4.75
CA LEU B 355 35.57 -4.08 4.95
C LEU B 355 36.26 -3.45 6.17
N ALA B 356 36.43 -4.25 7.23
CA ALA B 356 37.08 -3.76 8.45
C ALA B 356 38.47 -3.20 8.14
N GLU B 357 39.17 -3.82 7.19
CA GLU B 357 40.49 -3.32 6.84
C GLU B 357 40.36 -2.00 6.09
N ASP B 358 39.44 -1.95 5.11
CA ASP B 358 39.18 -0.73 4.37
C ASP B 358 38.87 0.46 5.29
N TYR B 359 38.14 0.20 6.38
CA TYR B 359 37.70 1.27 7.27
C TYR B 359 38.62 1.46 8.49
N GLY B 360 39.59 0.58 8.65
CA GLY B 360 40.59 0.70 9.69
C GLY B 360 40.01 0.43 11.07
N VAL B 361 39.23 -0.65 11.17
CA VAL B 361 38.67 -1.11 12.43
C VAL B 361 39.28 -2.45 12.84
N ASP B 362 39.81 -2.50 14.06
CA ASP B 362 40.57 -3.64 14.54
C ASP B 362 39.64 -4.74 15.03
N PHE B 363 39.62 -5.85 14.30
CA PHE B 363 38.99 -7.07 14.78
C PHE B 363 40.10 -8.03 15.14
N PRO B 364 40.54 -8.01 16.41
CA PRO B 364 41.75 -8.76 16.79
C PRO B 364 41.38 -10.17 17.16
N ASP B 365 42.37 -11.01 17.40
CA ASP B 365 42.10 -12.33 17.94
C ASP B 365 41.43 -12.19 19.28
N PHE B 366 40.64 -13.19 19.65
CA PHE B 366 40.12 -13.26 21.00
C PHE B 366 41.27 -13.56 21.98
N SER B 367 41.11 -13.11 23.22
CA SER B 367 42.15 -13.31 24.23
C SER B 367 42.32 -14.79 24.51
N ALA B 368 43.44 -15.14 25.13
CA ALA B 368 43.76 -16.53 25.41
C ALA B 368 42.75 -17.19 26.37
N VAL B 369 42.19 -16.39 27.28
CA VAL B 369 41.17 -16.93 28.20
C VAL B 369 39.87 -17.24 27.45
N THR B 370 39.49 -16.34 26.56
CA THR B 370 38.24 -16.47 25.81
C THR B 370 38.24 -17.72 24.95
N ASN B 371 39.24 -17.85 24.09
CA ASN B 371 39.29 -18.99 23.18
C ASN B 371 39.52 -20.32 23.91
N TYR B 372 40.03 -20.26 25.14
CA TYR B 372 40.11 -21.47 25.94
C TYR B 372 38.74 -21.73 26.57
N GLU B 373 38.07 -20.67 26.98
CA GLU B 373 36.77 -20.78 27.60
C GLU B 373 35.76 -21.38 26.61
N ILE B 374 35.99 -21.12 25.32
CA ILE B 374 35.08 -21.57 24.27
C ILE B 374 35.45 -22.94 23.71
N ALA B 375 36.73 -23.15 23.42
CA ALA B 375 37.21 -24.45 22.93
C ALA B 375 37.10 -25.51 24.02
N SER B 376 36.66 -25.10 25.21
CA SER B 376 36.52 -26.03 26.33
C SER B 376 35.10 -26.55 26.40
N LYS B 377 34.15 -25.78 25.88
CA LYS B 377 32.75 -26.18 25.91
C LYS B 377 32.25 -26.47 24.51
N LEU B 378 32.94 -25.93 23.51
CA LEU B 378 32.57 -26.16 22.11
C LEU B 378 33.80 -26.61 21.33
N PRO B 379 34.38 -27.75 21.73
CA PRO B 379 35.58 -28.25 21.04
C PRO B 379 35.31 -28.46 19.55
N GLU B 380 34.03 -28.49 19.20
CA GLU B 380 33.62 -28.72 17.81
C GLU B 380 33.59 -27.45 16.96
N LEU B 381 34.03 -26.31 17.49
CA LEU B 381 34.14 -25.10 16.68
C LEU B 381 35.52 -24.98 16.10
N GLY B 382 36.51 -25.47 16.85
CA GLY B 382 37.89 -25.44 16.38
C GLY B 382 38.54 -24.09 16.58
N GLY B 383 39.19 -23.60 15.52
CA GLY B 383 39.90 -22.34 15.56
C GLY B 383 38.98 -21.13 15.48
N LEU B 384 39.10 -20.24 16.47
CA LEU B 384 38.22 -19.08 16.55
C LEU B 384 38.74 -17.87 15.78
N SER B 385 37.97 -17.44 14.79
CA SER B 385 38.29 -16.21 14.08
C SER B 385 37.39 -15.09 14.53
N ASN B 386 37.77 -13.86 14.19
CA ASN B 386 36.96 -12.69 14.46
C ASN B 386 36.93 -11.85 13.20
N PRO B 387 35.73 -11.66 12.61
CA PRO B 387 34.39 -12.14 12.99
C PRO B 387 34.29 -13.65 13.09
N LEU B 388 33.44 -14.12 14.00
CA LEU B 388 33.30 -15.53 14.31
C LEU B 388 31.94 -16.07 13.88
N ASP B 389 31.96 -17.04 12.96
CA ASP B 389 30.78 -17.71 12.48
C ASP B 389 30.45 -18.87 13.42
N ILE B 390 29.27 -18.82 14.03
CA ILE B 390 28.88 -19.82 15.04
C ILE B 390 27.68 -20.68 14.61
N TRP B 391 27.35 -20.67 13.33
CA TRP B 391 26.22 -21.45 12.86
C TRP B 391 26.65 -22.77 12.23
N GLY B 392 25.90 -23.83 12.54
CA GLY B 392 26.15 -25.14 11.96
C GLY B 392 27.57 -25.64 12.17
N LYS B 393 28.05 -25.48 13.40
CA LYS B 393 29.41 -25.86 13.73
C LYS B 393 29.37 -26.86 14.88
N SER B 394 28.18 -27.08 15.40
CA SER B 394 27.98 -27.94 16.56
C SER B 394 26.68 -28.72 16.45
N SER B 395 26.57 -29.80 17.22
CA SER B 395 25.35 -30.59 17.27
C SER B 395 24.38 -30.01 18.30
N LYS B 396 24.90 -29.13 19.14
CA LYS B 396 24.09 -28.50 20.19
C LYS B 396 23.11 -27.47 19.62
N ASP B 397 22.03 -27.23 20.35
CA ASP B 397 21.11 -26.14 20.02
C ASP B 397 21.88 -24.84 19.76
N PHE B 398 21.49 -24.15 18.70
CA PHE B 398 22.13 -22.89 18.35
C PHE B 398 22.04 -21.95 19.55
N SER B 399 20.90 -22.00 20.24
CA SER B 399 20.70 -21.26 21.48
C SER B 399 21.91 -21.34 22.41
N GLU B 400 22.38 -22.56 22.64
CA GLU B 400 23.42 -22.85 23.62
C GLU B 400 24.77 -22.40 23.11
N VAL B 401 25.00 -22.62 21.82
CA VAL B 401 26.25 -22.21 21.19
C VAL B 401 26.39 -20.71 21.27
N SER B 402 25.27 -20.03 20.99
CA SER B 402 25.22 -18.58 20.98
C SER B 402 25.46 -18.01 22.36
N ASN B 403 24.68 -18.48 23.33
CA ASN B 403 24.83 -18.02 24.70
C ASN B 403 26.25 -18.21 25.23
N ILE B 404 26.85 -19.36 24.95
CA ILE B 404 28.20 -19.65 25.38
C ILE B 404 29.18 -18.64 24.82
N CYS B 405 29.15 -18.48 23.50
CA CYS B 405 30.11 -17.61 22.84
C CYS B 405 29.98 -16.16 23.29
N LEU B 406 28.75 -15.67 23.44
CA LEU B 406 28.57 -14.28 23.80
C LEU B 406 28.89 -14.03 25.27
N SER B 407 28.64 -15.02 26.13
CA SER B 407 29.02 -14.89 27.53
C SER B 407 30.54 -14.71 27.65
N SER B 408 31.30 -15.50 26.91
CA SER B 408 32.76 -15.40 26.95
C SER B 408 33.28 -14.14 26.27
N ILE B 409 32.85 -13.92 25.04
CA ILE B 409 33.28 -12.76 24.25
C ILE B 409 32.95 -11.44 24.97
N VAL B 410 31.81 -11.37 25.62
CA VAL B 410 31.45 -10.17 26.39
C VAL B 410 32.49 -9.82 27.47
N LYS B 411 33.00 -10.83 28.17
CA LYS B 411 34.00 -10.64 29.22
C LYS B 411 35.44 -10.47 28.71
N ASP B 412 35.66 -10.60 27.40
CA ASP B 412 37.02 -10.62 26.87
C ASP B 412 37.69 -9.26 26.97
N ALA B 413 38.77 -9.19 27.73
CA ALA B 413 39.43 -7.93 28.04
C ALA B 413 40.03 -7.24 26.82
N ASP B 414 40.29 -8.01 25.76
CA ASP B 414 40.85 -7.43 24.54
C ASP B 414 39.78 -6.91 23.57
N ILE B 415 38.52 -7.07 23.92
CA ILE B 415 37.44 -6.66 23.03
C ILE B 415 36.70 -5.42 23.55
N GLY B 416 36.82 -4.30 22.84
CA GLY B 416 36.16 -3.07 23.23
C GLY B 416 34.67 -3.01 22.95
N ILE B 417 34.26 -3.34 21.72
CA ILE B 417 32.82 -3.34 21.37
C ILE B 417 32.35 -4.75 21.00
N ILE B 418 31.19 -5.12 21.54
CA ILE B 418 30.58 -6.41 21.30
C ILE B 418 29.51 -6.25 20.23
N THR B 419 29.62 -7.01 19.15
CA THR B 419 28.64 -6.92 18.08
C THR B 419 28.16 -8.27 17.57
N VAL B 420 26.93 -8.27 17.10
CA VAL B 420 26.39 -9.38 16.32
C VAL B 420 26.10 -8.86 14.91
N ALA B 421 26.65 -9.54 13.90
CA ALA B 421 26.45 -9.14 12.51
C ALA B 421 25.65 -10.21 11.80
N ILE B 422 24.35 -9.92 11.67
CA ILE B 422 23.39 -10.86 11.14
C ILE B 422 22.30 -10.16 10.32
N ASP B 423 22.09 -10.62 9.09
CA ASP B 423 21.00 -10.12 8.26
C ASP B 423 19.69 -10.70 8.76
N ALA B 424 18.79 -9.84 9.22
CA ALA B 424 17.48 -10.27 9.69
C ALA B 424 16.45 -9.38 9.02
N PRO B 425 16.25 -9.56 7.70
CA PRO B 425 15.48 -8.64 6.86
C PRO B 425 13.98 -8.68 7.12
N ILE B 426 13.32 -7.53 6.94
CA ILE B 426 11.88 -7.43 7.09
C ILE B 426 11.17 -8.44 6.19
N GLY B 427 10.14 -9.09 6.70
CA GLY B 427 9.40 -10.10 5.95
C GLY B 427 9.98 -11.50 5.99
N GLN B 428 11.07 -11.70 6.70
CA GLN B 428 11.64 -13.03 6.81
C GLN B 428 10.61 -13.96 7.45
N GLY B 429 10.77 -15.27 7.24
CA GLY B 429 9.85 -16.24 7.78
C GLY B 429 10.02 -16.42 9.29
N ASP B 430 9.06 -17.08 9.93
CA ASP B 430 9.09 -17.33 11.37
C ASP B 430 10.31 -18.14 11.80
N HIS B 431 10.67 -19.14 10.99
CA HIS B 431 11.83 -19.97 11.25
C HIS B 431 13.07 -19.08 11.27
N GLU B 432 13.20 -18.23 10.26
CA GLU B 432 14.34 -17.34 10.18
C GLU B 432 14.36 -16.37 11.37
N PHE B 433 13.19 -15.91 11.80
CA PHE B 433 13.12 -15.08 13.00
C PHE B 433 13.62 -15.85 14.25
N ASP B 434 13.13 -17.07 14.43
CA ASP B 434 13.53 -17.87 15.57
C ASP B 434 15.04 -17.93 15.71
N PHE B 435 15.78 -18.04 14.62
CA PHE B 435 17.22 -18.16 14.80
C PHE B 435 18.00 -16.83 14.77
N THR B 436 17.50 -15.84 14.02
CA THR B 436 18.16 -14.55 14.01
C THR B 436 17.91 -13.76 15.30
N SER B 437 16.80 -14.04 15.97
CA SER B 437 16.49 -13.32 17.19
C SER B 437 17.29 -13.85 18.37
N ILE B 438 17.90 -15.01 18.19
CA ILE B 438 18.55 -15.69 19.30
C ILE B 438 19.73 -14.90 19.86
N PRO B 439 20.67 -14.48 19.00
CA PRO B 439 21.74 -13.67 19.57
C PRO B 439 21.28 -12.28 20.08
N ALA B 440 20.13 -11.78 19.61
CA ALA B 440 19.61 -10.51 20.12
C ALA B 440 19.22 -10.74 21.56
N LYS B 441 18.49 -11.83 21.78
CA LYS B 441 18.02 -12.20 23.11
C LYS B 441 19.21 -12.39 24.04
N ASP B 442 20.25 -13.02 23.53
CA ASP B 442 21.46 -13.17 24.32
C ASP B 442 22.09 -11.82 24.67
N LEU B 443 22.15 -10.92 23.69
CA LEU B 443 22.74 -9.61 23.94
C LEU B 443 21.93 -8.92 25.03
N ALA B 444 20.61 -9.06 24.96
CA ALA B 444 19.71 -8.44 25.92
C ALA B 444 19.94 -8.98 27.32
N SER B 445 20.35 -10.24 27.39
CA SER B 445 20.55 -10.96 28.65
C SER B 445 21.86 -10.61 29.30
N LEU B 446 22.76 -10.02 28.52
CA LEU B 446 24.08 -9.67 29.03
C LEU B 446 24.24 -8.16 29.18
N ARG B 447 23.21 -7.41 28.83
CA ARG B 447 23.29 -5.95 28.81
C ARG B 447 23.44 -5.37 30.21
N GLY B 448 22.69 -5.89 31.16
CA GLY B 448 22.72 -5.40 32.53
C GLY B 448 24.01 -5.66 33.28
N ASN B 449 24.92 -6.44 32.70
CA ASN B 449 26.15 -6.81 33.40
C ASN B 449 27.43 -6.51 32.65
N SER B 450 27.33 -5.67 31.63
CA SER B 450 28.53 -5.18 30.97
C SER B 450 28.43 -3.68 30.79
N ASP B 451 29.59 -3.04 30.65
CA ASP B 451 29.66 -1.61 30.41
C ASP B 451 30.08 -1.39 28.95
N LYS B 452 30.27 -2.48 28.22
CA LYS B 452 30.74 -2.36 26.84
C LYS B 452 29.63 -1.97 25.89
N PRO B 453 29.95 -1.14 24.89
CA PRO B 453 28.93 -0.90 23.87
C PRO B 453 28.51 -2.21 23.17
N PHE B 454 27.20 -2.42 23.05
CA PHE B 454 26.66 -3.53 22.27
C PHE B 454 26.03 -2.99 20.99
N LEU B 455 26.09 -3.80 19.94
CA LEU B 455 25.53 -3.46 18.65
C LEU B 455 25.11 -4.72 17.91
N TYR B 456 23.87 -4.74 17.46
CA TYR B 456 23.43 -5.74 16.51
C TYR B 456 23.31 -5.02 15.19
N PHE B 457 24.09 -5.42 14.19
CA PHE B 457 23.93 -4.85 12.85
C PHE B 457 23.70 -5.90 11.77
N SER B 458 23.10 -5.48 10.67
CA SER B 458 22.94 -6.36 9.51
C SER B 458 23.99 -5.99 8.48
N HIS B 459 24.43 -6.97 7.70
CA HIS B 459 25.41 -6.72 6.66
C HIS B 459 24.79 -5.83 5.58
N ILE B 460 23.53 -6.10 5.28
CA ILE B 460 22.84 -5.43 4.20
C ILE B 460 22.11 -4.17 4.69
N GLN B 461 21.71 -3.34 3.73
CA GLN B 461 21.14 -2.01 4.01
C GLN B 461 19.62 -2.08 4.25
N THR B 462 19.02 -3.19 3.83
CA THR B 462 17.58 -3.32 3.82
C THR B 462 17.03 -3.27 5.25
N GLU B 463 15.74 -2.96 5.37
CA GLU B 463 15.17 -2.71 6.67
C GLU B 463 15.10 -3.97 7.52
N PHE B 464 15.43 -3.80 8.79
CA PHE B 464 15.36 -4.85 9.81
C PHE B 464 13.94 -5.38 10.03
N ASP B 465 13.81 -6.68 10.23
CA ASP B 465 12.58 -7.28 10.75
C ASP B 465 12.20 -6.62 12.09
N PRO B 466 11.01 -6.00 12.18
CA PRO B 466 10.71 -5.25 13.40
C PRO B 466 10.70 -6.12 14.67
N ARG B 467 10.45 -7.41 14.55
CA ARG B 467 10.41 -8.30 15.71
C ARG B 467 11.78 -8.49 16.36
N VAL B 468 12.84 -8.49 15.54
CA VAL B 468 14.18 -8.54 16.08
C VAL B 468 14.54 -7.17 16.70
N GLU B 469 14.17 -6.09 16.01
CA GLU B 469 14.49 -4.75 16.49
C GLU B 469 13.81 -4.45 17.84
N SER B 470 12.54 -4.84 17.96
CA SER B 470 11.82 -4.75 19.21
C SER B 470 12.66 -5.27 20.40
N ILE B 471 13.24 -6.45 20.24
CA ILE B 471 14.06 -7.07 21.27
C ILE B 471 15.27 -6.24 21.69
N LEU B 472 15.98 -5.66 20.72
CA LEU B 472 17.16 -4.88 21.03
C LEU B 472 16.79 -3.48 21.53
N ASP B 473 15.71 -2.93 20.97
CA ASP B 473 15.16 -1.66 21.44
C ASP B 473 14.74 -1.76 22.91
N GLU B 474 14.09 -2.84 23.29
CA GLU B 474 13.64 -3.02 24.68
C GLU B 474 14.80 -3.09 25.67
N ALA B 475 15.92 -3.63 25.22
CA ALA B 475 17.09 -3.77 26.09
C ALA B 475 18.11 -2.64 25.95
N GLY B 476 17.79 -1.63 25.15
CA GLY B 476 18.70 -0.51 24.99
C GLY B 476 19.98 -0.94 24.30
N ILE B 477 19.82 -1.79 23.29
CA ILE B 477 20.92 -2.21 22.42
C ILE B 477 20.83 -1.50 21.08
N ALA B 478 21.94 -0.92 20.62
CA ALA B 478 21.96 -0.19 19.37
C ALA B 478 21.76 -1.14 18.17
N VAL B 479 21.04 -0.66 17.15
CA VAL B 479 20.80 -1.43 15.94
C VAL B 479 21.19 -0.59 14.73
N ILE B 480 22.01 -1.16 13.85
CA ILE B 480 22.43 -0.44 12.65
C ILE B 480 22.24 -1.30 11.40
N GLN B 481 21.91 -0.66 10.28
CA GLN B 481 21.71 -1.40 9.02
C GLN B 481 22.89 -1.11 8.12
N GLY B 482 23.70 -2.13 7.86
CA GLY B 482 24.79 -2.04 6.90
C GLY B 482 26.17 -2.09 7.54
N SER B 483 26.98 -3.01 7.05
CA SER B 483 28.33 -3.19 7.56
C SER B 483 29.13 -1.90 7.55
N ARG B 484 29.14 -1.20 6.43
CA ARG B 484 29.95 0.01 6.33
C ARG B 484 29.53 1.02 7.40
N ASN B 485 28.23 1.15 7.62
CA ASN B 485 27.76 2.12 8.61
C ASN B 485 28.12 1.70 10.04
N ALA B 486 28.01 0.42 10.32
CA ALA B 486 28.34 -0.10 11.65
C ALA B 486 29.82 0.14 11.96
N LEU B 487 30.65 0.06 10.93
CA LEU B 487 32.10 0.19 11.07
C LEU B 487 32.47 1.65 11.29
N VAL B 488 31.85 2.53 10.51
CA VAL B 488 31.96 3.97 10.74
C VAL B 488 31.51 4.27 12.16
N ALA B 489 30.35 3.74 12.55
CA ALA B 489 29.84 3.95 13.90
C ALA B 489 30.89 3.58 14.95
N CYS B 490 31.40 2.35 14.88
CA CYS B 490 32.42 1.88 15.81
C CYS B 490 33.65 2.79 15.81
N ARG B 491 34.10 3.14 14.61
CA ARG B 491 35.27 4.02 14.46
C ARG B 491 35.00 5.34 15.18
N ALA B 492 33.77 5.83 15.06
CA ALA B 492 33.39 7.10 15.65
C ALA B 492 33.35 7.02 17.18
N LEU B 493 32.90 5.88 17.71
CA LEU B 493 32.89 5.69 19.15
C LEU B 493 34.31 5.87 19.68
N PHE B 494 35.26 5.21 19.02
CA PHE B 494 36.65 5.25 19.43
C PHE B 494 37.17 6.68 19.40
N LYS B 495 36.95 7.37 18.30
CA LYS B 495 37.44 8.73 18.20
C LYS B 495 36.84 9.58 19.32
N TYR B 496 35.58 9.32 19.65
CA TYR B 496 34.93 10.05 20.73
C TYR B 496 35.60 9.74 22.05
N LYS B 497 35.91 8.48 22.29
CA LYS B 497 36.61 8.06 23.50
C LYS B 497 37.95 8.77 23.63
N GLU B 498 38.72 8.83 22.54
CA GLU B 498 40.00 9.53 22.56
C GLU B 498 39.84 10.99 22.98
N PHE B 499 38.83 11.64 22.41
CA PHE B 499 38.60 13.06 22.67
C PHE B 499 38.28 13.29 24.14
N LEU B 500 37.52 12.38 24.74
CA LEU B 500 37.22 12.50 26.16
C LEU B 500 38.50 12.37 27.01
N GLU B 501 39.43 11.56 26.53
CA GLU B 501 40.67 11.31 27.26
C GLU B 501 41.66 12.46 27.15
N LYS B 502 41.68 13.14 26.01
CA LYS B 502 42.54 14.31 25.85
C LYS B 502 42.36 15.29 27.01
N ASN B 503 41.10 15.60 27.36
CA ASN B 503 40.79 16.56 28.43
C ASN B 503 41.25 17.99 28.10
N ASN B 504 42.44 18.12 27.49
CA ASN B 504 42.98 19.41 27.09
C ASN B 504 42.81 19.62 25.58
N HIS B 505 41.71 20.27 25.21
CA HIS B 505 41.32 20.41 23.82
C HIS B 505 42.11 21.51 23.10
N THR B 506 41.69 21.83 21.89
CA THR B 506 42.41 22.77 21.05
C THR B 506 42.06 24.20 21.44
N PRO B 507 43.09 25.04 21.54
CA PRO B 507 42.90 26.46 21.88
C PRO B 507 42.32 27.24 20.72
N ILE B 508 41.50 28.23 21.05
CA ILE B 508 40.98 29.13 20.04
C ILE B 508 41.99 30.23 19.78
N TYR B 509 42.39 30.39 18.53
CA TYR B 509 43.33 31.44 18.15
C TYR B 509 42.60 32.67 17.62
N SER B 510 42.97 33.84 18.11
CA SER B 510 42.42 35.09 17.60
C SER B 510 42.90 35.34 16.16
N VAL B 511 42.03 35.91 15.35
CA VAL B 511 42.37 36.21 13.97
C VAL B 511 42.23 37.72 13.70
N GLU B 512 42.00 38.48 14.78
CA GLU B 512 41.80 39.93 14.73
C GLU B 512 42.93 40.70 14.05
N ASP B 513 44.17 40.37 14.37
CA ASP B 513 45.33 41.05 13.77
C ASP B 513 45.47 40.70 12.30
N LEU B 514 44.91 39.56 11.89
CA LEU B 514 45.15 39.05 10.55
C LEU B 514 44.61 40.01 9.50
N SER B 515 45.45 40.29 8.50
CA SER B 515 45.07 41.14 7.38
C SER B 515 43.89 40.50 6.62
N ILE B 516 43.02 41.34 6.08
CA ILE B 516 41.95 40.84 5.22
C ILE B 516 42.33 40.84 3.73
N GLN B 517 43.43 41.49 3.37
CA GLN B 517 43.87 41.50 1.98
C GLN B 517 43.89 40.05 1.50
N LYS B 518 43.71 39.84 0.21
CA LYS B 518 43.62 38.49 -0.32
C LYS B 518 44.83 38.17 -1.16
N GLY B 519 45.85 39.02 -1.08
CA GLY B 519 47.08 38.83 -1.83
C GLY B 519 48.21 38.27 -0.99
N LEU B 520 49.26 37.79 -1.66
CA LEU B 520 50.43 37.30 -0.97
C LEU B 520 51.67 38.03 -1.44
N LYS B 521 52.50 38.43 -0.47
CA LYS B 521 53.80 39.00 -0.79
C LYS B 521 54.91 38.05 -0.33
N LEU B 522 55.78 37.68 -1.25
CA LEU B 522 56.90 36.82 -0.92
C LEU B 522 57.91 37.61 -0.08
N LEU B 523 58.43 36.99 0.97
CA LEU B 523 59.42 37.65 1.80
C LEU B 523 60.81 37.48 1.18
N HIS B 524 61.67 38.48 1.34
CA HIS B 524 63.03 38.39 0.84
C HIS B 524 63.76 37.22 1.49
N ASP B 525 64.58 36.52 0.70
CA ASP B 525 65.33 35.37 1.20
C ASP B 525 66.10 35.69 2.47
N ASN B 526 66.64 36.91 2.55
CA ASN B 526 67.33 37.36 3.74
C ASN B 526 66.44 37.20 4.95
N GLU B 527 65.26 37.79 4.89
CA GLU B 527 64.29 37.73 5.99
C GLU B 527 63.93 36.28 6.31
N GLY B 528 63.72 35.49 5.26
CA GLY B 528 63.49 34.07 5.43
C GLY B 528 64.56 33.51 6.34
N ARG B 529 65.82 33.65 5.92
CA ARG B 529 66.96 33.18 6.71
C ARG B 529 66.95 33.67 8.16
N LYS B 530 66.60 34.94 8.35
CA LYS B 530 66.53 35.52 9.67
C LYS B 530 65.57 34.71 10.55
N LEU B 531 64.45 34.30 9.96
CA LEU B 531 63.42 33.56 10.68
C LEU B 531 63.91 32.17 11.06
N LEU B 532 64.53 31.47 10.11
CA LEU B 532 65.13 30.17 10.41
C LEU B 532 66.02 30.27 11.65
N ASP B 533 66.94 31.24 11.63
CA ASP B 533 67.84 31.53 12.74
C ASP B 533 67.09 31.66 14.05
N GLU B 534 66.27 32.70 14.14
CA GLU B 534 65.57 33.06 15.37
C GLU B 534 64.71 31.93 15.93
N SER B 535 64.38 30.95 15.11
CA SER B 535 63.58 29.82 15.55
C SER B 535 64.43 28.58 15.82
N GLY B 536 65.74 28.72 15.64
CA GLY B 536 66.67 27.69 16.02
C GLY B 536 66.89 26.63 14.96
N PHE B 537 66.35 26.88 13.77
CA PHE B 537 66.52 25.92 12.69
C PHE B 537 67.92 26.01 12.12
N VAL B 538 68.53 24.85 11.93
CA VAL B 538 69.90 24.80 11.42
C VAL B 538 69.99 24.97 9.90
N SER B 539 70.74 25.99 9.49
CA SER B 539 70.95 26.26 8.08
C SER B 539 72.35 25.78 7.68
N PRO B 540 72.49 25.25 6.45
CA PRO B 540 73.81 24.83 5.96
C PRO B 540 74.75 26.03 5.91
N ARG B 541 76.04 25.81 6.13
CA ARG B 541 76.99 26.91 6.01
C ARG B 541 76.87 27.51 4.62
N GLU B 542 76.72 28.83 4.57
CA GLU B 542 76.27 29.49 3.38
C GLU B 542 76.62 30.95 3.51
N GLN B 543 76.53 31.68 2.40
CA GLN B 543 76.60 33.13 2.45
C GLN B 543 76.17 33.70 1.12
N VAL B 544 75.73 34.95 1.14
CA VAL B 544 75.27 35.62 -0.06
C VAL B 544 76.41 36.39 -0.74
N VAL B 545 76.64 36.09 -2.01
CA VAL B 545 77.69 36.75 -2.79
C VAL B 545 77.11 37.70 -3.82
N THR B 546 77.78 38.82 -4.06
CA THR B 546 77.30 39.82 -5.02
C THR B 546 77.81 39.58 -6.43
N SER B 547 79.08 39.24 -6.57
CA SER B 547 79.67 39.02 -7.89
C SER B 547 80.42 37.70 -7.99
N LEU B 548 80.73 37.28 -9.21
CA LEU B 548 81.28 35.95 -9.47
C LEU B 548 82.56 35.60 -8.70
N GLN B 549 83.53 36.51 -8.68
CA GLN B 549 84.79 36.24 -7.98
C GLN B 549 84.52 35.95 -6.49
N GLU B 550 83.72 36.82 -5.88
CA GLU B 550 83.27 36.64 -4.49
C GLU B 550 82.70 35.25 -4.27
N GLY B 551 81.93 34.78 -5.25
CA GLY B 551 81.38 33.44 -5.21
C GLY B 551 82.48 32.39 -5.31
N VAL B 552 83.46 32.63 -6.16
CA VAL B 552 84.60 31.72 -6.28
C VAL B 552 85.44 31.79 -5.01
N ASP B 553 85.69 33.02 -4.56
CA ASP B 553 86.49 33.25 -3.37
C ASP B 553 85.87 32.63 -2.13
N TYR B 554 84.57 32.85 -1.95
CA TYR B 554 83.85 32.22 -0.85
C TYR B 554 83.83 30.69 -0.99
N ALA B 555 83.45 30.20 -2.17
CA ALA B 555 83.37 28.77 -2.39
C ALA B 555 84.73 28.07 -2.22
N GLU B 556 85.80 28.73 -2.67
CA GLU B 556 87.15 28.22 -2.51
C GLU B 556 87.62 28.30 -1.06
N SER B 557 86.75 28.79 -0.18
CA SER B 557 87.07 28.92 1.24
C SER B 557 86.15 28.06 2.08
N ILE B 558 85.54 27.06 1.46
CA ILE B 558 84.63 26.15 2.16
C ILE B 558 84.78 24.73 1.64
N GLY B 559 85.14 24.59 0.38
CA GLY B 559 85.31 23.28 -0.23
C GLY B 559 84.18 22.91 -1.17
N TYR B 560 84.40 21.88 -1.97
CA TYR B 560 83.40 21.42 -2.93
C TYR B 560 82.95 20.00 -2.61
N PRO B 561 81.70 19.65 -2.99
CA PRO B 561 80.80 20.52 -3.76
C PRO B 561 80.20 21.65 -2.94
N VAL B 562 79.78 22.72 -3.61
CA VAL B 562 78.93 23.71 -2.98
C VAL B 562 77.60 23.76 -3.73
N VAL B 563 76.75 24.72 -3.38
CA VAL B 563 75.48 24.88 -4.08
C VAL B 563 75.25 26.34 -4.44
N LEU B 564 74.88 26.55 -5.69
CA LEU B 564 74.60 27.88 -6.20
C LEU B 564 73.10 28.01 -6.50
N LYS B 565 72.48 29.06 -5.96
CA LYS B 565 71.05 29.27 -6.12
C LYS B 565 70.76 30.72 -6.46
N ALA B 566 69.95 30.95 -7.49
CA ALA B 566 69.47 32.29 -7.79
C ALA B 566 68.56 32.74 -6.66
N GLN B 567 68.21 34.01 -6.63
CA GLN B 567 67.48 34.54 -5.48
C GLN B 567 66.38 35.54 -5.83
N GLY B 568 65.39 35.64 -4.94
CA GLY B 568 64.20 36.43 -5.17
C GLY B 568 63.06 35.63 -5.79
N LEU B 569 63.23 34.32 -5.89
CA LEU B 569 62.23 33.45 -6.51
C LEU B 569 61.58 32.50 -5.51
N ALA B 570 60.29 32.19 -5.71
CA ALA B 570 59.61 31.21 -4.86
C ALA B 570 60.03 29.82 -5.28
N HIS B 571 60.11 29.62 -6.58
CA HIS B 571 60.53 28.34 -7.14
C HIS B 571 61.69 28.53 -8.12
N LYS B 572 62.89 28.22 -7.63
CA LYS B 572 64.12 28.47 -8.37
C LYS B 572 64.40 27.35 -9.37
N THR B 573 64.24 26.12 -8.90
CA THR B 573 64.55 24.94 -9.71
C THR B 573 63.85 24.93 -11.07
N ASP B 574 62.66 25.50 -11.12
CA ASP B 574 61.84 25.46 -12.33
C ASP B 574 62.45 26.30 -13.44
N VAL B 575 63.02 27.44 -13.09
CA VAL B 575 63.65 28.30 -14.08
C VAL B 575 65.17 28.12 -14.11
N GLY B 576 65.64 26.94 -13.71
CA GLY B 576 67.06 26.63 -13.67
C GLY B 576 67.85 27.54 -12.73
N GLY B 577 67.34 27.72 -11.52
CA GLY B 577 68.00 28.57 -10.54
C GLY B 577 68.53 27.80 -9.36
N VAL B 578 69.09 26.62 -9.62
CA VAL B 578 69.64 25.78 -8.57
C VAL B 578 70.69 24.80 -9.10
N ALA B 579 71.95 25.18 -8.98
CA ALA B 579 73.05 24.33 -9.41
C ALA B 579 73.61 23.53 -8.24
N LEU B 580 73.39 22.22 -8.26
CA LEU B 580 73.83 21.36 -7.17
C LEU B 580 75.01 20.47 -7.57
N ASN B 581 75.70 19.94 -6.58
CA ASN B 581 76.83 19.04 -6.79
C ASN B 581 77.88 19.64 -7.72
N ILE B 582 78.11 20.95 -7.61
CA ILE B 582 79.13 21.57 -8.45
C ILE B 582 80.53 21.42 -7.85
N LYS B 583 81.28 20.48 -8.41
CA LYS B 583 82.67 20.27 -8.02
C LYS B 583 83.51 21.36 -8.68
N SER B 584 84.65 21.71 -8.08
CA SER B 584 85.61 22.66 -8.68
C SER B 584 85.04 24.04 -9.05
N ALA B 585 85.90 25.05 -9.02
CA ALA B 585 85.51 26.40 -9.39
C ALA B 585 85.24 26.48 -10.90
N ALA B 586 85.69 25.47 -11.63
CA ALA B 586 85.43 25.39 -13.07
C ALA B 586 83.92 25.31 -13.33
N LYS B 587 83.30 24.26 -12.79
CA LYS B 587 81.86 24.05 -12.92
C LYS B 587 81.06 25.21 -12.29
N LEU B 588 81.61 25.81 -11.24
CA LEU B 588 80.94 26.90 -10.55
C LEU B 588 80.74 28.11 -11.44
N LYS B 589 81.82 28.50 -12.13
CA LYS B 589 81.76 29.66 -12.99
C LYS B 589 80.83 29.40 -14.19
N LYS B 590 80.77 28.14 -14.62
CA LYS B 590 79.91 27.75 -15.74
C LYS B 590 78.44 27.75 -15.34
N ALA B 591 78.15 27.20 -14.17
CA ALA B 591 76.79 27.18 -13.63
C ALA B 591 76.28 28.60 -13.35
N TRP B 592 77.18 29.48 -12.94
CA TRP B 592 76.83 30.87 -12.75
C TRP B 592 76.58 31.51 -14.12
N GLY B 593 77.36 31.08 -15.10
CA GLY B 593 77.22 31.58 -16.45
C GLY B 593 75.85 31.27 -17.02
N LYS B 594 75.29 30.12 -16.62
CA LYS B 594 74.02 29.67 -17.15
C LYS B 594 72.82 30.29 -16.43
N MET B 595 73.07 31.05 -15.37
CA MET B 595 71.99 31.59 -14.56
C MET B 595 71.85 33.10 -14.65
N GLU B 596 72.62 33.72 -15.55
CA GLU B 596 72.60 35.18 -15.67
C GLU B 596 71.27 35.74 -16.16
N HIS B 597 70.61 35.03 -17.07
CA HIS B 597 69.34 35.49 -17.62
C HIS B 597 68.31 35.77 -16.52
N LEU B 598 68.24 34.89 -15.53
CA LEU B 598 67.51 35.21 -14.32
C LEU B 598 68.20 36.42 -13.69
N ASN B 599 67.66 37.61 -13.92
CA ASN B 599 68.26 38.84 -13.42
C ASN B 599 68.25 38.76 -11.90
N SER B 600 69.22 38.05 -11.33
CA SER B 600 69.22 37.74 -9.91
C SER B 600 69.98 38.85 -9.19
N PRO B 601 69.36 39.43 -8.14
CA PRO B 601 69.97 40.50 -7.36
C PRO B 601 71.24 40.02 -6.64
N TYR B 602 71.07 39.17 -5.63
CA TYR B 602 72.21 38.56 -4.98
C TYR B 602 72.10 37.04 -5.10
N TYR B 603 73.23 36.35 -5.11
CA TYR B 603 73.23 34.89 -5.15
C TYR B 603 73.52 34.34 -3.76
N LEU B 604 73.27 33.04 -3.58
CA LEU B 604 73.55 32.38 -2.32
C LEU B 604 74.29 31.07 -2.57
N ILE B 605 75.36 30.84 -1.83
CA ILE B 605 76.09 29.58 -1.93
C ILE B 605 76.14 28.91 -0.57
N GLN B 606 75.97 27.60 -0.57
CA GLN B 606 75.95 26.81 0.65
C GLN B 606 76.64 25.48 0.42
N GLU B 607 76.99 24.78 1.50
CA GLU B 607 77.60 23.46 1.39
C GLU B 607 76.62 22.57 0.66
N MET B 608 77.09 21.45 0.14
CA MET B 608 76.21 20.51 -0.51
C MET B 608 75.80 19.45 0.51
N VAL B 609 74.88 19.81 1.40
CA VAL B 609 74.45 18.92 2.47
C VAL B 609 74.26 17.48 1.98
N THR B 610 75.22 16.63 2.36
CA THR B 610 75.47 15.33 1.72
C THR B 610 74.34 14.36 1.39
N ASP B 611 73.73 13.77 2.41
CA ASP B 611 72.68 12.79 2.23
C ASP B 611 71.80 12.90 3.44
N GLY B 612 70.50 12.71 3.25
CA GLY B 612 69.55 12.79 4.35
C GLY B 612 68.13 12.80 3.82
N PHE B 613 67.23 12.12 4.51
CA PHE B 613 65.85 12.00 4.05
C PHE B 613 65.15 13.35 3.97
N GLU B 614 64.50 13.61 2.84
CA GLU B 614 63.87 14.90 2.58
C GLU B 614 62.43 14.97 3.06
N THR B 615 62.15 15.90 3.95
CA THR B 615 60.79 16.14 4.41
C THR B 615 60.40 17.59 4.16
N ILE B 616 59.13 17.88 4.36
CA ILE B 616 58.68 19.25 4.30
C ILE B 616 58.07 19.61 5.64
N LEU B 617 58.45 20.78 6.15
CA LEU B 617 57.98 21.23 7.46
C LEU B 617 57.58 22.69 7.35
N ALA B 618 56.32 22.98 7.62
CA ALA B 618 55.81 24.33 7.47
C ALA B 618 54.62 24.59 8.36
N TYR B 619 54.10 25.81 8.26
CA TYR B 619 52.84 26.19 8.90
C TYR B 619 52.19 27.24 8.02
N ARG B 620 50.88 27.31 8.06
CA ARG B 620 50.14 28.29 7.29
C ARG B 620 49.14 28.95 8.22
N THR B 621 48.71 30.15 7.86
CA THR B 621 47.71 30.83 8.66
C THR B 621 46.36 30.64 8.03
N ASP B 622 45.48 29.97 8.75
CA ASP B 622 44.12 29.83 8.30
C ASP B 622 43.31 31.08 8.62
N MET B 623 42.67 31.62 7.60
CA MET B 623 41.87 32.84 7.67
C MET B 623 40.87 32.86 8.83
N ASN B 624 40.31 31.71 9.18
CA ASN B 624 39.34 31.66 10.27
C ASN B 624 39.89 31.07 11.57
N TYR B 625 40.80 30.10 11.45
CA TYR B 625 41.15 29.27 12.61
C TYR B 625 42.52 29.53 13.21
N GLY B 626 43.42 30.12 12.43
CA GLY B 626 44.76 30.39 12.92
C GLY B 626 45.84 29.49 12.35
N PRO B 627 46.89 29.24 13.17
CA PRO B 627 48.05 28.51 12.67
C PRO B 627 47.80 27.01 12.55
N VAL B 628 48.33 26.40 11.49
CA VAL B 628 48.31 24.96 11.34
C VAL B 628 49.68 24.53 10.82
N VAL B 629 50.18 23.43 11.35
CA VAL B 629 51.48 22.92 10.92
C VAL B 629 51.31 21.81 9.91
N ILE B 630 52.13 21.84 8.87
CA ILE B 630 52.13 20.80 7.83
C ILE B 630 53.47 20.07 7.83
N PHE B 631 53.41 18.75 7.78
CA PHE B 631 54.63 17.93 7.83
C PHE B 631 54.50 16.63 7.02
N GLY B 632 55.50 16.37 6.16
CA GLY B 632 55.48 15.16 5.38
C GLY B 632 56.60 14.97 4.36
N LEU B 633 56.36 14.08 3.42
CA LEU B 633 57.33 13.83 2.37
C LEU B 633 57.60 15.14 1.66
N GLY B 634 58.88 15.51 1.59
CA GLY B 634 59.29 16.80 1.06
C GLY B 634 60.15 16.69 -0.17
N GLY B 635 60.86 17.77 -0.51
CA GLY B 635 61.71 17.80 -1.68
C GLY B 635 61.01 18.37 -2.89
N ILE B 636 61.73 18.41 -4.02
CA ILE B 636 61.22 18.94 -5.26
C ILE B 636 59.90 18.26 -5.67
N TYR B 637 59.78 16.99 -5.34
CA TYR B 637 58.61 16.21 -5.72
C TYR B 637 57.52 16.18 -4.64
N THR B 638 57.57 17.13 -3.72
CA THR B 638 56.63 17.13 -2.59
C THR B 638 55.15 17.04 -3.00
N GLU B 639 54.69 17.93 -3.88
CA GLU B 639 53.29 17.89 -4.33
C GLU B 639 52.90 16.61 -5.07
N LEU B 640 53.88 15.90 -5.64
CA LEU B 640 53.57 14.62 -6.28
C LEU B 640 53.48 13.50 -5.24
N PHE B 641 54.29 13.58 -4.19
CA PHE B 641 54.16 12.62 -3.10
C PHE B 641 52.79 12.80 -2.47
N ASN B 642 52.40 14.06 -2.32
CA ASN B 642 51.11 14.42 -1.74
C ASN B 642 50.79 13.61 -0.49
N GLU B 643 51.69 13.67 0.48
CA GLU B 643 51.55 12.88 1.70
C GLU B 643 52.05 13.70 2.87
N VAL B 644 51.13 14.29 3.64
CA VAL B 644 51.50 15.07 4.80
C VAL B 644 50.53 14.79 5.94
N VAL B 645 50.87 15.29 7.13
CA VAL B 645 49.95 15.28 8.25
C VAL B 645 49.90 16.66 8.87
N LEU B 646 48.76 16.99 9.47
CA LEU B 646 48.54 18.31 10.03
C LEU B 646 48.44 18.24 11.54
N ALA B 647 48.71 19.36 12.18
CA ALA B 647 48.62 19.43 13.62
C ALA B 647 48.49 20.90 13.98
N VAL B 648 47.60 21.19 14.93
CA VAL B 648 47.42 22.53 15.44
C VAL B 648 48.32 22.67 16.66
N PRO B 649 49.16 23.71 16.66
CA PRO B 649 50.04 23.98 17.80
C PRO B 649 49.24 24.36 19.03
N PRO B 650 49.85 24.23 20.22
CA PRO B 650 51.22 23.75 20.34
C PRO B 650 51.29 22.25 20.09
N ILE B 651 52.44 21.75 19.64
CA ILE B 651 52.58 20.31 19.40
C ILE B 651 53.40 19.68 20.53
N THR B 652 52.85 18.67 21.17
CA THR B 652 53.56 17.97 22.24
C THR B 652 54.65 17.12 21.61
N HIS B 653 55.65 16.76 22.42
CA HIS B 653 56.69 15.86 21.95
C HIS B 653 56.09 14.54 21.50
N LYS B 654 55.10 14.05 22.26
CA LYS B 654 54.47 12.78 21.94
C LYS B 654 53.80 12.86 20.56
N LYS B 655 53.13 13.97 20.33
CA LYS B 655 52.35 14.18 19.12
C LYS B 655 53.25 14.24 17.88
N ALA B 656 54.37 14.95 18.00
CA ALA B 656 55.33 15.04 16.90
C ALA B 656 55.84 13.65 16.52
N GLU B 657 56.11 12.82 17.50
CA GLU B 657 56.59 11.47 17.25
C GLU B 657 55.54 10.69 16.48
N GLN B 658 54.28 10.81 16.90
CA GLN B 658 53.19 10.12 16.22
C GLN B 658 53.06 10.62 14.77
N MET B 659 53.27 11.91 14.56
CA MET B 659 53.23 12.46 13.21
C MET B 659 54.25 11.80 12.31
N VAL B 660 55.49 11.71 12.78
CA VAL B 660 56.55 11.05 12.03
C VAL B 660 56.20 9.59 11.72
N LYS B 661 55.80 8.84 12.74
CA LYS B 661 55.53 7.41 12.59
C LYS B 661 54.30 7.12 11.74
N SER B 662 53.51 8.15 11.46
CA SER B 662 52.26 7.96 10.72
C SER B 662 52.47 8.02 9.22
N ILE B 663 53.68 8.33 8.80
CA ILE B 663 54.01 8.27 7.38
C ILE B 663 55.02 7.15 7.09
N PRO B 664 54.52 6.01 6.57
CA PRO B 664 55.29 4.78 6.39
C PRO B 664 56.68 5.02 5.81
N MET B 665 56.73 5.50 4.57
CA MET B 665 58.01 5.72 3.92
C MET B 665 58.92 6.67 4.69
N LEU B 666 58.34 7.64 5.39
CA LEU B 666 59.12 8.54 6.21
C LEU B 666 59.69 7.78 7.40
N TRP B 667 58.80 7.09 8.12
CA TRP B 667 59.13 6.37 9.35
C TRP B 667 60.09 5.20 9.15
N LYS B 668 59.78 4.33 8.20
CA LYS B 668 60.63 3.19 7.91
C LYS B 668 62.03 3.65 7.49
N SER B 669 62.11 4.88 6.96
CA SER B 669 63.40 5.46 6.61
C SER B 669 64.17 5.93 7.84
N ILE B 670 63.44 6.44 8.84
CA ILE B 670 64.08 6.88 10.09
C ILE B 670 64.66 5.69 10.84
N GLU B 671 63.91 4.58 10.84
CA GLU B 671 64.39 3.36 11.46
C GLU B 671 65.59 2.83 10.70
N GLY B 672 65.78 3.34 9.48
CA GLY B 672 66.84 2.86 8.61
C GLY B 672 66.32 1.74 7.74
N TYR B 673 66.07 2.06 6.46
CA TYR B 673 65.41 1.12 5.56
C TYR B 673 66.40 0.24 4.80
N ARG B 674 66.08 -1.05 4.73
CA ARG B 674 66.87 -2.00 3.96
C ARG B 674 68.38 -1.78 4.04
N GLY B 675 68.90 -1.69 5.25
CA GLY B 675 70.34 -1.60 5.45
C GLY B 675 70.87 -0.19 5.33
N ASN B 676 70.10 0.76 5.84
CA ASN B 676 70.52 2.15 5.81
C ASN B 676 70.51 2.77 7.21
N PRO B 677 71.43 3.72 7.44
CA PRO B 677 71.63 4.24 8.80
C PRO B 677 70.38 4.90 9.35
N ALA B 678 70.10 4.66 10.62
CA ALA B 678 68.94 5.24 11.27
C ALA B 678 69.14 6.73 11.48
N LEU B 679 68.15 7.52 11.05
CA LEU B 679 68.24 8.97 11.10
C LEU B 679 67.91 9.51 12.47
N ASP B 680 68.10 10.81 12.64
CA ASP B 680 67.96 11.46 13.94
C ASP B 680 66.51 11.78 14.31
N LEU B 681 65.76 10.76 14.71
CA LEU B 681 64.35 10.95 15.05
C LEU B 681 64.20 12.12 16.01
N GLU B 682 65.01 12.11 17.07
CA GLU B 682 64.84 13.08 18.14
C GLU B 682 65.04 14.52 17.67
N ALA B 683 65.86 14.70 16.63
CA ALA B 683 66.11 16.04 16.10
C ALA B 683 64.92 16.49 15.25
N LEU B 684 64.36 15.54 14.50
CA LEU B 684 63.18 15.76 13.68
C LEU B 684 61.99 16.10 14.58
N THR B 685 61.76 15.27 15.58
CA THR B 685 60.71 15.53 16.56
C THR B 685 60.79 16.95 17.13
N ALA B 686 61.98 17.37 17.54
CA ALA B 686 62.12 18.71 18.13
C ALA B 686 61.81 19.80 17.13
N SER B 687 62.24 19.58 15.88
CA SER B 687 62.04 20.59 14.85
C SER B 687 60.54 20.81 14.58
N ILE B 688 59.77 19.71 14.56
CA ILE B 688 58.32 19.80 14.44
C ILE B 688 57.72 20.63 15.57
N VAL B 689 58.06 20.27 16.81
CA VAL B 689 57.61 21.05 17.96
C VAL B 689 57.96 22.53 17.80
N GLN B 690 59.17 22.78 17.30
CA GLN B 690 59.65 24.15 17.19
C GLN B 690 58.87 24.90 16.13
N MET B 691 58.59 24.24 15.02
CA MET B 691 57.75 24.86 14.00
C MET B 691 56.41 25.23 14.61
N GLY B 692 55.91 24.38 15.50
CA GLY B 692 54.67 24.66 16.21
C GLY B 692 54.72 25.95 17.00
N GLU B 693 55.82 26.19 17.71
CA GLU B 693 55.89 27.39 18.54
C GLU B 693 56.10 28.66 17.74
N THR B 694 56.87 28.57 16.67
CA THR B 694 57.05 29.70 15.77
C THR B 694 55.72 30.09 15.16
N ALA B 695 54.95 29.07 14.77
CA ALA B 695 53.66 29.27 14.16
C ALA B 695 52.76 30.04 15.10
N MET B 696 52.74 29.64 16.37
CA MET B 696 51.92 30.32 17.37
C MET B 696 52.34 31.77 17.50
N GLU B 697 53.62 32.00 17.29
CA GLU B 697 54.22 33.32 17.47
C GLU B 697 53.94 34.25 16.30
N LYS B 698 54.02 33.75 15.08
CA LYS B 698 54.09 34.64 13.93
C LYS B 698 52.94 34.51 12.93
N TYR B 699 51.90 33.75 13.27
CA TYR B 699 50.85 33.44 12.30
C TYR B 699 49.99 34.64 11.88
N GLU B 700 49.80 35.60 12.76
CA GLU B 700 49.01 36.78 12.42
C GLU B 700 49.67 37.67 11.36
N GLU B 701 50.99 37.59 11.22
CA GLU B 701 51.70 38.46 10.29
C GLU B 701 52.25 37.68 9.10
N ILE B 702 52.97 36.61 9.39
CA ILE B 702 53.48 35.72 8.37
C ILE B 702 52.47 34.60 8.18
N VAL B 703 51.91 34.49 6.98
CA VAL B 703 50.84 33.51 6.72
C VAL B 703 51.33 32.22 6.05
N GLU B 704 52.57 32.25 5.56
CA GLU B 704 53.23 31.05 5.04
C GLU B 704 54.67 31.01 5.53
N PHE B 705 55.08 29.89 6.07
CA PHE B 705 56.46 29.69 6.48
C PHE B 705 56.80 28.24 6.24
N GLU B 706 57.69 27.98 5.31
CA GLU B 706 57.89 26.60 4.83
C GLU B 706 59.35 26.22 4.65
N ILE B 707 59.70 25.02 5.08
CA ILE B 707 61.05 24.51 4.91
C ILE B 707 60.98 23.32 3.97
N ASN B 708 61.27 23.55 2.70
CA ASN B 708 61.29 22.44 1.76
C ASN B 708 62.54 22.41 0.89
N PRO B 709 63.41 21.42 1.11
CA PRO B 709 63.22 20.33 2.09
C PRO B 709 63.91 20.59 3.41
N LEU B 710 63.36 20.02 4.48
CA LEU B 710 64.08 19.87 5.73
C LEU B 710 64.71 18.49 5.72
N SER B 711 66.03 18.46 5.64
CA SER B 711 66.79 17.22 5.49
C SER B 711 67.10 16.58 6.84
N VAL B 712 66.71 15.32 6.99
CA VAL B 712 66.91 14.56 8.21
C VAL B 712 68.10 13.61 8.04
N ARG B 713 69.05 13.69 8.95
CA ARG B 713 70.30 12.94 8.81
C ARG B 713 70.58 12.05 10.01
N VAL B 714 71.72 11.35 9.98
CA VAL B 714 72.14 10.53 11.11
C VAL B 714 72.20 11.40 12.36
N LYS B 715 72.69 12.62 12.18
CA LYS B 715 72.77 13.57 13.28
C LYS B 715 72.22 14.91 12.83
N GLY B 716 71.24 15.42 13.59
CA GLY B 716 70.64 16.70 13.29
C GLY B 716 69.70 16.70 12.10
N VAL B 717 69.02 17.82 11.90
CA VAL B 717 68.17 18.03 10.74
C VAL B 717 68.56 19.35 10.13
N VAL B 718 68.59 19.44 8.80
CA VAL B 718 69.07 20.66 8.14
C VAL B 718 68.04 21.33 7.23
N ALA B 719 67.82 22.62 7.44
CA ALA B 719 66.89 23.40 6.62
C ALA B 719 67.56 23.89 5.34
N LEU B 720 67.55 23.05 4.29
CA LEU B 720 68.20 23.39 3.03
C LEU B 720 67.60 24.64 2.39
N ASP B 721 66.29 24.83 2.54
CA ASP B 721 65.60 25.95 1.91
C ASP B 721 64.64 26.57 2.90
N VAL B 722 64.18 27.78 2.59
CA VAL B 722 63.14 28.41 3.38
C VAL B 722 62.34 29.30 2.44
N LEU B 723 61.09 29.56 2.82
CA LEU B 723 60.20 30.39 2.03
C LEU B 723 59.13 30.90 2.96
N ALA B 724 58.96 32.21 3.01
CA ALA B 724 57.90 32.80 3.82
C ALA B 724 57.11 33.80 3.00
N SER B 725 55.83 33.95 3.32
CA SER B 725 54.96 34.92 2.66
C SER B 725 54.10 35.67 3.66
N VAL B 726 53.73 36.89 3.29
CA VAL B 726 53.00 37.75 4.19
C VAL B 726 51.74 38.32 3.50
N LYS B 727 50.79 38.75 4.33
CA LYS B 727 49.58 39.52 3.92
C LYS B 727 48.23 38.95 4.39
N ALA C 35 -14.20 -19.51 42.86
CA ALA C 35 -14.10 -20.42 41.72
C ALA C 35 -15.22 -21.48 41.73
N MET C 36 -16.46 -21.01 41.66
CA MET C 36 -17.63 -21.86 41.89
C MET C 36 -18.61 -22.00 40.72
N LYS C 37 -18.46 -21.17 39.68
CA LYS C 37 -19.31 -21.20 38.47
C LYS C 37 -19.58 -19.80 37.97
N LYS C 38 -20.16 -18.97 38.85
CA LYS C 38 -20.38 -17.55 38.57
C LYS C 38 -19.03 -16.89 38.31
N GLU C 39 -18.10 -17.10 39.22
CA GLU C 39 -16.78 -16.48 39.13
C GLU C 39 -16.01 -16.96 37.90
N ASN C 40 -16.08 -18.26 37.63
CA ASN C 40 -15.29 -18.83 36.53
C ASN C 40 -15.72 -18.33 35.16
N LEU C 41 -17.01 -18.06 35.02
CA LEU C 41 -17.58 -17.52 33.79
C LEU C 41 -16.92 -16.19 33.39
N LYS C 42 -16.54 -15.39 34.38
CA LYS C 42 -15.98 -14.08 34.12
C LYS C 42 -14.64 -14.06 33.37
N ILE C 43 -13.85 -15.12 33.51
CA ILE C 43 -12.57 -15.19 32.83
C ILE C 43 -12.79 -15.03 31.31
N LEU C 44 -13.96 -15.48 30.83
CA LEU C 44 -14.30 -15.36 29.41
C LEU C 44 -14.13 -13.95 28.87
N ALA C 45 -14.30 -12.94 29.72
CA ALA C 45 -14.22 -11.54 29.28
C ALA C 45 -12.99 -10.84 29.84
N LYS C 46 -12.10 -11.60 30.46
CA LYS C 46 -10.95 -11.01 31.15
C LYS C 46 -9.66 -11.64 30.65
N LYS C 47 -8.58 -11.42 31.38
CA LYS C 47 -7.25 -11.88 30.99
C LYS C 47 -6.92 -13.28 31.55
N ALA C 48 -6.75 -14.24 30.65
CA ALA C 48 -6.28 -15.55 31.08
C ALA C 48 -4.76 -15.53 31.05
N GLN C 49 -4.14 -15.95 32.15
CA GLN C 49 -2.69 -16.00 32.22
C GLN C 49 -2.10 -17.30 31.62
N THR C 50 -2.88 -18.38 31.63
CA THR C 50 -2.34 -19.66 31.20
C THR C 50 -3.38 -20.43 30.40
N ILE C 51 -2.91 -21.14 29.39
CA ILE C 51 -3.78 -21.97 28.60
C ILE C 51 -3.16 -23.37 28.48
N ALA C 52 -3.99 -24.40 28.55
CA ALA C 52 -3.49 -25.74 28.32
C ALA C 52 -4.23 -26.32 27.13
N ILE C 53 -3.49 -26.83 26.15
CA ILE C 53 -4.09 -27.50 25.01
C ILE C 53 -3.92 -29.02 25.20
N VAL C 54 -5.03 -29.72 25.36
CA VAL C 54 -5.01 -31.15 25.67
C VAL C 54 -5.29 -31.97 24.40
N GLY C 55 -4.32 -32.79 24.01
CA GLY C 55 -4.41 -33.51 22.76
C GLY C 55 -3.70 -32.72 21.68
N ALA C 56 -2.88 -31.75 22.10
CA ALA C 56 -2.02 -31.02 21.17
C ALA C 56 -1.17 -31.96 20.30
N ASN C 57 -1.17 -31.70 19.00
CA ASN C 57 -0.34 -32.48 18.08
C ASN C 57 0.05 -31.63 16.88
N TYR C 58 0.36 -32.29 15.77
CA TYR C 58 0.90 -31.61 14.59
C TYR C 58 -0.18 -31.24 13.59
N ARG C 59 -1.42 -31.53 13.95
CA ARG C 59 -2.58 -31.33 13.09
C ARG C 59 -3.08 -29.88 13.16
N PHE C 60 -4.06 -29.55 12.31
CA PHE C 60 -4.50 -28.17 12.10
C PHE C 60 -4.95 -27.41 13.34
N ALA C 61 -5.81 -28.03 14.15
CA ALA C 61 -6.38 -27.34 15.29
C ALA C 61 -5.28 -26.78 16.18
N THR C 62 -4.34 -27.62 16.58
CA THR C 62 -3.21 -27.19 17.41
C THR C 62 -2.36 -26.13 16.72
N ARG C 63 -2.14 -26.33 15.41
CA ARG C 63 -1.27 -25.48 14.62
C ARG C 63 -1.81 -24.06 14.61
N VAL C 64 -3.10 -23.93 14.33
CA VAL C 64 -3.71 -22.62 14.17
C VAL C 64 -3.91 -21.95 15.53
N LEU C 65 -4.19 -22.76 16.55
CA LEU C 65 -4.27 -22.26 17.93
C LEU C 65 -2.96 -21.59 18.31
N LEU C 66 -1.85 -22.29 18.07
CA LEU C 66 -0.52 -21.74 18.38
C LEU C 66 -0.17 -20.53 17.52
N GLU C 67 -0.49 -20.59 16.24
CA GLU C 67 -0.23 -19.46 15.36
C GLU C 67 -1.05 -18.26 15.83
N ASN C 68 -2.30 -18.51 16.22
CA ASN C 68 -3.17 -17.43 16.71
C ASN C 68 -2.60 -16.75 17.94
N LEU C 69 -2.19 -17.55 18.92
CA LEU C 69 -1.70 -17.03 20.18
C LEU C 69 -0.42 -16.22 19.96
N ASP C 70 0.42 -16.72 19.07
CA ASP C 70 1.69 -16.06 18.74
C ASP C 70 1.46 -14.75 17.97
N LYS C 71 0.66 -14.81 16.91
CA LYS C 71 0.43 -13.67 16.04
C LYS C 71 -0.43 -12.59 16.68
N MET C 72 -1.32 -12.98 17.57
CA MET C 72 -2.10 -12.01 18.36
C MET C 72 -1.36 -11.60 19.64
N ASP C 73 -0.08 -11.95 19.75
CA ASP C 73 0.77 -11.51 20.87
C ASP C 73 0.21 -11.87 22.25
N PHE C 74 -0.21 -13.11 22.44
CA PHE C 74 -0.55 -13.60 23.76
C PHE C 74 0.67 -13.48 24.68
N THR C 75 0.50 -12.91 25.86
CA THR C 75 1.64 -12.75 26.79
C THR C 75 1.61 -13.74 27.95
N GLY C 76 0.64 -14.64 27.95
CA GLY C 76 0.55 -15.61 29.03
C GLY C 76 1.45 -16.81 28.78
N THR C 77 1.20 -17.91 29.48
CA THR C 77 1.98 -19.12 29.26
C THR C 77 1.11 -20.19 28.58
N ILE C 78 1.66 -20.81 27.53
CA ILE C 78 0.96 -21.87 26.82
C ILE C 78 1.46 -23.25 27.24
N TYR C 79 0.56 -24.11 27.66
CA TYR C 79 0.93 -25.48 28.01
C TYR C 79 0.33 -26.48 27.02
N LEU C 80 1.17 -27.40 26.55
CA LEU C 80 0.74 -28.47 25.65
C LEU C 80 0.67 -29.82 26.37
N VAL C 81 -0.41 -30.56 26.17
CA VAL C 81 -0.54 -31.86 26.80
C VAL C 81 -0.88 -32.94 25.78
N ASN C 82 -0.04 -33.96 25.74
CA ASN C 82 -0.27 -35.12 24.91
C ASN C 82 0.70 -36.21 25.35
N PRO C 83 0.17 -37.34 25.83
CA PRO C 83 1.04 -38.43 26.28
C PRO C 83 2.08 -38.87 25.23
N ARG C 84 1.83 -38.59 23.96
CA ARG C 84 2.69 -39.11 22.88
C ARG C 84 3.90 -38.23 22.51
N TYR C 85 3.94 -36.99 22.95
CA TYR C 85 4.98 -36.05 22.51
C TYR C 85 5.70 -35.33 23.64
N GLU C 86 7.03 -35.30 23.55
CA GLU C 86 7.88 -34.57 24.48
C GLU C 86 7.82 -33.11 24.10
N ASN C 87 7.59 -32.87 22.81
CA ASN C 87 7.50 -31.52 22.28
C ASN C 87 6.70 -31.47 20.99
N ILE C 88 6.20 -30.29 20.67
CA ILE C 88 5.58 -30.04 19.37
C ILE C 88 6.23 -28.81 18.74
N ASP C 89 6.95 -29.07 17.64
CA ASP C 89 7.73 -28.04 16.96
C ASP C 89 8.71 -27.35 17.91
N GLY C 90 9.19 -28.08 18.92
CA GLY C 90 10.13 -27.50 19.87
C GLY C 90 9.46 -26.93 21.10
N VAL C 91 8.14 -26.83 21.08
CA VAL C 91 7.40 -26.39 22.26
C VAL C 91 7.23 -27.56 23.23
N ARG C 92 7.47 -27.31 24.52
CA ARG C 92 7.44 -28.37 25.52
C ARG C 92 6.03 -28.93 25.65
N CYS C 93 5.91 -30.26 25.58
CA CYS C 93 4.61 -30.92 25.73
C CYS C 93 4.60 -31.85 26.96
N TYR C 94 3.58 -31.71 27.80
CA TYR C 94 3.44 -32.53 29.01
C TYR C 94 2.63 -33.77 28.70
N GLN C 95 2.76 -34.80 29.54
CA GLN C 95 2.06 -36.04 29.28
C GLN C 95 0.74 -36.05 30.06
N SER C 96 0.61 -35.13 31.00
CA SER C 96 -0.58 -35.05 31.83
C SER C 96 -0.77 -33.66 32.42
N LEU C 97 -2.03 -33.23 32.50
CA LEU C 97 -2.36 -31.97 33.11
C LEU C 97 -1.76 -31.92 34.52
N LEU C 98 -1.73 -33.07 35.19
CA LEU C 98 -1.24 -33.17 36.57
C LEU C 98 0.26 -32.86 36.71
N GLU C 99 0.98 -32.80 35.61
CA GLU C 99 2.44 -32.62 35.70
C GLU C 99 2.85 -31.19 35.40
N ILE C 100 1.85 -30.35 35.14
CA ILE C 100 2.09 -28.92 34.95
C ILE C 100 2.14 -28.23 36.31
N GLU C 101 3.25 -27.54 36.57
CA GLU C 101 3.45 -26.85 37.83
C GLU C 101 3.03 -25.37 37.74
N ASP C 102 1.72 -25.15 37.64
CA ASP C 102 1.19 -23.82 37.42
C ASP C 102 -0.31 -23.89 37.58
N THR C 103 -0.96 -22.74 37.64
CA THR C 103 -2.41 -22.70 37.67
C THR C 103 -2.87 -22.59 36.23
N ILE C 104 -3.88 -23.39 35.86
CA ILE C 104 -4.41 -23.37 34.52
C ILE C 104 -5.76 -22.67 34.52
N ASP C 105 -5.85 -21.56 33.81
CA ASP C 105 -7.10 -20.81 33.72
C ASP C 105 -8.01 -21.45 32.67
N VAL C 106 -7.50 -21.68 31.47
CA VAL C 106 -8.35 -22.17 30.39
C VAL C 106 -7.78 -23.42 29.72
N VAL C 107 -8.61 -24.43 29.52
CA VAL C 107 -8.17 -25.64 28.83
C VAL C 107 -8.90 -25.71 27.52
N VAL C 108 -8.18 -26.00 26.43
CA VAL C 108 -8.81 -26.32 25.15
C VAL C 108 -8.67 -27.81 24.89
N GLY C 109 -9.79 -28.50 24.75
CA GLY C 109 -9.75 -29.93 24.58
C GLY C 109 -9.86 -30.28 23.11
N LEU C 110 -8.89 -31.02 22.58
CA LEU C 110 -8.88 -31.40 21.16
C LEU C 110 -8.96 -32.91 20.94
N VAL C 111 -9.08 -33.69 22.03
CA VAL C 111 -9.20 -35.14 21.90
C VAL C 111 -10.60 -35.50 21.42
N ASN C 112 -10.81 -36.75 21.04
CA ASN C 112 -12.10 -37.14 20.49
C ASN C 112 -13.16 -37.15 21.59
N PRO C 113 -14.45 -37.14 21.20
CA PRO C 113 -15.52 -36.95 22.20
C PRO C 113 -15.45 -37.97 23.34
N GLN C 114 -15.05 -39.21 23.06
CA GLN C 114 -15.05 -40.19 24.12
C GLN C 114 -13.99 -39.85 25.17
N LEU C 115 -12.80 -39.48 24.71
CA LEU C 115 -11.72 -39.14 25.62
C LEU C 115 -11.98 -37.84 26.38
N MET C 116 -12.86 -36.99 25.87
CA MET C 116 -13.06 -35.65 26.42
C MET C 116 -13.63 -35.73 27.83
N ILE C 117 -14.36 -36.80 28.11
CA ILE C 117 -14.92 -37.00 29.43
C ILE C 117 -13.84 -37.00 30.52
N GLN C 118 -12.81 -37.81 30.33
CA GLN C 118 -11.73 -37.87 31.30
C GLN C 118 -10.97 -36.54 31.36
N VAL C 119 -10.88 -35.89 30.21
CA VAL C 119 -10.21 -34.58 30.12
C VAL C 119 -10.94 -33.54 30.98
N ALA C 120 -12.27 -33.55 30.90
CA ALA C 120 -13.10 -32.66 31.72
C ALA C 120 -12.86 -32.93 33.19
N SER C 121 -12.82 -34.21 33.53
CA SER C 121 -12.57 -34.62 34.90
C SER C 121 -11.22 -34.10 35.39
N ASN C 122 -10.20 -34.23 34.55
CA ASN C 122 -8.86 -33.76 34.89
C ASN C 122 -8.73 -32.25 34.97
N ALA C 123 -9.34 -31.55 34.02
CA ALA C 123 -9.34 -30.09 34.06
C ALA C 123 -10.10 -29.57 35.29
N SER C 124 -11.18 -30.27 35.63
CA SER C 124 -11.94 -29.90 36.82
C SER C 124 -11.08 -30.09 38.08
N LYS C 125 -10.38 -31.22 38.15
CA LYS C 125 -9.52 -31.51 39.30
C LYS C 125 -8.47 -30.43 39.58
N ILE C 126 -7.92 -29.83 38.54
CA ILE C 126 -6.95 -28.77 38.76
C ILE C 126 -7.61 -27.40 38.79
N ASN C 127 -8.94 -27.42 38.82
CA ASN C 127 -9.73 -26.19 38.96
C ASN C 127 -9.58 -25.25 37.77
N ALA C 128 -9.55 -25.80 36.57
CA ALA C 128 -9.58 -24.96 35.38
C ALA C 128 -10.89 -24.18 35.42
N LYS C 129 -10.83 -22.89 35.10
CA LYS C 129 -12.04 -22.08 35.11
C LYS C 129 -12.95 -22.42 33.93
N VAL C 130 -12.34 -22.75 32.80
CA VAL C 130 -13.10 -22.98 31.56
C VAL C 130 -12.46 -24.08 30.73
N LEU C 131 -13.30 -24.94 30.20
CA LEU C 131 -12.86 -25.98 29.28
C LEU C 131 -13.51 -25.69 27.92
N VAL C 132 -12.71 -25.45 26.89
CA VAL C 132 -13.25 -25.16 25.56
C VAL C 132 -13.21 -26.40 24.68
N ILE C 133 -14.34 -26.72 24.07
CA ILE C 133 -14.45 -27.95 23.29
C ILE C 133 -14.91 -27.61 21.88
N PRO C 134 -13.96 -27.32 20.99
CA PRO C 134 -14.30 -26.85 19.63
C PRO C 134 -14.95 -27.96 18.79
N GLY C 135 -14.47 -29.19 18.99
CA GLY C 135 -14.83 -30.31 18.14
C GLY C 135 -16.28 -30.69 18.14
N GLY C 136 -16.70 -31.40 17.09
CA GLY C 136 -18.04 -31.92 17.00
C GLY C 136 -18.11 -33.36 17.47
N GLY C 137 -19.31 -33.92 17.43
CA GLY C 137 -19.54 -35.28 17.89
C GLY C 137 -20.18 -35.35 19.27
N TYR C 138 -20.98 -34.36 19.62
CA TYR C 138 -21.60 -34.30 20.94
C TYR C 138 -23.13 -34.18 20.82
N GLY C 139 -23.72 -33.33 21.64
CA GLY C 139 -25.17 -33.20 21.69
C GLY C 139 -25.88 -33.02 20.35
N GLU C 140 -25.19 -32.44 19.38
CA GLU C 140 -25.76 -32.22 18.06
C GLU C 140 -25.92 -33.52 17.30
N SER C 141 -25.27 -34.57 17.78
CA SER C 141 -25.35 -35.88 17.15
C SER C 141 -26.45 -36.73 17.78
N GLY C 142 -26.34 -38.04 17.63
CA GLY C 142 -27.32 -38.96 18.17
C GLY C 142 -27.44 -38.84 19.68
N VAL C 143 -28.06 -39.85 20.30
CA VAL C 143 -28.24 -39.85 21.75
C VAL C 143 -26.92 -40.12 22.47
N GLU C 144 -26.00 -40.77 21.78
CA GLU C 144 -24.69 -41.08 22.35
C GLU C 144 -23.87 -39.80 22.59
N GLY C 145 -23.81 -38.95 21.57
CA GLY C 145 -23.07 -37.70 21.70
C GLY C 145 -23.61 -36.87 22.84
N GLN C 146 -24.94 -36.84 22.95
CA GLN C 146 -25.61 -36.13 24.02
C GLN C 146 -25.21 -36.68 25.38
N ASN C 147 -25.02 -38.00 25.46
CA ASN C 147 -24.67 -38.64 26.73
C ASN C 147 -23.26 -38.26 27.18
N ILE C 148 -22.34 -38.30 26.24
CA ILE C 148 -20.98 -37.82 26.49
C ILE C 148 -21.02 -36.38 27.01
N GLN C 149 -21.82 -35.54 26.35
CA GLN C 149 -21.96 -34.14 26.71
C GLN C 149 -22.49 -33.94 28.14
N ASN C 150 -23.58 -34.65 28.48
CA ASN C 150 -24.09 -34.67 29.86
C ASN C 150 -23.04 -35.14 30.88
N ALA C 151 -22.26 -36.15 30.51
CA ALA C 151 -21.20 -36.66 31.39
C ALA C 151 -20.12 -35.58 31.63
N ILE C 152 -19.74 -34.90 30.56
CA ILE C 152 -18.79 -33.80 30.67
C ILE C 152 -19.31 -32.69 31.59
N LEU C 153 -20.57 -32.30 31.39
CA LEU C 153 -21.20 -31.34 32.28
C LEU C 153 -21.12 -31.79 33.74
N GLU C 154 -21.43 -33.06 33.99
CA GLU C 154 -21.49 -33.59 35.35
C GLU C 154 -20.11 -33.51 36.00
N ARG C 155 -19.08 -33.79 35.21
CA ARG C 155 -17.72 -33.76 35.74
C ARG C 155 -17.21 -32.34 35.99
N ALA C 156 -17.67 -31.39 35.18
CA ALA C 156 -17.28 -30.00 35.39
C ALA C 156 -18.04 -29.41 36.58
N ALA C 157 -19.26 -29.90 36.80
CA ALA C 157 -20.13 -29.36 37.85
C ALA C 157 -19.51 -29.61 39.21
N ASP C 158 -18.60 -30.58 39.27
CA ASP C 158 -17.85 -30.82 40.50
C ASP C 158 -17.28 -29.50 41.06
N SER C 159 -16.51 -28.78 40.25
CA SER C 159 -15.83 -27.57 40.69
C SER C 159 -16.43 -26.30 40.12
N GLY C 160 -17.48 -26.45 39.32
CA GLY C 160 -18.10 -25.31 38.66
C GLY C 160 -17.31 -24.80 37.46
N MET C 161 -16.53 -25.69 36.84
CA MET C 161 -15.81 -25.37 35.61
C MET C 161 -16.83 -25.09 34.52
N ARG C 162 -16.62 -24.04 33.73
CA ARG C 162 -17.55 -23.76 32.64
C ARG C 162 -17.12 -24.50 31.39
N ILE C 163 -18.11 -24.82 30.56
CA ILE C 163 -17.89 -25.48 29.27
C ILE C 163 -18.30 -24.54 28.13
N VAL C 164 -17.37 -24.31 27.19
CA VAL C 164 -17.67 -23.55 26.01
C VAL C 164 -17.91 -24.51 24.84
N GLY C 165 -19.06 -24.38 24.20
CA GLY C 165 -19.45 -25.32 23.17
C GLY C 165 -20.32 -26.42 23.77
N PRO C 166 -20.05 -27.67 23.43
CA PRO C 166 -19.02 -28.01 22.43
C PRO C 166 -19.45 -27.63 21.01
N ASN C 167 -18.66 -28.04 20.04
CA ASN C 167 -19.02 -27.94 18.63
C ASN C 167 -19.04 -26.50 18.15
N CYS C 168 -17.90 -25.82 18.22
CA CYS C 168 -17.83 -24.40 17.85
C CYS C 168 -16.39 -24.03 17.61
N MET C 169 -16.12 -22.76 17.38
CA MET C 169 -14.76 -22.42 17.00
C MET C 169 -13.95 -21.90 18.16
N GLY C 170 -14.60 -21.71 19.30
CA GLY C 170 -13.93 -21.18 20.47
C GLY C 170 -14.31 -19.73 20.66
N TYR C 171 -13.40 -18.94 21.20
CA TYR C 171 -13.64 -17.51 21.30
C TYR C 171 -12.35 -16.72 21.19
N LEU C 172 -12.48 -15.41 20.99
CA LEU C 172 -11.31 -14.57 20.95
C LEU C 172 -11.56 -13.26 21.69
N ASN C 173 -10.50 -12.74 22.27
CA ASN C 173 -10.56 -11.50 23.02
C ASN C 173 -9.37 -10.66 22.62
N MET C 174 -9.58 -9.66 21.78
CA MET C 174 -8.46 -8.89 21.29
C MET C 174 -7.82 -8.04 22.38
N HIS C 175 -8.63 -7.57 23.33
CA HIS C 175 -8.05 -6.72 24.36
C HIS C 175 -7.14 -7.49 25.32
N ALA C 176 -7.37 -8.78 25.50
CA ALA C 176 -6.49 -9.58 26.35
C ALA C 176 -5.48 -10.36 25.54
N GLN C 177 -5.50 -10.17 24.23
CA GLN C 177 -4.65 -10.94 23.31
C GLN C 177 -4.82 -12.44 23.49
N PHE C 178 -6.04 -12.88 23.76
CA PHE C 178 -6.28 -14.27 24.07
C PHE C 178 -7.20 -14.86 22.99
N THR C 179 -6.75 -15.91 22.33
CA THR C 179 -7.50 -16.44 21.19
C THR C 179 -7.60 -17.98 21.14
N PRO C 180 -8.34 -18.58 22.08
CA PRO C 180 -8.63 -20.01 22.04
C PRO C 180 -9.69 -20.25 20.98
N TYR C 181 -9.24 -20.13 19.74
CA TYR C 181 -10.11 -20.03 18.58
C TYR C 181 -9.53 -20.88 17.45
N ILE C 182 -10.34 -21.76 16.90
CA ILE C 182 -9.93 -22.65 15.82
C ILE C 182 -10.36 -22.07 14.49
N GLY C 183 -9.47 -21.34 13.84
CA GLY C 183 -9.79 -20.60 12.65
C GLY C 183 -8.65 -19.63 12.46
N THR C 184 -8.25 -19.37 11.23
CA THR C 184 -7.01 -18.63 11.00
C THR C 184 -7.20 -17.15 11.29
N LEU C 185 -6.52 -16.64 12.29
CA LEU C 185 -6.68 -15.22 12.66
C LEU C 185 -5.57 -14.36 12.05
N HIS C 186 -4.43 -14.96 11.79
CA HIS C 186 -3.33 -14.22 11.15
C HIS C 186 -3.64 -13.99 9.66
N ARG C 187 -3.90 -12.74 9.31
CA ARG C 187 -4.33 -12.40 7.96
C ARG C 187 -3.58 -11.16 7.50
N PRO C 188 -2.27 -11.30 7.23
CA PRO C 188 -1.41 -10.16 6.86
C PRO C 188 -2.02 -9.25 5.78
N LEU C 189 -2.86 -9.83 4.91
CA LEU C 189 -3.48 -9.10 3.80
C LEU C 189 -4.80 -8.36 4.15
N ARG C 190 -5.37 -8.67 5.30
CA ARG C 190 -6.58 -8.00 5.78
C ARG C 190 -6.67 -8.24 7.28
N PRO C 191 -5.71 -7.66 8.04
CA PRO C 191 -5.55 -8.01 9.44
C PRO C 191 -6.76 -7.64 10.29
N ILE C 192 -6.95 -8.40 11.36
CA ILE C 192 -8.00 -8.10 12.34
C ILE C 192 -7.66 -6.81 13.06
N LYS C 193 -8.60 -5.87 13.06
CA LYS C 193 -8.41 -4.66 13.83
C LYS C 193 -9.04 -4.83 15.21
N LYS C 194 -8.33 -4.37 16.23
CA LYS C 194 -8.85 -4.32 17.59
C LYS C 194 -9.82 -3.15 17.76
N GLY C 195 -10.93 -3.38 18.47
CA GLY C 195 -11.91 -2.32 18.66
C GLY C 195 -12.99 -2.64 19.67
N PRO C 196 -14.04 -1.81 19.68
CA PRO C 196 -15.06 -1.81 20.73
C PRO C 196 -16.26 -2.70 20.39
N VAL C 197 -16.22 -3.38 19.25
CA VAL C 197 -17.36 -4.19 18.82
C VAL C 197 -17.20 -5.68 19.18
N SER C 198 -18.19 -6.24 19.86
CA SER C 198 -18.15 -7.68 20.14
C SER C 198 -19.34 -8.38 19.52
N ILE C 199 -19.17 -9.67 19.27
CA ILE C 199 -20.12 -10.44 18.52
C ILE C 199 -20.45 -11.76 19.22
N ILE C 200 -21.70 -12.19 19.14
CA ILE C 200 -22.03 -13.51 19.59
C ILE C 200 -22.76 -14.20 18.47
N SER C 201 -22.24 -15.33 18.04
CA SER C 201 -22.78 -16.02 16.89
C SER C 201 -23.12 -17.47 17.16
N GLN C 202 -24.34 -17.85 16.77
CA GLN C 202 -24.76 -19.25 16.84
C GLN C 202 -24.36 -20.01 15.58
N SER C 203 -23.70 -19.32 14.66
CA SER C 203 -23.22 -19.96 13.44
C SER C 203 -21.70 -19.88 13.36
N GLY C 204 -21.04 -21.02 13.38
CA GLY C 204 -19.59 -21.02 13.28
C GLY C 204 -19.09 -20.41 11.97
N SER C 205 -19.79 -20.77 10.89
CA SER C 205 -19.33 -20.51 9.54
C SER C 205 -19.30 -19.04 9.12
N VAL C 206 -19.63 -18.16 10.05
CA VAL C 206 -19.90 -16.75 9.74
C VAL C 206 -18.88 -15.80 10.38
N ASN C 207 -18.04 -16.35 11.27
CA ASN C 207 -17.12 -15.52 12.03
C ASN C 207 -16.12 -14.80 11.15
N ASP C 208 -15.58 -15.49 10.16
CA ASP C 208 -14.58 -14.87 9.30
C ASP C 208 -15.18 -13.76 8.44
N ALA C 209 -16.45 -13.90 8.09
CA ALA C 209 -17.15 -12.83 7.39
C ALA C 209 -17.02 -11.55 8.21
N PHE C 210 -17.39 -11.61 9.50
CA PHE C 210 -17.21 -10.46 10.39
C PHE C 210 -15.74 -10.05 10.54
N ILE C 211 -14.87 -11.03 10.78
CA ILE C 211 -13.46 -10.75 10.99
C ILE C 211 -12.81 -10.09 9.77
N ALA C 212 -13.16 -10.59 8.59
CA ALA C 212 -12.65 -10.06 7.31
C ALA C 212 -13.22 -8.69 7.05
N SER C 213 -14.26 -8.32 7.80
CA SER C 213 -14.84 -7.00 7.61
C SER C 213 -13.87 -6.05 8.28
N LYS C 214 -14.16 -4.75 8.22
CA LYS C 214 -13.28 -3.78 8.86
C LYS C 214 -13.71 -3.40 10.28
N LEU C 215 -14.54 -4.24 10.91
CA LEU C 215 -14.95 -3.95 12.28
C LEU C 215 -13.75 -3.94 13.18
N GLY C 216 -13.75 -3.01 14.13
CA GLY C 216 -12.78 -3.07 15.22
C GLY C 216 -13.32 -4.06 16.24
N ILE C 217 -12.67 -5.21 16.36
CA ILE C 217 -13.21 -6.28 17.22
C ILE C 217 -12.64 -6.24 18.64
N SER C 218 -13.49 -6.52 19.62
CA SER C 218 -13.07 -6.87 20.96
C SER C 218 -13.21 -8.37 21.16
N LYS C 219 -14.42 -8.83 21.42
CA LYS C 219 -14.64 -10.26 21.64
C LYS C 219 -15.55 -10.92 20.63
N ILE C 220 -15.21 -12.15 20.27
CA ILE C 220 -16.12 -12.98 19.50
C ILE C 220 -16.37 -14.31 20.19
N TYR C 221 -17.64 -14.58 20.45
CA TYR C 221 -18.03 -15.82 21.10
C TYR C 221 -18.82 -16.64 20.14
N SER C 222 -18.39 -17.88 19.99
CA SER C 222 -19.07 -18.83 19.15
C SER C 222 -19.78 -19.81 20.10
N THR C 223 -21.10 -19.83 20.06
CA THR C 223 -21.89 -20.49 21.10
C THR C 223 -21.99 -22.00 20.98
N GLY C 224 -21.92 -22.51 19.76
CA GLY C 224 -22.03 -23.94 19.53
C GLY C 224 -23.24 -24.55 20.21
N ASN C 225 -23.06 -25.76 20.75
CA ASN C 225 -24.16 -26.52 21.34
C ASN C 225 -24.78 -25.87 22.56
N GLU C 226 -24.15 -24.84 23.10
CA GLU C 226 -24.65 -24.12 24.29
C GLU C 226 -25.07 -25.05 25.44
N ALA C 227 -24.24 -26.07 25.71
CA ALA C 227 -24.53 -27.04 26.76
C ALA C 227 -24.50 -26.44 28.15
N ASP C 228 -23.66 -25.42 28.33
CA ASP C 228 -23.42 -24.88 29.66
C ASP C 228 -23.43 -23.35 29.63
N VAL C 229 -22.64 -22.78 28.73
CA VAL C 229 -22.66 -21.35 28.51
C VAL C 229 -23.57 -21.07 27.32
N GLN C 230 -24.60 -20.27 27.55
CA GLN C 230 -25.62 -19.98 26.55
C GLN C 230 -25.49 -18.55 26.04
N MET C 231 -26.23 -18.22 24.98
CA MET C 231 -26.16 -16.88 24.41
C MET C 231 -26.38 -15.78 25.46
N HIS C 232 -27.33 -15.97 26.36
CA HIS C 232 -27.62 -14.94 27.35
C HIS C 232 -26.44 -14.74 28.30
N ASP C 233 -25.70 -15.82 28.54
CA ASP C 233 -24.51 -15.71 29.38
C ASP C 233 -23.47 -14.82 28.70
N TYR C 234 -23.21 -15.06 27.42
CA TYR C 234 -22.20 -14.27 26.71
C TYR C 234 -22.67 -12.84 26.68
N LEU C 235 -23.99 -12.69 26.48
CA LEU C 235 -24.59 -11.37 26.37
C LEU C 235 -24.44 -10.59 27.70
N ASN C 236 -24.64 -11.28 28.83
CA ASN C 236 -24.41 -10.65 30.13
C ASN C 236 -22.96 -10.24 30.29
N LEU C 237 -22.04 -11.09 29.83
CA LEU C 237 -20.62 -10.73 29.84
C LEU C 237 -20.40 -9.46 29.04
N LEU C 238 -20.96 -9.45 27.85
CA LEU C 238 -20.77 -8.30 26.99
C LEU C 238 -21.46 -7.08 27.60
N ALA C 239 -22.64 -7.26 28.17
CA ALA C 239 -23.33 -6.11 28.78
C ALA C 239 -22.45 -5.33 29.75
N GLU C 240 -21.62 -6.02 30.53
CA GLU C 240 -20.84 -5.38 31.58
C GLU C 240 -19.36 -5.21 31.24
N ASP C 241 -18.98 -5.58 30.03
CA ASP C 241 -17.58 -5.52 29.60
C ASP C 241 -17.24 -4.09 29.18
N PRO C 242 -16.37 -3.41 29.94
CA PRO C 242 -16.05 -2.02 29.55
C PRO C 242 -15.29 -1.92 28.21
N GLU C 243 -14.73 -3.03 27.72
CA GLU C 243 -14.02 -3.02 26.43
C GLU C 243 -14.98 -3.18 25.22
N THR C 244 -16.26 -3.38 25.48
CA THR C 244 -17.24 -3.57 24.45
C THR C 244 -18.19 -2.38 24.50
N SER C 245 -18.38 -1.70 23.37
CA SER C 245 -19.38 -0.64 23.39
C SER C 245 -20.48 -0.91 22.38
N VAL C 246 -20.34 -1.98 21.60
CA VAL C 246 -21.36 -2.33 20.61
C VAL C 246 -21.47 -3.85 20.51
N ILE C 247 -22.68 -4.36 20.40
CA ILE C 247 -22.86 -5.79 20.35
C ILE C 247 -23.59 -6.23 19.10
N ILE C 248 -23.11 -7.30 18.49
CA ILE C 248 -23.83 -7.90 17.38
C ILE C 248 -24.20 -9.34 17.71
N LEU C 249 -25.45 -9.71 17.41
CA LEU C 249 -25.91 -11.05 17.62
C LEU C 249 -26.26 -11.63 16.27
N TYR C 250 -25.79 -12.85 16.02
CA TYR C 250 -26.20 -13.56 14.84
C TYR C 250 -27.00 -14.74 15.35
N ILE C 251 -28.32 -14.60 15.27
CA ILE C 251 -29.24 -15.51 15.93
C ILE C 251 -29.94 -16.47 14.99
N GLU C 252 -29.77 -17.77 15.26
CA GLU C 252 -30.59 -18.81 14.63
C GLU C 252 -31.81 -19.16 15.51
N ALA C 253 -31.62 -19.33 16.81
CA ALA C 253 -32.76 -19.63 17.67
C ALA C 253 -32.54 -19.26 19.15
N ILE C 254 -33.42 -18.43 19.68
CA ILE C 254 -33.39 -18.13 21.11
C ILE C 254 -34.03 -19.27 21.91
N ARG C 255 -33.33 -19.74 22.94
CA ARG C 255 -33.77 -20.92 23.69
C ARG C 255 -34.33 -20.58 25.08
N ASN C 256 -33.55 -19.87 25.90
CA ASN C 256 -34.03 -19.47 27.22
C ASN C 256 -34.46 -18.00 27.20
N HIS C 257 -35.71 -17.75 26.80
CA HIS C 257 -36.20 -16.41 26.52
C HIS C 257 -36.16 -15.44 27.72
N LEU C 258 -36.61 -15.90 28.89
CA LEU C 258 -36.62 -15.02 30.05
C LEU C 258 -35.24 -14.49 30.33
N SER C 259 -34.25 -15.38 30.30
CA SER C 259 -32.87 -14.99 30.58
C SER C 259 -32.29 -14.10 29.48
N PHE C 260 -32.66 -14.36 28.23
CA PHE C 260 -32.19 -13.59 27.09
C PHE C 260 -32.72 -12.16 27.19
N LEU C 261 -34.02 -12.04 27.46
CA LEU C 261 -34.64 -10.72 27.67
C LEU C 261 -33.96 -9.95 28.79
N ARG C 262 -33.70 -10.62 29.91
CA ARG C 262 -33.05 -9.93 31.03
C ARG C 262 -31.64 -9.46 30.62
N ALA C 263 -30.93 -10.29 29.86
CA ALA C 263 -29.60 -9.93 29.36
C ALA C 263 -29.68 -8.71 28.43
N LEU C 264 -30.72 -8.67 27.60
CA LEU C 264 -30.96 -7.53 26.72
C LEU C 264 -31.14 -6.28 27.57
N ASP C 265 -31.86 -6.44 28.69
CA ASP C 265 -32.09 -5.31 29.58
C ASP C 265 -30.77 -4.90 30.24
N LEU C 266 -29.95 -5.89 30.59
CA LEU C 266 -28.65 -5.56 31.17
C LEU C 266 -27.80 -4.71 30.20
N CYS C 267 -27.85 -5.04 28.91
CA CYS C 267 -27.14 -4.23 27.91
C CYS C 267 -27.69 -2.80 27.91
N SER C 268 -29.00 -2.69 27.96
CA SER C 268 -29.62 -1.38 27.95
C SER C 268 -29.25 -0.60 29.23
N LYS C 269 -29.15 -1.32 30.35
CA LYS C 269 -28.75 -0.75 31.63
C LYS C 269 -27.35 -0.18 31.54
N ASN C 270 -26.52 -0.78 30.69
CA ASN C 270 -25.16 -0.28 30.51
C ASN C 270 -25.05 0.61 29.28
N LYS C 271 -26.19 0.90 28.66
CA LYS C 271 -26.23 1.81 27.52
C LYS C 271 -25.32 1.36 26.38
N LYS C 272 -25.42 0.08 26.02
CA LYS C 272 -24.76 -0.46 24.86
C LYS C 272 -25.78 -0.93 23.83
N PRO C 273 -25.66 -0.43 22.60
CA PRO C 273 -26.54 -0.86 21.50
C PRO C 273 -26.35 -2.32 21.14
N VAL C 274 -27.45 -3.00 20.82
CA VAL C 274 -27.42 -4.41 20.47
C VAL C 274 -28.02 -4.55 19.06
N ILE C 275 -27.20 -5.05 18.13
CA ILE C 275 -27.59 -5.24 16.74
C ILE C 275 -27.80 -6.74 16.54
N ALA C 276 -28.79 -7.12 15.77
CA ALA C 276 -29.00 -8.54 15.56
C ALA C 276 -29.48 -8.86 14.14
N ILE C 277 -28.99 -9.99 13.63
CA ILE C 277 -29.52 -10.64 12.46
C ILE C 277 -30.28 -11.87 12.96
N LYS C 278 -31.54 -12.02 12.57
CA LYS C 278 -32.28 -13.23 12.95
C LYS C 278 -32.72 -14.00 11.74
N VAL C 279 -32.19 -15.21 11.60
CA VAL C 279 -32.41 -16.06 10.43
C VAL C 279 -33.81 -16.62 10.45
N GLY C 280 -34.39 -16.88 9.28
CA GLY C 280 -35.67 -17.56 9.20
C GLY C 280 -36.90 -16.68 9.12
N ARG C 281 -36.70 -15.42 8.77
CA ARG C 281 -37.75 -14.42 8.68
C ARG C 281 -38.94 -14.82 7.81
N THR C 282 -38.72 -15.68 6.85
CA THR C 282 -39.78 -16.01 5.90
C THR C 282 -40.32 -17.43 6.08
N ILE C 283 -39.72 -18.18 7.00
CA ILE C 283 -40.20 -19.53 7.28
C ILE C 283 -41.63 -19.52 7.84
N LYS C 284 -42.49 -20.36 7.27
CA LYS C 284 -43.87 -20.52 7.78
C LYS C 284 -43.85 -20.72 9.28
N SER C 285 -44.99 -20.55 9.93
CA SER C 285 -44.98 -20.69 11.38
C SER C 285 -46.15 -21.44 11.99
N ALA C 286 -45.93 -21.87 13.24
CA ALA C 286 -46.95 -22.37 14.18
C ALA C 286 -48.06 -23.32 13.70
N ALA C 287 -48.68 -23.01 12.56
CA ALA C 287 -49.95 -23.62 12.17
C ALA C 287 -51.03 -23.05 13.09
N VAL C 288 -51.34 -23.76 14.17
CA VAL C 288 -52.14 -23.25 15.29
C VAL C 288 -53.34 -22.39 14.84
N ALA C 289 -53.66 -21.37 15.63
CA ALA C 289 -54.65 -20.32 15.30
C ALA C 289 -56.02 -20.74 14.76
N ASN C 290 -57.08 -20.25 15.41
CA ASN C 290 -58.41 -20.23 14.81
C ASN C 290 -58.66 -18.82 14.32
N ALA C 291 -58.00 -17.86 14.98
CA ALA C 291 -58.12 -16.44 14.65
C ALA C 291 -57.37 -16.06 13.37
N HIS C 292 -57.88 -15.05 12.68
CA HIS C 292 -57.18 -14.52 11.52
C HIS C 292 -55.85 -13.92 11.96
N SER C 293 -55.79 -13.49 13.22
CA SER C 293 -54.58 -12.88 13.75
C SER C 293 -53.42 -13.87 13.75
N GLY C 294 -53.74 -15.15 13.56
CA GLY C 294 -52.71 -16.18 13.52
C GLY C 294 -51.90 -16.06 12.24
N ALA C 295 -52.58 -15.75 11.16
CA ALA C 295 -51.95 -15.57 9.85
C ALA C 295 -51.46 -14.13 9.65
N LEU C 296 -52.04 -13.18 10.37
CA LEU C 296 -51.68 -11.76 10.20
C LEU C 296 -50.53 -11.33 11.11
N ALA C 297 -50.26 -12.12 12.15
CA ALA C 297 -49.14 -11.83 13.05
C ALA C 297 -48.31 -13.08 13.30
N GLY C 298 -47.36 -13.35 12.40
CA GLY C 298 -46.55 -14.56 12.50
C GLY C 298 -45.59 -14.57 13.68
N ASP C 299 -45.13 -15.76 14.05
CA ASP C 299 -44.21 -15.87 15.17
C ASP C 299 -42.99 -14.97 15.01
N TYR C 300 -42.48 -14.86 13.79
CA TYR C 300 -41.28 -14.07 13.58
C TYR C 300 -41.52 -12.57 13.80
N GLU C 301 -42.58 -12.01 13.23
CA GLU C 301 -42.85 -10.58 13.42
C GLU C 301 -43.14 -10.24 14.88
N ILE C 302 -43.80 -11.15 15.59
CA ILE C 302 -44.06 -10.95 17.01
C ILE C 302 -42.74 -10.98 17.79
N GLU C 303 -41.92 -12.00 17.55
CA GLU C 303 -40.63 -12.05 18.22
C GLU C 303 -39.81 -10.77 17.98
N LYS C 304 -39.85 -10.26 16.76
CA LYS C 304 -39.12 -9.04 16.43
C LYS C 304 -39.64 -7.81 17.18
N LEU C 305 -40.95 -7.65 17.21
CA LEU C 305 -41.56 -6.54 17.93
C LEU C 305 -41.12 -6.56 19.41
N PHE C 306 -41.18 -7.73 20.03
CA PHE C 306 -40.76 -7.86 21.43
C PHE C 306 -39.27 -7.55 21.63
N LEU C 307 -38.40 -8.15 20.82
CA LEU C 307 -36.98 -7.84 20.95
C LEU C 307 -36.69 -6.35 20.73
N GLU C 308 -37.34 -5.74 19.75
CA GLU C 308 -37.17 -4.30 19.52
C GLU C 308 -37.56 -3.51 20.75
N GLY C 309 -38.57 -4.01 21.47
CA GLY C 309 -39.00 -3.41 22.71
C GLY C 309 -37.84 -3.27 23.69
N HIS C 310 -36.98 -4.28 23.71
CA HIS C 310 -35.80 -4.31 24.58
C HIS C 310 -34.53 -3.74 23.92
N GLY C 311 -34.69 -2.96 22.86
CA GLY C 311 -33.59 -2.20 22.28
C GLY C 311 -32.86 -2.80 21.07
N VAL C 312 -33.20 -4.02 20.69
CA VAL C 312 -32.52 -4.68 19.57
C VAL C 312 -32.71 -3.93 18.24
N LEU C 313 -31.60 -3.65 17.56
CA LEU C 313 -31.62 -3.03 16.23
C LEU C 313 -31.48 -4.14 15.22
N PHE C 314 -32.57 -4.54 14.59
CA PHE C 314 -32.50 -5.60 13.59
C PHE C 314 -31.94 -5.10 12.25
N VAL C 315 -31.14 -5.95 11.61
CA VAL C 315 -30.67 -5.77 10.25
C VAL C 315 -30.89 -7.07 9.52
N GLU C 316 -30.75 -7.09 8.20
CA GLU C 316 -31.09 -8.27 7.43
C GLU C 316 -29.93 -9.19 7.08
N ASP C 317 -28.70 -8.70 7.20
CA ASP C 317 -27.55 -9.48 6.74
C ASP C 317 -26.28 -8.94 7.35
N ILE C 318 -25.16 -9.58 7.05
CA ILE C 318 -23.91 -9.28 7.71
C ILE C 318 -23.35 -7.91 7.36
N ASP C 319 -23.44 -7.53 6.09
CA ASP C 319 -22.97 -6.21 5.67
C ASP C 319 -23.67 -5.10 6.46
N GLN C 320 -24.97 -5.24 6.61
CA GLN C 320 -25.76 -4.24 7.31
C GLN C 320 -25.35 -4.18 8.77
N ALA C 321 -25.14 -5.35 9.37
CA ALA C 321 -24.72 -5.42 10.77
C ALA C 321 -23.39 -4.68 10.93
N VAL C 322 -22.50 -4.92 9.98
CA VAL C 322 -21.19 -4.30 10.02
C VAL C 322 -21.34 -2.79 9.86
N ALA C 323 -22.20 -2.38 8.93
CA ALA C 323 -22.37 -0.94 8.69
C ALA C 323 -22.90 -0.23 9.94
N VAL C 324 -23.93 -0.80 10.56
CA VAL C 324 -24.50 -0.18 11.75
C VAL C 324 -23.46 -0.12 12.87
N ALA C 325 -22.71 -1.20 13.04
CA ALA C 325 -21.71 -1.26 14.11
C ALA C 325 -20.60 -0.21 13.93
N LEU C 326 -20.09 -0.10 12.70
CA LEU C 326 -19.03 0.87 12.41
C LEU C 326 -19.46 2.29 12.77
N LEU C 327 -20.70 2.64 12.46
CA LEU C 327 -21.17 3.99 12.81
C LEU C 327 -21.34 4.16 14.33
N LEU C 328 -21.88 3.14 14.98
CA LEU C 328 -22.07 3.19 16.44
C LEU C 328 -20.77 3.04 17.25
N SER C 329 -19.70 2.59 16.60
CA SER C 329 -18.41 2.43 17.26
C SER C 329 -17.77 3.77 17.51
N GLN C 330 -18.33 4.81 16.90
CA GLN C 330 -17.86 6.17 17.15
C GLN C 330 -18.82 6.76 18.13
N PRO C 331 -18.29 7.39 19.16
CA PRO C 331 -19.10 7.78 20.31
C PRO C 331 -19.83 9.08 20.04
N TYR C 332 -20.75 9.09 19.09
CA TYR C 332 -21.51 10.31 18.79
C TYR C 332 -22.92 9.91 18.41
N LEU C 333 -23.93 10.60 18.94
CA LEU C 333 -25.30 10.32 18.55
C LEU C 333 -25.92 11.61 18.04
N PRO C 334 -26.93 11.48 17.17
CA PRO C 334 -27.55 12.65 16.55
C PRO C 334 -28.61 13.27 17.46
N THR C 335 -28.92 14.54 17.26
CA THR C 335 -29.92 15.21 18.09
C THR C 335 -31.21 15.45 17.32
N VAL C 336 -31.16 15.16 16.03
CA VAL C 336 -32.30 15.35 15.15
C VAL C 336 -32.18 14.32 14.05
N ASN C 337 -33.31 13.80 13.58
CA ASN C 337 -33.30 12.61 12.74
C ASN C 337 -33.11 12.90 11.24
N THR C 338 -32.04 13.60 10.90
CA THR C 338 -31.77 14.00 9.53
C THR C 338 -30.31 13.81 9.15
N VAL C 339 -30.02 13.87 7.85
CA VAL C 339 -28.69 13.63 7.33
C VAL C 339 -28.36 14.68 6.28
N ALA C 340 -27.08 15.01 6.17
CA ALA C 340 -26.60 15.82 5.06
C ALA C 340 -25.52 15.05 4.34
N ALA C 341 -25.45 15.19 3.01
CA ALA C 341 -24.38 14.54 2.26
C ALA C 341 -23.70 15.47 1.27
N LEU C 342 -22.37 15.49 1.29
CA LEU C 342 -21.61 16.19 0.27
C LEU C 342 -21.14 15.18 -0.76
N THR C 343 -21.39 15.47 -2.03
CA THR C 343 -20.88 14.60 -3.08
C THR C 343 -19.95 15.36 -4.01
N VAL C 344 -19.36 14.65 -4.96
CA VAL C 344 -18.64 15.31 -6.06
C VAL C 344 -19.30 14.95 -7.39
N SER C 345 -20.57 14.58 -7.31
CA SER C 345 -21.31 14.05 -8.44
C SER C 345 -22.81 14.37 -8.36
N GLY C 346 -23.34 14.99 -9.41
CA GLY C 346 -24.76 15.25 -9.49
C GLY C 346 -25.52 13.94 -9.64
N GLY C 347 -24.97 13.03 -10.43
CA GLY C 347 -25.63 11.77 -10.69
C GLY C 347 -25.79 10.90 -9.46
N GLN C 348 -24.69 10.71 -8.74
CA GLN C 348 -24.68 9.85 -7.55
C GLN C 348 -25.47 10.47 -6.42
N ALA C 349 -25.51 11.81 -6.36
CA ALA C 349 -26.40 12.51 -5.45
C ALA C 349 -27.83 12.16 -5.78
N GLY C 350 -28.11 12.01 -7.07
CA GLY C 350 -29.45 11.73 -7.53
C GLY C 350 -29.87 10.34 -7.12
N ILE C 351 -28.95 9.40 -7.24
CA ILE C 351 -29.22 8.02 -6.87
C ILE C 351 -29.44 7.93 -5.34
N LEU C 352 -28.57 8.60 -4.58
CA LEU C 352 -28.65 8.58 -3.13
C LEU C 352 -30.00 9.12 -2.65
N LEU C 353 -30.44 10.21 -3.24
CA LEU C 353 -31.76 10.78 -2.92
C LEU C 353 -32.89 9.76 -3.11
N ASP C 354 -32.83 8.99 -4.19
CA ASP C 354 -33.84 7.96 -4.46
C ASP C 354 -33.80 6.85 -3.40
N LEU C 355 -32.60 6.37 -3.08
CA LEU C 355 -32.40 5.36 -2.06
C LEU C 355 -32.79 5.86 -0.68
N ALA C 356 -32.48 7.13 -0.40
CA ALA C 356 -32.82 7.71 0.89
C ALA C 356 -34.31 7.55 1.09
N GLU C 357 -35.06 7.71 0.00
CA GLU C 357 -36.51 7.62 0.09
C GLU C 357 -36.97 6.18 0.32
N ASP C 358 -36.37 5.22 -0.38
CA ASP C 358 -36.72 3.82 -0.14
C ASP C 358 -36.47 3.46 1.33
N TYR C 359 -35.42 4.01 1.91
CA TYR C 359 -34.99 3.64 3.27
C TYR C 359 -35.65 4.50 4.36
N GLY C 360 -36.34 5.56 3.96
CA GLY C 360 -36.99 6.44 4.92
C GLY C 360 -35.99 7.31 5.69
N VAL C 361 -34.91 7.70 5.04
CA VAL C 361 -33.93 8.60 5.64
C VAL C 361 -34.10 10.01 5.09
N ASP C 362 -34.25 10.97 5.99
CA ASP C 362 -34.57 12.35 5.62
C ASP C 362 -33.31 13.19 5.37
N PHE C 363 -33.25 13.77 4.18
CA PHE C 363 -32.21 14.72 3.80
C PHE C 363 -32.94 16.04 3.59
N PRO C 364 -33.10 16.84 4.65
CA PRO C 364 -33.86 18.08 4.49
C PRO C 364 -33.01 19.18 3.83
N ASP C 365 -33.63 20.28 3.44
CA ASP C 365 -32.89 21.49 3.10
C ASP C 365 -32.01 21.89 4.26
N PHE C 366 -30.93 22.60 3.97
CA PHE C 366 -30.14 23.21 5.02
C PHE C 366 -30.90 24.36 5.71
N SER C 367 -30.54 24.66 6.97
CA SER C 367 -31.13 25.80 7.68
C SER C 367 -30.79 27.10 7.00
N ALA C 368 -31.59 28.13 7.29
CA ALA C 368 -31.38 29.48 6.76
C ALA C 368 -29.96 29.98 7.03
N VAL C 369 -29.53 29.86 8.29
CA VAL C 369 -28.15 30.18 8.66
C VAL C 369 -27.13 29.51 7.70
N THR C 370 -27.22 28.19 7.56
CA THR C 370 -26.28 27.44 6.71
C THR C 370 -26.31 27.88 5.25
N ASN C 371 -27.52 27.98 4.70
CA ASN C 371 -27.72 28.52 3.36
C ASN C 371 -27.04 29.87 3.19
N TYR C 372 -27.34 30.79 4.11
CA TYR C 372 -26.76 32.12 4.04
C TYR C 372 -25.23 32.07 4.01
N GLU C 373 -24.67 31.24 4.87
CA GLU C 373 -23.22 31.21 5.07
C GLU C 373 -22.49 30.68 3.84
N ILE C 374 -23.04 29.66 3.21
CA ILE C 374 -22.41 29.09 2.03
C ILE C 374 -22.61 30.00 0.82
N ALA C 375 -23.84 30.47 0.61
CA ALA C 375 -24.13 31.33 -0.54
C ALA C 375 -23.35 32.64 -0.52
N SER C 376 -23.02 33.13 0.66
CA SER C 376 -22.30 34.40 0.77
C SER C 376 -20.80 34.26 0.51
N LYS C 377 -20.25 33.07 0.72
CA LYS C 377 -18.83 32.83 0.50
C LYS C 377 -18.61 32.14 -0.84
N LEU C 378 -19.64 31.40 -1.27
CA LEU C 378 -19.57 30.62 -2.49
C LEU C 378 -20.80 30.87 -3.36
N PRO C 379 -21.00 32.12 -3.78
CA PRO C 379 -22.19 32.46 -4.58
C PRO C 379 -22.26 31.65 -5.88
N GLU C 380 -21.09 31.28 -6.41
CA GLU C 380 -21.02 30.48 -7.63
C GLU C 380 -21.68 29.09 -7.55
N LEU C 381 -22.03 28.65 -6.36
CA LEU C 381 -22.63 27.32 -6.19
C LEU C 381 -24.07 27.27 -6.68
N GLY C 382 -24.79 28.37 -6.50
CA GLY C 382 -26.19 28.47 -6.85
C GLY C 382 -27.05 28.08 -5.66
N GLY C 383 -28.25 27.57 -5.93
CA GLY C 383 -29.12 27.06 -4.89
C GLY C 383 -28.55 25.80 -4.27
N LEU C 384 -28.67 25.68 -2.95
CA LEU C 384 -28.07 24.57 -2.24
C LEU C 384 -29.08 23.49 -1.95
N SER C 385 -28.87 22.30 -2.51
CA SER C 385 -29.76 21.19 -2.19
C SER C 385 -28.98 20.11 -1.43
N ASN C 386 -29.71 19.11 -0.94
CA ASN C 386 -29.15 18.10 -0.07
C ASN C 386 -29.65 16.76 -0.53
N PRO C 387 -28.74 15.88 -1.01
CA PRO C 387 -27.27 16.02 -1.05
C PRO C 387 -26.77 17.15 -1.92
N LEU C 388 -25.61 17.68 -1.54
CA LEU C 388 -25.00 18.82 -2.20
C LEU C 388 -23.76 18.44 -2.99
N ASP C 389 -23.82 18.58 -4.31
CA ASP C 389 -22.65 18.43 -5.16
C ASP C 389 -21.80 19.69 -5.08
N ILE C 390 -20.56 19.56 -4.60
CA ILE C 390 -19.68 20.69 -4.42
C ILE C 390 -18.52 20.70 -5.41
N TRP C 391 -18.56 19.81 -6.40
CA TRP C 391 -17.49 19.74 -7.39
C TRP C 391 -17.83 20.41 -8.73
N GLY C 392 -16.84 21.05 -9.34
CA GLY C 392 -17.00 21.71 -10.63
C GLY C 392 -18.10 22.76 -10.62
N LYS C 393 -18.16 23.54 -9.55
CA LYS C 393 -19.17 24.57 -9.47
C LYS C 393 -18.49 25.91 -9.17
N SER C 394 -17.18 25.86 -8.98
CA SER C 394 -16.46 27.06 -8.57
C SER C 394 -15.04 27.14 -9.10
N SER C 395 -14.56 28.37 -9.18
CA SER C 395 -13.21 28.66 -9.61
C SER C 395 -12.17 28.47 -8.49
N LYS C 396 -12.62 28.51 -7.24
CA LYS C 396 -11.70 28.41 -6.09
C LYS C 396 -11.08 27.01 -5.97
N ASP C 397 -9.95 26.90 -5.26
CA ASP C 397 -9.40 25.58 -4.98
C ASP C 397 -10.45 24.71 -4.30
N PHE C 398 -10.44 23.41 -4.59
CA PHE C 398 -11.39 22.49 -4.00
C PHE C 398 -11.21 22.45 -2.49
N SER C 399 -9.96 22.55 -2.05
CA SER C 399 -9.64 22.57 -0.65
C SER C 399 -10.42 23.67 0.06
N GLU C 400 -10.59 24.81 -0.60
CA GLU C 400 -11.32 25.93 -0.04
C GLU C 400 -12.83 25.66 -0.09
N VAL C 401 -13.33 25.21 -1.23
CA VAL C 401 -14.76 24.95 -1.39
C VAL C 401 -15.27 23.93 -0.34
N SER C 402 -14.52 22.85 -0.21
CA SER C 402 -14.85 21.78 0.69
C SER C 402 -14.81 22.21 2.16
N ASN C 403 -13.76 22.94 2.52
CA ASN C 403 -13.66 23.39 3.90
C ASN C 403 -14.82 24.32 4.26
N ILE C 404 -15.18 25.21 3.34
CA ILE C 404 -16.28 26.14 3.59
C ILE C 404 -17.61 25.42 3.79
N CYS C 405 -17.97 24.53 2.87
CA CYS C 405 -19.26 23.84 2.93
C CYS C 405 -19.35 22.95 4.19
N LEU C 406 -18.29 22.19 4.46
CA LEU C 406 -18.25 21.35 5.66
C LEU C 406 -18.24 22.11 7.01
N SER C 407 -17.46 23.19 7.10
CA SER C 407 -17.41 23.97 8.35
C SER C 407 -18.79 24.48 8.73
N SER C 408 -19.53 24.86 7.70
CA SER C 408 -20.87 25.39 7.87
C SER C 408 -21.91 24.28 8.20
N ILE C 409 -21.94 23.25 7.37
CA ILE C 409 -22.91 22.17 7.53
C ILE C 409 -22.72 21.44 8.87
N VAL C 410 -21.47 21.31 9.32
CA VAL C 410 -21.22 20.68 10.61
C VAL C 410 -21.92 21.42 11.77
N LYS C 411 -22.16 22.71 11.60
CA LYS C 411 -22.88 23.51 12.61
C LYS C 411 -24.38 23.63 12.36
N ASP C 412 -24.89 22.97 11.32
CA ASP C 412 -26.30 23.18 10.98
C ASP C 412 -27.25 22.52 11.98
N ALA C 413 -28.06 23.33 12.66
CA ALA C 413 -28.89 22.81 13.74
C ALA C 413 -29.95 21.87 13.21
N ASP C 414 -30.20 21.93 11.91
CA ASP C 414 -31.21 21.08 11.30
C ASP C 414 -30.67 19.71 10.85
N ILE C 415 -29.35 19.54 10.87
CA ILE C 415 -28.74 18.29 10.41
C ILE C 415 -28.26 17.45 11.57
N GLY C 416 -28.75 16.22 11.67
CA GLY C 416 -28.30 15.28 12.70
C GLY C 416 -26.97 14.59 12.40
N ILE C 417 -26.81 14.05 11.20
CA ILE C 417 -25.61 13.28 10.85
C ILE C 417 -24.86 13.91 9.68
N ILE C 418 -23.55 14.10 9.82
CA ILE C 418 -22.74 14.69 8.74
C ILE C 418 -22.11 13.63 7.85
N THR C 419 -22.43 13.65 6.56
CA THR C 419 -21.83 12.64 5.68
C THR C 419 -21.14 13.23 4.44
N VAL C 420 -20.09 12.54 4.02
CA VAL C 420 -19.50 12.75 2.73
C VAL C 420 -19.73 11.49 1.94
N ALA C 421 -20.34 11.63 0.76
CA ALA C 421 -20.60 10.46 -0.08
C ALA C 421 -19.78 10.54 -1.35
N ILE C 422 -18.60 9.93 -1.33
CA ILE C 422 -17.68 10.02 -2.44
C ILE C 422 -17.03 8.66 -2.64
N ASP C 423 -17.03 8.17 -3.87
CA ASP C 423 -16.28 6.97 -4.20
C ASP C 423 -14.79 7.31 -4.13
N ALA C 424 -14.01 6.43 -3.50
CA ALA C 424 -12.57 6.56 -3.43
C ALA C 424 -12.00 5.16 -3.58
N PRO C 425 -12.02 4.64 -4.80
CA PRO C 425 -11.73 3.21 -4.94
C PRO C 425 -10.24 2.92 -4.83
N ILE C 426 -9.91 1.74 -4.31
CA ILE C 426 -8.52 1.34 -4.21
C ILE C 426 -7.85 1.37 -5.61
N GLY C 427 -6.61 1.86 -5.68
CA GLY C 427 -5.89 1.94 -6.93
C GLY C 427 -6.22 3.14 -7.83
N GLN C 428 -7.01 4.07 -7.32
CA GLN C 428 -7.33 5.27 -8.07
C GLN C 428 -6.05 6.09 -8.21
N GLY C 429 -6.04 7.00 -9.17
CA GLY C 429 -4.85 7.76 -9.46
C GLY C 429 -4.51 8.80 -8.40
N ASP C 430 -3.32 9.36 -8.52
CA ASP C 430 -2.79 10.36 -7.60
C ASP C 430 -3.68 11.57 -7.58
N HIS C 431 -4.13 11.97 -8.76
CA HIS C 431 -5.02 13.10 -8.86
C HIS C 431 -6.35 12.82 -8.16
N GLU C 432 -6.89 11.63 -8.40
CA GLU C 432 -8.15 11.22 -7.82
C GLU C 432 -8.04 11.13 -6.29
N PHE C 433 -6.91 10.61 -5.83
CA PHE C 433 -6.64 10.58 -4.41
C PHE C 433 -6.56 11.99 -3.86
N ASP C 434 -5.86 12.88 -4.56
CA ASP C 434 -5.74 14.24 -4.07
C ASP C 434 -7.10 14.86 -3.79
N PHE C 435 -8.06 14.64 -4.69
CA PHE C 435 -9.32 15.32 -4.46
C PHE C 435 -10.33 14.59 -3.61
N THR C 436 -10.34 13.25 -3.65
CA THR C 436 -11.24 12.47 -2.80
C THR C 436 -10.79 12.57 -1.35
N SER C 437 -9.49 12.77 -1.14
CA SER C 437 -8.96 12.85 0.22
C SER C 437 -9.29 14.19 0.90
N ILE C 438 -9.61 15.21 0.10
CA ILE C 438 -9.82 16.54 0.65
C ILE C 438 -10.99 16.63 1.64
N PRO C 439 -12.17 16.10 1.25
CA PRO C 439 -13.25 16.17 2.27
C PRO C 439 -12.95 15.28 3.46
N ALA C 440 -12.16 14.22 3.29
CA ALA C 440 -11.78 13.37 4.42
C ALA C 440 -10.94 14.14 5.43
N LYS C 441 -9.97 14.91 4.93
CA LYS C 441 -9.13 15.72 5.80
C LYS C 441 -9.95 16.78 6.50
N ASP C 442 -10.95 17.34 5.79
CA ASP C 442 -11.83 18.32 6.42
C ASP C 442 -12.67 17.72 7.57
N LEU C 443 -13.24 16.53 7.35
CA LEU C 443 -13.95 15.83 8.41
C LEU C 443 -13.02 15.62 9.61
N ALA C 444 -11.79 15.18 9.34
CA ALA C 444 -10.82 15.00 10.41
C ALA C 444 -10.59 16.30 11.19
N SER C 445 -10.38 17.39 10.47
CA SER C 445 -10.17 18.70 11.08
C SER C 445 -11.38 19.24 11.86
N LEU C 446 -12.57 18.74 11.53
CA LEU C 446 -13.77 19.28 12.16
C LEU C 446 -14.27 18.42 13.31
N ARG C 447 -13.68 17.24 13.47
CA ARG C 447 -14.16 16.23 14.40
C ARG C 447 -14.03 16.69 15.86
N GLY C 448 -12.96 17.41 16.17
CA GLY C 448 -12.67 17.81 17.54
C GLY C 448 -13.70 18.73 18.17
N ASN C 449 -14.29 19.63 17.39
CA ASN C 449 -15.19 20.63 17.94
C ASN C 449 -16.66 20.44 17.54
N SER C 450 -17.04 19.18 17.32
CA SER C 450 -18.43 18.87 17.03
C SER C 450 -18.86 17.61 17.77
N ASP C 451 -20.15 17.52 18.04
CA ASP C 451 -20.76 16.41 18.75
C ASP C 451 -21.48 15.48 17.77
N LYS C 452 -21.70 15.94 16.53
CA LYS C 452 -22.50 15.20 15.56
C LYS C 452 -21.79 13.95 15.02
N PRO C 453 -22.56 12.89 14.72
CA PRO C 453 -21.95 11.76 14.00
C PRO C 453 -21.38 12.18 12.63
N PHE C 454 -20.22 11.64 12.28
CA PHE C 454 -19.62 11.89 10.98
C PHE C 454 -19.52 10.56 10.26
N LEU C 455 -19.71 10.58 8.95
CA LEU C 455 -19.53 9.38 8.16
C LEU C 455 -19.02 9.73 6.78
N TYR C 456 -18.03 8.99 6.32
CA TYR C 456 -17.58 9.10 4.94
C TYR C 456 -18.01 7.81 4.29
N PHE C 457 -18.82 7.86 3.26
CA PHE C 457 -19.12 6.59 2.61
C PHE C 457 -19.00 6.67 1.12
N SER C 458 -18.73 5.55 0.49
CA SER C 458 -18.71 5.47 -0.97
C SER C 458 -20.05 4.99 -1.43
N HIS C 459 -20.43 5.43 -2.62
CA HIS C 459 -21.65 4.97 -3.23
C HIS C 459 -21.54 3.49 -3.61
N ILE C 460 -20.39 3.07 -4.13
CA ILE C 460 -20.16 1.70 -4.55
C ILE C 460 -19.63 0.78 -3.44
N GLN C 461 -19.68 -0.52 -3.69
CA GLN C 461 -19.28 -1.49 -2.69
C GLN C 461 -17.80 -1.80 -2.81
N THR C 462 -17.16 -1.34 -3.88
CA THR C 462 -15.81 -1.78 -4.15
C THR C 462 -14.90 -1.33 -3.01
N GLU C 463 -13.78 -2.03 -2.85
CA GLU C 463 -12.83 -1.77 -1.78
C GLU C 463 -12.37 -0.31 -1.79
N PHE C 464 -12.29 0.27 -0.60
CA PHE C 464 -11.94 1.65 -0.39
C PHE C 464 -10.43 1.88 -0.51
N ASP C 465 -10.02 2.99 -1.11
CA ASP C 465 -8.60 3.34 -1.19
C ASP C 465 -8.04 3.41 0.24
N PRO C 466 -7.11 2.50 0.59
CA PRO C 466 -6.57 2.48 1.95
C PRO C 466 -5.92 3.79 2.38
N ARG C 467 -5.40 4.59 1.44
CA ARG C 467 -4.82 5.89 1.80
C ARG C 467 -5.88 6.90 2.29
N VAL C 468 -7.08 6.81 1.74
CA VAL C 468 -8.15 7.69 2.15
C VAL C 468 -8.74 7.16 3.45
N GLU C 469 -8.89 5.84 3.53
CA GLU C 469 -9.40 5.20 4.73
C GLU C 469 -8.55 5.55 5.95
N SER C 470 -7.23 5.49 5.78
CA SER C 470 -6.29 5.84 6.84
C SER C 470 -6.57 7.22 7.43
N ILE C 471 -6.85 8.21 6.58
CA ILE C 471 -7.16 9.55 7.09
C ILE C 471 -8.38 9.52 8.01
N LEU C 472 -9.41 8.79 7.60
CA LEU C 472 -10.62 8.64 8.41
C LEU C 472 -10.39 7.83 9.71
N ASP C 473 -9.80 6.65 9.59
CA ASP C 473 -9.43 5.87 10.76
C ASP C 473 -8.67 6.69 11.81
N GLU C 474 -7.60 7.37 11.39
CA GLU C 474 -6.73 8.11 12.33
C GLU C 474 -7.49 9.17 13.07
N ALA C 475 -8.58 9.65 12.48
CA ALA C 475 -9.35 10.73 13.08
C ALA C 475 -10.62 10.25 13.79
N GLY C 476 -10.85 8.93 13.80
CA GLY C 476 -12.04 8.38 14.41
C GLY C 476 -13.32 8.74 13.67
N ILE C 477 -13.27 8.68 12.34
CA ILE C 477 -14.45 8.91 11.54
C ILE C 477 -14.90 7.57 10.96
N ALA C 478 -16.20 7.31 10.97
CA ALA C 478 -16.72 6.06 10.42
C ALA C 478 -16.64 6.02 8.90
N VAL C 479 -16.26 4.87 8.38
CA VAL C 479 -16.16 4.69 6.96
C VAL C 479 -17.05 3.52 6.57
N ILE C 480 -17.90 3.72 5.56
CA ILE C 480 -18.83 2.70 5.08
C ILE C 480 -18.79 2.60 3.57
N GLN C 481 -18.80 1.36 3.07
CA GLN C 481 -18.80 1.12 1.64
C GLN C 481 -20.21 0.79 1.20
N GLY C 482 -20.83 1.66 0.41
CA GLY C 482 -22.15 1.37 -0.14
C GLY C 482 -23.25 2.29 0.34
N SER C 483 -23.94 2.92 -0.61
CA SER C 483 -25.01 3.84 -0.24
C SER C 483 -26.07 3.21 0.67
N ARG C 484 -26.55 2.03 0.27
CA ARG C 484 -27.58 1.32 1.02
C ARG C 484 -27.12 1.05 2.44
N ASN C 485 -25.92 0.53 2.58
CA ASN C 485 -25.42 0.22 3.92
C ASN C 485 -25.31 1.47 4.75
N ALA C 486 -24.94 2.59 4.11
CA ALA C 486 -24.82 3.84 4.85
C ALA C 486 -26.17 4.36 5.28
N LEU C 487 -27.17 4.25 4.42
CA LEU C 487 -28.53 4.66 4.80
C LEU C 487 -29.06 3.75 5.91
N VAL C 488 -28.84 2.45 5.80
CA VAL C 488 -29.22 1.54 6.87
C VAL C 488 -28.58 1.96 8.21
N ALA C 489 -27.29 2.31 8.18
CA ALA C 489 -26.59 2.72 9.40
C ALA C 489 -27.19 3.97 10.01
N CYS C 490 -27.45 4.97 9.16
CA CYS C 490 -28.04 6.21 9.64
C CYS C 490 -29.42 5.96 10.29
N ARG C 491 -30.24 5.16 9.61
CA ARG C 491 -31.56 4.85 10.09
C ARG C 491 -31.48 4.17 11.47
N ALA C 492 -30.53 3.25 11.64
CA ALA C 492 -30.41 2.49 12.88
C ALA C 492 -29.96 3.37 14.04
N LEU C 493 -29.16 4.38 13.75
CA LEU C 493 -28.72 5.33 14.77
C LEU C 493 -29.90 6.15 15.28
N PHE C 494 -30.78 6.58 14.38
CA PHE C 494 -31.94 7.36 14.80
C PHE C 494 -32.80 6.45 15.68
N LYS C 495 -32.94 5.21 15.26
CA LYS C 495 -33.73 4.22 15.98
C LYS C 495 -33.15 3.93 17.37
N TYR C 496 -31.84 3.85 17.46
CA TYR C 496 -31.21 3.68 18.74
C TYR C 496 -31.49 4.89 19.63
N LYS C 497 -31.27 6.08 19.07
CA LYS C 497 -31.50 7.34 19.76
C LYS C 497 -32.93 7.44 20.29
N GLU C 498 -33.85 6.96 19.47
CA GLU C 498 -35.25 6.87 19.82
C GLU C 498 -35.44 5.93 21.01
N PHE C 499 -34.79 4.75 20.95
CA PHE C 499 -34.84 3.83 22.08
C PHE C 499 -34.30 4.47 23.34
N LEU C 500 -33.17 5.17 23.25
CA LEU C 500 -32.59 5.78 24.43
C LEU C 500 -33.54 6.74 25.15
N GLU C 501 -34.44 7.35 24.40
CA GLU C 501 -35.22 8.46 24.97
C GLU C 501 -36.71 8.14 25.18
N LYS C 502 -37.06 6.85 25.08
CA LYS C 502 -38.46 6.48 25.29
C LYS C 502 -38.83 6.29 26.77
N ASN C 503 -38.03 5.49 27.48
CA ASN C 503 -38.23 5.29 28.92
C ASN C 503 -39.65 4.82 29.34
N ASN C 504 -40.33 4.14 28.43
CA ASN C 504 -41.58 3.45 28.72
C ASN C 504 -41.36 1.93 28.58
N HIS C 505 -40.54 1.37 29.46
CA HIS C 505 -40.07 -0.04 29.42
C HIS C 505 -41.13 -1.08 28.98
N THR C 506 -40.71 -2.02 28.13
CA THR C 506 -41.57 -3.08 27.62
C THR C 506 -41.60 -4.27 28.58
N PRO C 507 -42.77 -4.59 29.13
CA PRO C 507 -42.86 -5.61 30.20
C PRO C 507 -42.40 -6.99 29.75
N ILE C 508 -41.79 -7.75 30.65
CA ILE C 508 -41.50 -9.17 30.41
C ILE C 508 -42.64 -10.01 30.96
N TYR C 509 -43.32 -10.74 30.08
CA TYR C 509 -44.45 -11.57 30.48
C TYR C 509 -44.00 -13.01 30.76
N SER C 510 -44.95 -13.83 31.21
CA SER C 510 -44.67 -15.23 31.52
C SER C 510 -44.66 -16.09 30.27
N VAL C 511 -44.05 -17.26 30.36
CA VAL C 511 -43.98 -18.19 29.24
C VAL C 511 -45.15 -19.12 29.01
N GLU C 512 -45.25 -20.17 29.82
CA GLU C 512 -46.33 -21.13 29.70
C GLU C 512 -45.95 -22.51 30.26
N ASP C 513 -45.40 -22.52 31.48
CA ASP C 513 -45.00 -23.75 32.12
C ASP C 513 -46.16 -24.38 32.90
N LEU C 514 -46.08 -25.68 33.15
CA LEU C 514 -44.95 -26.50 32.74
C LEU C 514 -45.24 -27.25 31.44
N SER C 515 -45.15 -28.58 31.48
CA SER C 515 -45.39 -29.39 30.29
C SER C 515 -45.92 -28.61 29.08
N ILE C 516 -47.17 -28.89 28.76
CA ILE C 516 -47.91 -28.27 27.67
C ILE C 516 -49.34 -28.80 27.76
N GLN C 517 -50.30 -28.03 27.29
CA GLN C 517 -51.65 -28.54 27.14
C GLN C 517 -51.87 -28.86 25.67
N LYS C 518 -52.74 -29.82 25.43
CA LYS C 518 -53.27 -30.11 24.10
C LYS C 518 -53.50 -28.78 23.34
N GLY C 519 -53.49 -28.82 22.01
CA GLY C 519 -53.62 -27.63 21.18
C GLY C 519 -54.79 -26.71 21.46
N LEU C 520 -55.25 -26.01 20.44
CA LEU C 520 -56.29 -25.01 20.62
C LEU C 520 -57.66 -25.59 20.89
N LYS C 521 -58.43 -24.87 21.71
CA LYS C 521 -59.84 -25.12 21.86
C LYS C 521 -60.57 -23.81 21.57
N LEU C 522 -61.44 -23.82 20.57
CA LEU C 522 -62.27 -22.65 20.30
C LEU C 522 -63.33 -22.53 21.39
N LEU C 523 -63.44 -21.34 21.97
CA LEU C 523 -64.40 -21.09 23.02
C LEU C 523 -65.80 -21.00 22.42
N HIS C 524 -66.81 -21.47 23.16
CA HIS C 524 -68.20 -21.38 22.69
C HIS C 524 -68.60 -19.91 22.58
N ASP C 525 -69.49 -19.62 21.63
CA ASP C 525 -69.81 -18.25 21.26
C ASP C 525 -70.32 -17.39 22.40
N ASN C 526 -70.97 -18.00 23.40
CA ASN C 526 -71.41 -17.21 24.54
C ASN C 526 -70.26 -16.72 25.41
N GLU C 527 -69.33 -17.61 25.70
CA GLU C 527 -68.13 -17.20 26.43
C GLU C 527 -67.43 -16.05 25.73
N GLY C 528 -67.28 -16.15 24.40
CA GLY C 528 -66.73 -15.06 23.62
C GLY C 528 -67.49 -13.78 23.87
N ARG C 529 -68.82 -13.91 23.85
CA ARG C 529 -69.70 -12.77 24.06
C ARG C 529 -69.58 -12.16 25.47
N LYS C 530 -69.42 -13.03 26.47
CA LYS C 530 -69.16 -12.57 27.84
C LYS C 530 -67.86 -11.78 27.94
N LEU C 531 -66.80 -12.34 27.36
CA LEU C 531 -65.50 -11.67 27.29
C LEU C 531 -65.65 -10.27 26.73
N LEU C 532 -66.36 -10.18 25.60
CA LEU C 532 -66.63 -8.92 24.92
C LEU C 532 -67.30 -7.94 25.87
N ASP C 533 -68.32 -8.41 26.57
CA ASP C 533 -69.07 -7.58 27.50
C ASP C 533 -68.20 -7.15 28.68
N GLU C 534 -67.44 -8.09 29.23
CA GLU C 534 -66.58 -7.78 30.36
C GLU C 534 -65.46 -6.81 30.01
N SER C 535 -65.13 -6.70 28.72
CA SER C 535 -64.04 -5.82 28.30
C SER C 535 -64.51 -4.43 27.88
N GLY C 536 -65.83 -4.27 27.79
CA GLY C 536 -66.42 -2.97 27.55
C GLY C 536 -66.63 -2.64 26.08
N PHE C 537 -66.89 -3.65 25.25
CA PHE C 537 -66.82 -3.43 23.80
C PHE C 537 -68.05 -2.92 23.06
N VAL C 538 -69.23 -3.41 23.42
CA VAL C 538 -70.47 -3.02 22.73
C VAL C 538 -70.74 -3.82 21.46
N SER C 539 -71.80 -4.62 21.50
CA SER C 539 -72.27 -5.38 20.37
C SER C 539 -73.49 -4.69 19.79
N PRO C 540 -73.93 -5.11 18.59
CA PRO C 540 -75.22 -4.63 18.09
C PRO C 540 -76.35 -5.25 18.92
N ARG C 541 -77.57 -4.72 18.83
CA ARG C 541 -78.71 -5.42 19.44
C ARG C 541 -78.71 -6.81 18.84
N GLU C 542 -78.96 -7.82 19.67
CA GLU C 542 -78.84 -9.19 19.21
C GLU C 542 -79.45 -10.12 20.24
N GLN C 543 -79.75 -11.34 19.83
CA GLN C 543 -80.19 -12.34 20.80
C GLN C 543 -80.01 -13.74 20.25
N VAL C 544 -79.71 -14.69 21.13
CA VAL C 544 -79.57 -16.09 20.74
C VAL C 544 -80.95 -16.76 20.75
N VAL C 545 -81.20 -17.59 19.75
CA VAL C 545 -82.50 -18.25 19.59
C VAL C 545 -82.33 -19.73 19.31
N THR C 546 -83.27 -20.52 19.79
CA THR C 546 -83.20 -21.97 19.70
C THR C 546 -84.20 -22.49 18.67
N SER C 547 -85.22 -21.70 18.37
CA SER C 547 -86.22 -22.10 17.38
C SER C 547 -86.55 -20.98 16.41
N LEU C 548 -86.98 -21.38 15.21
CA LEU C 548 -87.37 -20.45 14.17
C LEU C 548 -88.43 -19.44 14.64
N GLN C 549 -89.47 -19.94 15.29
CA GLN C 549 -90.54 -19.05 15.75
C GLN C 549 -89.95 -18.04 16.71
N GLU C 550 -89.11 -18.54 17.61
CA GLU C 550 -88.43 -17.69 18.58
C GLU C 550 -87.64 -16.60 17.86
N GLY C 551 -87.00 -16.98 16.77
CA GLY C 551 -86.16 -16.05 16.03
C GLY C 551 -86.97 -15.08 15.23
N VAL C 552 -88.09 -15.56 14.69
CA VAL C 552 -89.04 -14.68 14.02
C VAL C 552 -89.59 -13.68 15.03
N ASP C 553 -89.99 -14.16 16.20
CA ASP C 553 -90.50 -13.27 17.24
C ASP C 553 -89.48 -12.19 17.57
N TYR C 554 -88.20 -12.56 17.65
CA TYR C 554 -87.19 -11.58 18.01
C TYR C 554 -86.95 -10.58 16.89
N ALA C 555 -86.77 -11.07 15.66
CA ALA C 555 -86.51 -10.19 14.53
C ALA C 555 -87.59 -9.13 14.44
N GLU C 556 -88.84 -9.57 14.56
CA GLU C 556 -89.97 -8.65 14.49
C GLU C 556 -89.88 -7.60 15.58
N SER C 557 -89.42 -8.00 16.76
CA SER C 557 -89.33 -7.08 17.89
C SER C 557 -88.29 -5.96 17.70
N ILE C 558 -87.19 -6.24 17.00
CA ILE C 558 -86.15 -5.21 16.82
C ILE C 558 -86.24 -4.50 15.48
N GLY C 559 -86.95 -5.12 14.55
CA GLY C 559 -87.10 -4.58 13.21
C GLY C 559 -86.12 -5.20 12.24
N TYR C 560 -86.48 -5.18 10.96
CA TYR C 560 -85.61 -5.63 9.88
C TYR C 560 -84.91 -4.41 9.26
N PRO C 561 -83.77 -4.65 8.58
CA PRO C 561 -83.18 -5.98 8.35
C PRO C 561 -82.37 -6.53 9.51
N VAL C 562 -82.15 -7.85 9.49
CA VAL C 562 -81.41 -8.51 10.56
C VAL C 562 -80.39 -9.49 9.98
N VAL C 563 -79.50 -9.97 10.86
CA VAL C 563 -78.49 -10.98 10.50
C VAL C 563 -78.71 -12.30 11.25
N LEU C 564 -78.61 -13.40 10.52
CA LEU C 564 -78.76 -14.72 11.11
C LEU C 564 -77.40 -15.42 11.03
N LYS C 565 -76.88 -15.85 12.19
CA LYS C 565 -75.60 -16.58 12.19
C LYS C 565 -75.72 -17.94 12.86
N ALA C 566 -75.13 -18.95 12.21
CA ALA C 566 -74.91 -20.23 12.86
C ALA C 566 -73.93 -20.03 14.01
N GLN C 567 -73.89 -20.99 14.92
CA GLN C 567 -73.00 -20.91 16.07
C GLN C 567 -72.14 -22.17 16.17
N GLY C 568 -71.01 -22.07 16.87
CA GLY C 568 -70.14 -23.22 17.06
C GLY C 568 -69.02 -23.38 16.03
N LEU C 569 -68.70 -22.31 15.30
CA LEU C 569 -67.68 -22.35 14.25
C LEU C 569 -66.82 -21.07 14.21
N ALA C 570 -65.53 -21.22 13.94
CA ALA C 570 -64.64 -20.08 13.79
C ALA C 570 -64.95 -19.29 12.51
N HIS C 571 -65.25 -20.02 11.44
CA HIS C 571 -65.43 -19.41 10.13
C HIS C 571 -66.83 -19.69 9.59
N LYS C 572 -67.78 -18.88 10.04
CA LYS C 572 -69.19 -19.05 9.75
C LYS C 572 -69.51 -18.80 8.29
N THR C 573 -69.06 -17.67 7.76
CA THR C 573 -69.46 -17.26 6.43
C THR C 573 -69.02 -18.26 5.35
N ASP C 574 -67.88 -18.90 5.56
CA ASP C 574 -67.35 -19.89 4.60
C ASP C 574 -68.30 -21.06 4.33
N VAL C 575 -69.02 -21.53 5.34
CA VAL C 575 -69.92 -22.66 5.11
C VAL C 575 -71.39 -22.26 5.00
N GLY C 576 -71.63 -21.00 4.67
CA GLY C 576 -72.99 -20.49 4.53
C GLY C 576 -73.66 -20.23 5.86
N GLY C 577 -72.85 -20.00 6.89
CA GLY C 577 -73.37 -19.78 8.23
C GLY C 577 -73.68 -18.33 8.57
N VAL C 578 -73.63 -17.45 7.58
CA VAL C 578 -73.99 -16.06 7.81
C VAL C 578 -74.98 -15.56 6.75
N ALA C 579 -76.20 -15.28 7.19
CA ALA C 579 -77.19 -14.74 6.26
C ALA C 579 -77.46 -13.29 6.64
N LEU C 580 -77.06 -12.38 5.77
CA LEU C 580 -77.11 -10.94 6.05
C LEU C 580 -78.32 -10.26 5.42
N ASN C 581 -78.67 -9.09 5.95
CA ASN C 581 -79.69 -8.22 5.33
C ASN C 581 -81.02 -8.92 5.07
N ILE C 582 -81.48 -9.70 6.05
CA ILE C 582 -82.76 -10.39 5.98
C ILE C 582 -83.89 -9.41 6.24
N LYS C 583 -84.73 -9.20 5.25
CA LYS C 583 -85.69 -8.10 5.28
C LYS C 583 -87.08 -8.47 5.81
N SER C 584 -87.39 -9.76 5.83
CA SER C 584 -88.73 -10.19 6.23
C SER C 584 -88.71 -11.47 7.05
N ALA C 585 -89.84 -11.83 7.64
CA ALA C 585 -89.96 -13.07 8.39
C ALA C 585 -89.83 -14.27 7.45
N ALA C 586 -90.35 -14.13 6.25
CA ALA C 586 -90.31 -15.21 5.28
C ALA C 586 -88.89 -15.47 4.81
N LYS C 587 -88.15 -14.40 4.55
CA LYS C 587 -86.76 -14.55 4.15
C LYS C 587 -85.91 -15.06 5.32
N LEU C 588 -86.35 -14.78 6.55
CA LEU C 588 -85.69 -15.34 7.73
C LEU C 588 -85.84 -16.86 7.76
N LYS C 589 -87.02 -17.35 7.39
CA LYS C 589 -87.25 -18.79 7.34
C LYS C 589 -86.42 -19.43 6.25
N LYS C 590 -86.50 -18.87 5.05
CA LYS C 590 -85.72 -19.39 3.93
C LYS C 590 -84.26 -19.55 4.32
N ALA C 591 -83.66 -18.50 4.89
CA ALA C 591 -82.24 -18.51 5.28
C ALA C 591 -81.99 -19.54 6.37
N TRP C 592 -82.87 -19.56 7.37
CA TRP C 592 -82.80 -20.56 8.42
C TRP C 592 -82.79 -21.99 7.83
N GLY C 593 -83.69 -22.24 6.89
CA GLY C 593 -83.77 -23.54 6.24
C GLY C 593 -82.42 -23.90 5.62
N LYS C 594 -81.90 -22.97 4.82
CA LYS C 594 -80.65 -23.20 4.11
C LYS C 594 -79.49 -23.55 5.02
N MET C 595 -79.58 -23.18 6.29
CA MET C 595 -78.49 -23.37 7.25
C MET C 595 -78.56 -24.70 8.02
N GLU C 596 -79.74 -25.32 8.05
CA GLU C 596 -79.96 -26.46 8.94
C GLU C 596 -78.93 -27.60 8.79
N HIS C 597 -78.51 -27.87 7.57
CA HIS C 597 -77.53 -28.92 7.30
C HIS C 597 -76.25 -28.77 8.14
N LEU C 598 -75.87 -27.52 8.43
CA LEU C 598 -74.84 -27.25 9.43
C LEU C 598 -75.53 -27.40 10.76
N ASN C 599 -75.44 -28.55 11.39
CA ASN C 599 -76.24 -28.82 12.56
C ASN C 599 -75.90 -27.91 13.73
N SER C 600 -76.41 -26.70 13.68
CA SER C 600 -76.12 -25.70 14.70
C SER C 600 -77.07 -25.87 15.88
N PRO C 601 -76.53 -25.78 17.10
CA PRO C 601 -77.24 -26.02 18.35
C PRO C 601 -77.92 -24.76 18.87
N TYR C 602 -77.85 -23.69 18.08
CA TYR C 602 -78.11 -22.35 18.57
C TYR C 602 -78.01 -21.44 17.37
N TYR C 603 -78.74 -20.33 17.40
CA TYR C 603 -78.57 -19.29 16.42
C TYR C 603 -78.48 -17.92 17.09
N LEU C 604 -77.73 -17.03 16.49
CA LEU C 604 -77.67 -15.66 16.94
C LEU C 604 -78.31 -14.80 15.88
N ILE C 605 -79.17 -13.88 16.31
CA ILE C 605 -79.76 -12.92 15.39
C ILE C 605 -79.31 -11.54 15.84
N GLN C 606 -78.85 -10.73 14.90
CA GLN C 606 -78.38 -9.38 15.21
C GLN C 606 -79.08 -8.38 14.34
N GLU C 607 -79.21 -7.14 14.82
CA GLU C 607 -79.58 -6.07 13.92
C GLU C 607 -78.52 -5.94 12.83
N MET C 608 -78.97 -5.62 11.62
CA MET C 608 -78.07 -5.33 10.52
C MET C 608 -77.43 -3.98 10.83
N VAL C 609 -76.11 -3.95 10.91
CA VAL C 609 -75.40 -2.70 11.12
C VAL C 609 -74.67 -2.35 9.83
N THR C 610 -75.01 -1.21 9.23
CA THR C 610 -74.43 -0.85 7.93
C THR C 610 -73.45 0.30 8.04
N ASP C 611 -72.75 0.59 6.96
CA ASP C 611 -71.81 1.71 6.95
C ASP C 611 -70.68 1.45 7.93
N GLY C 612 -70.14 2.50 8.52
CA GLY C 612 -68.97 2.35 9.37
C GLY C 612 -67.82 1.74 8.57
N PHE C 613 -66.66 1.62 9.20
CA PHE C 613 -65.51 1.06 8.50
C PHE C 613 -65.08 -0.22 9.22
N GLU C 614 -64.86 -1.29 8.46
CA GLU C 614 -64.53 -2.57 9.09
C GLU C 614 -63.04 -2.69 9.47
N THR C 615 -62.76 -2.66 10.77
CA THR C 615 -61.39 -2.92 11.21
C THR C 615 -61.32 -4.30 11.81
N ILE C 616 -60.09 -4.77 12.05
CA ILE C 616 -59.87 -5.92 12.92
C ILE C 616 -59.10 -5.49 14.17
N LEU C 617 -59.52 -6.00 15.31
CA LEU C 617 -58.87 -5.72 16.59
C LEU C 617 -58.80 -7.02 17.37
N ALA C 618 -57.61 -7.37 17.81
CA ALA C 618 -57.42 -8.64 18.48
C ALA C 618 -56.19 -8.58 19.32
N TYR C 619 -55.97 -9.63 20.09
CA TYR C 619 -54.68 -9.86 20.70
C TYR C 619 -54.44 -11.36 20.61
N ARG C 620 -53.19 -11.76 20.62
CA ARG C 620 -52.85 -13.17 20.54
C ARG C 620 -51.76 -13.40 21.57
N THR C 621 -51.73 -14.59 22.17
CA THR C 621 -50.71 -14.86 23.19
C THR C 621 -49.55 -15.61 22.58
N ASP C 622 -48.36 -15.01 22.61
CA ASP C 622 -47.16 -15.73 22.19
C ASP C 622 -46.65 -16.57 23.34
N MET C 623 -46.35 -17.83 23.10
CA MET C 623 -46.03 -18.74 24.20
C MET C 623 -44.72 -18.36 24.89
N ASN C 624 -43.87 -17.60 24.22
CA ASN C 624 -42.62 -17.18 24.84
C ASN C 624 -42.60 -15.76 25.35
N TYR C 625 -43.30 -14.85 24.68
CA TYR C 625 -43.16 -13.44 25.00
C TYR C 625 -44.37 -12.80 25.62
N GLY C 626 -45.54 -13.42 25.49
CA GLY C 626 -46.75 -12.86 26.06
C GLY C 626 -47.76 -12.34 25.06
N PRO C 627 -48.59 -11.38 25.48
CA PRO C 627 -49.63 -10.85 24.58
C PRO C 627 -49.11 -9.87 23.54
N VAL C 628 -49.67 -9.96 22.33
CA VAL C 628 -49.45 -8.93 21.34
C VAL C 628 -50.80 -8.48 20.75
N VAL C 629 -50.96 -7.17 20.56
CA VAL C 629 -52.18 -6.64 19.97
C VAL C 629 -52.07 -6.44 18.45
N ILE C 630 -53.12 -6.82 17.74
CA ILE C 630 -53.16 -6.71 16.28
C ILE C 630 -54.30 -5.82 15.83
N PHE C 631 -54.01 -4.88 14.93
CA PHE C 631 -55.01 -3.95 14.46
C PHE C 631 -54.78 -3.58 13.00
N GLY C 632 -55.88 -3.49 12.24
CA GLY C 632 -55.78 -3.12 10.83
C GLY C 632 -57.09 -3.32 10.11
N LEU C 633 -57.03 -3.46 8.79
CA LEU C 633 -58.23 -3.59 7.97
C LEU C 633 -58.91 -4.92 8.24
N GLY C 634 -60.22 -4.90 8.49
CA GLY C 634 -60.96 -6.10 8.86
C GLY C 634 -61.96 -6.58 7.82
N GLY C 635 -62.81 -7.51 8.23
CA GLY C 635 -63.85 -8.01 7.36
C GLY C 635 -63.54 -9.37 6.78
N ILE C 636 -64.35 -9.77 5.81
CA ILE C 636 -64.20 -11.07 5.17
C ILE C 636 -62.83 -11.20 4.56
N TYR C 637 -62.33 -10.07 4.04
CA TYR C 637 -61.11 -10.06 3.24
C TYR C 637 -59.88 -9.69 4.08
N THR C 638 -59.98 -9.80 5.40
CA THR C 638 -58.89 -9.27 6.23
C THR C 638 -57.54 -9.87 5.86
N GLU C 639 -57.51 -11.17 5.60
CA GLU C 639 -56.24 -11.82 5.25
C GLU C 639 -55.72 -11.47 3.85
N LEU C 640 -56.58 -10.95 2.98
CA LEU C 640 -56.15 -10.53 1.64
C LEU C 640 -55.67 -9.10 1.65
N PHE C 641 -56.28 -8.27 2.51
CA PHE C 641 -55.75 -6.93 2.76
C PHE C 641 -54.36 -7.06 3.35
N ASN C 642 -54.23 -7.99 4.29
CA ASN C 642 -52.96 -8.26 4.96
C ASN C 642 -52.28 -6.99 5.42
N GLU C 643 -53.07 -6.07 5.96
CA GLU C 643 -52.54 -4.82 6.44
C GLU C 643 -52.92 -4.56 7.89
N VAL C 644 -52.01 -4.88 8.81
CA VAL C 644 -52.24 -4.66 10.23
C VAL C 644 -50.97 -4.07 10.86
N VAL C 645 -51.12 -3.48 12.04
CA VAL C 645 -49.96 -3.14 12.85
C VAL C 645 -50.00 -3.90 14.18
N LEU C 646 -48.85 -4.07 14.81
CA LEU C 646 -48.73 -4.82 16.05
C LEU C 646 -48.20 -3.95 17.19
N ALA C 647 -48.69 -4.19 18.40
CA ALA C 647 -48.17 -3.49 19.57
C ALA C 647 -48.18 -4.39 20.81
N VAL C 648 -47.18 -4.20 21.66
CA VAL C 648 -47.15 -4.85 22.95
C VAL C 648 -47.83 -3.93 23.95
N PRO C 649 -48.81 -4.45 24.67
CA PRO C 649 -49.46 -3.69 25.72
C PRO C 649 -48.48 -3.50 26.86
N PRO C 650 -48.65 -2.46 27.69
CA PRO C 650 -49.75 -1.50 27.62
C PRO C 650 -49.64 -0.64 26.37
N ILE C 651 -50.78 -0.22 25.82
CA ILE C 651 -50.80 0.64 24.65
C ILE C 651 -51.29 2.01 25.06
N THR C 652 -50.45 3.02 24.86
CA THR C 652 -50.81 4.38 25.23
C THR C 652 -51.75 4.97 24.18
N HIS C 653 -52.51 5.98 24.60
CA HIS C 653 -53.43 6.66 23.70
C HIS C 653 -52.70 7.15 22.45
N LYS C 654 -51.56 7.80 22.69
CA LYS C 654 -50.73 8.33 21.62
C LYS C 654 -50.34 7.21 20.66
N LYS C 655 -49.92 6.08 21.23
CA LYS C 655 -49.59 4.90 20.42
C LYS C 655 -50.80 4.42 19.62
N ALA C 656 -51.94 4.31 20.29
CA ALA C 656 -53.13 3.83 19.62
C ALA C 656 -53.48 4.73 18.44
N GLU C 657 -53.35 6.04 18.63
CA GLU C 657 -53.56 6.97 17.54
C GLU C 657 -52.61 6.74 16.37
N GLN C 658 -51.33 6.59 16.67
CA GLN C 658 -50.33 6.35 15.63
C GLN C 658 -50.61 5.07 14.84
N MET C 659 -51.08 4.04 15.53
CA MET C 659 -51.44 2.81 14.86
C MET C 659 -52.54 3.07 13.83
N VAL C 660 -53.53 3.84 14.23
CA VAL C 660 -54.60 4.19 13.32
C VAL C 660 -54.05 4.97 12.14
N LYS C 661 -53.30 6.04 12.41
CA LYS C 661 -52.79 6.92 11.36
C LYS C 661 -51.82 6.24 10.39
N SER C 662 -51.30 5.07 10.77
CA SER C 662 -50.31 4.37 9.98
C SER C 662 -50.93 3.42 8.94
N ILE C 663 -52.24 3.53 8.75
CA ILE C 663 -52.96 2.69 7.80
C ILE C 663 -53.80 3.57 6.89
N PRO C 664 -53.18 4.06 5.81
CA PRO C 664 -53.70 5.09 4.91
C PRO C 664 -55.18 4.91 4.57
N MET C 665 -55.59 3.71 4.17
CA MET C 665 -57.00 3.53 3.82
C MET C 665 -57.93 3.80 5.00
N LEU C 666 -57.51 3.36 6.18
CA LEU C 666 -58.32 3.49 7.37
C LEU C 666 -58.34 4.96 7.78
N TRP C 667 -57.16 5.51 7.98
CA TRP C 667 -57.01 6.90 8.39
C TRP C 667 -57.80 7.86 7.50
N LYS C 668 -57.58 7.78 6.20
CA LYS C 668 -58.31 8.65 5.27
C LYS C 668 -59.83 8.50 5.40
N SER C 669 -60.29 7.27 5.65
CA SER C 669 -61.71 7.02 5.78
C SER C 669 -62.26 7.66 7.05
N ILE C 670 -61.52 7.53 8.14
CA ILE C 670 -61.96 8.07 9.41
C ILE C 670 -62.14 9.58 9.39
N GLU C 671 -61.40 10.29 8.54
CA GLU C 671 -61.57 11.74 8.52
C GLU C 671 -62.59 12.22 7.49
N GLY C 672 -63.36 11.28 6.95
CA GLY C 672 -64.39 11.59 5.98
C GLY C 672 -63.85 11.57 4.56
N TYR C 673 -64.01 10.45 3.88
CA TYR C 673 -63.46 10.31 2.54
C TYR C 673 -64.49 10.56 1.44
N ARG C 674 -64.19 11.52 0.58
CA ARG C 674 -65.03 11.81 -0.58
C ARG C 674 -66.49 12.08 -0.21
N GLY C 675 -66.71 12.96 0.77
CA GLY C 675 -68.07 13.35 1.12
C GLY C 675 -68.79 12.39 2.06
N ASN C 676 -68.16 11.26 2.34
CA ASN C 676 -68.66 10.39 3.39
C ASN C 676 -68.31 11.00 4.74
N PRO C 677 -69.13 10.73 5.76
CA PRO C 677 -68.96 11.37 7.06
C PRO C 677 -67.72 10.89 7.79
N ALA C 678 -67.08 11.82 8.49
CA ALA C 678 -65.96 11.51 9.36
C ALA C 678 -66.42 10.58 10.47
N LEU C 679 -65.53 9.69 10.90
CA LEU C 679 -65.86 8.66 11.89
C LEU C 679 -65.19 8.91 13.23
N ASP C 680 -65.52 8.07 14.22
CA ASP C 680 -65.14 8.35 15.60
C ASP C 680 -63.72 7.89 15.93
N LEU C 681 -62.73 8.67 15.50
CA LEU C 681 -61.33 8.34 15.81
C LEU C 681 -61.16 8.05 17.30
N GLU C 682 -61.84 8.84 18.12
CA GLU C 682 -61.71 8.75 19.57
C GLU C 682 -62.10 7.39 20.14
N ALA C 683 -63.26 6.88 19.76
CA ALA C 683 -63.72 5.59 20.27
C ALA C 683 -62.80 4.48 19.77
N LEU C 684 -62.32 4.63 18.53
CA LEU C 684 -61.42 3.65 17.97
C LEU C 684 -60.16 3.53 18.80
N THR C 685 -59.47 4.66 19.02
CA THR C 685 -58.23 4.64 19.80
C THR C 685 -58.42 4.09 21.22
N ALA C 686 -59.52 4.48 21.87
CA ALA C 686 -59.79 3.94 23.20
C ALA C 686 -60.04 2.45 23.12
N SER C 687 -60.69 2.03 22.04
CA SER C 687 -60.96 0.62 21.84
C SER C 687 -59.64 -0.17 21.72
N ILE C 688 -58.69 0.37 20.97
CA ILE C 688 -57.35 -0.23 20.85
C ILE C 688 -56.65 -0.33 22.23
N VAL C 689 -56.72 0.74 23.01
CA VAL C 689 -56.13 0.77 24.34
C VAL C 689 -56.78 -0.26 25.26
N GLN C 690 -58.10 -0.36 25.17
CA GLN C 690 -58.84 -1.33 25.94
C GLN C 690 -58.45 -2.77 25.60
N MET C 691 -58.29 -3.05 24.31
CA MET C 691 -57.86 -4.38 23.88
C MET C 691 -56.52 -4.70 24.55
N GLY C 692 -55.68 -3.68 24.68
CA GLY C 692 -54.38 -3.86 25.27
C GLY C 692 -54.50 -4.27 26.73
N GLU C 693 -55.40 -3.63 27.45
CA GLU C 693 -55.62 -3.93 28.86
C GLU C 693 -56.22 -5.32 29.00
N THR C 694 -57.15 -5.65 28.10
CA THR C 694 -57.72 -6.99 28.12
C THR C 694 -56.65 -8.03 27.86
N ALA C 695 -55.76 -7.77 26.89
CA ALA C 695 -54.66 -8.67 26.61
C ALA C 695 -53.80 -8.90 27.85
N MET C 696 -53.43 -7.82 28.53
CA MET C 696 -52.63 -7.90 29.77
C MET C 696 -53.32 -8.70 30.86
N GLU C 697 -54.64 -8.63 30.89
CA GLU C 697 -55.40 -9.24 31.94
C GLU C 697 -55.56 -10.74 31.69
N LYS C 698 -55.86 -11.13 30.45
CA LYS C 698 -56.32 -12.49 30.18
C LYS C 698 -55.37 -13.40 29.41
N TYR C 699 -54.20 -12.88 29.03
CA TYR C 699 -53.32 -13.58 28.09
C TYR C 699 -52.92 -14.99 28.51
N GLU C 700 -52.91 -15.26 29.81
CA GLU C 700 -52.58 -16.59 30.30
C GLU C 700 -53.74 -17.59 30.22
N GLU C 701 -54.98 -17.12 30.28
CA GLU C 701 -56.13 -18.02 30.14
C GLU C 701 -56.55 -18.13 28.70
N ILE C 702 -56.84 -17.00 28.08
CA ILE C 702 -57.24 -17.02 26.68
C ILE C 702 -56.14 -16.54 25.71
N VAL C 703 -55.78 -17.40 24.76
CA VAL C 703 -54.63 -17.17 23.89
C VAL C 703 -54.97 -16.51 22.55
N GLU C 704 -56.25 -16.42 22.21
CA GLU C 704 -56.72 -15.68 21.04
C GLU C 704 -57.99 -14.99 21.42
N PHE C 705 -58.08 -13.71 21.14
CA PHE C 705 -59.31 -12.94 21.33
C PHE C 705 -59.42 -11.90 20.22
N GLU C 706 -60.33 -12.12 19.28
CA GLU C 706 -60.37 -11.32 18.06
C GLU C 706 -61.75 -10.76 17.75
N ILE C 707 -61.80 -9.48 17.42
CA ILE C 707 -63.02 -8.85 16.95
C ILE C 707 -62.89 -8.57 15.46
N ASN C 708 -63.61 -9.34 14.64
CA ASN C 708 -63.57 -9.11 13.19
C ASN C 708 -64.93 -9.28 12.53
N PRO C 709 -65.55 -8.17 12.10
CA PRO C 709 -64.95 -6.84 12.08
C PRO C 709 -65.36 -6.01 13.27
N LEU C 710 -64.51 -5.04 13.62
CA LEU C 710 -64.88 -4.00 14.56
C LEU C 710 -65.26 -2.79 13.71
N SER C 711 -66.57 -2.50 13.68
CA SER C 711 -67.09 -1.43 12.84
C SER C 711 -66.95 -0.07 13.52
N VAL C 712 -66.21 0.82 12.89
CA VAL C 712 -66.02 2.17 13.42
C VAL C 712 -67.10 3.06 12.83
N ARG C 713 -67.85 3.75 13.70
CA ARG C 713 -68.99 4.54 13.27
C ARG C 713 -68.77 6.04 13.43
N VAL C 714 -69.76 6.82 13.01
CA VAL C 714 -69.74 8.26 13.23
C VAL C 714 -69.70 8.52 14.72
N LYS C 715 -70.39 7.68 15.49
CA LYS C 715 -70.35 7.75 16.94
C LYS C 715 -70.12 6.36 17.52
N GLY C 716 -69.00 6.18 18.22
CA GLY C 716 -68.66 4.91 18.83
C GLY C 716 -68.18 3.82 17.87
N VAL C 717 -67.74 2.69 18.42
CA VAL C 717 -67.38 1.53 17.62
C VAL C 717 -68.19 0.32 18.09
N VAL C 718 -68.36 -0.68 17.23
CA VAL C 718 -69.24 -1.82 17.54
C VAL C 718 -68.63 -3.16 17.16
N ALA C 719 -68.57 -4.09 18.10
CA ALA C 719 -68.10 -5.45 17.79
C ALA C 719 -69.17 -6.26 17.07
N LEU C 720 -69.04 -6.41 15.77
CA LEU C 720 -70.00 -7.17 14.97
C LEU C 720 -69.84 -8.68 15.12
N ASP C 721 -68.73 -9.12 15.73
CA ASP C 721 -68.40 -10.54 15.81
C ASP C 721 -67.30 -10.69 16.85
N VAL C 722 -67.08 -11.90 17.34
CA VAL C 722 -66.04 -12.16 18.32
C VAL C 722 -65.64 -13.61 18.22
N LEU C 723 -64.35 -13.87 18.39
CA LEU C 723 -63.84 -15.23 18.42
C LEU C 723 -62.80 -15.28 19.53
N ALA C 724 -62.77 -16.38 20.25
CA ALA C 724 -61.77 -16.54 21.31
C ALA C 724 -61.37 -18.00 21.41
N SER C 725 -60.11 -18.22 21.76
CA SER C 725 -59.57 -19.56 21.88
C SER C 725 -58.79 -19.70 23.16
N VAL C 726 -58.67 -20.95 23.59
CA VAL C 726 -58.08 -21.30 24.86
C VAL C 726 -57.11 -22.46 24.64
N LYS C 727 -56.24 -22.72 25.62
CA LYS C 727 -55.43 -23.94 25.61
C LYS C 727 -55.67 -24.76 26.89
N MET D 36 -21.17 16.13 -43.43
CA MET D 36 -20.46 14.86 -43.22
C MET D 36 -20.54 14.45 -41.75
N LYS D 37 -21.59 14.96 -41.09
CA LYS D 37 -21.87 14.65 -39.70
C LYS D 37 -21.90 13.15 -39.52
N LYS D 38 -22.56 12.48 -40.45
CA LYS D 38 -22.81 11.05 -40.29
C LYS D 38 -21.53 10.21 -40.28
N GLU D 39 -20.63 10.43 -41.25
CA GLU D 39 -19.36 9.69 -41.27
C GLU D 39 -18.47 10.05 -40.08
N ASN D 40 -18.49 11.29 -39.65
CA ASN D 40 -17.60 11.71 -38.58
C ASN D 40 -17.91 10.99 -37.26
N LEU D 41 -19.20 10.79 -36.99
CA LEU D 41 -19.67 10.06 -35.82
C LEU D 41 -19.01 8.68 -35.67
N LYS D 42 -18.75 8.03 -36.80
CA LYS D 42 -18.30 6.64 -36.78
C LYS D 42 -16.95 6.47 -36.12
N ILE D 43 -16.09 7.47 -36.22
CA ILE D 43 -14.75 7.37 -35.64
C ILE D 43 -14.86 7.06 -34.13
N LEU D 44 -15.98 7.44 -33.50
CA LEU D 44 -16.15 7.29 -32.04
C LEU D 44 -16.07 5.85 -31.59
N ALA D 45 -16.37 4.92 -32.49
CA ALA D 45 -16.32 3.52 -32.13
C ALA D 45 -15.17 2.78 -32.81
N LYS D 46 -14.23 3.54 -33.37
CA LYS D 46 -13.10 2.92 -34.08
C LYS D 46 -11.71 3.39 -33.66
N LYS D 47 -10.72 2.98 -34.44
CA LYS D 47 -9.34 3.37 -34.21
C LYS D 47 -9.10 4.75 -34.77
N ALA D 48 -8.93 5.74 -33.89
CA ALA D 48 -8.38 7.00 -34.28
C ALA D 48 -6.90 6.77 -34.56
N GLN D 49 -6.37 7.34 -35.63
CA GLN D 49 -4.94 7.20 -35.87
C GLN D 49 -4.19 8.40 -35.32
N THR D 50 -4.85 9.55 -35.29
CA THR D 50 -4.19 10.75 -34.80
C THR D 50 -5.08 11.50 -33.84
N ILE D 51 -4.44 12.13 -32.87
CA ILE D 51 -5.17 12.91 -31.90
C ILE D 51 -4.34 14.15 -31.65
N ALA D 52 -5.01 15.29 -31.56
CA ALA D 52 -4.37 16.55 -31.25
C ALA D 52 -4.93 17.07 -29.95
N ILE D 53 -4.06 17.48 -29.04
CA ILE D 53 -4.48 18.02 -27.76
C ILE D 53 -4.17 19.51 -27.78
N VAL D 54 -5.22 20.33 -27.81
CA VAL D 54 -5.06 21.77 -27.96
C VAL D 54 -5.11 22.50 -26.63
N GLY D 55 -4.06 23.28 -26.35
CA GLY D 55 -3.89 23.90 -25.05
C GLY D 55 -3.12 22.97 -24.12
N ALA D 56 -2.36 22.07 -24.74
CA ALA D 56 -1.47 21.17 -24.03
C ALA D 56 -0.58 21.95 -23.06
N ASN D 57 -0.59 21.57 -21.80
CA ASN D 57 0.28 22.21 -20.82
C ASN D 57 0.72 21.23 -19.74
N TYR D 58 1.12 21.75 -18.59
CA TYR D 58 1.72 20.92 -17.55
C TYR D 58 0.70 20.51 -16.50
N ARG D 59 -0.56 20.88 -16.71
CA ARG D 59 -1.64 20.57 -15.76
C ARG D 59 -2.24 19.17 -15.99
N PHE D 60 -3.23 18.82 -15.19
CA PHE D 60 -3.73 17.45 -15.07
C PHE D 60 -4.26 16.84 -16.36
N ALA D 61 -5.14 17.55 -17.05
CA ALA D 61 -5.84 16.97 -18.17
C ALA D 61 -4.83 16.54 -19.24
N THR D 62 -3.81 17.37 -19.44
CA THR D 62 -2.79 17.06 -20.42
C THR D 62 -1.94 15.89 -19.96
N ARG D 63 -1.51 15.90 -18.72
CA ARG D 63 -0.66 14.83 -18.23
C ARG D 63 -1.38 13.47 -18.22
N VAL D 64 -2.65 13.47 -17.84
CA VAL D 64 -3.35 12.20 -17.75
C VAL D 64 -3.70 11.69 -19.15
N LEU D 65 -4.01 12.61 -20.06
CA LEU D 65 -4.24 12.22 -21.45
C LEU D 65 -2.99 11.49 -21.97
N LEU D 66 -1.83 12.09 -21.74
CA LEU D 66 -0.57 11.48 -22.21
C LEU D 66 -0.26 10.17 -21.49
N GLU D 67 -0.49 10.14 -20.17
CA GLU D 67 -0.26 8.92 -19.39
C GLU D 67 -1.18 7.77 -19.81
N ASN D 68 -2.47 8.07 -19.96
CA ASN D 68 -3.42 7.11 -20.50
C ASN D 68 -2.98 6.54 -21.87
N LEU D 69 -2.74 7.42 -22.82
CA LEU D 69 -2.36 7.01 -24.18
C LEU D 69 -1.09 6.15 -24.16
N ASP D 70 -0.10 6.57 -23.39
CA ASP D 70 1.11 5.77 -23.19
C ASP D 70 0.78 4.40 -22.55
N LYS D 71 0.17 4.42 -21.36
CA LYS D 71 0.00 3.22 -20.56
C LYS D 71 -1.01 2.27 -21.16
N MET D 72 -1.97 2.80 -21.91
CA MET D 72 -2.95 1.96 -22.60
C MET D 72 -2.47 1.55 -24.01
N ASP D 73 -1.27 1.97 -24.38
CA ASP D 73 -0.64 1.47 -25.61
C ASP D 73 -1.27 1.97 -26.90
N PHE D 74 -1.67 3.24 -26.93
CA PHE D 74 -2.07 3.88 -28.17
C PHE D 74 -1.00 3.65 -29.25
N THR D 75 -1.39 3.22 -30.44
CA THR D 75 -0.40 2.99 -31.50
C THR D 75 -0.33 4.12 -32.51
N GLY D 76 -1.28 5.05 -32.44
CA GLY D 76 -1.32 6.17 -33.37
C GLY D 76 -0.34 7.28 -33.04
N THR D 77 -0.62 8.47 -33.56
CA THR D 77 0.27 9.60 -33.36
C THR D 77 -0.37 10.68 -32.49
N ILE D 78 0.37 11.18 -31.52
CA ILE D 78 -0.13 12.24 -30.66
C ILE D 78 0.45 13.57 -31.11
N TYR D 79 -0.40 14.57 -31.33
CA TYR D 79 0.06 15.93 -31.58
C TYR D 79 -0.33 16.87 -30.44
N LEU D 80 0.62 17.66 -29.98
CA LEU D 80 0.35 18.70 -28.99
C LEU D 80 0.28 20.04 -29.68
N VAL D 81 -0.72 20.84 -29.33
CA VAL D 81 -0.81 22.18 -29.83
C VAL D 81 -0.85 23.15 -28.67
N ASN D 82 0.13 24.06 -28.64
CA ASN D 82 0.14 25.19 -27.72
C ASN D 82 1.27 26.13 -28.12
N PRO D 83 0.95 27.39 -28.45
CA PRO D 83 1.95 28.33 -28.97
C PRO D 83 2.96 28.73 -27.89
N ARG D 84 2.56 28.68 -26.63
CA ARG D 84 3.43 29.10 -25.53
C ARG D 84 4.64 28.19 -25.29
N TYR D 85 4.53 26.89 -25.57
CA TYR D 85 5.62 25.97 -25.24
C TYR D 85 6.20 25.31 -26.48
N GLU D 86 7.50 25.06 -26.47
CA GLU D 86 8.15 24.37 -27.58
C GLU D 86 7.85 22.88 -27.59
N ASN D 87 7.91 22.26 -26.40
CA ASN D 87 7.65 20.84 -26.25
C ASN D 87 7.26 20.47 -24.80
N ILE D 88 6.49 19.40 -24.64
CA ILE D 88 6.17 18.85 -23.33
C ILE D 88 6.54 17.36 -23.39
N ASP D 89 7.23 16.86 -22.37
CA ASP D 89 7.66 15.45 -22.39
C ASP D 89 8.40 15.10 -23.67
N GLY D 90 9.16 16.04 -24.22
CA GLY D 90 9.94 15.78 -25.41
C GLY D 90 9.08 15.70 -26.66
N VAL D 91 7.82 16.11 -26.55
CA VAL D 91 6.90 16.11 -27.68
C VAL D 91 6.62 17.53 -28.17
N ARG D 92 6.87 17.76 -29.46
CA ARG D 92 6.69 19.09 -30.05
C ARG D 92 5.31 19.67 -29.82
N CYS D 93 5.24 20.92 -29.40
CA CYS D 93 4.00 21.67 -29.37
C CYS D 93 3.90 22.56 -30.59
N TYR D 94 2.89 22.34 -31.43
CA TYR D 94 2.65 23.16 -32.59
C TYR D 94 1.97 24.44 -32.17
N GLN D 95 2.12 25.50 -32.97
CA GLN D 95 1.57 26.80 -32.61
C GLN D 95 0.08 26.86 -32.87
N SER D 96 -0.40 25.91 -33.68
CA SER D 96 -1.80 25.91 -34.09
C SER D 96 -2.16 24.58 -34.74
N LEU D 97 -3.45 24.27 -34.77
CA LEU D 97 -3.90 23.07 -35.44
C LEU D 97 -3.57 23.14 -36.94
N LEU D 98 -3.57 24.35 -37.49
CA LEU D 98 -3.31 24.57 -38.92
C LEU D 98 -1.89 24.19 -39.33
N GLU D 99 -0.99 24.13 -38.37
CA GLU D 99 0.44 23.93 -38.65
C GLU D 99 0.81 22.44 -38.76
N ILE D 100 -0.07 21.57 -38.29
CA ILE D 100 0.24 20.14 -38.30
C ILE D 100 0.03 19.58 -39.72
N GLU D 101 1.05 18.95 -40.26
CA GLU D 101 0.94 18.40 -41.61
C GLU D 101 0.49 16.94 -41.58
N ASP D 102 -0.74 16.71 -41.16
CA ASP D 102 -1.27 15.35 -41.06
C ASP D 102 -2.77 15.43 -40.99
N THR D 103 -3.46 14.34 -41.31
CA THR D 103 -4.90 14.27 -41.05
C THR D 103 -5.05 14.15 -39.52
N ILE D 104 -5.98 14.91 -38.96
CA ILE D 104 -6.24 14.89 -37.52
C ILE D 104 -7.61 14.28 -37.30
N ASP D 105 -7.67 13.09 -36.70
CA ASP D 105 -8.94 12.39 -36.51
C ASP D 105 -9.72 12.99 -35.34
N VAL D 106 -9.03 13.19 -34.23
CA VAL D 106 -9.68 13.60 -33.00
C VAL D 106 -8.90 14.71 -32.35
N VAL D 107 -9.62 15.77 -31.99
CA VAL D 107 -9.06 16.87 -31.23
C VAL D 107 -9.68 16.89 -29.82
N VAL D 108 -8.84 17.10 -28.82
CA VAL D 108 -9.30 17.35 -27.48
C VAL D 108 -8.92 18.79 -27.12
N GLY D 109 -9.93 19.63 -26.87
CA GLY D 109 -9.69 21.03 -26.61
C GLY D 109 -9.66 21.27 -25.13
N LEU D 110 -8.53 21.76 -24.64
CA LEU D 110 -8.38 22.05 -23.22
C LEU D 110 -8.31 23.54 -22.88
N VAL D 111 -8.44 24.43 -23.88
CA VAL D 111 -8.41 25.89 -23.63
C VAL D 111 -9.70 26.37 -22.96
N ASN D 112 -9.73 27.61 -22.46
CA ASN D 112 -10.92 28.06 -21.74
C ASN D 112 -12.09 28.25 -22.72
N PRO D 113 -13.33 28.31 -22.21
CA PRO D 113 -14.48 28.33 -23.13
C PRO D 113 -14.43 29.43 -24.20
N GLN D 114 -14.01 30.63 -23.82
CA GLN D 114 -14.02 31.72 -24.78
C GLN D 114 -13.09 31.41 -25.96
N LEU D 115 -11.88 30.93 -25.65
CA LEU D 115 -10.92 30.57 -26.69
C LEU D 115 -11.34 29.34 -27.47
N MET D 116 -12.33 28.61 -26.96
CA MET D 116 -12.73 27.33 -27.57
C MET D 116 -13.40 27.58 -28.92
N ILE D 117 -14.02 28.75 -29.09
CA ILE D 117 -14.70 29.05 -30.34
C ILE D 117 -13.72 29.01 -31.55
N GLN D 118 -12.56 29.65 -31.40
CA GLN D 118 -11.51 29.64 -32.42
C GLN D 118 -11.01 28.21 -32.66
N VAL D 119 -10.71 27.51 -31.58
CA VAL D 119 -10.28 26.11 -31.67
C VAL D 119 -11.29 25.33 -32.50
N ALA D 120 -12.58 25.49 -32.20
CA ALA D 120 -13.59 24.79 -32.97
C ALA D 120 -13.50 25.20 -34.45
N SER D 121 -13.35 26.50 -34.70
CA SER D 121 -13.16 27.00 -36.06
C SER D 121 -11.96 26.34 -36.74
N ASN D 122 -10.79 26.40 -36.09
CA ASN D 122 -9.60 25.77 -36.66
C ASN D 122 -9.76 24.27 -36.87
N ALA D 123 -10.30 23.59 -35.85
CA ALA D 123 -10.52 22.16 -35.95
C ALA D 123 -11.43 21.81 -37.13
N SER D 124 -12.49 22.61 -37.32
CA SER D 124 -13.42 22.41 -38.42
C SER D 124 -12.73 22.67 -39.76
N LYS D 125 -11.92 23.73 -39.81
CA LYS D 125 -11.18 24.09 -41.04
C LYS D 125 -10.26 22.96 -41.50
N ILE D 126 -9.60 22.29 -40.55
CA ILE D 126 -8.78 21.15 -40.94
C ILE D 126 -9.61 19.86 -41.06
N ASN D 127 -10.92 19.96 -40.90
CA ASN D 127 -11.79 18.78 -41.07
C ASN D 127 -11.55 17.64 -40.05
N ALA D 128 -11.27 18.02 -38.81
CA ALA D 128 -11.23 17.06 -37.71
C ALA D 128 -12.61 16.40 -37.65
N LYS D 129 -12.63 15.10 -37.36
CA LYS D 129 -13.90 14.37 -37.24
C LYS D 129 -14.60 14.66 -35.92
N VAL D 130 -13.83 14.80 -34.84
CA VAL D 130 -14.42 14.98 -33.52
C VAL D 130 -13.65 15.98 -32.71
N LEU D 131 -14.36 16.89 -32.07
CA LEU D 131 -13.76 17.75 -31.06
C LEU D 131 -14.37 17.40 -29.71
N VAL D 132 -13.51 16.89 -28.82
CA VAL D 132 -13.88 16.57 -27.44
C VAL D 132 -13.57 17.74 -26.53
N ILE D 133 -14.57 18.17 -25.76
CA ILE D 133 -14.42 19.33 -24.88
C ILE D 133 -14.71 18.94 -23.42
N PRO D 134 -13.70 18.47 -22.70
CA PRO D 134 -13.87 18.04 -21.31
C PRO D 134 -14.31 19.19 -20.40
N GLY D 135 -13.64 20.33 -20.50
CA GLY D 135 -13.93 21.47 -19.65
C GLY D 135 -15.41 21.80 -19.53
N GLY D 136 -15.75 22.51 -18.46
CA GLY D 136 -17.12 22.92 -18.21
C GLY D 136 -17.32 24.40 -18.44
N GLY D 137 -18.35 24.96 -17.82
CA GLY D 137 -18.65 26.38 -17.97
C GLY D 137 -19.26 26.68 -19.32
N TYR D 138 -20.10 25.76 -19.79
CA TYR D 138 -20.76 25.91 -21.08
C TYR D 138 -22.29 25.93 -20.90
N GLY D 139 -23.00 25.37 -21.88
CA GLY D 139 -24.45 25.33 -21.84
C GLY D 139 -25.02 24.99 -20.48
N GLU D 140 -24.22 24.29 -19.66
CA GLU D 140 -24.67 23.87 -18.35
C GLU D 140 -24.44 24.97 -17.31
N SER D 141 -23.75 26.04 -17.70
CA SER D 141 -23.28 27.00 -16.70
C SER D 141 -24.05 28.32 -16.71
N GLY D 142 -24.81 28.57 -17.77
CA GLY D 142 -25.54 29.83 -17.88
C GLY D 142 -25.76 30.27 -19.30
N VAL D 143 -26.45 31.41 -19.47
CA VAL D 143 -26.79 31.92 -20.78
C VAL D 143 -25.52 32.14 -21.60
N GLU D 144 -24.53 32.77 -20.96
CA GLU D 144 -23.28 33.10 -21.62
C GLU D 144 -22.58 31.85 -22.15
N GLY D 145 -22.38 30.87 -21.28
CA GLY D 145 -21.77 29.61 -21.69
C GLY D 145 -22.56 28.96 -22.81
N GLN D 146 -23.87 28.99 -22.68
CA GLN D 146 -24.76 28.42 -23.68
C GLN D 146 -24.54 29.08 -25.03
N ASN D 147 -24.23 30.37 -25.01
CA ASN D 147 -23.97 31.12 -26.24
C ASN D 147 -22.62 30.73 -26.81
N ILE D 148 -21.64 30.58 -25.92
CA ILE D 148 -20.35 30.05 -26.32
C ILE D 148 -20.50 28.69 -27.01
N GLN D 149 -21.37 27.85 -26.43
CA GLN D 149 -21.60 26.50 -26.95
C GLN D 149 -22.28 26.53 -28.32
N ASN D 150 -23.28 27.40 -28.48
CA ASN D 150 -23.96 27.51 -29.76
C ASN D 150 -23.01 28.01 -30.85
N ALA D 151 -22.10 28.91 -30.49
CA ALA D 151 -21.11 29.38 -31.43
C ALA D 151 -20.20 28.23 -31.85
N ILE D 152 -19.78 27.43 -30.87
CA ILE D 152 -18.97 26.25 -31.17
C ILE D 152 -19.69 25.31 -32.15
N LEU D 153 -20.96 25.03 -31.87
CA LEU D 153 -21.74 24.14 -32.73
C LEU D 153 -21.82 24.71 -34.13
N GLU D 154 -21.98 26.04 -34.19
CA GLU D 154 -22.03 26.77 -35.43
C GLU D 154 -20.71 26.64 -36.21
N ARG D 155 -19.58 26.80 -35.53
CA ARG D 155 -18.28 26.56 -36.16
C ARG D 155 -18.17 25.11 -36.67
N ALA D 156 -18.67 24.16 -35.89
CA ALA D 156 -18.57 22.75 -36.26
C ALA D 156 -19.43 22.39 -37.48
N ALA D 157 -20.61 23.01 -37.58
CA ALA D 157 -21.57 22.64 -38.62
C ALA D 157 -21.01 22.87 -40.02
N ASP D 158 -20.08 23.81 -40.12
CA ASP D 158 -19.41 24.09 -41.38
C ASP D 158 -18.91 22.81 -42.07
N SER D 159 -18.28 21.92 -41.31
CA SER D 159 -17.72 20.72 -41.92
C SER D 159 -18.35 19.46 -41.35
N GLY D 160 -19.28 19.64 -40.42
CA GLY D 160 -19.93 18.50 -39.77
C GLY D 160 -19.02 17.74 -38.81
N MET D 161 -17.98 18.40 -38.32
CA MET D 161 -17.20 17.91 -37.19
C MET D 161 -18.13 17.70 -35.99
N ARG D 162 -17.96 16.58 -35.28
CA ARG D 162 -18.79 16.31 -34.13
C ARG D 162 -18.23 16.94 -32.85
N ILE D 163 -19.11 17.30 -31.94
CA ILE D 163 -18.73 17.76 -30.62
C ILE D 163 -19.11 16.72 -29.56
N VAL D 164 -18.12 16.30 -28.77
CA VAL D 164 -18.36 15.45 -27.60
C VAL D 164 -18.39 16.31 -26.34
N GLY D 165 -19.49 16.21 -25.60
CA GLY D 165 -19.70 17.07 -24.44
C GLY D 165 -20.46 18.32 -24.84
N PRO D 166 -19.98 19.49 -24.41
CA PRO D 166 -18.84 19.64 -23.50
C PRO D 166 -19.19 19.18 -22.09
N ASN D 167 -18.28 19.45 -21.15
CA ASN D 167 -18.48 19.13 -19.75
C ASN D 167 -18.61 17.63 -19.49
N CYS D 168 -17.56 16.89 -19.80
CA CYS D 168 -17.54 15.45 -19.63
C CYS D 168 -16.10 15.01 -19.48
N MET D 169 -15.86 13.72 -19.41
CA MET D 169 -14.49 13.24 -19.30
C MET D 169 -14.01 12.61 -20.59
N GLY D 170 -14.76 12.82 -21.66
CA GLY D 170 -14.36 12.25 -22.94
C GLY D 170 -14.83 10.81 -23.08
N TYR D 171 -13.97 9.96 -23.60
CA TYR D 171 -14.38 8.59 -23.84
C TYR D 171 -13.18 7.68 -23.90
N LEU D 172 -13.43 6.38 -23.86
CA LEU D 172 -12.33 5.43 -24.02
C LEU D 172 -12.75 4.17 -24.77
N ASN D 173 -11.76 3.52 -25.36
CA ASN D 173 -11.99 2.39 -26.25
C ASN D 173 -10.87 1.39 -26.00
N MET D 174 -11.15 0.43 -25.13
CA MET D 174 -10.13 -0.54 -24.74
C MET D 174 -9.62 -1.36 -25.93
N HIS D 175 -10.51 -1.71 -26.85
CA HIS D 175 -10.12 -2.57 -27.95
C HIS D 175 -9.26 -1.87 -29.01
N ALA D 176 -9.55 -0.60 -29.26
CA ALA D 176 -8.72 0.24 -30.14
C ALA D 176 -7.56 0.89 -29.39
N GLN D 177 -7.38 0.55 -28.12
CA GLN D 177 -6.33 1.19 -27.31
C GLN D 177 -6.34 2.71 -27.40
N PHE D 178 -7.52 3.31 -27.45
CA PHE D 178 -7.61 4.76 -27.64
C PHE D 178 -8.37 5.36 -26.47
N THR D 179 -7.73 6.27 -25.73
CA THR D 179 -8.32 6.72 -24.47
C THR D 179 -8.26 8.21 -24.23
N PRO D 180 -8.94 8.99 -25.08
CA PRO D 180 -9.02 10.43 -24.87
C PRO D 180 -9.96 10.68 -23.68
N TYR D 181 -9.48 10.30 -22.50
CA TYR D 181 -10.32 10.26 -21.30
C TYR D 181 -9.62 10.99 -20.17
N ILE D 182 -10.31 11.94 -19.56
CA ILE D 182 -9.74 12.75 -18.47
C ILE D 182 -10.02 12.04 -17.14
N GLY D 183 -9.15 11.14 -16.77
CA GLY D 183 -9.33 10.30 -15.59
C GLY D 183 -8.20 9.29 -15.62
N THR D 184 -7.54 9.09 -14.48
CA THR D 184 -6.39 8.20 -14.43
C THR D 184 -6.77 6.74 -14.67
N LEU D 185 -6.38 6.21 -15.83
CA LEU D 185 -6.69 4.83 -16.17
C LEU D 185 -5.61 3.82 -15.78
N HIS D 186 -4.35 4.23 -15.71
CA HIS D 186 -3.28 3.29 -15.37
C HIS D 186 -3.25 3.05 -13.87
N ARG D 187 -3.51 1.81 -13.47
CA ARG D 187 -3.69 1.44 -12.07
C ARG D 187 -3.07 0.09 -11.78
N PRO D 188 -1.77 0.07 -11.48
CA PRO D 188 -1.04 -1.15 -11.15
C PRO D 188 -1.73 -1.93 -10.02
N LEU D 189 -2.23 -1.20 -9.02
CA LEU D 189 -2.93 -1.83 -7.90
C LEU D 189 -4.28 -2.39 -8.34
N ARG D 190 -4.93 -1.67 -9.26
CA ARG D 190 -6.20 -2.10 -9.80
C ARG D 190 -6.31 -1.69 -11.27
N PRO D 191 -5.96 -2.69 -12.19
CA PRO D 191 -6.00 -2.24 -13.59
C PRO D 191 -7.31 -2.61 -14.28
N ILE D 192 -7.73 -1.78 -15.23
CA ILE D 192 -8.96 -2.02 -15.97
C ILE D 192 -8.81 -3.20 -16.93
N LYS D 193 -9.70 -4.17 -16.80
CA LYS D 193 -9.69 -5.35 -17.65
C LYS D 193 -10.45 -5.12 -18.96
N LYS D 194 -9.82 -5.42 -20.09
CA LYS D 194 -10.50 -5.42 -21.39
C LYS D 194 -11.66 -6.45 -21.43
N GLY D 195 -12.80 -6.08 -21.99
CA GLY D 195 -13.96 -6.96 -21.97
C GLY D 195 -15.10 -6.52 -22.86
N PRO D 196 -16.26 -7.17 -22.72
CA PRO D 196 -17.35 -7.00 -23.69
C PRO D 196 -18.41 -5.98 -23.27
N VAL D 197 -18.18 -5.26 -22.17
CA VAL D 197 -19.21 -4.36 -21.65
C VAL D 197 -18.93 -2.91 -22.02
N SER D 198 -19.93 -2.25 -22.58
CA SER D 198 -19.75 -0.84 -22.90
C SER D 198 -20.77 0.00 -22.18
N ILE D 199 -20.38 1.25 -21.89
CA ILE D 199 -21.18 2.09 -21.01
C ILE D 199 -21.38 3.49 -21.57
N ILE D 200 -22.60 3.98 -21.48
CA ILE D 200 -22.92 5.36 -21.83
C ILE D 200 -23.51 6.02 -20.61
N SER D 201 -22.86 7.08 -20.13
CA SER D 201 -23.35 7.72 -18.93
C SER D 201 -23.46 9.22 -19.03
N GLN D 202 -24.59 9.73 -18.59
CA GLN D 202 -24.77 11.16 -18.48
C GLN D 202 -24.12 11.73 -17.22
N SER D 203 -23.51 10.86 -16.41
CA SER D 203 -22.83 11.34 -15.20
C SER D 203 -21.38 10.89 -15.14
N GLY D 204 -20.46 11.85 -15.04
CA GLY D 204 -19.05 11.54 -14.90
C GLY D 204 -18.69 10.50 -13.85
N SER D 205 -19.13 10.68 -12.61
CA SER D 205 -18.69 9.78 -11.54
C SER D 205 -19.21 8.37 -11.72
N VAL D 206 -20.42 8.26 -12.24
CA VAL D 206 -20.98 6.94 -12.48
C VAL D 206 -20.06 6.18 -13.42
N ASN D 207 -19.60 6.81 -14.50
CA ASN D 207 -18.55 6.20 -15.33
C ASN D 207 -17.33 5.71 -14.55
N ASP D 208 -16.72 6.58 -13.74
CA ASP D 208 -15.54 6.16 -12.98
C ASP D 208 -15.83 5.03 -11.96
N ALA D 209 -17.05 4.97 -11.44
CA ALA D 209 -17.41 3.87 -10.54
C ALA D 209 -17.40 2.56 -11.33
N PHE D 210 -17.92 2.58 -12.56
CA PHE D 210 -17.90 1.38 -13.38
C PHE D 210 -16.48 0.97 -13.71
N ILE D 211 -15.61 1.96 -13.90
CA ILE D 211 -14.26 1.65 -14.29
C ILE D 211 -13.54 1.01 -13.12
N ALA D 212 -13.94 1.40 -11.90
CA ALA D 212 -13.32 0.81 -10.70
C ALA D 212 -13.83 -0.62 -10.40
N SER D 213 -14.90 -1.03 -11.08
CA SER D 213 -15.56 -2.30 -10.78
C SER D 213 -14.84 -3.47 -11.48
N LYS D 214 -15.39 -4.66 -11.36
CA LYS D 214 -14.74 -5.84 -11.95
C LYS D 214 -15.07 -6.05 -13.45
N LEU D 215 -15.93 -5.21 -14.01
CA LEU D 215 -16.41 -5.38 -15.38
C LEU D 215 -15.26 -5.42 -16.41
N GLY D 216 -15.38 -6.31 -17.39
CA GLY D 216 -14.48 -6.31 -18.52
C GLY D 216 -14.98 -5.27 -19.52
N ILE D 217 -14.24 -4.17 -19.63
CA ILE D 217 -14.71 -2.98 -20.33
C ILE D 217 -14.31 -2.96 -21.80
N SER D 218 -15.17 -2.38 -22.63
CA SER D 218 -14.85 -2.14 -24.04
C SER D 218 -14.84 -0.66 -24.30
N LYS D 219 -16.01 -0.08 -24.45
CA LYS D 219 -16.07 1.36 -24.67
C LYS D 219 -16.79 2.10 -23.54
N ILE D 220 -16.25 3.24 -23.13
CA ILE D 220 -16.95 4.11 -22.22
C ILE D 220 -17.08 5.53 -22.75
N TYR D 221 -18.32 6.02 -22.79
CA TYR D 221 -18.66 7.35 -23.31
C TYR D 221 -19.24 8.23 -22.22
N SER D 222 -18.59 9.36 -21.95
CA SER D 222 -19.10 10.33 -20.98
C SER D 222 -19.75 11.44 -21.78
N THR D 223 -21.08 11.59 -21.68
CA THR D 223 -21.80 12.36 -22.69
C THR D 223 -21.85 13.87 -22.45
N GLY D 224 -21.62 14.29 -21.21
CA GLY D 224 -21.66 15.69 -20.84
C GLY D 224 -22.95 16.35 -21.28
N ASN D 225 -22.84 17.57 -21.81
CA ASN D 225 -24.00 18.37 -22.17
C ASN D 225 -24.80 17.82 -23.35
N GLU D 226 -24.19 16.89 -24.10
CA GLU D 226 -24.87 16.37 -25.26
C GLU D 226 -25.29 17.50 -26.21
N ALA D 227 -24.43 18.51 -26.34
CA ALA D 227 -24.70 19.63 -27.25
C ALA D 227 -24.92 19.12 -28.68
N ASP D 228 -24.20 18.08 -29.06
CA ASP D 228 -24.24 17.55 -30.42
C ASP D 228 -24.45 16.03 -30.42
N VAL D 229 -23.53 15.30 -29.82
CA VAL D 229 -23.65 13.87 -29.77
C VAL D 229 -24.41 13.47 -28.51
N GLN D 230 -25.56 12.84 -28.72
CA GLN D 230 -26.46 12.48 -27.63
C GLN D 230 -26.44 11.00 -27.33
N MET D 231 -27.08 10.63 -26.22
CA MET D 231 -27.06 9.23 -25.79
C MET D 231 -27.45 8.26 -26.90
N HIS D 232 -28.50 8.58 -27.66
CA HIS D 232 -28.97 7.68 -28.71
C HIS D 232 -27.92 7.45 -29.79
N ASP D 233 -27.13 8.48 -30.08
CA ASP D 233 -26.03 8.37 -31.03
C ASP D 233 -25.02 7.35 -30.54
N TYR D 234 -24.59 7.46 -29.28
CA TYR D 234 -23.64 6.50 -28.74
C TYR D 234 -24.28 5.11 -28.71
N LEU D 235 -25.56 5.07 -28.36
CA LEU D 235 -26.26 3.78 -28.27
C LEU D 235 -26.31 3.11 -29.64
N ASN D 236 -26.66 3.87 -30.67
CA ASN D 236 -26.64 3.35 -32.05
C ASN D 236 -25.27 2.78 -32.43
N LEU D 237 -24.20 3.46 -32.02
CA LEU D 237 -22.86 2.92 -32.20
C LEU D 237 -22.67 1.57 -31.52
N LEU D 238 -23.09 1.48 -30.25
CA LEU D 238 -22.88 0.25 -29.52
C LEU D 238 -23.76 -0.87 -30.09
N ALA D 239 -24.97 -0.52 -30.53
CA ALA D 239 -25.87 -1.52 -31.08
C ALA D 239 -25.19 -2.40 -32.14
N GLU D 240 -24.38 -1.78 -32.99
CA GLU D 240 -23.77 -2.49 -34.11
C GLU D 240 -22.28 -2.79 -33.88
N ASP D 241 -21.78 -2.48 -32.69
CA ASP D 241 -20.38 -2.69 -32.36
C ASP D 241 -20.06 -4.13 -31.98
N PRO D 242 -19.37 -4.85 -32.86
CA PRO D 242 -19.07 -6.25 -32.58
C PRO D 242 -18.28 -6.46 -31.29
N GLU D 243 -17.58 -5.44 -30.82
CA GLU D 243 -16.72 -5.56 -29.66
C GLU D 243 -17.48 -5.33 -28.35
N THR D 244 -18.75 -4.98 -28.48
CA THR D 244 -19.63 -4.79 -27.35
C THR D 244 -20.72 -5.85 -27.39
N SER D 245 -20.89 -6.61 -26.32
CA SER D 245 -22.00 -7.53 -26.28
C SER D 245 -22.93 -7.26 -25.08
N VAL D 246 -22.59 -6.28 -24.24
CA VAL D 246 -23.47 -5.91 -23.11
C VAL D 246 -23.42 -4.42 -22.88
N ILE D 247 -24.58 -3.80 -22.72
CA ILE D 247 -24.65 -2.35 -22.62
C ILE D 247 -25.25 -1.83 -21.30
N ILE D 248 -24.58 -0.85 -20.70
CA ILE D 248 -25.09 -0.20 -19.50
C ILE D 248 -25.31 1.28 -19.77
N LEU D 249 -26.49 1.78 -19.45
CA LEU D 249 -26.78 3.21 -19.55
C LEU D 249 -27.00 3.83 -18.17
N TYR D 250 -26.43 5.02 -17.95
CA TYR D 250 -26.83 5.83 -16.82
C TYR D 250 -27.65 7.01 -17.32
N ILE D 251 -28.91 7.08 -16.92
CA ILE D 251 -29.84 8.03 -17.52
C ILE D 251 -30.33 9.11 -16.57
N GLU D 252 -30.10 10.37 -16.94
CA GLU D 252 -30.71 11.50 -16.23
C GLU D 252 -31.96 11.98 -16.95
N ALA D 253 -31.80 12.33 -18.23
CA ALA D 253 -32.94 12.70 -19.07
C ALA D 253 -32.73 12.13 -20.47
N ILE D 254 -33.84 11.80 -21.13
CA ILE D 254 -33.82 11.34 -22.52
C ILE D 254 -34.32 12.49 -23.40
N ARG D 255 -33.52 12.86 -24.40
CA ARG D 255 -33.75 14.09 -25.17
C ARG D 255 -34.67 13.91 -26.38
N ASN D 256 -34.26 12.99 -27.24
CA ASN D 256 -34.97 12.65 -28.46
C ASN D 256 -35.54 11.23 -28.29
N HIS D 257 -36.78 11.14 -27.79
CA HIS D 257 -37.39 9.85 -27.44
C HIS D 257 -37.51 8.88 -28.63
N LEU D 258 -37.89 9.37 -29.80
CA LEU D 258 -37.95 8.48 -30.97
C LEU D 258 -36.58 7.85 -31.32
N SER D 259 -35.51 8.65 -31.31
CA SER D 259 -34.21 8.11 -31.69
C SER D 259 -33.66 7.15 -30.63
N PHE D 260 -33.89 7.48 -29.36
CA PHE D 260 -33.54 6.60 -28.24
C PHE D 260 -34.26 5.26 -28.40
N LEU D 261 -35.58 5.30 -28.56
CA LEU D 261 -36.36 4.09 -28.82
C LEU D 261 -35.80 3.27 -29.99
N ARG D 262 -35.58 3.92 -31.12
CA ARG D 262 -35.03 3.25 -32.28
C ARG D 262 -33.67 2.64 -32.00
N ALA D 263 -32.83 3.35 -31.26
CA ALA D 263 -31.52 2.80 -30.89
C ALA D 263 -31.68 1.56 -29.99
N LEU D 264 -32.67 1.58 -29.12
CA LEU D 264 -32.96 0.42 -28.28
C LEU D 264 -33.40 -0.76 -29.15
N ASP D 265 -34.25 -0.50 -30.14
CA ASP D 265 -34.71 -1.56 -31.03
C ASP D 265 -33.56 -2.08 -31.87
N LEU D 266 -32.61 -1.21 -32.20
CA LEU D 266 -31.38 -1.64 -32.85
C LEU D 266 -30.52 -2.59 -31.99
N CYS D 267 -30.41 -2.30 -30.69
CA CYS D 267 -29.66 -3.19 -29.80
C CYS D 267 -30.33 -4.55 -29.73
N SER D 268 -31.66 -4.49 -29.70
CA SER D 268 -32.51 -5.67 -29.61
C SER D 268 -32.36 -6.53 -30.88
N LYS D 269 -32.41 -5.88 -32.04
CA LYS D 269 -32.17 -6.56 -33.31
C LYS D 269 -30.81 -7.25 -33.33
N ASN D 270 -29.81 -6.66 -32.67
CA ASN D 270 -28.48 -7.27 -32.60
C ASN D 270 -28.23 -8.15 -31.35
N LYS D 271 -29.30 -8.41 -30.58
CA LYS D 271 -29.20 -9.33 -29.43
C LYS D 271 -28.22 -8.83 -28.38
N LYS D 272 -28.24 -7.53 -28.11
CA LYS D 272 -27.41 -7.00 -27.05
C LYS D 272 -28.28 -6.52 -25.90
N PRO D 273 -28.14 -7.15 -24.73
CA PRO D 273 -28.84 -6.72 -23.51
C PRO D 273 -28.45 -5.29 -23.12
N VAL D 274 -29.45 -4.49 -22.83
CA VAL D 274 -29.25 -3.12 -22.36
C VAL D 274 -29.68 -2.99 -20.90
N ILE D 275 -28.73 -2.67 -20.03
CA ILE D 275 -28.98 -2.44 -18.60
C ILE D 275 -29.02 -0.93 -18.31
N ALA D 276 -29.87 -0.48 -17.39
CA ALA D 276 -29.97 0.95 -17.12
C ALA D 276 -30.25 1.30 -15.66
N ILE D 277 -29.64 2.40 -15.20
CA ILE D 277 -30.04 3.06 -13.98
C ILE D 277 -30.64 4.36 -14.46
N LYS D 278 -31.84 4.68 -13.99
CA LYS D 278 -32.46 5.94 -14.36
C LYS D 278 -32.89 6.70 -13.10
N VAL D 279 -32.28 7.86 -12.90
CA VAL D 279 -32.43 8.67 -11.71
C VAL D 279 -33.74 9.44 -11.71
N GLY D 280 -34.14 9.92 -10.53
CA GLY D 280 -35.37 10.67 -10.36
C GLY D 280 -36.55 9.75 -10.12
N ARG D 281 -36.26 8.53 -9.70
CA ARG D 281 -37.28 7.52 -9.51
C ARG D 281 -38.36 7.96 -8.51
N THR D 282 -37.95 8.72 -7.49
CA THR D 282 -38.86 9.04 -6.39
C THR D 282 -39.41 10.44 -6.48
N ILE D 283 -39.03 11.18 -7.50
CA ILE D 283 -39.51 12.55 -7.66
C ILE D 283 -41.02 12.62 -7.95
N LYS D 284 -41.73 13.36 -7.09
CA LYS D 284 -43.16 13.67 -7.21
C LYS D 284 -43.80 13.57 -8.59
N SER D 285 -43.68 14.65 -9.36
CA SER D 285 -44.30 14.78 -10.67
C SER D 285 -45.81 14.48 -10.65
N ALA D 286 -46.60 15.44 -10.17
CA ALA D 286 -48.05 15.31 -10.17
C ALA D 286 -48.69 16.35 -11.11
N ALA D 287 -48.99 15.92 -12.33
CA ALA D 287 -49.56 16.81 -13.33
C ALA D 287 -51.08 16.70 -13.39
N VAL D 288 -51.71 17.63 -14.10
CA VAL D 288 -53.16 17.64 -14.24
C VAL D 288 -53.68 16.29 -14.69
N ALA D 289 -54.93 15.99 -14.31
CA ALA D 289 -55.55 14.72 -14.69
C ALA D 289 -56.95 14.70 -14.08
N ASN D 290 -57.89 14.09 -14.79
CA ASN D 290 -59.26 13.99 -14.32
C ASN D 290 -59.49 12.54 -13.92
N ALA D 291 -58.74 11.63 -14.52
CA ALA D 291 -58.91 10.20 -14.23
C ALA D 291 -58.17 9.77 -12.98
N HIS D 292 -58.79 8.89 -12.21
CA HIS D 292 -58.14 8.32 -11.02
C HIS D 292 -56.84 7.66 -11.44
N SER D 293 -56.86 7.04 -12.61
CA SER D 293 -55.68 6.39 -13.16
C SER D 293 -54.53 7.39 -13.35
N GLY D 294 -54.85 8.68 -13.30
CA GLY D 294 -53.85 9.72 -13.40
C GLY D 294 -53.02 9.82 -12.13
N ALA D 295 -53.66 9.63 -10.99
CA ALA D 295 -52.94 9.66 -9.73
C ALA D 295 -52.32 8.30 -9.42
N LEU D 296 -52.80 7.25 -10.09
CA LEU D 296 -52.38 5.89 -9.77
C LEU D 296 -51.11 5.46 -10.51
N ALA D 297 -50.83 6.11 -11.63
CA ALA D 297 -49.67 5.76 -12.45
C ALA D 297 -48.83 7.00 -12.71
N GLY D 298 -47.63 7.04 -12.11
CA GLY D 298 -46.76 8.19 -12.24
C GLY D 298 -45.99 8.17 -13.55
N ASP D 299 -45.42 9.31 -13.91
CA ASP D 299 -44.67 9.40 -15.15
C ASP D 299 -43.47 8.45 -15.17
N TYR D 300 -42.75 8.37 -14.06
CA TYR D 300 -41.54 7.55 -14.04
C TYR D 300 -41.91 6.11 -14.33
N GLU D 301 -42.94 5.61 -13.64
CA GLU D 301 -43.41 4.23 -13.81
C GLU D 301 -43.79 3.92 -15.26
N ILE D 302 -44.58 4.81 -15.86
CA ILE D 302 -45.03 4.67 -17.25
C ILE D 302 -43.82 4.64 -18.20
N GLU D 303 -42.89 5.54 -17.98
CA GLU D 303 -41.69 5.54 -18.81
C GLU D 303 -40.93 4.23 -18.65
N LYS D 304 -40.78 3.78 -17.40
CA LYS D 304 -40.01 2.58 -17.14
C LYS D 304 -40.59 1.40 -17.94
N LEU D 305 -41.91 1.28 -17.92
CA LEU D 305 -42.60 0.19 -18.61
C LEU D 305 -42.37 0.20 -20.11
N PHE D 306 -42.45 1.38 -20.72
CA PHE D 306 -42.18 1.48 -22.16
C PHE D 306 -40.75 1.05 -22.46
N LEU D 307 -39.81 1.55 -21.68
CA LEU D 307 -38.42 1.23 -21.93
C LEU D 307 -38.15 -0.26 -21.73
N GLU D 308 -38.82 -0.87 -20.73
CA GLU D 308 -38.73 -2.32 -20.55
C GLU D 308 -39.35 -3.06 -21.76
N GLY D 309 -40.38 -2.45 -22.35
CA GLY D 309 -41.04 -3.01 -23.50
C GLY D 309 -40.08 -3.10 -24.68
N HIS D 310 -39.02 -2.30 -24.64
CA HIS D 310 -37.99 -2.32 -25.66
C HIS D 310 -36.73 -3.05 -25.21
N GLY D 311 -36.82 -3.76 -24.08
CA GLY D 311 -35.74 -4.61 -23.62
C GLY D 311 -34.90 -4.09 -22.46
N VAL D 312 -35.15 -2.88 -21.98
CA VAL D 312 -34.27 -2.35 -20.94
C VAL D 312 -34.45 -3.11 -19.63
N LEU D 313 -33.34 -3.53 -19.04
CA LEU D 313 -33.28 -4.15 -17.73
C LEU D 313 -32.88 -3.11 -16.69
N PHE D 314 -33.84 -2.59 -15.92
CA PHE D 314 -33.54 -1.55 -14.95
C PHE D 314 -33.00 -2.09 -13.63
N VAL D 315 -32.03 -1.39 -13.07
CA VAL D 315 -31.54 -1.64 -11.70
C VAL D 315 -31.49 -0.29 -10.95
N GLU D 316 -31.30 -0.35 -9.64
CA GLU D 316 -31.44 0.86 -8.81
C GLU D 316 -30.12 1.53 -8.44
N ASP D 317 -29.00 0.87 -8.74
CA ASP D 317 -27.70 1.44 -8.36
C ASP D 317 -26.57 0.77 -9.13
N ILE D 318 -25.34 1.20 -8.85
CA ILE D 318 -24.20 0.85 -9.68
C ILE D 318 -23.76 -0.59 -9.42
N ASP D 319 -23.64 -0.98 -8.15
CA ASP D 319 -23.34 -2.36 -7.79
C ASP D 319 -24.27 -3.33 -8.52
N GLN D 320 -25.56 -2.98 -8.60
CA GLN D 320 -26.52 -3.86 -9.24
C GLN D 320 -26.28 -3.94 -10.73
N ALA D 321 -26.06 -2.77 -11.37
CA ALA D 321 -25.73 -2.79 -12.79
C ALA D 321 -24.51 -3.67 -13.04
N VAL D 322 -23.47 -3.52 -12.22
CA VAL D 322 -22.27 -4.37 -12.36
C VAL D 322 -22.63 -5.85 -12.29
N ALA D 323 -23.41 -6.22 -11.28
CA ALA D 323 -23.72 -7.62 -11.04
C ALA D 323 -24.41 -8.23 -12.24
N VAL D 324 -25.42 -7.53 -12.72
CA VAL D 324 -26.21 -7.99 -13.85
C VAL D 324 -25.34 -8.16 -15.09
N ALA D 325 -24.52 -7.15 -15.38
CA ALA D 325 -23.57 -7.21 -16.51
C ALA D 325 -22.53 -8.31 -16.36
N LEU D 326 -22.01 -8.49 -15.15
CA LEU D 326 -21.07 -9.58 -14.87
C LEU D 326 -21.64 -10.93 -15.31
N LEU D 327 -22.92 -11.15 -15.05
CA LEU D 327 -23.56 -12.43 -15.35
C LEU D 327 -23.88 -12.54 -16.84
N LEU D 328 -24.34 -11.44 -17.42
CA LEU D 328 -24.66 -11.39 -18.85
C LEU D 328 -23.40 -11.48 -19.72
N SER D 329 -22.25 -11.23 -19.09
CA SER D 329 -20.95 -11.27 -19.80
C SER D 329 -20.50 -12.69 -20.10
N GLN D 330 -21.08 -13.67 -19.42
CA GLN D 330 -20.78 -15.05 -19.72
C GLN D 330 -21.89 -15.54 -20.64
N PRO D 331 -21.55 -16.40 -21.60
CA PRO D 331 -22.52 -16.69 -22.67
C PRO D 331 -23.46 -17.84 -22.37
N TYR D 332 -24.22 -17.72 -21.29
CA TYR D 332 -25.18 -18.75 -20.93
C TYR D 332 -26.45 -18.07 -20.47
N LEU D 333 -27.58 -18.64 -20.89
CA LEU D 333 -28.88 -18.14 -20.48
C LEU D 333 -29.70 -19.30 -19.94
N PRO D 334 -30.60 -19.01 -18.98
CA PRO D 334 -31.35 -20.08 -18.30
C PRO D 334 -32.55 -20.53 -19.11
N THR D 335 -32.95 -21.79 -18.94
CA THR D 335 -34.13 -22.30 -19.62
C THR D 335 -35.37 -22.36 -18.71
N VAL D 336 -35.16 -22.24 -17.39
CA VAL D 336 -36.28 -22.20 -16.45
C VAL D 336 -35.95 -21.21 -15.33
N ASN D 337 -36.96 -20.49 -14.86
CA ASN D 337 -36.71 -19.31 -14.02
C ASN D 337 -36.47 -19.64 -12.56
N THR D 338 -35.47 -20.48 -12.30
CA THR D 338 -35.19 -20.95 -10.96
C THR D 338 -33.69 -21.02 -10.68
N VAL D 339 -33.33 -21.11 -9.40
CA VAL D 339 -31.95 -21.06 -8.99
C VAL D 339 -31.73 -22.12 -7.93
N ALA D 340 -30.51 -22.63 -7.86
CA ALA D 340 -30.10 -23.48 -6.76
C ALA D 340 -28.82 -22.89 -6.19
N ALA D 341 -28.67 -22.95 -4.88
CA ALA D 341 -27.43 -22.51 -4.25
C ALA D 341 -26.89 -23.55 -3.29
N LEU D 342 -25.60 -23.82 -3.41
CA LEU D 342 -24.87 -24.62 -2.44
C LEU D 342 -24.12 -23.70 -1.49
N THR D 343 -24.32 -23.89 -0.18
CA THR D 343 -23.55 -23.13 0.82
C THR D 343 -22.73 -24.04 1.72
N VAL D 344 -21.93 -23.43 2.59
CA VAL D 344 -21.23 -24.19 3.63
C VAL D 344 -21.56 -23.55 4.97
N SER D 345 -22.69 -22.89 5.01
CA SER D 345 -23.18 -22.25 6.21
C SER D 345 -24.70 -22.41 6.17
N GLY D 346 -25.27 -22.94 7.25
CA GLY D 346 -26.71 -23.05 7.35
C GLY D 346 -27.30 -21.69 7.58
N GLY D 347 -26.61 -20.88 8.39
CA GLY D 347 -27.09 -19.53 8.70
C GLY D 347 -27.19 -18.66 7.45
N GLN D 348 -26.13 -18.65 6.64
CA GLN D 348 -26.11 -17.85 5.43
C GLN D 348 -27.08 -18.45 4.39
N ALA D 349 -27.22 -19.77 4.39
CA ALA D 349 -28.21 -20.41 3.54
C ALA D 349 -29.57 -19.83 3.88
N GLY D 350 -29.83 -19.67 5.18
CA GLY D 350 -31.14 -19.21 5.63
C GLY D 350 -31.40 -17.74 5.32
N ILE D 351 -30.37 -16.91 5.43
CA ILE D 351 -30.51 -15.52 5.05
C ILE D 351 -30.73 -15.37 3.53
N LEU D 352 -30.00 -16.16 2.75
CA LEU D 352 -30.15 -16.16 1.30
C LEU D 352 -31.58 -16.50 0.97
N LEU D 353 -32.12 -17.51 1.67
CA LEU D 353 -33.49 -17.93 1.42
C LEU D 353 -34.45 -16.79 1.71
N ASP D 354 -34.27 -16.15 2.87
CA ASP D 354 -35.09 -14.99 3.19
C ASP D 354 -35.02 -13.90 2.13
N LEU D 355 -33.81 -13.62 1.67
CA LEU D 355 -33.57 -12.55 0.70
C LEU D 355 -34.24 -12.91 -0.63
N ALA D 356 -34.12 -14.17 -1.02
CA ALA D 356 -34.72 -14.64 -2.26
C ALA D 356 -36.20 -14.35 -2.27
N GLU D 357 -36.85 -14.39 -1.11
CA GLU D 357 -38.27 -14.06 -1.10
C GLU D 357 -38.51 -12.57 -1.28
N ASP D 358 -37.66 -11.74 -0.65
CA ASP D 358 -37.78 -10.29 -0.81
C ASP D 358 -37.67 -9.89 -2.29
N TYR D 359 -36.78 -10.54 -3.03
CA TYR D 359 -36.48 -10.14 -4.40
C TYR D 359 -37.30 -10.92 -5.44
N GLY D 360 -38.00 -11.95 -4.95
CA GLY D 360 -38.88 -12.74 -5.80
C GLY D 360 -38.11 -13.68 -6.69
N VAL D 361 -37.18 -14.42 -6.11
CA VAL D 361 -36.40 -15.37 -6.87
C VAL D 361 -36.68 -16.76 -6.31
N ASP D 362 -37.13 -17.65 -7.19
CA ASP D 362 -37.58 -18.99 -6.84
C ASP D 362 -36.39 -19.94 -6.66
N PHE D 363 -36.21 -20.45 -5.44
CA PHE D 363 -35.29 -21.57 -5.22
C PHE D 363 -36.20 -22.77 -4.91
N PRO D 364 -36.48 -23.60 -5.92
CA PRO D 364 -37.47 -24.68 -5.70
C PRO D 364 -36.83 -25.92 -5.12
N ASP D 365 -37.61 -26.91 -4.71
CA ASP D 365 -37.04 -28.19 -4.32
C ASP D 365 -36.34 -28.80 -5.51
N PHE D 366 -35.30 -29.58 -5.26
CA PHE D 366 -34.63 -30.28 -6.33
C PHE D 366 -35.55 -31.35 -6.93
N SER D 367 -35.28 -31.75 -8.18
CA SER D 367 -36.11 -32.73 -8.86
C SER D 367 -36.00 -34.07 -8.16
N ALA D 368 -36.89 -34.99 -8.49
CA ALA D 368 -36.88 -36.32 -7.91
C ALA D 368 -35.62 -37.08 -8.30
N VAL D 369 -35.20 -36.93 -9.55
CA VAL D 369 -33.99 -37.58 -10.04
C VAL D 369 -32.80 -37.13 -9.20
N THR D 370 -32.77 -35.84 -8.90
CA THR D 370 -31.70 -35.23 -8.14
C THR D 370 -31.66 -35.78 -6.72
N ASN D 371 -32.80 -35.71 -6.04
CA ASN D 371 -32.95 -36.22 -4.68
C ASN D 371 -32.52 -37.67 -4.56
N TYR D 372 -32.87 -38.47 -5.57
CA TYR D 372 -32.55 -39.89 -5.55
C TYR D 372 -31.07 -40.11 -5.78
N GLU D 373 -30.52 -39.43 -6.78
CA GLU D 373 -29.12 -39.57 -7.14
C GLU D 373 -28.20 -39.24 -5.97
N ILE D 374 -28.59 -38.25 -5.16
CA ILE D 374 -27.76 -37.82 -4.05
C ILE D 374 -27.99 -38.65 -2.79
N ALA D 375 -29.26 -38.83 -2.40
CA ALA D 375 -29.55 -39.64 -1.22
C ALA D 375 -28.88 -41.00 -1.36
N SER D 376 -28.86 -41.52 -2.58
CA SER D 376 -28.21 -42.77 -2.90
C SER D 376 -26.74 -42.81 -2.43
N LYS D 377 -25.99 -41.77 -2.73
CA LYS D 377 -24.56 -41.73 -2.42
C LYS D 377 -24.22 -40.97 -1.13
N LEU D 378 -25.18 -40.22 -0.59
CA LEU D 378 -24.99 -39.52 0.68
C LEU D 378 -26.24 -39.55 1.55
N PRO D 379 -26.68 -40.75 1.94
CA PRO D 379 -27.90 -40.85 2.77
C PRO D 379 -27.80 -40.05 4.06
N GLU D 380 -26.59 -39.69 4.47
CA GLU D 380 -26.38 -38.98 5.74
C GLU D 380 -26.71 -37.50 5.64
N LEU D 381 -26.84 -36.99 4.43
CA LEU D 381 -27.28 -35.61 4.23
C LEU D 381 -28.75 -35.55 4.56
N GLY D 382 -29.49 -36.58 4.14
CA GLY D 382 -30.91 -36.66 4.40
C GLY D 382 -31.71 -35.75 3.49
N GLY D 383 -32.79 -35.17 4.02
CA GLY D 383 -33.68 -34.32 3.25
C GLY D 383 -32.98 -33.07 2.72
N LEU D 384 -33.00 -32.89 1.40
CA LEU D 384 -32.29 -31.79 0.76
C LEU D 384 -33.14 -30.54 0.66
N SER D 385 -32.61 -29.43 1.16
CA SER D 385 -33.28 -28.16 0.97
C SER D 385 -32.49 -27.31 -0.04
N ASN D 386 -33.11 -26.24 -0.50
CA ASN D 386 -32.49 -25.33 -1.46
C ASN D 386 -32.76 -23.89 -1.05
N PRO D 387 -31.71 -23.17 -0.62
CA PRO D 387 -30.26 -23.49 -0.60
C PRO D 387 -29.85 -24.72 0.20
N LEU D 388 -28.82 -25.39 -0.27
CA LEU D 388 -28.33 -26.64 0.31
C LEU D 388 -26.95 -26.52 0.98
N ASP D 389 -26.95 -26.54 2.31
CA ASP D 389 -25.71 -26.53 3.09
C ASP D 389 -25.07 -27.91 3.04
N ILE D 390 -23.85 -27.98 2.53
CA ILE D 390 -23.18 -29.26 2.34
C ILE D 390 -21.96 -29.37 3.21
N TRP D 391 -21.85 -28.47 4.17
CA TRP D 391 -20.72 -28.55 5.08
C TRP D 391 -21.09 -29.28 6.36
N GLY D 392 -20.17 -30.11 6.86
CA GLY D 392 -20.38 -30.89 8.07
C GLY D 392 -21.64 -31.73 8.07
N LYS D 393 -21.95 -32.38 6.96
CA LYS D 393 -23.16 -33.19 6.87
C LYS D 393 -22.79 -34.66 6.78
N SER D 394 -21.54 -34.90 6.39
CA SER D 394 -21.05 -36.26 6.21
C SER D 394 -19.64 -36.37 6.75
N SER D 395 -19.25 -37.60 7.08
CA SER D 395 -17.89 -37.91 7.54
C SER D 395 -16.94 -38.03 6.35
N LYS D 396 -17.49 -38.12 5.15
CA LYS D 396 -16.65 -38.21 3.95
C LYS D 396 -15.92 -36.90 3.69
N ASP D 397 -14.88 -36.94 2.86
CA ASP D 397 -14.14 -35.74 2.45
C ASP D 397 -15.04 -34.71 1.79
N PHE D 398 -14.98 -33.46 2.25
CA PHE D 398 -15.80 -32.40 1.67
C PHE D 398 -15.64 -32.34 0.15
N SER D 399 -14.42 -32.56 -0.33
CA SER D 399 -14.16 -32.58 -1.76
C SER D 399 -15.14 -33.52 -2.49
N GLU D 400 -15.38 -34.68 -1.88
CA GLU D 400 -16.23 -35.71 -2.48
C GLU D 400 -17.70 -35.37 -2.35
N VAL D 401 -18.08 -34.79 -1.21
CA VAL D 401 -19.48 -34.40 -1.01
C VAL D 401 -19.85 -33.30 -1.98
N SER D 402 -18.93 -32.36 -2.16
CA SER D 402 -19.16 -31.21 -3.03
C SER D 402 -19.32 -31.67 -4.47
N ASN D 403 -18.38 -32.46 -4.95
CA ASN D 403 -18.47 -32.96 -6.31
C ASN D 403 -19.77 -33.71 -6.58
N ILE D 404 -20.16 -34.55 -5.62
CA ILE D 404 -21.34 -35.40 -5.82
C ILE D 404 -22.56 -34.54 -6.00
N CYS D 405 -22.77 -33.62 -5.06
CA CYS D 405 -23.94 -32.75 -5.08
C CYS D 405 -24.00 -31.89 -6.36
N LEU D 406 -22.89 -31.25 -6.71
CA LEU D 406 -22.88 -30.35 -7.87
C LEU D 406 -23.09 -31.09 -9.18
N SER D 407 -22.45 -32.25 -9.31
CA SER D 407 -22.62 -33.08 -10.49
C SER D 407 -24.08 -33.43 -10.69
N SER D 408 -24.76 -33.76 -9.60
CA SER D 408 -26.19 -34.04 -9.69
C SER D 408 -27.02 -32.78 -9.97
N ILE D 409 -26.75 -31.70 -9.24
CA ILE D 409 -27.53 -30.46 -9.38
C ILE D 409 -27.38 -29.78 -10.76
N VAL D 410 -26.19 -29.79 -11.32
CA VAL D 410 -26.01 -29.20 -12.65
C VAL D 410 -26.94 -29.79 -13.71
N LYS D 411 -27.40 -31.03 -13.49
CA LYS D 411 -28.26 -31.74 -14.47
C LYS D 411 -29.74 -31.55 -14.16
N ASP D 412 -30.04 -31.00 -13.00
CA ASP D 412 -31.43 -30.92 -12.54
C ASP D 412 -32.28 -30.07 -13.51
N ALA D 413 -33.29 -30.69 -14.11
CA ALA D 413 -34.05 -30.03 -15.15
C ALA D 413 -34.94 -28.95 -14.59
N ASP D 414 -35.20 -29.01 -13.28
CA ASP D 414 -35.99 -28.00 -12.59
C ASP D 414 -35.16 -26.76 -12.24
N ILE D 415 -33.84 -26.85 -12.37
CA ILE D 415 -32.95 -25.78 -11.96
C ILE D 415 -32.37 -24.97 -13.12
N GLY D 416 -32.79 -23.70 -13.22
CA GLY D 416 -32.33 -22.81 -14.28
C GLY D 416 -30.90 -22.30 -14.13
N ILE D 417 -30.55 -21.79 -12.96
CA ILE D 417 -29.20 -21.28 -12.72
C ILE D 417 -28.52 -22.04 -11.59
N ILE D 418 -27.30 -22.49 -11.85
CA ILE D 418 -26.46 -23.15 -10.85
C ILE D 418 -25.57 -22.12 -10.14
N THR D 419 -25.76 -21.98 -8.83
CA THR D 419 -24.92 -21.10 -8.04
C THR D 419 -24.31 -21.77 -6.81
N VAL D 420 -23.12 -21.29 -6.46
CA VAL D 420 -22.48 -21.57 -5.19
C VAL D 420 -22.42 -20.27 -4.40
N ALA D 421 -22.89 -20.29 -3.15
CA ALA D 421 -22.90 -19.08 -2.33
C ALA D 421 -22.01 -19.28 -1.11
N ILE D 422 -20.78 -18.79 -1.21
CA ILE D 422 -19.78 -18.99 -0.17
C ILE D 422 -18.95 -17.75 0.07
N ASP D 423 -18.89 -17.32 1.32
CA ASP D 423 -18.00 -16.23 1.69
C ASP D 423 -16.58 -16.76 1.64
N ALA D 424 -15.78 -16.19 0.74
CA ALA D 424 -14.35 -16.52 0.61
C ALA D 424 -13.57 -15.21 0.57
N PRO D 425 -13.49 -14.53 1.73
CA PRO D 425 -13.03 -13.14 1.75
C PRO D 425 -11.52 -12.98 1.63
N ILE D 426 -11.11 -11.85 1.11
CA ILE D 426 -9.70 -11.56 0.99
C ILE D 426 -9.00 -11.77 2.35
N GLY D 427 -7.82 -12.39 2.31
CA GLY D 427 -6.98 -12.52 3.47
C GLY D 427 -7.20 -13.81 4.24
N GLN D 428 -8.21 -14.57 3.84
CA GLN D 428 -8.57 -15.81 4.51
C GLN D 428 -7.40 -16.77 4.55
N GLY D 429 -7.36 -17.63 5.57
CA GLY D 429 -6.27 -18.57 5.73
C GLY D 429 -6.25 -19.70 4.71
N ASP D 430 -5.12 -20.38 4.62
CA ASP D 430 -4.98 -21.53 3.75
C ASP D 430 -6.07 -22.57 4.04
N HIS D 431 -6.39 -22.76 5.31
CA HIS D 431 -7.38 -23.77 5.68
C HIS D 431 -8.76 -23.37 5.18
N GLU D 432 -9.08 -22.09 5.29
CA GLU D 432 -10.35 -21.56 4.81
C GLU D 432 -10.40 -21.63 3.27
N PHE D 433 -9.27 -21.35 2.63
CA PHE D 433 -9.20 -21.44 1.17
C PHE D 433 -9.45 -22.85 0.66
N ASP D 434 -8.86 -23.83 1.33
CA ASP D 434 -9.03 -25.22 0.91
C ASP D 434 -10.48 -25.60 0.79
N PHE D 435 -11.31 -25.26 1.76
CA PHE D 435 -12.70 -25.66 1.63
C PHE D 435 -13.57 -24.70 0.78
N THR D 436 -13.34 -23.40 0.88
CA THR D 436 -14.12 -22.48 0.08
C THR D 436 -13.85 -22.70 -1.40
N SER D 437 -12.63 -23.08 -1.76
CA SER D 437 -12.25 -23.25 -3.17
C SER D 437 -12.78 -24.55 -3.81
N ILE D 438 -13.19 -25.52 -2.99
CA ILE D 438 -13.62 -26.81 -3.51
C ILE D 438 -14.84 -26.73 -4.43
N PRO D 439 -15.91 -26.06 -3.99
CA PRO D 439 -17.02 -25.89 -4.93
C PRO D 439 -16.66 -25.02 -6.14
N ALA D 440 -15.58 -24.25 -6.07
CA ALA D 440 -15.16 -23.43 -7.21
C ALA D 440 -14.54 -24.36 -8.25
N LYS D 441 -13.69 -25.27 -7.79
CA LYS D 441 -13.03 -26.23 -8.64
C LYS D 441 -14.05 -27.16 -9.31
N ASP D 442 -15.06 -27.56 -8.55
CA ASP D 442 -16.15 -28.36 -9.09
C ASP D 442 -16.91 -27.63 -10.21
N LEU D 443 -17.44 -26.43 -9.92
CA LEU D 443 -18.05 -25.61 -10.97
C LEU D 443 -17.21 -25.56 -12.25
N ALA D 444 -15.93 -25.24 -12.09
CA ALA D 444 -15.00 -25.23 -13.21
C ALA D 444 -15.05 -26.54 -13.98
N SER D 445 -15.01 -27.65 -13.25
CA SER D 445 -14.89 -28.96 -13.87
C SER D 445 -16.18 -29.33 -14.62
N LEU D 446 -17.28 -28.67 -14.27
CA LEU D 446 -18.57 -28.99 -14.83
C LEU D 446 -19.03 -28.01 -15.92
N ARG D 447 -18.31 -26.89 -16.04
CA ARG D 447 -18.71 -25.81 -16.95
C ARG D 447 -18.71 -26.28 -18.40
N GLY D 448 -17.79 -27.19 -18.72
CA GLY D 448 -17.67 -27.72 -20.07
C GLY D 448 -18.88 -28.45 -20.60
N ASN D 449 -19.59 -29.15 -19.71
CA ASN D 449 -20.71 -29.99 -20.13
C ASN D 449 -22.08 -29.46 -19.70
N SER D 450 -22.18 -28.15 -19.52
CA SER D 450 -23.47 -27.57 -19.23
C SER D 450 -23.65 -26.28 -19.99
N ASP D 451 -24.89 -25.98 -20.33
CA ASP D 451 -25.25 -24.75 -21.00
C ASP D 451 -25.90 -23.80 -20.00
N LYS D 452 -26.11 -24.27 -18.77
CA LYS D 452 -26.73 -23.45 -17.73
C LYS D 452 -25.81 -22.36 -17.22
N PRO D 453 -26.35 -21.18 -16.94
CA PRO D 453 -25.49 -20.18 -16.32
C PRO D 453 -24.95 -20.66 -14.97
N PHE D 454 -23.64 -20.46 -14.76
CA PHE D 454 -23.00 -20.72 -13.47
C PHE D 454 -22.65 -19.42 -12.77
N LEU D 455 -22.66 -19.44 -11.44
CA LEU D 455 -22.33 -18.26 -10.63
C LEU D 455 -21.81 -18.70 -9.26
N TYR D 456 -20.64 -18.21 -8.90
CA TYR D 456 -20.13 -18.32 -7.54
C TYR D 456 -20.24 -16.91 -6.96
N PHE D 457 -21.03 -16.75 -5.91
CA PHE D 457 -21.17 -15.45 -5.26
C PHE D 457 -20.98 -15.53 -3.74
N SER D 458 -20.42 -14.46 -3.16
CA SER D 458 -20.31 -14.34 -1.71
C SER D 458 -21.58 -13.73 -1.13
N HIS D 459 -21.94 -14.13 0.09
CA HIS D 459 -23.09 -13.55 0.76
C HIS D 459 -22.81 -12.09 1.07
N ILE D 460 -21.60 -11.82 1.54
CA ILE D 460 -21.18 -10.49 1.96
C ILE D 460 -20.61 -9.69 0.78
N GLN D 461 -20.45 -8.39 0.95
CA GLN D 461 -20.04 -7.57 -0.19
C GLN D 461 -18.53 -7.36 -0.28
N THR D 462 -17.81 -7.78 0.74
CA THR D 462 -16.39 -7.50 0.83
C THR D 462 -15.60 -8.23 -0.24
N GLU D 463 -14.37 -7.79 -0.44
CA GLU D 463 -13.55 -8.30 -1.54
C GLU D 463 -13.27 -9.81 -1.43
N PHE D 464 -13.38 -10.47 -2.57
CA PHE D 464 -13.10 -11.89 -2.73
C PHE D 464 -11.61 -12.24 -2.63
N ASP D 465 -11.33 -13.42 -2.08
CA ASP D 465 -9.99 -13.99 -2.10
C ASP D 465 -9.63 -14.17 -3.57
N PRO D 466 -8.60 -13.46 -4.04
CA PRO D 466 -8.17 -13.57 -5.44
C PRO D 466 -7.83 -15.02 -5.83
N ARG D 467 -7.39 -15.84 -4.88
CA ARG D 467 -7.04 -17.23 -5.18
C ARG D 467 -8.28 -18.02 -5.57
N VAL D 468 -9.42 -17.66 -5.00
CA VAL D 468 -10.65 -18.34 -5.38
C VAL D 468 -11.16 -17.77 -6.70
N GLU D 469 -11.12 -16.44 -6.82
CA GLU D 469 -11.55 -15.73 -8.03
C GLU D 469 -10.86 -16.27 -9.29
N SER D 470 -9.57 -16.52 -9.17
CA SER D 470 -8.71 -17.01 -10.24
C SER D 470 -9.29 -18.30 -10.82
N ILE D 471 -9.63 -19.23 -9.96
CA ILE D 471 -10.19 -20.49 -10.40
C ILE D 471 -11.44 -20.29 -11.25
N LEU D 472 -12.34 -19.43 -10.80
CA LEU D 472 -13.57 -19.12 -11.53
C LEU D 472 -13.34 -18.30 -12.81
N ASP D 473 -12.44 -17.32 -12.76
CA ASP D 473 -12.10 -16.52 -13.94
C ASP D 473 -11.61 -17.37 -15.12
N GLU D 474 -10.58 -18.16 -14.83
CA GLU D 474 -10.01 -19.08 -15.79
C GLU D 474 -11.07 -19.94 -16.47
N ALA D 475 -12.13 -20.28 -15.75
CA ALA D 475 -13.11 -21.23 -16.29
C ALA D 475 -14.32 -20.53 -16.88
N GLY D 476 -14.31 -19.22 -16.92
CA GLY D 476 -15.44 -18.50 -17.49
C GLY D 476 -16.70 -18.53 -16.62
N ILE D 477 -16.49 -18.59 -15.31
CA ILE D 477 -17.62 -18.61 -14.38
C ILE D 477 -17.87 -17.23 -13.80
N ALA D 478 -19.12 -16.81 -13.80
CA ALA D 478 -19.45 -15.47 -13.31
C ALA D 478 -19.14 -15.43 -11.82
N VAL D 479 -18.71 -14.28 -11.35
CA VAL D 479 -18.42 -14.08 -9.93
C VAL D 479 -19.06 -12.78 -9.44
N ILE D 480 -19.88 -12.89 -8.40
CA ILE D 480 -20.53 -11.71 -7.84
C ILE D 480 -20.29 -11.58 -6.32
N GLN D 481 -20.22 -10.34 -5.82
CA GLN D 481 -20.10 -10.10 -4.39
C GLN D 481 -21.40 -9.53 -3.82
N GLY D 482 -22.10 -10.33 -3.02
CA GLY D 482 -23.25 -9.87 -2.29
C GLY D 482 -24.51 -10.58 -2.74
N SER D 483 -25.19 -11.22 -1.79
CA SER D 483 -26.41 -11.94 -2.07
C SER D 483 -27.39 -11.07 -2.81
N ARG D 484 -27.58 -9.84 -2.34
CA ARG D 484 -28.56 -8.98 -3.00
C ARG D 484 -28.22 -8.82 -4.47
N ASN D 485 -26.94 -8.59 -4.74
CA ASN D 485 -26.51 -8.41 -6.11
C ASN D 485 -26.73 -9.69 -6.94
N ALA D 486 -26.38 -10.84 -6.35
CA ALA D 486 -26.52 -12.13 -7.02
C ALA D 486 -27.97 -12.39 -7.43
N LEU D 487 -28.87 -12.20 -6.46
CA LEU D 487 -30.32 -12.30 -6.68
C LEU D 487 -30.83 -11.34 -7.74
N VAL D 488 -30.42 -10.08 -7.66
CA VAL D 488 -30.81 -9.09 -8.65
C VAL D 488 -30.34 -9.54 -10.05
N ALA D 489 -29.09 -10.02 -10.14
CA ALA D 489 -28.55 -10.53 -11.40
C ALA D 489 -29.40 -11.67 -11.96
N CYS D 490 -29.64 -12.69 -11.13
CA CYS D 490 -30.39 -13.85 -11.57
C CYS D 490 -31.76 -13.40 -12.05
N ARG D 491 -32.40 -12.52 -11.27
CA ARG D 491 -33.71 -12.00 -11.62
C ARG D 491 -33.68 -11.37 -13.03
N ALA D 492 -32.69 -10.49 -13.25
CA ALA D 492 -32.52 -9.79 -14.52
C ALA D 492 -32.31 -10.78 -15.66
N LEU D 493 -31.51 -11.81 -15.42
CA LEU D 493 -31.31 -12.86 -16.41
C LEU D 493 -32.68 -13.42 -16.84
N PHE D 494 -33.55 -13.66 -15.87
CA PHE D 494 -34.86 -14.23 -16.18
C PHE D 494 -35.72 -13.22 -16.95
N LYS D 495 -35.56 -11.95 -16.63
CA LYS D 495 -36.33 -10.91 -17.31
C LYS D 495 -35.87 -10.79 -18.77
N TYR D 496 -34.57 -11.00 -18.98
CA TYR D 496 -34.00 -10.87 -20.30
C TYR D 496 -34.39 -12.06 -21.17
N LYS D 497 -34.26 -13.27 -20.62
CA LYS D 497 -34.65 -14.47 -21.33
C LYS D 497 -36.11 -14.35 -21.76
N GLU D 498 -36.91 -13.77 -20.88
CA GLU D 498 -38.33 -13.61 -21.14
C GLU D 498 -38.53 -12.67 -22.30
N PHE D 499 -37.87 -11.51 -22.25
CA PHE D 499 -37.94 -10.53 -23.32
C PHE D 499 -37.54 -11.13 -24.68
N LEU D 500 -36.47 -11.92 -24.72
CA LEU D 500 -36.06 -12.64 -25.93
C LEU D 500 -37.15 -13.59 -26.45
N GLU D 501 -37.87 -14.22 -25.54
CA GLU D 501 -38.80 -15.29 -25.91
C GLU D 501 -40.09 -14.76 -26.48
N LYS D 502 -40.45 -13.53 -26.15
CA LYS D 502 -41.66 -12.99 -26.75
C LYS D 502 -41.39 -12.63 -28.22
N ASN D 503 -40.15 -12.25 -28.53
CA ASN D 503 -39.73 -11.92 -29.90
C ASN D 503 -40.57 -10.83 -30.61
N ASN D 504 -41.09 -9.88 -29.83
CA ASN D 504 -41.82 -8.73 -30.37
C ASN D 504 -41.85 -7.58 -29.37
N HIS D 505 -40.86 -6.70 -29.46
CA HIS D 505 -40.81 -5.53 -28.59
C HIS D 505 -42.04 -4.62 -28.76
N THR D 506 -42.37 -3.88 -27.71
CA THR D 506 -43.42 -2.89 -27.78
C THR D 506 -43.25 -1.98 -29.00
N PRO D 507 -44.34 -1.65 -29.69
CA PRO D 507 -44.26 -0.76 -30.85
C PRO D 507 -44.05 0.70 -30.45
N ILE D 508 -43.31 1.42 -31.27
CA ILE D 508 -43.12 2.86 -31.08
C ILE D 508 -44.35 3.60 -31.54
N TYR D 509 -45.00 4.31 -30.64
CA TYR D 509 -46.16 5.07 -31.01
C TYR D 509 -45.80 6.50 -31.41
N SER D 510 -46.40 6.98 -32.50
CA SER D 510 -46.21 8.36 -32.92
C SER D 510 -46.96 9.28 -31.98
N VAL D 511 -46.28 10.31 -31.46
CA VAL D 511 -46.95 11.31 -30.63
C VAL D 511 -47.03 12.62 -31.38
N GLU D 512 -46.91 12.53 -32.70
CA GLU D 512 -46.79 13.67 -33.59
C GLU D 512 -48.06 14.51 -33.68
N ASP D 513 -49.20 13.84 -33.82
CA ASP D 513 -50.50 14.52 -33.89
C ASP D 513 -51.08 14.68 -32.50
N LEU D 514 -50.23 14.62 -31.48
CA LEU D 514 -50.70 14.59 -30.10
C LEU D 514 -51.29 15.93 -29.66
N SER D 515 -50.56 17.01 -29.92
CA SER D 515 -51.03 18.37 -29.63
C SER D 515 -50.66 18.80 -28.22
N ILE D 516 -49.56 19.52 -28.10
CA ILE D 516 -49.08 19.99 -26.82
C ILE D 516 -49.77 21.28 -26.41
N GLN D 517 -50.77 21.14 -25.54
CA GLN D 517 -51.56 22.27 -25.07
C GLN D 517 -51.65 22.23 -23.55
N LYS D 518 -51.42 21.04 -23.00
CA LYS D 518 -51.18 20.85 -21.57
C LYS D 518 -52.41 21.02 -20.66
N GLY D 519 -53.51 21.55 -21.22
CA GLY D 519 -54.74 21.68 -20.47
C GLY D 519 -55.65 20.49 -20.75
N LEU D 520 -56.54 20.19 -19.81
CA LEU D 520 -57.47 19.07 -19.98
C LEU D 520 -58.91 19.53 -20.02
N LYS D 521 -59.73 18.79 -20.75
CA LYS D 521 -61.15 19.07 -20.84
C LYS D 521 -61.94 17.78 -20.62
N LEU D 522 -62.91 17.84 -19.72
CA LEU D 522 -63.72 16.67 -19.41
C LEU D 522 -64.82 16.48 -20.45
N LEU D 523 -64.70 15.44 -21.29
CA LEU D 523 -65.75 15.10 -22.23
C LEU D 523 -67.08 14.93 -21.53
N HIS D 524 -68.17 15.20 -22.25
CA HIS D 524 -69.50 15.09 -21.68
C HIS D 524 -69.95 13.63 -21.63
N ASP D 525 -70.77 13.31 -20.63
CA ASP D 525 -71.19 11.95 -20.36
C ASP D 525 -71.79 11.26 -21.60
N ASN D 526 -72.47 12.05 -22.41
CA ASN D 526 -72.97 11.56 -23.70
C ASN D 526 -71.83 10.96 -24.51
N GLU D 527 -70.75 11.72 -24.66
CA GLU D 527 -69.58 11.29 -25.43
C GLU D 527 -68.97 10.03 -24.82
N GLY D 528 -68.71 10.07 -23.51
CA GLY D 528 -68.18 8.94 -22.80
C GLY D 528 -68.85 7.62 -23.17
N ARG D 529 -70.17 7.64 -23.28
CA ARG D 529 -70.93 6.41 -23.53
C ARG D 529 -70.89 5.96 -25.00
N LYS D 530 -70.69 6.92 -25.92
CA LYS D 530 -70.45 6.56 -27.31
C LYS D 530 -69.22 5.68 -27.39
N LEU D 531 -68.15 6.12 -26.71
CA LEU D 531 -66.89 5.38 -26.65
C LEU D 531 -67.09 3.94 -26.19
N LEU D 532 -67.79 3.79 -25.07
CA LEU D 532 -68.10 2.47 -24.54
C LEU D 532 -68.75 1.56 -25.58
N ASP D 533 -69.80 2.07 -26.23
CA ASP D 533 -70.49 1.32 -27.27
C ASP D 533 -69.51 0.87 -28.35
N GLU D 534 -68.85 1.85 -28.96
CA GLU D 534 -67.95 1.62 -30.08
C GLU D 534 -66.83 0.66 -29.70
N SER D 535 -66.46 0.68 -28.43
CA SER D 535 -65.32 -0.09 -27.97
C SER D 535 -65.69 -1.48 -27.45
N GLY D 536 -66.99 -1.76 -27.35
CA GLY D 536 -67.47 -3.11 -27.08
C GLY D 536 -67.78 -3.41 -25.62
N PHE D 537 -67.82 -2.37 -24.80
CA PHE D 537 -68.11 -2.53 -23.38
C PHE D 537 -69.62 -2.50 -23.13
N VAL D 538 -70.04 -3.18 -22.07
CA VAL D 538 -71.46 -3.28 -21.75
C VAL D 538 -71.86 -2.31 -20.64
N SER D 539 -72.57 -1.25 -21.01
CA SER D 539 -73.16 -0.37 -20.01
C SER D 539 -74.38 -1.09 -19.41
N PRO D 540 -74.77 -0.72 -18.18
CA PRO D 540 -76.03 -1.21 -17.63
C PRO D 540 -77.19 -0.56 -18.37
N ARG D 541 -78.36 -1.20 -18.37
CA ARG D 541 -79.54 -0.60 -18.98
C ARG D 541 -79.78 0.76 -18.31
N GLU D 542 -79.92 1.79 -19.13
CA GLU D 542 -79.89 3.15 -18.61
C GLU D 542 -80.49 4.13 -19.61
N GLN D 543 -80.64 5.38 -19.17
CA GLN D 543 -81.06 6.46 -20.05
C GLN D 543 -81.06 7.79 -19.32
N VAL D 544 -80.67 8.84 -20.02
CA VAL D 544 -80.76 10.18 -19.47
C VAL D 544 -82.21 10.66 -19.46
N VAL D 545 -82.60 11.29 -18.35
CA VAL D 545 -83.91 11.92 -18.24
C VAL D 545 -83.72 13.35 -17.76
N THR D 546 -84.50 14.28 -18.30
CA THR D 546 -84.30 15.71 -18.01
C THR D 546 -85.25 16.24 -16.93
N SER D 547 -86.30 15.48 -16.63
CA SER D 547 -87.34 15.93 -15.73
C SER D 547 -87.67 14.89 -14.65
N LEU D 548 -88.13 15.35 -13.50
CA LEU D 548 -88.46 14.47 -12.38
C LEU D 548 -89.48 13.41 -12.79
N GLN D 549 -90.61 13.86 -13.31
CA GLN D 549 -91.67 12.95 -13.78
C GLN D 549 -91.37 12.50 -15.21
N GLU D 550 -90.09 12.42 -15.54
CA GLU D 550 -89.67 11.92 -16.84
C GLU D 550 -88.85 10.64 -16.65
N GLY D 551 -88.08 10.61 -15.56
CA GLY D 551 -87.34 9.41 -15.22
C GLY D 551 -88.22 8.44 -14.47
N VAL D 552 -89.23 8.97 -13.77
CA VAL D 552 -90.13 8.14 -12.97
C VAL D 552 -90.84 7.11 -13.85
N ASP D 553 -91.28 7.55 -15.03
CA ASP D 553 -91.91 6.65 -15.98
C ASP D 553 -90.91 5.57 -16.40
N TYR D 554 -89.65 5.97 -16.57
CA TYR D 554 -88.59 5.03 -16.92
C TYR D 554 -88.20 4.14 -15.74
N ALA D 555 -88.01 4.75 -14.58
CA ALA D 555 -87.65 4.01 -13.38
C ALA D 555 -88.64 2.87 -13.18
N GLU D 556 -89.89 3.25 -12.93
CA GLU D 556 -90.95 2.29 -12.69
C GLU D 556 -91.10 1.32 -13.87
N SER D 557 -90.76 1.79 -15.06
CA SER D 557 -90.77 0.90 -16.22
C SER D 557 -89.80 -0.26 -16.01
N ILE D 558 -88.51 0.05 -15.93
CA ILE D 558 -87.46 -0.96 -15.84
C ILE D 558 -87.38 -1.64 -14.46
N GLY D 559 -88.20 -1.18 -13.52
CA GLY D 559 -88.28 -1.82 -12.22
C GLY D 559 -87.44 -1.13 -11.17
N TYR D 560 -87.09 -1.87 -10.12
CA TYR D 560 -86.33 -1.30 -8.99
C TYR D 560 -85.29 -2.28 -8.44
N PRO D 561 -84.24 -1.73 -7.79
CA PRO D 561 -83.99 -0.29 -7.65
C PRO D 561 -83.29 0.32 -8.86
N VAL D 562 -82.76 1.53 -8.70
CA VAL D 562 -82.14 2.24 -9.80
C VAL D 562 -81.01 3.13 -9.27
N VAL D 563 -80.73 4.21 -9.97
CA VAL D 563 -79.67 5.13 -9.56
C VAL D 563 -79.85 6.52 -10.17
N LEU D 564 -79.50 7.55 -9.40
CA LEU D 564 -79.62 8.92 -9.86
C LEU D 564 -78.25 9.60 -9.91
N LYS D 565 -77.64 9.58 -11.09
CA LYS D 565 -76.33 10.20 -11.29
C LYS D 565 -76.48 11.56 -11.95
N ALA D 566 -76.14 12.62 -11.21
CA ALA D 566 -76.22 13.97 -11.73
C ALA D 566 -75.08 14.27 -12.70
N GLN D 567 -75.41 14.39 -13.98
CA GLN D 567 -74.42 14.67 -15.01
C GLN D 567 -73.87 16.09 -14.86
N GLY D 568 -72.97 16.46 -15.76
CA GLY D 568 -72.37 17.78 -15.74
C GLY D 568 -70.86 17.76 -15.75
N LEU D 569 -70.27 17.57 -14.58
CA LEU D 569 -68.82 17.68 -14.43
C LEU D 569 -68.34 16.96 -13.17
N ALA D 570 -67.01 16.91 -13.02
CA ALA D 570 -66.36 16.53 -11.78
C ALA D 570 -66.58 15.09 -11.33
N HIS D 571 -66.64 14.92 -10.01
CA HIS D 571 -66.81 13.61 -9.39
C HIS D 571 -68.14 13.62 -8.66
N LYS D 572 -69.07 12.81 -9.17
CA LYS D 572 -70.46 12.84 -8.73
C LYS D 572 -70.61 12.58 -7.24
N THR D 573 -70.08 11.45 -6.77
CA THR D 573 -70.20 11.07 -5.37
C THR D 573 -69.75 12.16 -4.40
N ASP D 574 -68.63 12.80 -4.70
CA ASP D 574 -68.01 13.75 -3.77
C ASP D 574 -68.94 14.87 -3.33
N VAL D 575 -70.00 15.11 -4.10
CA VAL D 575 -70.96 16.17 -3.79
C VAL D 575 -72.41 15.67 -3.76
N GLY D 576 -72.58 14.39 -3.43
CA GLY D 576 -73.91 13.83 -3.33
C GLY D 576 -74.57 13.63 -4.68
N GLY D 577 -73.76 13.48 -5.71
CA GLY D 577 -74.27 13.30 -7.06
C GLY D 577 -74.94 11.95 -7.27
N VAL D 578 -74.38 10.90 -6.68
CA VAL D 578 -74.85 9.55 -6.94
C VAL D 578 -75.87 9.08 -5.89
N ALA D 579 -76.99 8.54 -6.37
CA ALA D 579 -78.05 8.08 -5.48
C ALA D 579 -77.92 6.67 -4.96
N LEU D 580 -78.21 5.70 -5.82
CA LEU D 580 -78.04 4.28 -5.46
C LEU D 580 -79.28 3.45 -5.18
N ASN D 581 -79.32 2.82 -4.02
CA ASN D 581 -80.39 1.87 -3.74
C ASN D 581 -81.76 2.54 -3.64
N ILE D 582 -82.32 2.90 -4.79
CA ILE D 582 -83.62 3.57 -4.83
C ILE D 582 -84.77 2.59 -4.95
N LYS D 583 -85.50 2.42 -3.85
CA LYS D 583 -86.69 1.59 -3.82
C LYS D 583 -87.91 2.50 -3.91
N SER D 584 -88.74 2.27 -4.93
CA SER D 584 -89.97 3.05 -5.15
C SER D 584 -89.71 4.41 -5.80
N ALA D 585 -90.70 4.90 -6.51
CA ALA D 585 -90.61 6.18 -7.20
C ALA D 585 -90.63 7.33 -6.22
N ALA D 586 -91.08 7.04 -5.00
CA ALA D 586 -91.13 8.06 -3.95
C ALA D 586 -89.72 8.53 -3.60
N LYS D 587 -88.81 7.57 -3.47
CA LYS D 587 -87.42 7.86 -3.12
C LYS D 587 -86.67 8.51 -4.27
N LEU D 588 -86.95 8.06 -5.49
CA LEU D 588 -86.43 8.72 -6.68
C LEU D 588 -86.72 10.21 -6.58
N LYS D 589 -87.94 10.51 -6.11
CA LYS D 589 -88.45 11.88 -6.05
C LYS D 589 -87.66 12.77 -5.09
N LYS D 590 -87.50 12.31 -3.85
CA LYS D 590 -86.79 13.09 -2.84
C LYS D 590 -85.27 13.07 -3.00
N ALA D 591 -84.74 12.00 -3.58
CA ALA D 591 -83.32 11.94 -3.92
C ALA D 591 -83.05 13.09 -4.88
N TRP D 592 -83.79 13.10 -5.98
CA TRP D 592 -83.74 14.17 -6.95
C TRP D 592 -83.73 15.52 -6.24
N GLY D 593 -84.52 15.62 -5.18
CA GLY D 593 -84.62 16.85 -4.41
C GLY D 593 -83.26 17.35 -3.96
N LYS D 594 -82.53 16.50 -3.24
CA LYS D 594 -81.28 16.92 -2.63
C LYS D 594 -80.21 17.31 -3.66
N MET D 595 -80.30 16.73 -4.86
CA MET D 595 -79.29 16.96 -5.89
C MET D 595 -79.50 18.26 -6.69
N GLU D 596 -80.63 18.94 -6.47
CA GLU D 596 -80.96 20.10 -7.27
C GLU D 596 -80.04 21.29 -7.05
N HIS D 597 -79.43 21.37 -5.87
CA HIS D 597 -78.54 22.48 -5.56
C HIS D 597 -77.26 22.41 -6.38
N LEU D 598 -77.14 21.36 -7.19
CA LEU D 598 -75.95 21.15 -8.02
C LEU D 598 -76.20 21.50 -9.49
N ASN D 599 -77.37 22.03 -9.78
CA ASN D 599 -77.69 22.54 -11.10
C ASN D 599 -77.17 21.65 -12.23
N SER D 600 -77.60 20.40 -12.22
CA SER D 600 -77.34 19.51 -13.35
C SER D 600 -78.53 19.54 -14.29
N PRO D 601 -78.34 20.13 -15.48
CA PRO D 601 -79.42 20.24 -16.48
C PRO D 601 -79.75 18.92 -17.19
N TYR D 602 -79.39 17.80 -16.57
CA TYR D 602 -79.57 16.49 -17.18
C TYR D 602 -79.29 15.42 -16.13
N TYR D 603 -80.05 14.33 -16.16
CA TYR D 603 -79.82 13.22 -15.23
C TYR D 603 -79.80 11.88 -15.95
N LEU D 604 -78.93 10.98 -15.49
CA LEU D 604 -78.90 9.62 -16.01
C LEU D 604 -79.29 8.68 -14.90
N ILE D 605 -80.37 7.94 -15.09
CA ILE D 605 -80.69 6.89 -14.14
C ILE D 605 -80.55 5.55 -14.85
N GLN D 606 -80.14 4.54 -14.09
CA GLN D 606 -79.92 3.21 -14.65
C GLN D 606 -80.22 2.13 -13.63
N GLU D 607 -80.31 0.90 -14.10
CA GLU D 607 -80.55 -0.24 -13.21
C GLU D 607 -79.48 -0.27 -12.15
N MET D 608 -79.69 -1.10 -11.13
CA MET D 608 -78.78 -1.16 -10.01
C MET D 608 -78.11 -2.52 -9.98
N VAL D 609 -76.86 -2.57 -10.40
CA VAL D 609 -76.14 -3.84 -10.52
C VAL D 609 -75.58 -4.27 -9.18
N THR D 610 -75.58 -5.57 -8.91
CA THR D 610 -75.28 -6.05 -7.57
C THR D 610 -74.18 -7.13 -7.56
N ASP D 611 -73.52 -7.30 -6.41
CA ASP D 611 -72.52 -8.36 -6.21
C ASP D 611 -71.53 -8.52 -7.36
N GLY D 612 -70.89 -7.43 -7.75
CA GLY D 612 -69.85 -7.54 -8.76
C GLY D 612 -68.57 -6.95 -8.23
N PHE D 613 -67.49 -7.72 -8.24
CA PHE D 613 -66.20 -7.20 -7.80
C PHE D 613 -65.85 -5.93 -8.59
N GLU D 614 -65.51 -4.86 -7.88
CA GLU D 614 -65.19 -3.58 -8.53
C GLU D 614 -63.74 -3.43 -8.92
N THR D 615 -63.47 -3.50 -10.22
CA THR D 615 -62.15 -3.23 -10.76
C THR D 615 -62.10 -1.83 -11.41
N ILE D 616 -60.90 -1.34 -11.69
CA ILE D 616 -60.75 -0.12 -12.49
C ILE D 616 -59.98 -0.46 -13.75
N LEU D 617 -60.41 0.10 -14.89
CA LEU D 617 -59.79 -0.19 -16.17
C LEU D 617 -59.79 1.04 -17.05
N ALA D 618 -58.60 1.43 -17.49
CA ALA D 618 -58.43 2.71 -18.16
C ALA D 618 -57.21 2.69 -19.06
N TYR D 619 -57.13 3.68 -19.93
CA TYR D 619 -55.88 3.98 -20.60
C TYR D 619 -55.62 5.46 -20.49
N ARG D 620 -54.36 5.82 -20.59
CA ARG D 620 -53.97 7.19 -20.61
C ARG D 620 -52.92 7.38 -21.68
N THR D 621 -52.81 8.62 -22.16
CA THR D 621 -51.84 8.94 -23.20
C THR D 621 -50.63 9.62 -22.59
N ASP D 622 -49.47 8.99 -22.76
CA ASP D 622 -48.24 9.59 -22.29
C ASP D 622 -47.65 10.50 -23.36
N MET D 623 -47.34 11.72 -22.94
CA MET D 623 -46.77 12.77 -23.76
C MET D 623 -45.72 12.30 -24.74
N ASN D 624 -44.87 11.39 -24.30
CA ASN D 624 -43.77 10.94 -25.17
C ASN D 624 -43.93 9.55 -25.75
N TYR D 625 -44.61 8.67 -25.03
CA TYR D 625 -44.60 7.27 -25.38
C TYR D 625 -45.89 6.74 -26.01
N GLY D 626 -46.99 7.44 -25.77
CA GLY D 626 -48.27 7.01 -26.30
C GLY D 626 -49.18 6.41 -25.25
N PRO D 627 -49.94 5.37 -25.63
CA PRO D 627 -50.96 4.80 -24.74
C PRO D 627 -50.43 3.82 -23.68
N VAL D 628 -50.87 4.02 -22.44
CA VAL D 628 -50.66 3.03 -21.38
C VAL D 628 -51.97 2.62 -20.71
N VAL D 629 -52.14 1.32 -20.49
CA VAL D 629 -53.35 0.80 -19.88
C VAL D 629 -53.13 0.58 -18.38
N ILE D 630 -54.12 0.96 -17.59
CA ILE D 630 -54.02 0.84 -16.15
C ILE D 630 -55.20 0.01 -15.65
N PHE D 631 -54.89 -1.04 -14.88
CA PHE D 631 -55.90 -1.97 -14.39
C PHE D 631 -55.66 -2.37 -12.95
N GLY D 632 -56.72 -2.37 -12.12
CA GLY D 632 -56.59 -2.79 -10.75
C GLY D 632 -57.85 -2.75 -9.90
N LEU D 633 -57.67 -2.52 -8.60
CA LEU D 633 -58.80 -2.38 -7.68
C LEU D 633 -59.54 -1.05 -7.90
N GLY D 634 -60.85 -1.13 -8.11
CA GLY D 634 -61.63 0.06 -8.40
C GLY D 634 -62.66 0.41 -7.33
N GLY D 635 -63.57 1.31 -7.70
CA GLY D 635 -64.62 1.78 -6.80
C GLY D 635 -64.29 3.15 -6.24
N ILE D 636 -65.13 3.64 -5.33
CA ILE D 636 -64.91 4.94 -4.71
C ILE D 636 -63.51 5.05 -4.09
N TYR D 637 -62.99 3.92 -3.60
CA TYR D 637 -61.74 3.91 -2.86
C TYR D 637 -60.53 3.48 -3.69
N THR D 638 -60.64 3.51 -5.01
CA THR D 638 -59.54 3.07 -5.87
C THR D 638 -58.18 3.71 -5.56
N GLU D 639 -58.17 5.01 -5.27
CA GLU D 639 -56.91 5.67 -4.93
C GLU D 639 -56.40 5.27 -3.54
N LEU D 640 -57.31 4.94 -2.63
CA LEU D 640 -56.93 4.44 -1.33
C LEU D 640 -56.37 3.03 -1.43
N PHE D 641 -56.96 2.21 -2.30
CA PHE D 641 -56.43 0.87 -2.56
C PHE D 641 -55.03 0.98 -3.13
N ASN D 642 -54.85 1.93 -4.05
CA ASN D 642 -53.55 2.14 -4.71
C ASN D 642 -52.94 0.83 -5.18
N GLU D 643 -53.74 0.04 -5.88
CA GLU D 643 -53.24 -1.23 -6.40
C GLU D 643 -53.67 -1.44 -7.86
N VAL D 644 -52.76 -1.14 -8.78
CA VAL D 644 -52.98 -1.35 -10.20
C VAL D 644 -51.74 -1.94 -10.82
N VAL D 645 -51.90 -2.53 -12.00
CA VAL D 645 -50.78 -2.95 -12.83
C VAL D 645 -50.90 -2.22 -14.16
N LEU D 646 -49.79 -2.10 -14.89
CA LEU D 646 -49.77 -1.36 -16.14
C LEU D 646 -49.37 -2.24 -17.33
N ALA D 647 -49.82 -1.84 -18.50
CA ALA D 647 -49.42 -2.56 -19.70
C ALA D 647 -49.51 -1.64 -20.89
N VAL D 648 -48.53 -1.77 -21.79
CA VAL D 648 -48.52 -1.07 -23.07
C VAL D 648 -49.12 -1.99 -24.13
N PRO D 649 -50.20 -1.55 -24.77
CA PRO D 649 -50.83 -2.31 -25.85
C PRO D 649 -49.89 -2.50 -27.02
N PRO D 650 -50.13 -3.53 -27.85
CA PRO D 650 -51.27 -4.43 -27.67
C PRO D 650 -51.07 -5.36 -26.48
N ILE D 651 -52.13 -5.62 -25.73
CA ILE D 651 -52.04 -6.51 -24.58
C ILE D 651 -52.41 -7.92 -25.00
N THR D 652 -51.47 -8.83 -24.81
CA THR D 652 -51.66 -10.25 -25.03
C THR D 652 -52.74 -10.78 -24.05
N HIS D 653 -53.50 -11.77 -24.50
CA HIS D 653 -54.50 -12.41 -23.65
C HIS D 653 -53.86 -13.06 -22.42
N LYS D 654 -52.72 -13.72 -22.63
CA LYS D 654 -51.94 -14.30 -21.55
C LYS D 654 -51.53 -13.21 -20.55
N LYS D 655 -51.01 -12.10 -21.07
CA LYS D 655 -50.63 -10.96 -20.26
C LYS D 655 -51.80 -10.40 -19.47
N ALA D 656 -52.94 -10.23 -20.14
CA ALA D 656 -54.14 -9.74 -19.49
C ALA D 656 -54.49 -10.64 -18.29
N GLU D 657 -54.38 -11.93 -18.50
CA GLU D 657 -54.61 -12.86 -17.40
C GLU D 657 -53.54 -12.73 -16.31
N GLN D 658 -52.27 -12.62 -16.69
CA GLN D 658 -51.22 -12.41 -15.71
C GLN D 658 -51.47 -11.14 -14.89
N MET D 659 -52.05 -10.11 -15.52
CA MET D 659 -52.37 -8.87 -14.81
C MET D 659 -53.39 -9.11 -13.70
N VAL D 660 -54.52 -9.69 -14.08
CA VAL D 660 -55.54 -10.11 -13.11
C VAL D 660 -54.94 -10.93 -11.98
N LYS D 661 -54.22 -11.99 -12.35
CA LYS D 661 -53.64 -12.91 -11.38
C LYS D 661 -52.61 -12.26 -10.42
N SER D 662 -52.01 -11.14 -10.82
CA SER D 662 -50.97 -10.53 -9.99
C SER D 662 -51.54 -9.61 -8.91
N ILE D 663 -52.86 -9.55 -8.81
CA ILE D 663 -53.50 -8.80 -7.74
C ILE D 663 -54.33 -9.74 -6.87
N PRO D 664 -53.72 -10.21 -5.77
CA PRO D 664 -54.28 -11.27 -4.92
C PRO D 664 -55.75 -11.07 -4.61
N MET D 665 -56.12 -9.89 -4.11
CA MET D 665 -57.49 -9.69 -3.69
C MET D 665 -58.47 -9.91 -4.82
N LEU D 666 -58.07 -9.52 -6.02
CA LEU D 666 -58.91 -9.66 -7.21
C LEU D 666 -58.93 -11.12 -7.62
N TRP D 667 -57.74 -11.66 -7.83
CA TRP D 667 -57.58 -13.01 -8.29
C TRP D 667 -58.32 -13.99 -7.40
N LYS D 668 -58.15 -13.84 -6.10
CA LYS D 668 -58.76 -14.73 -5.12
C LYS D 668 -60.27 -14.57 -5.09
N SER D 669 -60.75 -13.39 -5.43
CA SER D 669 -62.19 -13.22 -5.55
C SER D 669 -62.70 -13.85 -6.84
N ILE D 670 -61.92 -13.73 -7.92
CA ILE D 670 -62.31 -14.32 -9.19
C ILE D 670 -62.55 -15.81 -8.99
N GLU D 671 -61.68 -16.46 -8.23
CA GLU D 671 -61.82 -17.88 -7.95
C GLU D 671 -62.99 -18.18 -7.02
N GLY D 672 -63.66 -17.14 -6.53
CA GLY D 672 -64.71 -17.28 -5.53
C GLY D 672 -64.14 -17.46 -4.13
N TYR D 673 -64.12 -16.37 -3.36
CA TYR D 673 -63.43 -16.35 -2.07
C TYR D 673 -64.35 -16.68 -0.90
N ARG D 674 -63.95 -17.66 -0.09
CA ARG D 674 -64.65 -17.98 1.15
C ARG D 674 -66.14 -18.27 0.97
N GLY D 675 -66.48 -19.08 -0.03
CA GLY D 675 -67.87 -19.45 -0.26
C GLY D 675 -68.63 -18.60 -1.26
N ASN D 676 -68.12 -17.38 -1.54
CA ASN D 676 -68.69 -16.57 -2.61
C ASN D 676 -68.45 -17.23 -3.98
N PRO D 677 -69.34 -16.96 -4.95
CA PRO D 677 -69.28 -17.63 -6.27
C PRO D 677 -68.06 -17.20 -7.09
N ALA D 678 -67.51 -18.11 -7.89
CA ALA D 678 -66.44 -17.74 -8.81
C ALA D 678 -66.92 -16.73 -9.83
N LEU D 679 -66.02 -15.86 -10.27
CA LEU D 679 -66.39 -14.79 -11.20
C LEU D 679 -65.86 -15.08 -12.61
N ASP D 680 -66.25 -14.23 -13.56
CA ASP D 680 -65.99 -14.47 -14.97
C ASP D 680 -64.61 -13.97 -15.45
N LEU D 681 -63.58 -14.76 -15.22
CA LEU D 681 -62.22 -14.42 -15.61
C LEU D 681 -62.09 -14.12 -17.12
N GLU D 682 -62.62 -15.00 -17.96
CA GLU D 682 -62.49 -14.81 -19.40
C GLU D 682 -63.10 -13.50 -19.87
N ALA D 683 -64.23 -13.11 -19.27
CA ALA D 683 -64.87 -11.84 -19.62
C ALA D 683 -64.02 -10.63 -19.22
N LEU D 684 -63.29 -10.76 -18.11
CA LEU D 684 -62.48 -9.65 -17.62
C LEU D 684 -61.23 -9.55 -18.46
N THR D 685 -60.56 -10.69 -18.64
CA THR D 685 -59.32 -10.77 -19.39
C THR D 685 -59.53 -10.23 -20.81
N ALA D 686 -60.60 -10.69 -21.46
CA ALA D 686 -60.97 -10.22 -22.78
C ALA D 686 -61.16 -8.73 -22.80
N SER D 687 -61.76 -8.19 -21.74
CA SER D 687 -62.03 -6.76 -21.72
C SER D 687 -60.72 -5.93 -21.53
N ILE D 688 -59.68 -6.56 -21.00
CA ILE D 688 -58.44 -5.82 -20.80
C ILE D 688 -57.73 -5.72 -22.14
N VAL D 689 -57.77 -6.80 -22.90
CA VAL D 689 -57.19 -6.79 -24.23
C VAL D 689 -57.89 -5.70 -25.04
N GLN D 690 -59.20 -5.57 -24.85
CA GLN D 690 -59.98 -4.60 -25.62
C GLN D 690 -59.59 -3.17 -25.27
N MET D 691 -59.41 -2.93 -23.98
CA MET D 691 -59.01 -1.60 -23.54
C MET D 691 -57.73 -1.21 -24.25
N GLY D 692 -56.83 -2.18 -24.41
CA GLY D 692 -55.60 -1.96 -25.14
C GLY D 692 -55.87 -1.53 -26.56
N GLU D 693 -56.70 -2.28 -27.27
CA GLU D 693 -57.04 -1.94 -28.64
C GLU D 693 -57.68 -0.57 -28.74
N THR D 694 -58.52 -0.24 -27.77
CA THR D 694 -59.15 1.07 -27.77
C THR D 694 -58.07 2.14 -27.60
N ALA D 695 -57.16 1.91 -26.66
CA ALA D 695 -56.06 2.84 -26.45
C ALA D 695 -55.23 3.03 -27.72
N MET D 696 -54.85 1.93 -28.37
CA MET D 696 -54.08 2.02 -29.61
C MET D 696 -54.79 2.83 -30.68
N GLU D 697 -56.12 2.78 -30.69
CA GLU D 697 -56.92 3.44 -31.72
C GLU D 697 -57.15 4.92 -31.44
N LYS D 698 -57.38 5.26 -30.18
CA LYS D 698 -57.91 6.59 -29.86
C LYS D 698 -56.96 7.51 -29.09
N TYR D 699 -55.75 7.05 -28.84
CA TYR D 699 -54.88 7.75 -27.89
C TYR D 699 -54.49 9.17 -28.28
N GLU D 700 -54.38 9.46 -29.58
CA GLU D 700 -53.96 10.79 -30.01
C GLU D 700 -55.02 11.87 -29.80
N GLU D 701 -56.25 11.48 -29.49
CA GLU D 701 -57.31 12.45 -29.22
C GLU D 701 -57.85 12.37 -27.78
N ILE D 702 -58.29 11.18 -27.39
CA ILE D 702 -58.72 10.93 -26.01
C ILE D 702 -57.51 10.56 -25.18
N VAL D 703 -57.13 11.40 -24.22
CA VAL D 703 -55.92 11.19 -23.44
C VAL D 703 -56.20 10.59 -22.07
N GLU D 704 -57.47 10.37 -21.78
CA GLU D 704 -57.90 9.74 -20.55
C GLU D 704 -59.22 9.04 -20.83
N PHE D 705 -59.22 7.72 -20.70
CA PHE D 705 -60.42 6.94 -20.90
C PHE D 705 -60.49 5.89 -19.79
N GLU D 706 -61.40 6.10 -18.85
CA GLU D 706 -61.41 5.31 -17.62
C GLU D 706 -62.78 4.78 -17.26
N ILE D 707 -62.82 3.50 -16.91
CA ILE D 707 -64.03 2.87 -16.43
C ILE D 707 -63.83 2.57 -14.95
N ASN D 708 -64.56 3.29 -14.09
CA ASN D 708 -64.44 3.03 -12.67
C ASN D 708 -65.77 3.21 -11.96
N PRO D 709 -66.41 2.10 -11.57
CA PRO D 709 -65.85 0.76 -11.62
C PRO D 709 -66.29 -0.10 -12.80
N LEU D 710 -65.44 -1.08 -13.14
CA LEU D 710 -65.79 -2.14 -14.07
C LEU D 710 -66.18 -3.34 -13.22
N SER D 711 -67.48 -3.59 -13.13
CA SER D 711 -67.98 -4.65 -12.26
C SER D 711 -67.81 -6.02 -12.87
N VAL D 712 -67.04 -6.87 -12.20
CA VAL D 712 -66.81 -8.24 -12.64
C VAL D 712 -67.80 -9.17 -11.94
N ARG D 713 -68.67 -9.81 -12.73
CA ARG D 713 -69.72 -10.64 -12.18
C ARG D 713 -69.61 -12.11 -12.56
N VAL D 714 -70.60 -12.90 -12.15
CA VAL D 714 -70.58 -14.34 -12.39
C VAL D 714 -70.57 -14.62 -13.88
N LYS D 715 -71.31 -13.77 -14.60
CA LYS D 715 -71.28 -13.79 -16.06
C LYS D 715 -71.04 -12.38 -16.57
N GLY D 716 -69.92 -12.20 -17.28
CA GLY D 716 -69.59 -10.95 -17.95
C GLY D 716 -69.11 -9.85 -17.01
N VAL D 717 -68.79 -8.70 -17.60
CA VAL D 717 -68.36 -7.53 -16.84
C VAL D 717 -69.18 -6.35 -17.32
N VAL D 718 -69.38 -5.36 -16.46
CA VAL D 718 -70.23 -4.23 -16.80
C VAL D 718 -69.63 -2.89 -16.39
N ALA D 719 -69.61 -1.96 -17.33
CA ALA D 719 -69.09 -0.61 -17.07
C ALA D 719 -70.12 0.23 -16.35
N LEU D 720 -69.97 0.36 -15.04
CA LEU D 720 -70.94 1.10 -14.23
C LEU D 720 -70.81 2.62 -14.39
N ASP D 721 -69.67 3.06 -14.94
CA ASP D 721 -69.38 4.48 -15.09
C ASP D 721 -68.31 4.68 -16.16
N VAL D 722 -68.21 5.90 -16.71
CA VAL D 722 -67.09 6.26 -17.58
C VAL D 722 -66.61 7.68 -17.39
N LEU D 723 -65.42 7.93 -17.89
CA LEU D 723 -64.83 9.27 -17.87
C LEU D 723 -63.84 9.35 -19.01
N ALA D 724 -63.83 10.49 -19.68
CA ALA D 724 -62.91 10.69 -20.79
C ALA D 724 -62.41 12.12 -20.77
N SER D 725 -61.25 12.35 -21.38
CA SER D 725 -60.67 13.67 -21.41
C SER D 725 -59.88 13.88 -22.71
N VAL D 726 -59.83 15.13 -23.17
CA VAL D 726 -59.08 15.47 -24.36
C VAL D 726 -58.23 16.72 -24.12
N LYS D 727 -57.30 16.97 -25.04
CA LYS D 727 -56.54 18.21 -25.09
C LYS D 727 -55.30 18.17 -24.20
PG ATP E . 66.27 -4.80 -5.11
O1G ATP E . 65.92 -5.12 -6.49
O2G ATP E . 65.29 -3.70 -4.56
O3G ATP E . 66.21 -5.99 -4.29
PB ATP E . 68.99 -4.98 -4.85
O1B ATP E . 68.83 -6.36 -5.51
O2B ATP E . 69.26 -5.09 -3.33
O3B ATP E . 67.69 -4.16 -5.14
PA ATP E . 70.12 -3.39 -6.92
O1A ATP E . 71.07 -3.94 -7.96
O2A ATP E . 68.63 -3.43 -7.47
O3A ATP E . 70.26 -4.23 -5.57
O5' ATP E . 70.61 -1.95 -6.61
C5' ATP E . 69.88 -1.13 -5.78
C4' ATP E . 69.89 0.27 -6.09
O4' ATP E . 71.24 0.69 -6.44
C3' ATP E . 69.12 0.53 -7.30
O3' ATP E . 67.77 0.65 -7.04
C2' ATP E . 69.71 1.76 -7.84
O2' ATP E . 69.21 2.89 -7.23
C1' ATP E . 71.16 1.58 -7.51
N9 ATP E . 71.92 1.02 -8.60
C8 ATP E . 72.11 -0.29 -8.85
N7 ATP E . 72.86 -0.39 -9.95
C5 ATP E . 73.16 0.86 -10.39
C6 ATP E . 73.91 1.35 -11.46
N6 ATP E . 74.57 0.43 -12.39
N1 ATP E . 74.01 2.69 -11.63
C2 ATP E . 73.42 3.53 -10.78
N3 ATP E . 72.70 3.09 -9.73
C4 ATP E . 72.56 1.76 -9.52
S SO4 F . 28.14 -19.72 4.54
O1 SO4 F . 28.13 -19.85 6.01
O2 SO4 F . 29.26 -20.47 3.95
O3 SO4 F . 28.35 -18.34 4.16
O4 SO4 F . 26.86 -20.24 4.06
PG ATP G . 61.06 24.16 -3.82
O1G ATP G . 61.14 23.95 -2.37
O2G ATP G . 60.37 22.91 -4.47
O3G ATP G . 60.36 25.39 -4.10
PB ATP G . 63.29 25.33 -4.99
O1B ATP G . 62.94 26.64 -4.25
O2B ATP G . 63.03 25.46 -6.51
O3B ATP G . 62.53 24.14 -4.31
PA ATP G . 65.32 24.34 -3.37
O1A ATP G . 66.14 25.40 -2.66
O2A ATP G . 64.09 23.87 -2.47
O3A ATP G . 64.86 24.99 -4.73
O5' ATP G . 66.22 23.13 -3.74
C5' ATP G . 65.70 22.10 -4.49
C4' ATP G . 66.33 20.83 -4.37
O4' ATP G . 67.78 21.02 -4.47
C3' ATP G . 66.12 20.32 -3.01
O3' ATP G . 64.97 19.56 -2.95
C2' ATP G . 67.32 19.52 -2.74
O2' ATP G . 67.20 18.25 -3.24
C1' ATP G . 68.39 20.23 -3.49
N9 ATP G . 69.18 21.12 -2.64
C8 ATP G . 68.94 22.42 -2.39
N7 ATP G . 69.89 22.87 -1.57
C5 ATP G . 70.73 21.84 -1.30
C6 ATP G . 71.88 21.74 -0.52
N6 ATP G . 72.36 22.91 0.21
N1 ATP G . 72.53 20.55 -0.45
C2 ATP G . 72.06 19.49 -1.12
N3 ATP G . 70.97 19.55 -1.88
C4 ATP G . 70.29 20.71 -1.98
S SO4 H . 19.03 23.05 0.57
O1 SO4 H . 20.04 22.09 1.02
O2 SO4 H . 19.66 23.88 -0.46
O3 SO4 H . 17.86 22.38 0.02
O4 SO4 H . 18.58 23.87 1.69
PG ATP I . -64.64 -13.96 10.13
O1G ATP I . -64.52 -13.09 11.31
O2G ATP I . -63.84 -13.28 8.98
O3G ATP I . -64.12 -15.27 10.45
PB ATP I . -67.22 -14.96 10.09
O1B ATP I . -66.78 -15.78 11.30
O2B ATP I . -67.60 -15.85 8.88
O3B ATP I . -66.12 -13.92 9.68
PA ATP I . -68.64 -12.59 10.61
O1A ATP I . -69.85 -12.27 11.43
O2A ATP I . -67.36 -11.82 11.15
O3A ATP I . -68.52 -14.15 10.66
O5' ATP I . -68.85 -12.37 9.09
C5' ATP I . -69.87 -11.63 8.61
C4' ATP I . -69.59 -10.58 7.69
O4' ATP I . -70.94 -10.11 7.47
C3' ATP I . -68.89 -9.47 8.36
O3' ATP I . -67.60 -9.24 7.91
C2' ATP I . -69.70 -8.28 8.11
O2' ATP I . -69.33 -7.64 6.96
C1' ATP I . -71.07 -8.82 7.98
N9 ATP I . -71.77 -8.82 9.26
C8 ATP I . -71.66 -9.68 10.29
N7 ATP I . -72.49 -9.25 11.26
C5 ATP I . -73.12 -8.14 10.84
C6 ATP I . -74.07 -7.29 11.41
N6 ATP I . -74.62 -7.50 12.75
N1 ATP I . -74.50 -6.22 10.69
C2 ATP I . -74.02 -5.98 9.46
N3 ATP I . -73.11 -6.78 8.90
C4 ATP I . -72.65 -7.85 9.56
S SO4 J . -23.80 -22.82 10.59
O1 SO4 J . -22.57 -22.93 11.39
O2 SO4 J . -23.76 -21.62 9.74
O3 SO4 J . -23.93 -24.01 9.75
O4 SO4 J . -25.01 -22.67 11.43
PG ATP K . -65.63 7.72 -9.41
O1G ATP K . -65.46 7.17 -10.74
O2G ATP K . -64.99 6.69 -8.41
O3G ATP K . -65.06 9.03 -9.25
PB ATP K . -68.17 8.83 -9.52
O1B ATP K . -67.69 9.52 -10.81
O2B ATP K . -68.35 9.81 -8.34
O3B ATP K . -67.15 7.68 -9.14
PA ATP K . -69.64 6.49 -9.83
O1A ATP K . -70.85 6.04 -10.62
O2A ATP K . -68.35 5.71 -10.35
O3A ATP K . -69.55 8.06 -9.92
O5' ATP K . -69.88 6.24 -8.32
C5' ATP K . -70.78 5.30 -7.96
C4' ATP K . -70.47 4.31 -7.00
O4' ATP K . -71.77 3.75 -6.69
C3' ATP K . -69.69 3.22 -7.62
O3' ATP K . -68.40 3.15 -7.12
C2' ATP K . -70.43 2.00 -7.30
O2' ATP K . -70.01 1.53 -6.08
C1' ATP K . -71.83 2.46 -7.19
N9 ATP K . -72.56 2.48 -8.44
C8 ATP K . -72.57 3.44 -9.40
N7 ATP K . -73.38 3.04 -10.38
C5 ATP K . -73.90 1.84 -10.05
C6 ATP K . -74.78 0.97 -10.69
N6 ATP K . -75.36 1.31 -11.98
N1 ATP K . -75.10 -0.19 -10.09
C2 ATP K . -74.58 -0.52 -8.89
N3 ATP K . -73.73 0.31 -8.26
C4 ATP K . -73.37 1.48 -8.82
S SO4 L . -21.59 13.99 -12.41
O1 SO4 L . -20.61 13.05 -11.83
O2 SO4 L . -21.61 15.25 -11.67
O3 SO4 L . -22.91 13.40 -12.34
O4 SO4 L . -21.20 14.23 -13.79
#